data_4ZI6
#
_entry.id   4ZI6
#
_cell.length_a   96.310
_cell.length_b   99.430
_cell.length_c   99.680
_cell.angle_alpha   75.260
_cell.angle_beta   61.080
_cell.angle_gamma   82.040
#
_symmetry.space_group_name_H-M   'P 1'
#
loop_
_entity.id
_entity.type
_entity.pdbx_description
1 polymer 'Cytosol aminopeptidase'
2 non-polymer 'ZINC ION'
3 non-polymer 'BICARBONATE ION'
4 non-polymer 'SODIUM ION'
5 water water
#
_entity_poly.entity_id   1
_entity_poly.type   'polypeptide(L)'
_entity_poly.pdbx_seq_one_letter_code
;GIDFPTMLKIKLEKTTFENAKAECSLVFIINKDFSHAWVKNKELLETFKYEGEGVFLDQENKILYAGVKEDDVHLLRESA
CLAVRTLKKLAFKSVKVGVYTCGAHSKDNALLENLKALFLGLKLGLYEYDTFKSNKKESVLKEAIVALELHKPCEKTCAN
SLEKSAKEALKYAEIMTESLNIVKDLVNTPPMIGTPVYMAEVAQKVAKENHLEIHVHDEKFLEEKKMNAFLAVNKASLSV
NPPRLIHLVYKPKKAKKKIALVGKGLTYDCGGLSLKPADYMVTMKADKGGGSAVIGLLNALAKLGVEAEVHGIIGATENM
IGPAAYKPDDILISKEGKSIEVRNTDAEGRLVLADCLSYAQDLNPDVIVDFATLTGACVVGLGEFTSAIMGHNEELKNLF
ETSGLESGELLAKLPFNRHLKKLIESKIADVCNISSSRYGGAITAGLFLNEFIRDEFKDKWLHIDIAGPAYVEKEWDVNS
FGASGAGVRACTAFVEELLKKA
;
_entity_poly.pdbx_strand_id   A,B,C,D,E,F
#
loop_
_chem_comp.id
_chem_comp.type
_chem_comp.name
_chem_comp.formula
BCT non-polymer 'BICARBONATE ION' 'C H O3 -1'
NA non-polymer 'SODIUM ION' 'Na 1'
ZN non-polymer 'ZINC ION' 'Zn 2'
#
# COMPACT_ATOMS: atom_id res chain seq x y z
N MET A 7 28.02 35.67 14.06
CA MET A 7 29.09 35.30 13.14
C MET A 7 30.44 35.22 13.86
N LEU A 8 31.25 34.22 13.54
CA LEU A 8 32.56 34.03 14.19
C LEU A 8 33.60 34.97 13.58
N LYS A 9 34.06 35.93 14.36
CA LYS A 9 35.11 36.82 13.88
C LYS A 9 36.43 36.07 13.85
N ILE A 10 37.11 36.18 12.72
CA ILE A 10 38.42 35.58 12.55
C ILE A 10 39.45 36.69 12.44
N LYS A 11 40.40 36.71 13.37
CA LYS A 11 41.42 37.76 13.37
C LYS A 11 42.74 37.16 12.93
N LEU A 12 43.33 37.73 11.88
CA LEU A 12 44.64 37.28 11.39
C LEU A 12 45.72 38.02 12.15
N GLU A 13 46.70 37.28 12.66
CA GLU A 13 47.80 37.93 13.38
C GLU A 13 49.19 37.41 13.00
N LYS A 14 50.10 38.34 12.75
CA LYS A 14 51.50 38.00 12.49
C LYS A 14 52.18 37.59 13.78
N THR A 15 52.09 36.30 14.10
CA THR A 15 52.72 35.75 15.30
C THR A 15 52.72 34.23 15.26
N THR A 16 53.48 33.63 16.18
CA THR A 16 53.49 32.19 16.30
C THR A 16 52.26 31.73 17.05
N PHE A 17 51.90 30.46 16.85
CA PHE A 17 50.79 29.84 17.56
C PHE A 17 51.00 29.94 19.07
N GLU A 18 52.20 29.60 19.53
CA GLU A 18 52.50 29.60 20.97
C GLU A 18 52.39 31.00 21.58
N ASN A 19 52.77 32.03 20.83
CA ASN A 19 52.68 33.41 21.32
C ASN A 19 51.31 34.04 21.12
N ALA A 20 50.48 33.43 20.28
CA ALA A 20 49.11 33.91 20.09
C ALA A 20 48.34 33.82 21.40
N LYS A 21 47.39 34.71 21.60
CA LYS A 21 46.67 34.73 22.86
C LYS A 21 45.15 34.63 22.67
N ALA A 22 44.57 33.61 23.30
CA ALA A 22 43.13 33.37 23.27
C ALA A 22 42.77 32.60 24.52
N GLU A 23 41.47 32.41 24.76
CA GLU A 23 41.05 31.77 26.00
C GLU A 23 41.15 30.25 25.94
N CYS A 24 41.30 29.70 24.73
CA CYS A 24 41.59 28.28 24.55
C CYS A 24 42.26 28.03 23.19
N SER A 25 42.72 26.80 22.98
CA SER A 25 43.48 26.46 21.77
C SER A 25 42.84 25.34 20.96
N LEU A 26 43.05 25.38 19.65
CA LEU A 26 42.58 24.34 18.75
C LEU A 26 43.74 23.76 17.94
N VAL A 27 43.91 22.45 18.02
CA VAL A 27 44.96 21.77 17.29
C VAL A 27 44.39 20.55 16.57
N PHE A 28 44.66 20.43 15.27
CA PHE A 28 44.21 19.27 14.51
C PHE A 28 45.23 18.14 14.61
N ILE A 29 44.74 16.93 14.81
CA ILE A 29 45.57 15.74 14.74
C ILE A 29 45.34 15.07 13.40
N ILE A 30 46.36 15.15 12.53
CA ILE A 30 46.29 14.57 11.20
C ILE A 30 46.76 13.12 11.20
N ASN A 31 45.86 12.22 10.83
CA ASN A 31 46.16 10.80 10.69
C ASN A 31 46.85 10.21 11.93
N LYS A 32 46.30 10.51 13.09
CA LYS A 32 46.74 9.92 14.35
C LYS A 32 48.21 10.19 14.64
N ASP A 33 48.73 11.31 14.16
CA ASP A 33 50.11 11.71 14.44
C ASP A 33 50.16 12.70 15.59
N PHE A 34 50.51 12.21 16.78
CA PHE A 34 50.50 13.06 17.96
C PHE A 34 51.86 13.65 18.31
N SER A 35 52.72 13.84 17.31
CA SER A 35 54.11 14.19 17.60
C SER A 35 54.44 15.69 17.53
N HIS A 36 53.49 16.50 17.08
CA HIS A 36 53.75 17.92 16.90
C HIS A 36 53.95 18.62 18.24
N ALA A 37 54.72 19.70 18.22
CA ALA A 37 55.01 20.46 19.43
C ALA A 37 53.75 21.05 20.04
N TRP A 38 52.74 21.28 19.21
CA TRP A 38 51.50 21.89 19.67
C TRP A 38 50.66 20.96 20.53
N VAL A 39 50.92 19.67 20.45
CA VAL A 39 50.32 18.74 21.39
C VAL A 39 51.08 18.87 22.70
N LYS A 40 50.60 19.75 23.58
CA LYS A 40 51.35 20.10 24.80
C LYS A 40 51.53 18.90 25.73
N ASN A 41 50.42 18.26 26.09
CA ASN A 41 50.48 17.07 26.94
C ASN A 41 50.07 15.81 26.17
N LYS A 42 51.05 15.13 25.59
CA LYS A 42 50.79 13.97 24.75
C LYS A 42 50.34 12.76 25.54
N GLU A 43 50.80 12.64 26.79
CA GLU A 43 50.54 11.45 27.56
C GLU A 43 49.16 11.52 28.26
N LEU A 44 48.64 12.74 28.39
CA LEU A 44 47.24 12.89 28.77
C LEU A 44 46.34 12.18 27.75
N LEU A 45 46.70 12.30 26.47
CA LEU A 45 45.90 11.71 25.41
C LEU A 45 46.01 10.18 25.39
N GLU A 46 47.17 9.67 25.77
CA GLU A 46 47.35 8.22 25.78
C GLU A 46 46.62 7.62 26.96
N THR A 47 46.58 8.36 28.07
CA THR A 47 45.92 7.89 29.27
C THR A 47 44.41 7.71 29.03
N PHE A 48 43.80 8.67 28.36
CA PHE A 48 42.35 8.62 28.11
C PHE A 48 42.02 8.09 26.72
N LYS A 49 42.96 7.35 26.14
CA LYS A 49 42.71 6.62 24.90
C LYS A 49 42.21 7.49 23.75
N TYR A 50 42.58 8.76 23.72
CA TYR A 50 42.24 9.56 22.54
C TYR A 50 43.15 9.17 21.39
N GLU A 51 42.54 8.62 20.33
CA GLU A 51 43.28 8.10 19.19
C GLU A 51 43.00 8.83 17.87
N GLY A 52 42.45 10.03 17.94
CA GLY A 52 42.33 10.88 16.77
C GLY A 52 40.97 10.85 16.10
N GLU A 53 40.01 10.20 16.74
CA GLU A 53 38.64 10.18 16.25
C GLU A 53 37.85 11.29 16.94
N GLY A 54 37.35 12.23 16.17
CA GLY A 54 36.57 13.32 16.72
C GLY A 54 37.39 14.23 17.61
N VAL A 55 36.75 14.80 18.63
CA VAL A 55 37.41 15.81 19.44
C VAL A 55 37.81 15.33 20.83
N PHE A 56 38.84 15.98 21.39
CA PHE A 56 39.27 15.71 22.75
C PHE A 56 39.78 17.00 23.36
N LEU A 57 39.29 17.33 24.55
CA LEU A 57 39.67 18.58 25.19
C LEU A 57 40.58 18.37 26.40
N ASP A 58 41.85 18.79 26.24
CA ASP A 58 42.79 18.88 27.36
C ASP A 58 42.31 19.96 28.30
N GLN A 59 41.73 19.57 29.44
CA GLN A 59 41.13 20.54 30.35
C GLN A 59 42.17 21.49 30.95
N GLU A 60 43.28 20.95 31.43
CA GLU A 60 44.33 21.79 32.04
C GLU A 60 44.87 22.81 31.05
N ASN A 61 45.25 22.37 29.86
CA ASN A 61 45.90 23.28 28.92
C ASN A 61 44.90 24.02 28.04
N LYS A 62 43.62 23.74 28.25
CA LYS A 62 42.54 24.35 27.48
C LYS A 62 42.76 24.22 25.99
N ILE A 63 43.10 23.01 25.56
CA ILE A 63 43.36 22.72 24.16
C ILE A 63 42.36 21.72 23.62
N LEU A 64 41.64 22.10 22.57
CA LEU A 64 40.72 21.18 21.93
C LEU A 64 41.43 20.53 20.77
N TYR A 65 41.48 19.21 20.78
CA TYR A 65 42.04 18.47 19.66
C TYR A 65 40.91 18.02 18.78
N ALA A 66 41.12 18.09 17.46
CA ALA A 66 40.11 17.65 16.50
C ALA A 66 40.77 16.75 15.47
N GLY A 67 40.28 15.51 15.38
CA GLY A 67 40.86 14.56 14.46
C GLY A 67 40.54 14.81 13.00
N VAL A 68 41.55 14.65 12.14
CA VAL A 68 41.37 14.69 10.69
C VAL A 68 41.92 13.38 10.14
N LYS A 69 41.04 12.51 9.64
CA LYS A 69 41.43 11.13 9.34
C LYS A 69 42.59 11.00 8.35
N GLU A 70 42.62 11.91 7.37
CA GLU A 70 43.70 11.93 6.40
C GLU A 70 44.08 13.36 6.05
N ASP A 71 45.25 13.53 5.45
CA ASP A 71 45.68 14.84 4.97
C ASP A 71 44.81 15.26 3.78
N ASP A 72 43.67 15.86 4.07
CA ASP A 72 42.65 16.11 3.06
C ASP A 72 41.96 17.46 3.36
N VAL A 73 41.97 18.36 2.38
CA VAL A 73 41.42 19.68 2.57
C VAL A 73 39.93 19.63 3.01
N HIS A 74 39.20 18.66 2.48
CA HIS A 74 37.78 18.56 2.74
C HIS A 74 37.52 18.04 4.14
N LEU A 75 38.37 17.12 4.61
CA LEU A 75 38.21 16.62 5.95
C LEU A 75 38.67 17.69 6.94
N LEU A 76 39.61 18.53 6.51
CA LEU A 76 40.02 19.67 7.31
C LEU A 76 38.83 20.60 7.54
N ARG A 77 38.07 20.84 6.48
CA ARG A 77 36.93 21.76 6.54
C ARG A 77 35.89 21.24 7.54
N GLU A 78 35.57 19.95 7.42
CA GLU A 78 34.63 19.27 8.32
C GLU A 78 35.08 19.34 9.79
N SER A 79 36.35 19.02 10.05
CA SER A 79 36.87 19.00 11.41
C SER A 79 36.85 20.39 12.05
N ALA A 80 37.20 21.41 11.27
CA ALA A 80 37.16 22.76 11.80
C ALA A 80 35.74 23.13 12.20
N CYS A 81 34.77 22.66 11.42
CA CYS A 81 33.37 22.93 11.70
C CYS A 81 32.98 22.27 13.01
N LEU A 82 33.32 20.99 13.14
CA LEU A 82 33.07 20.23 14.35
C LEU A 82 33.72 20.88 15.58
N ALA A 83 34.92 21.43 15.42
CA ALA A 83 35.61 22.05 16.54
C ALA A 83 34.82 23.21 17.11
N VAL A 84 34.34 24.08 16.22
CA VAL A 84 33.60 25.25 16.66
C VAL A 84 32.25 24.84 17.24
N ARG A 85 31.65 23.79 16.69
CA ARG A 85 30.40 23.26 17.23
C ARG A 85 30.61 22.80 18.66
N THR A 86 31.76 22.17 18.89
CA THR A 86 32.12 21.74 20.23
C THR A 86 32.30 22.94 21.16
N LEU A 87 33.10 23.91 20.72
CA LEU A 87 33.46 25.08 21.54
C LEU A 87 32.30 26.05 21.77
N LYS A 88 31.34 26.06 20.86
CA LYS A 88 30.18 26.94 20.95
C LYS A 88 29.40 26.70 22.23
N LYS A 89 29.45 25.46 22.70
CA LYS A 89 28.70 25.05 23.88
C LYS A 89 29.49 25.30 25.17
N LEU A 90 30.69 25.85 25.03
CA LEU A 90 31.56 26.04 26.18
C LEU A 90 31.64 27.52 26.57
N ALA A 91 32.57 27.85 27.45
CA ALA A 91 32.57 29.17 28.07
C ALA A 91 33.76 30.03 27.66
N PHE A 92 34.45 29.64 26.59
CA PHE A 92 35.61 30.41 26.13
C PHE A 92 35.20 31.43 25.08
N LYS A 93 35.63 32.68 25.28
CA LYS A 93 35.29 33.80 24.40
C LYS A 93 35.97 33.68 23.05
N SER A 94 37.12 33.01 23.03
CA SER A 94 37.98 33.02 21.86
C SER A 94 38.82 31.76 21.78
N VAL A 95 39.26 31.43 20.58
CA VAL A 95 40.08 30.24 20.37
C VAL A 95 41.22 30.62 19.44
N LYS A 96 42.38 30.00 19.62
CA LYS A 96 43.49 30.25 18.70
C LYS A 96 43.86 28.99 17.93
N VAL A 97 44.24 29.15 16.67
CA VAL A 97 44.52 28.01 15.81
C VAL A 97 45.70 28.33 14.90
N GLY A 98 46.47 27.32 14.51
CA GLY A 98 47.52 27.49 13.53
C GLY A 98 47.00 27.34 12.11
N VAL A 99 47.93 27.32 11.15
CA VAL A 99 47.58 27.24 9.73
C VAL A 99 48.01 25.91 9.11
N TYR A 100 47.06 25.17 8.54
CA TYR A 100 47.28 23.80 8.10
C TYR A 100 47.17 23.70 6.58
N THR A 101 48.12 23.02 5.96
CA THR A 101 48.09 22.83 4.51
C THR A 101 48.07 21.34 4.13
N CYS A 102 46.88 20.73 4.25
CA CYS A 102 46.70 19.30 3.96
C CYS A 102 46.73 19.04 2.46
N GLY A 103 46.61 17.77 2.09
CA GLY A 103 46.55 17.38 0.69
C GLY A 103 45.44 18.15 0.00
N ALA A 104 45.82 18.96 -0.99
CA ALA A 104 44.86 19.84 -1.64
C ALA A 104 44.44 19.31 -3.01
N ASN A 109 45.73 27.71 -5.88
CA ASN A 109 46.60 26.60 -5.53
C ASN A 109 46.32 26.08 -4.12
N ALA A 110 47.24 25.27 -3.60
CA ALA A 110 47.00 24.47 -2.39
C ALA A 110 46.74 25.31 -1.14
N LEU A 111 47.62 26.28 -0.90
CA LEU A 111 47.55 27.09 0.32
C LEU A 111 46.23 27.84 0.46
N LEU A 112 45.85 28.54 -0.60
CA LEU A 112 44.60 29.31 -0.60
C LEU A 112 43.38 28.43 -0.24
N GLU A 113 43.24 27.30 -0.92
CA GLU A 113 42.12 26.38 -0.69
C GLU A 113 42.14 25.81 0.73
N ASN A 114 43.33 25.53 1.25
CA ASN A 114 43.47 25.06 2.62
C ASN A 114 43.08 26.13 3.65
N LEU A 115 43.40 27.38 3.38
CA LEU A 115 42.99 28.48 4.25
C LEU A 115 41.48 28.73 4.15
N LYS A 116 40.95 28.67 2.93
CA LYS A 116 39.51 28.81 2.71
C LYS A 116 38.76 27.77 3.52
N ALA A 117 39.23 26.52 3.42
CA ALA A 117 38.60 25.38 4.08
C ALA A 117 38.59 25.56 5.59
N LEU A 118 39.74 25.93 6.16
CA LEU A 118 39.81 26.20 7.60
C LEU A 118 38.86 27.33 7.99
N PHE A 119 38.98 28.49 7.35
CA PHE A 119 38.23 29.67 7.76
C PHE A 119 36.73 29.49 7.55
N LEU A 120 36.35 28.85 6.45
CA LEU A 120 34.95 28.59 6.16
C LEU A 120 34.42 27.58 7.16
N GLY A 121 35.16 26.49 7.36
CA GLY A 121 34.77 25.46 8.30
C GLY A 121 34.54 26.01 9.69
N LEU A 122 35.50 26.79 10.19
CA LEU A 122 35.35 27.39 11.51
C LEU A 122 34.05 28.19 11.60
N LYS A 123 33.84 29.09 10.66
CA LYS A 123 32.71 30.00 10.71
C LYS A 123 31.39 29.27 10.62
N LEU A 124 31.37 28.16 9.89
CA LEU A 124 30.13 27.42 9.68
C LEU A 124 29.75 26.62 10.91
N GLY A 125 30.70 26.45 11.82
CA GLY A 125 30.45 25.71 13.06
C GLY A 125 29.45 26.38 13.99
N LEU A 126 29.19 27.67 13.79
CA LEU A 126 28.24 28.36 14.65
C LEU A 126 26.78 28.19 14.24
N TYR A 127 26.53 27.80 12.99
CA TYR A 127 25.15 27.81 12.50
C TYR A 127 24.28 26.66 13.06
N GLU A 128 23.12 27.06 13.59
CA GLU A 128 22.05 26.14 13.99
C GLU A 128 20.74 26.82 13.68
N TYR A 129 19.76 26.09 13.15
CA TYR A 129 18.46 26.71 12.96
C TYR A 129 17.67 26.61 14.25
N ASP A 130 17.83 27.59 15.13
CA ASP A 130 17.25 27.49 16.45
C ASP A 130 16.33 28.66 16.78
N THR A 131 15.92 29.38 15.75
CA THR A 131 15.06 30.55 15.93
C THR A 131 13.85 30.25 16.81
N PHE A 132 13.23 29.08 16.59
CA PHE A 132 11.98 28.76 17.28
C PHE A 132 12.19 28.02 18.60
N LYS A 133 13.45 27.74 18.94
CA LYS A 133 13.75 27.09 20.22
C LYS A 133 13.64 28.07 21.38
N SER A 134 12.89 27.71 22.43
CA SER A 134 12.75 28.56 23.60
C SER A 134 14.01 28.55 24.50
N ASN A 135 14.83 27.52 24.33
CA ASN A 135 16.07 27.41 25.10
C ASN A 135 17.33 27.83 24.33
N LYS A 136 17.16 28.46 23.17
CA LYS A 136 18.32 28.90 22.39
C LYS A 136 19.16 29.88 23.21
N LYS A 137 20.48 29.73 23.13
CA LYS A 137 21.39 30.60 23.87
C LYS A 137 22.35 31.29 22.93
N GLU A 138 22.80 32.49 23.30
CA GLU A 138 23.88 33.10 22.55
C GLU A 138 25.17 32.40 22.97
N SER A 139 26.03 32.14 22.00
CA SER A 139 27.30 31.50 22.29
C SER A 139 28.28 32.51 22.89
N VAL A 140 29.12 32.02 23.80
CA VAL A 140 30.18 32.84 24.37
C VAL A 140 31.28 33.00 23.32
N LEU A 141 31.48 31.95 22.53
CA LEU A 141 32.52 31.95 21.52
C LEU A 141 32.23 32.96 20.42
N LYS A 142 33.13 33.92 20.28
CA LYS A 142 32.91 35.03 19.36
C LYS A 142 34.06 35.24 18.39
N GLU A 143 35.25 34.77 18.76
CA GLU A 143 36.44 35.04 17.97
C GLU A 143 37.33 33.84 17.80
N ALA A 144 37.96 33.74 16.64
CA ALA A 144 39.06 32.80 16.44
C ALA A 144 40.29 33.57 16.02
N ILE A 145 41.37 33.40 16.77
CA ILE A 145 42.64 34.01 16.40
C ILE A 145 43.46 33.05 15.55
N VAL A 146 43.78 33.48 14.33
CA VAL A 146 44.58 32.65 13.44
C VAL A 146 46.03 33.07 13.49
N ALA A 147 46.86 32.22 14.07
CA ALA A 147 48.30 32.46 14.09
C ALA A 147 48.87 32.11 12.73
N LEU A 148 49.41 33.10 12.03
CA LEU A 148 49.98 32.86 10.71
C LEU A 148 51.32 32.13 10.82
N GLU A 149 51.24 30.84 11.16
CA GLU A 149 52.39 29.95 11.25
C GLU A 149 51.97 28.56 10.76
N LEU A 150 52.86 27.88 10.05
CA LEU A 150 52.51 26.60 9.46
C LEU A 150 52.64 25.46 10.45
N HIS A 151 51.66 24.56 10.39
CA HIS A 151 51.66 23.34 11.17
C HIS A 151 52.84 22.45 10.75
N LYS A 152 52.99 22.23 9.45
CA LYS A 152 53.98 21.29 8.95
C LYS A 152 55.17 22.01 8.29
N SER A 161 53.02 34.43 -0.54
CA SER A 161 52.85 35.12 0.73
C SER A 161 51.73 34.47 1.55
N LEU A 162 52.00 34.19 2.83
CA LEU A 162 50.99 33.61 3.70
C LEU A 162 49.92 34.63 4.03
N GLU A 163 50.35 35.85 4.37
CA GLU A 163 49.43 36.89 4.77
C GLU A 163 48.42 37.27 3.68
N LYS A 164 48.89 37.39 2.45
CA LYS A 164 48.00 37.77 1.35
C LYS A 164 47.03 36.64 1.02
N SER A 165 47.52 35.40 1.08
CA SER A 165 46.68 34.24 0.87
C SER A 165 45.57 34.16 1.92
N ALA A 166 45.92 34.44 3.18
CA ALA A 166 44.99 34.32 4.29
C ALA A 166 43.91 35.38 4.23
N LYS A 167 44.28 36.58 3.79
CA LYS A 167 43.33 37.68 3.67
C LYS A 167 42.38 37.42 2.52
N GLU A 168 42.91 36.83 1.44
CA GLU A 168 42.07 36.46 0.31
C GLU A 168 41.05 35.38 0.72
N ALA A 169 41.52 34.39 1.47
CA ALA A 169 40.68 33.30 1.93
C ALA A 169 39.69 33.77 2.96
N LEU A 170 40.09 34.79 3.74
CA LEU A 170 39.23 35.28 4.80
C LEU A 170 38.05 36.02 4.19
N LYS A 171 38.32 36.81 3.16
CA LYS A 171 37.25 37.50 2.45
C LYS A 171 36.27 36.47 1.90
N TYR A 172 36.79 35.39 1.31
CA TYR A 172 35.92 34.34 0.78
C TYR A 172 35.03 33.78 1.89
N ALA A 173 35.66 33.28 2.95
CA ALA A 173 34.96 32.68 4.07
C ALA A 173 33.90 33.59 4.65
N GLU A 174 34.17 34.89 4.67
CA GLU A 174 33.22 35.83 5.24
C GLU A 174 32.03 35.97 4.31
N ILE A 175 32.31 36.13 3.02
CA ILE A 175 31.25 36.26 2.03
C ILE A 175 30.46 34.97 1.86
N MET A 176 31.14 33.81 1.93
CA MET A 176 30.46 32.56 1.66
C MET A 176 29.58 32.13 2.86
N THR A 177 30.06 32.39 4.08
CA THR A 177 29.27 32.09 5.28
C THR A 177 27.99 32.92 5.31
N GLU A 178 28.13 34.23 5.09
CA GLU A 178 26.99 35.12 4.98
C GLU A 178 26.01 34.60 3.94
N SER A 179 26.54 34.25 2.77
CA SER A 179 25.71 33.81 1.67
C SER A 179 24.99 32.49 1.97
N LEU A 180 25.73 31.51 2.48
CA LEU A 180 25.14 30.22 2.86
C LEU A 180 24.06 30.36 3.93
N ASN A 181 24.31 31.21 4.91
CA ASN A 181 23.37 31.38 6.01
C ASN A 181 22.11 32.13 5.60
N ILE A 182 22.20 33.02 4.61
CA ILE A 182 21.01 33.59 3.99
C ILE A 182 20.16 32.48 3.36
N VAL A 183 20.80 31.64 2.55
CA VAL A 183 20.05 30.55 1.89
C VAL A 183 19.48 29.59 2.91
N LYS A 184 20.26 29.27 3.94
CA LYS A 184 19.83 28.30 4.93
C LYS A 184 18.65 28.81 5.74
N ASP A 185 18.74 30.06 6.20
CA ASP A 185 17.65 30.66 6.98
C ASP A 185 16.37 30.74 6.17
N LEU A 186 16.51 31.06 4.89
CA LEU A 186 15.36 31.09 4.00
C LEU A 186 14.77 29.69 3.85
N VAL A 187 15.58 28.73 3.38
CA VAL A 187 15.09 27.34 3.16
C VAL A 187 14.48 26.77 4.45
N ASN A 188 15.11 27.04 5.59
CA ASN A 188 14.64 26.56 6.87
C ASN A 188 13.32 27.21 7.33
N THR A 189 13.00 28.35 6.75
CA THR A 189 11.82 29.13 7.19
C THR A 189 10.57 28.33 6.91
N PRO A 190 9.72 28.13 7.94
CA PRO A 190 8.49 27.33 7.80
C PRO A 190 7.55 27.98 6.79
N PRO A 191 6.74 27.17 6.09
CA PRO A 191 6.07 27.69 4.89
C PRO A 191 4.90 28.66 5.14
N MET A 192 4.28 28.68 6.33
CA MET A 192 3.23 29.67 6.60
C MET A 192 3.84 31.07 6.58
N ILE A 193 5.09 31.13 7.00
CA ILE A 193 5.91 32.35 6.97
C ILE A 193 6.61 32.53 5.62
N GLY A 194 7.26 31.46 5.16
CA GLY A 194 8.10 31.52 3.98
C GLY A 194 7.36 31.45 2.66
N THR A 195 6.60 32.50 2.35
CA THR A 195 5.75 32.53 1.16
C THR A 195 6.53 33.01 -0.07
N PRO A 196 5.90 32.99 -1.25
CA PRO A 196 6.59 33.64 -2.38
C PRO A 196 6.88 35.12 -2.08
N VAL A 197 5.93 35.83 -1.48
CA VAL A 197 6.15 37.22 -1.10
C VAL A 197 7.34 37.36 -0.13
N TYR A 198 7.44 36.44 0.81
CA TYR A 198 8.57 36.40 1.74
C TYR A 198 9.89 36.22 0.98
N MET A 199 9.90 35.27 0.04
CA MET A 199 11.07 35.04 -0.80
C MET A 199 11.45 36.31 -1.51
N ALA A 200 10.45 37.02 -2.03
CA ALA A 200 10.66 38.27 -2.72
C ALA A 200 11.24 39.31 -1.76
N GLU A 201 10.75 39.31 -0.53
CA GLU A 201 11.23 40.27 0.47
C GLU A 201 12.70 40.02 0.82
N VAL A 202 13.11 38.76 0.91
CA VAL A 202 14.50 38.42 1.16
C VAL A 202 15.39 38.84 -0.02
N ALA A 203 14.92 38.59 -1.23
CA ALA A 203 15.64 39.00 -2.44
C ALA A 203 15.77 40.52 -2.48
N GLN A 204 14.78 41.23 -1.98
CA GLN A 204 14.82 42.70 -1.91
C GLN A 204 15.95 43.17 -1.01
N LYS A 205 16.13 42.50 0.11
CA LYS A 205 17.16 42.88 1.07
C LYS A 205 18.56 42.63 0.52
N VAL A 206 18.74 41.51 -0.18
CA VAL A 206 20.01 41.20 -0.82
C VAL A 206 20.32 42.26 -1.87
N ALA A 207 19.29 42.62 -2.63
CA ALA A 207 19.38 43.64 -3.66
C ALA A 207 19.79 44.99 -3.06
N LYS A 208 19.13 45.37 -1.97
CA LYS A 208 19.41 46.62 -1.30
C LYS A 208 20.84 46.61 -0.78
N GLU A 209 21.23 45.52 -0.14
CA GLU A 209 22.57 45.38 0.43
C GLU A 209 23.68 45.51 -0.61
N ASN A 210 23.45 44.98 -1.80
CA ASN A 210 24.52 44.96 -2.80
C ASN A 210 24.32 45.96 -3.92
N HIS A 211 23.31 46.81 -3.78
CA HIS A 211 22.95 47.81 -4.80
C HIS A 211 22.64 47.14 -6.13
N LEU A 212 21.86 46.07 -6.06
CA LEU A 212 21.45 45.32 -7.24
C LEU A 212 20.15 45.85 -7.81
N GLU A 213 20.01 45.76 -9.13
CA GLU A 213 18.72 45.94 -9.78
C GLU A 213 17.81 44.76 -9.41
N ILE A 214 16.55 45.03 -9.08
CA ILE A 214 15.63 43.94 -8.79
C ILE A 214 14.24 44.18 -9.37
N HIS A 215 13.70 43.14 -10.01
CA HIS A 215 12.33 43.17 -10.50
C HIS A 215 11.53 42.07 -9.84
N VAL A 216 10.36 42.43 -9.32
CA VAL A 216 9.49 41.44 -8.71
C VAL A 216 8.16 41.45 -9.46
N HIS A 217 8.00 40.47 -10.35
CA HIS A 217 6.80 40.37 -11.17
C HIS A 217 5.75 39.54 -10.44
N ASP A 218 4.48 39.83 -10.70
CA ASP A 218 3.39 39.05 -10.11
C ASP A 218 2.63 38.27 -11.20
N GLU A 219 1.45 37.75 -10.86
CA GLU A 219 0.70 36.89 -11.77
C GLU A 219 0.21 37.63 -13.01
N LYS A 220 0.05 38.94 -12.91
CA LYS A 220 -0.36 39.72 -14.09
C LYS A 220 0.74 39.73 -15.16
N PHE A 221 1.99 39.84 -14.72
CA PHE A 221 3.13 39.74 -15.62
C PHE A 221 3.20 38.35 -16.25
N LEU A 222 3.07 37.31 -15.43
CA LEU A 222 3.09 35.93 -15.93
C LEU A 222 2.06 35.72 -17.04
N GLU A 223 0.84 36.24 -16.83
CA GLU A 223 -0.24 36.15 -17.81
CA GLU A 223 -0.20 36.10 -17.83
C GLU A 223 0.16 36.82 -19.13
N GLU A 224 0.66 38.05 -19.01
CA GLU A 224 1.08 38.84 -20.18
C GLU A 224 2.18 38.13 -20.96
N LYS A 225 3.07 37.47 -20.24
CA LYS A 225 4.15 36.72 -20.85
C LYS A 225 3.74 35.31 -21.24
N LYS A 226 2.47 34.99 -21.03
CA LYS A 226 1.90 33.68 -21.36
C LYS A 226 2.67 32.53 -20.68
N MET A 227 3.04 32.76 -19.42
CA MET A 227 3.72 31.75 -18.63
C MET A 227 2.68 30.87 -17.95
N ASN A 228 1.94 30.12 -18.77
CA ASN A 228 0.80 29.36 -18.30
C ASN A 228 1.16 28.05 -17.59
N ALA A 229 2.37 27.57 -17.77
CA ALA A 229 2.82 26.41 -17.01
C ALA A 229 3.09 26.85 -15.56
N PHE A 230 3.81 27.95 -15.41
CA PHE A 230 4.04 28.56 -14.10
C PHE A 230 2.68 28.89 -13.44
N LEU A 231 1.78 29.54 -14.16
CA LEU A 231 0.51 29.95 -13.57
C LEU A 231 -0.34 28.76 -13.12
N ALA A 232 -0.34 27.70 -13.91
CA ALA A 232 -1.14 26.52 -13.60
C ALA A 232 -0.78 25.97 -12.22
N VAL A 233 0.50 25.95 -11.89
CA VAL A 233 0.96 25.37 -10.64
C VAL A 233 0.44 26.24 -9.49
N ASN A 234 0.35 27.53 -9.73
CA ASN A 234 -0.08 28.47 -8.70
C ASN A 234 -1.60 28.60 -8.52
N LYS A 235 -2.37 28.13 -9.50
CA LYS A 235 -3.81 28.40 -9.54
C LYS A 235 -4.58 27.99 -8.29
N ALA A 236 -4.16 26.88 -7.67
CA ALA A 236 -4.85 26.40 -6.46
C ALA A 236 -4.77 27.43 -5.34
N SER A 237 -3.61 28.10 -5.26
CA SER A 237 -3.31 28.96 -4.11
C SER A 237 -3.20 30.42 -4.50
N LEU A 238 -3.60 30.73 -5.72
CA LEU A 238 -3.48 32.10 -6.23
C LEU A 238 -4.11 33.10 -5.27
N SER A 239 -5.29 32.78 -4.77
CA SER A 239 -6.05 33.72 -3.96
C SER A 239 -5.52 33.79 -2.52
N VAL A 240 -4.63 32.88 -2.16
CA VAL A 240 -4.03 32.88 -0.82
C VAL A 240 -2.63 33.47 -0.84
N ASN A 241 -1.80 32.90 -1.70
CA ASN A 241 -0.43 33.36 -1.89
C ASN A 241 -0.13 33.49 -3.37
N PRO A 242 -0.22 34.71 -3.90
CA PRO A 242 0.06 34.95 -5.32
C PRO A 242 1.49 34.61 -5.63
N PRO A 243 1.80 34.25 -6.89
CA PRO A 243 3.15 33.89 -7.30
C PRO A 243 4.06 35.11 -7.45
N ARG A 244 5.38 34.88 -7.45
CA ARG A 244 6.31 35.94 -7.76
C ARG A 244 7.41 35.42 -8.67
N LEU A 245 7.65 36.15 -9.76
CA LEU A 245 8.86 35.94 -10.54
C LEU A 245 9.88 36.99 -10.08
N ILE A 246 10.93 36.51 -9.45
CA ILE A 246 11.97 37.37 -8.88
C ILE A 246 13.19 37.42 -9.81
N HIS A 247 13.62 38.63 -10.14
CA HIS A 247 14.70 38.84 -11.10
C HIS A 247 15.74 39.80 -10.53
N LEU A 248 16.86 39.24 -10.08
CA LEU A 248 17.98 40.01 -9.54
C LEU A 248 19.04 40.22 -10.61
N VAL A 249 19.56 41.44 -10.71
CA VAL A 249 20.60 41.71 -11.71
C VAL A 249 21.84 42.36 -11.07
N TYR A 250 22.95 41.64 -11.13
CA TYR A 250 24.25 42.18 -10.74
C TYR A 250 24.98 42.60 -12.01
N LYS A 251 25.36 43.88 -12.10
CA LYS A 251 26.03 44.36 -13.31
C LYS A 251 27.30 45.16 -12.98
N PRO A 252 28.47 44.52 -13.11
CA PRO A 252 29.73 45.18 -12.72
C PRO A 252 30.23 46.10 -13.82
N LYS A 253 31.29 46.83 -13.55
CA LYS A 253 31.86 47.72 -14.56
C LYS A 253 32.32 46.90 -15.77
N LYS A 254 33.10 45.86 -15.51
CA LYS A 254 33.56 44.97 -16.57
C LYS A 254 32.85 43.62 -16.49
N ALA A 255 32.13 43.27 -17.54
CA ALA A 255 31.42 42.01 -17.62
C ALA A 255 31.93 41.15 -18.76
N LYS A 256 32.66 40.09 -18.43
CA LYS A 256 33.20 39.17 -19.42
C LYS A 256 32.13 38.28 -20.02
N LYS A 257 31.06 38.07 -19.24
CA LYS A 257 30.06 37.06 -19.54
C LYS A 257 28.72 37.52 -18.98
N LYS A 258 27.63 37.21 -19.68
CA LYS A 258 26.31 37.37 -19.09
C LYS A 258 25.84 35.99 -18.63
N ILE A 259 25.48 35.89 -17.36
CA ILE A 259 25.18 34.60 -16.73
C ILE A 259 23.79 34.63 -16.10
N ALA A 260 22.99 33.64 -16.47
CA ALA A 260 21.64 33.52 -15.92
C ALA A 260 21.57 32.33 -14.98
N LEU A 261 21.18 32.58 -13.74
CA LEU A 261 20.97 31.51 -12.78
C LEU A 261 19.48 31.43 -12.51
N VAL A 262 18.90 30.25 -12.73
CA VAL A 262 17.44 30.08 -12.61
C VAL A 262 17.10 29.11 -11.50
N GLY A 263 16.17 29.49 -10.64
CA GLY A 263 15.89 28.68 -9.47
C GLY A 263 14.42 28.39 -9.23
N LYS A 264 14.16 27.15 -8.84
CA LYS A 264 12.82 26.71 -8.50
C LYS A 264 12.54 27.17 -7.07
N GLY A 265 11.57 28.05 -6.91
CA GLY A 265 11.20 28.50 -5.58
C GLY A 265 9.83 27.98 -5.12
N LEU A 266 9.67 26.67 -4.98
CA LEU A 266 8.40 26.15 -4.53
C LEU A 266 8.39 26.24 -3.01
N THR A 267 7.76 27.29 -2.51
CA THR A 267 7.87 27.59 -1.08
C THR A 267 7.16 26.50 -0.28
N TYR A 268 6.25 25.81 -0.94
CA TYR A 268 5.73 24.56 -0.39
C TYR A 268 5.11 23.71 -1.49
N ASP A 269 5.31 22.40 -1.38
CA ASP A 269 4.85 21.46 -2.39
C ASP A 269 4.11 20.30 -1.72
N CYS A 270 2.79 20.33 -1.74
CA CYS A 270 2.02 19.23 -1.17
C CYS A 270 1.77 18.17 -2.23
N GLY A 271 2.21 18.46 -3.45
CA GLY A 271 2.01 17.57 -4.58
C GLY A 271 0.83 17.99 -5.45
N GLY A 272 0.03 18.93 -4.93
CA GLY A 272 -1.24 19.27 -5.55
C GLY A 272 -2.25 18.12 -5.51
N LEU A 273 -3.12 18.08 -6.50
CA LEU A 273 -4.14 17.03 -6.56
C LEU A 273 -3.55 15.61 -6.52
N SER A 274 -2.37 15.44 -7.12
CA SER A 274 -1.61 14.20 -6.97
C SER A 274 -0.91 14.22 -5.61
N LEU A 275 -1.71 14.19 -4.55
CA LEU A 275 -1.26 14.51 -3.20
C LEU A 275 -0.12 13.62 -2.74
N LYS A 276 0.85 14.21 -2.05
CA LYS A 276 1.95 13.45 -1.48
C LYS A 276 1.48 12.67 -0.28
N PRO A 277 1.98 11.44 -0.13
CA PRO A 277 1.85 10.67 1.11
C PRO A 277 2.41 11.52 2.25
N ALA A 278 1.78 11.44 3.43
CA ALA A 278 2.15 12.28 4.56
C ALA A 278 3.65 12.23 4.88
N ASP A 279 4.23 11.03 4.83
CA ASP A 279 5.64 10.84 5.18
C ASP A 279 6.61 11.50 4.20
N TYR A 280 6.13 11.83 3.00
CA TYR A 280 6.96 12.48 1.99
C TYR A 280 6.71 13.99 1.91
N MET A 281 5.67 14.48 2.58
CA MET A 281 5.31 15.90 2.47
C MET A 281 6.10 16.73 3.47
N VAL A 282 6.49 16.10 4.58
CA VAL A 282 7.37 16.77 5.52
C VAL A 282 8.71 17.08 4.81
N THR A 283 9.30 18.22 5.18
CA THR A 283 10.49 18.85 4.58
C THR A 283 10.23 19.55 3.22
N MET A 284 8.98 19.59 2.76
CA MET A 284 8.70 20.23 1.48
C MET A 284 8.74 21.77 1.52
N LYS A 285 8.91 22.35 2.71
CA LYS A 285 9.28 23.76 2.82
C LYS A 285 10.59 24.01 2.06
N ALA A 286 11.40 22.96 1.93
CA ALA A 286 12.73 23.05 1.34
C ALA A 286 12.73 22.93 -0.19
N ASP A 287 11.53 22.85 -0.77
CA ASP A 287 11.36 22.77 -2.22
C ASP A 287 11.66 24.13 -2.86
N LYS A 288 12.02 25.10 -2.03
CA LYS A 288 12.49 26.40 -2.53
C LYS A 288 14.01 26.46 -2.47
N GLY A 289 14.65 25.30 -2.36
CA GLY A 289 16.08 25.23 -2.22
C GLY A 289 16.87 25.84 -3.38
N GLY A 290 16.38 25.63 -4.60
CA GLY A 290 17.07 26.09 -5.78
C GLY A 290 16.95 27.59 -5.92
N GLY A 291 15.72 28.09 -5.80
CA GLY A 291 15.49 29.52 -5.85
C GLY A 291 16.25 30.25 -4.75
N SER A 292 16.35 29.61 -3.60
CA SER A 292 17.01 30.23 -2.44
C SER A 292 18.51 30.31 -2.68
N ALA A 293 19.06 29.26 -3.28
CA ALA A 293 20.49 29.24 -3.61
C ALA A 293 20.82 30.35 -4.62
N VAL A 294 19.90 30.64 -5.53
CA VAL A 294 20.14 31.70 -6.53
C VAL A 294 20.22 33.08 -5.84
N ILE A 295 19.32 33.34 -4.89
CA ILE A 295 19.40 34.55 -4.06
C ILE A 295 20.75 34.65 -3.33
N GLY A 296 21.19 33.55 -2.72
CA GLY A 296 22.48 33.50 -2.07
C GLY A 296 23.67 33.69 -3.01
N LEU A 297 23.54 33.17 -4.23
CA LEU A 297 24.57 33.28 -5.25
C LEU A 297 24.71 34.72 -5.77
N LEU A 298 23.60 35.46 -5.87
CA LEU A 298 23.69 36.86 -6.27
C LEU A 298 24.41 37.67 -5.18
N ASN A 299 24.16 37.34 -3.93
CA ASN A 299 24.88 37.94 -2.80
C ASN A 299 26.38 37.67 -2.85
N ALA A 300 26.76 36.40 -3.00
CA ALA A 300 28.17 36.00 -2.99
C ALA A 300 28.95 36.58 -4.17
N LEU A 301 28.37 36.46 -5.37
CA LEU A 301 29.03 36.90 -6.59
C LEU A 301 29.13 38.43 -6.70
N ALA A 302 28.15 39.12 -6.14
CA ALA A 302 28.22 40.58 -6.09
C ALA A 302 29.32 41.00 -5.13
N LYS A 303 29.33 40.42 -3.93
CA LYS A 303 30.35 40.77 -2.93
C LYS A 303 31.76 40.32 -3.33
N LEU A 304 31.87 39.27 -4.15
CA LEU A 304 33.17 38.85 -4.62
C LEU A 304 33.62 39.71 -5.81
N GLY A 305 32.70 40.52 -6.33
CA GLY A 305 33.00 41.41 -7.43
C GLY A 305 33.41 40.72 -8.72
N VAL A 306 32.77 39.59 -9.03
CA VAL A 306 33.08 38.86 -10.26
C VAL A 306 32.81 39.72 -11.49
N GLU A 307 33.66 39.58 -12.51
CA GLU A 307 33.50 40.35 -13.72
C GLU A 307 32.53 39.64 -14.69
N ALA A 308 31.28 39.52 -14.28
CA ALA A 308 30.23 39.01 -15.15
C ALA A 308 28.92 39.67 -14.78
N GLU A 309 28.06 39.88 -15.78
CA GLU A 309 26.70 40.33 -15.50
C GLU A 309 25.91 39.09 -15.08
N VAL A 310 25.37 39.10 -13.87
CA VAL A 310 24.68 37.94 -13.35
C VAL A 310 23.20 38.24 -13.08
N HIS A 311 22.36 37.39 -13.64
CA HIS A 311 20.91 37.47 -13.46
C HIS A 311 20.47 36.32 -12.60
N GLY A 312 19.72 36.62 -11.55
CA GLY A 312 19.16 35.60 -10.66
C GLY A 312 17.67 35.59 -10.87
N ILE A 313 17.16 34.47 -11.39
CA ILE A 313 15.75 34.38 -11.70
C ILE A 313 15.12 33.29 -10.85
N ILE A 314 14.02 33.62 -10.19
CA ILE A 314 13.41 32.69 -9.24
C ILE A 314 11.91 32.66 -9.44
N GLY A 315 11.39 31.47 -9.75
CA GLY A 315 9.96 31.29 -9.88
C GLY A 315 9.41 30.85 -8.55
N ALA A 316 8.69 31.74 -7.89
CA ALA A 316 8.19 31.43 -6.55
C ALA A 316 6.69 31.20 -6.57
N THR A 317 6.27 30.06 -6.02
CA THR A 317 4.86 29.74 -5.82
C THR A 317 4.77 28.53 -4.89
N GLU A 318 3.58 28.27 -4.35
CA GLU A 318 3.32 26.98 -3.74
C GLU A 318 2.69 26.06 -4.79
N ASN A 319 2.70 24.76 -4.51
CA ASN A 319 1.92 23.78 -5.26
C ASN A 319 0.90 23.18 -4.29
N MET A 320 -0.28 23.80 -4.18
CA MET A 320 -1.27 23.40 -3.19
C MET A 320 -2.39 22.60 -3.86
N ILE A 321 -3.26 22.05 -3.03
CA ILE A 321 -4.41 21.32 -3.48
C ILE A 321 -5.65 22.13 -3.09
N GLY A 322 -6.70 22.02 -3.90
CA GLY A 322 -7.93 22.78 -3.68
C GLY A 322 -8.82 22.75 -4.91
N PRO A 323 -9.99 23.42 -4.84
CA PRO A 323 -10.96 23.32 -5.94
C PRO A 323 -10.52 24.02 -7.23
N ALA A 324 -9.53 24.92 -7.16
CA ALA A 324 -9.05 25.60 -8.35
C ALA A 324 -7.75 24.99 -8.92
N ALA A 325 -7.28 23.91 -8.30
CA ALA A 325 -6.03 23.28 -8.68
C ALA A 325 -5.99 22.82 -10.14
N TYR A 326 -4.82 22.96 -10.76
CA TYR A 326 -4.59 22.35 -12.07
C TYR A 326 -4.59 20.83 -11.93
N LYS A 327 -4.94 20.11 -13.00
CA LYS A 327 -5.29 18.71 -12.88
C LYS A 327 -4.50 17.79 -13.79
N PRO A 328 -4.34 16.52 -13.38
CA PRO A 328 -4.02 15.45 -14.33
C PRO A 328 -5.10 15.51 -15.43
N ASP A 329 -4.65 15.56 -16.69
CA ASP A 329 -5.44 15.70 -17.95
C ASP A 329 -5.47 17.14 -18.47
N ASP A 330 -4.93 18.09 -17.70
CA ASP A 330 -4.86 19.44 -18.21
C ASP A 330 -3.72 19.49 -19.23
N ILE A 331 -3.91 20.31 -20.25
CA ILE A 331 -2.92 20.50 -21.28
C ILE A 331 -2.58 21.98 -21.32
N LEU A 332 -1.35 22.30 -20.95
CA LEU A 332 -0.93 23.69 -20.75
C LEU A 332 -0.05 24.16 -21.91
N ILE A 333 -0.25 25.41 -22.34
CA ILE A 333 0.60 26.01 -23.36
C ILE A 333 1.74 26.79 -22.67
N SER A 334 2.96 26.28 -22.79
CA SER A 334 4.12 26.93 -22.19
C SER A 334 4.40 28.26 -22.88
N LYS A 335 5.21 29.09 -22.23
CA LYS A 335 5.64 30.36 -22.84
C LYS A 335 6.34 30.07 -24.15
N GLU A 336 7.19 29.05 -24.16
CA GLU A 336 7.90 28.67 -25.37
C GLU A 336 6.93 28.21 -26.47
N GLY A 337 5.71 27.87 -26.07
CA GLY A 337 4.69 27.54 -27.05
C GLY A 337 4.41 26.05 -27.20
N LYS A 338 5.28 25.23 -26.66
CA LYS A 338 5.05 23.80 -26.65
C LYS A 338 3.96 23.44 -25.66
N SER A 339 3.09 22.50 -26.05
CA SER A 339 1.99 22.09 -25.20
C SER A 339 2.42 20.98 -24.28
N ILE A 340 1.88 20.98 -23.06
CA ILE A 340 2.29 20.05 -22.02
C ILE A 340 1.09 19.29 -21.50
N GLU A 341 1.12 17.96 -21.60
CA GLU A 341 0.09 17.16 -20.97
C GLU A 341 0.51 16.90 -19.54
N VAL A 342 -0.34 17.34 -18.61
CA VAL A 342 -0.12 17.07 -17.20
C VAL A 342 -0.74 15.73 -16.83
N ARG A 343 0.09 14.79 -16.38
CA ARG A 343 -0.45 13.52 -15.91
C ARG A 343 -0.28 13.31 -14.40
N ASN A 344 0.48 14.20 -13.77
CA ASN A 344 0.72 14.13 -12.33
C ASN A 344 1.16 15.52 -11.85
N THR A 345 0.40 16.11 -10.93
CA THR A 345 0.63 17.50 -10.50
C THR A 345 1.80 17.68 -9.54
N ASP A 346 2.36 16.56 -9.08
CA ASP A 346 3.55 16.58 -8.25
C ASP A 346 4.84 16.69 -9.09
N ALA A 347 4.68 16.79 -10.41
CA ALA A 347 5.78 17.09 -11.30
C ALA A 347 5.66 18.55 -11.73
N GLU A 348 5.58 19.43 -10.72
CA GLU A 348 5.26 20.84 -10.91
C GLU A 348 6.48 21.72 -11.09
N GLY A 349 7.60 21.34 -10.49
CA GLY A 349 8.79 22.16 -10.57
C GLY A 349 9.22 22.41 -12.00
N ARG A 350 9.08 21.38 -12.83
CA ARG A 350 9.55 21.45 -14.21
C ARG A 350 8.64 22.32 -15.04
N LEU A 351 7.37 22.42 -14.63
CA LEU A 351 6.43 23.36 -15.24
C LEU A 351 6.88 24.79 -14.97
N VAL A 352 7.12 25.08 -13.69
CA VAL A 352 7.59 26.42 -13.29
C VAL A 352 8.92 26.70 -14.00
N LEU A 353 9.82 25.72 -14.04
CA LEU A 353 11.13 25.94 -14.65
C LEU A 353 11.05 26.14 -16.15
N ALA A 354 10.14 25.43 -16.81
CA ALA A 354 9.97 25.60 -18.26
C ALA A 354 9.74 27.07 -18.62
N ASP A 355 8.83 27.73 -17.89
CA ASP A 355 8.51 29.13 -18.19
C ASP A 355 9.65 30.07 -17.71
N CYS A 356 10.25 29.79 -16.55
CA CYS A 356 11.36 30.62 -16.07
C CYS A 356 12.61 30.52 -16.96
N LEU A 357 12.86 29.31 -17.50
CA LEU A 357 13.96 29.10 -18.45
C LEU A 357 13.67 29.83 -19.76
N SER A 358 12.40 29.91 -20.15
CA SER A 358 12.03 30.67 -21.32
C SER A 358 12.38 32.13 -21.09
N TYR A 359 11.99 32.63 -19.93
CA TYR A 359 12.24 34.01 -19.54
C TYR A 359 13.74 34.28 -19.51
N ALA A 360 14.51 33.34 -18.99
CA ALA A 360 15.95 33.52 -18.88
C ALA A 360 16.62 33.63 -20.26
N GLN A 361 16.12 32.82 -21.21
CA GLN A 361 16.70 32.79 -22.55
C GLN A 361 16.46 34.09 -23.31
N ASP A 362 15.40 34.79 -22.93
CA ASP A 362 15.12 36.11 -23.49
C ASP A 362 16.20 37.13 -23.14
N LEU A 363 17.00 36.84 -22.12
CA LEU A 363 18.12 37.72 -21.75
C LEU A 363 19.35 37.51 -22.65
N ASN A 364 19.24 36.53 -23.55
CA ASN A 364 20.38 36.04 -24.34
CA ASN A 364 20.36 36.04 -24.34
C ASN A 364 21.66 35.94 -23.54
N PRO A 365 21.64 35.10 -22.48
CA PRO A 365 22.85 34.94 -21.68
C PRO A 365 23.87 34.08 -22.40
N ASP A 366 25.12 34.11 -21.93
CA ASP A 366 26.16 33.23 -22.44
C ASP A 366 26.08 31.86 -21.77
N VAL A 367 25.64 31.87 -20.53
CA VAL A 367 25.52 30.65 -19.74
C VAL A 367 24.21 30.69 -18.96
N ILE A 368 23.45 29.60 -19.04
CA ILE A 368 22.30 29.38 -18.13
C ILE A 368 22.53 28.17 -17.22
N VAL A 369 22.35 28.37 -15.92
CA VAL A 369 22.38 27.27 -14.97
C VAL A 369 21.09 27.25 -14.15
N ASP A 370 20.38 26.12 -14.12
CA ASP A 370 19.19 26.07 -13.28
C ASP A 370 19.47 25.16 -12.08
N PHE A 371 18.89 25.50 -10.94
CA PHE A 371 18.98 24.75 -9.68
C PHE A 371 17.57 24.39 -9.20
N ALA A 372 17.34 23.12 -8.92
CA ALA A 372 16.01 22.68 -8.49
C ALA A 372 16.08 21.45 -7.58
N THR A 373 15.28 21.46 -6.53
CA THR A 373 15.00 20.24 -5.79
C THR A 373 13.95 19.52 -6.63
N LEU A 374 14.38 18.93 -7.74
CA LEU A 374 13.42 18.57 -8.78
C LEU A 374 12.79 17.18 -8.62
N THR A 375 13.60 16.17 -8.35
CA THR A 375 13.08 14.80 -8.34
C THR A 375 13.55 13.92 -7.19
N GLY A 376 12.64 13.08 -6.69
CA GLY A 376 13.01 11.99 -5.80
C GLY A 376 13.96 10.95 -6.41
N ALA A 377 13.80 10.68 -7.71
CA ALA A 377 14.63 9.70 -8.42
C ALA A 377 16.12 10.05 -8.37
N CYS A 378 16.45 11.33 -8.45
CA CYS A 378 17.82 11.77 -8.29
C CYS A 378 18.43 11.32 -6.96
N VAL A 379 17.65 11.46 -5.89
CA VAL A 379 18.14 11.17 -4.55
C VAL A 379 18.27 9.66 -4.39
N VAL A 380 17.22 8.94 -4.78
CA VAL A 380 17.27 7.49 -4.87
C VAL A 380 18.56 7.05 -5.59
N GLY A 381 18.94 7.79 -6.63
CA GLY A 381 20.05 7.41 -7.49
C GLY A 381 21.41 7.71 -6.92
N LEU A 382 21.58 8.94 -6.43
CA LEU A 382 22.89 9.43 -5.99
C LEU A 382 23.06 9.44 -4.48
N GLY A 383 21.94 9.38 -3.76
CA GLY A 383 21.96 9.48 -2.31
C GLY A 383 21.64 10.90 -1.88
N GLU A 384 21.48 11.10 -0.59
CA GLU A 384 21.07 12.41 -0.09
C GLU A 384 22.11 13.51 -0.16
N PHE A 385 23.37 13.17 -0.40
CA PHE A 385 24.45 14.12 -0.19
C PHE A 385 25.03 14.69 -1.47
N THR A 386 24.44 14.33 -2.60
CA THR A 386 25.02 14.56 -3.92
C THR A 386 24.04 15.15 -4.94
N SER A 387 24.48 16.19 -5.64
CA SER A 387 23.68 16.81 -6.67
C SER A 387 24.00 16.22 -8.06
N ALA A 388 23.01 16.27 -8.93
CA ALA A 388 23.17 15.81 -10.31
C ALA A 388 23.37 16.97 -11.30
N ILE A 389 24.39 16.85 -12.16
CA ILE A 389 24.62 17.77 -13.26
C ILE A 389 24.16 17.20 -14.60
N MET A 390 23.27 17.91 -15.29
CA MET A 390 22.78 17.49 -16.59
C MET A 390 22.98 18.59 -17.62
N GLY A 391 22.95 18.23 -18.90
CA GLY A 391 23.15 19.19 -19.96
C GLY A 391 23.80 18.53 -21.17
N HIS A 392 24.13 19.33 -22.18
CA HIS A 392 24.70 18.78 -23.43
C HIS A 392 26.19 19.04 -23.59
N ASN A 393 26.67 20.18 -23.12
CA ASN A 393 28.08 20.54 -23.28
C ASN A 393 28.93 19.84 -22.22
N GLU A 394 29.65 18.80 -22.63
CA GLU A 394 30.45 18.00 -21.69
C GLU A 394 31.51 18.84 -21.00
N GLU A 395 32.10 19.77 -21.74
CA GLU A 395 33.15 20.62 -21.17
C GLU A 395 32.59 21.54 -20.08
N LEU A 396 31.41 22.11 -20.33
CA LEU A 396 30.74 22.93 -19.34
C LEU A 396 30.39 22.09 -18.12
N LYS A 397 29.89 20.89 -18.37
CA LYS A 397 29.47 20.02 -17.29
C LYS A 397 30.68 19.61 -16.45
N ASN A 398 31.80 19.35 -17.11
CA ASN A 398 33.01 18.98 -16.40
C ASN A 398 33.54 20.15 -15.58
N LEU A 399 33.49 21.34 -16.16
CA LEU A 399 33.92 22.51 -15.44
C LEU A 399 33.06 22.72 -14.18
N PHE A 400 31.75 22.53 -14.28
CA PHE A 400 30.91 22.65 -13.09
C PHE A 400 31.28 21.57 -12.08
N GLU A 401 31.39 20.33 -12.55
CA GLU A 401 31.71 19.22 -11.66
C GLU A 401 33.04 19.44 -10.91
N THR A 402 34.11 19.72 -11.65
CA THR A 402 35.44 19.83 -11.06
CA THR A 402 35.43 19.82 -11.03
C THR A 402 35.53 21.01 -10.08
N SER A 403 34.97 22.15 -10.46
CA SER A 403 34.92 23.31 -9.57
C SER A 403 34.11 23.00 -8.32
N GLY A 404 32.93 22.43 -8.51
CA GLY A 404 32.03 22.15 -7.40
C GLY A 404 32.66 21.20 -6.39
N LEU A 405 33.35 20.18 -6.90
CA LEU A 405 33.98 19.21 -6.02
C LEU A 405 35.06 19.88 -5.18
N GLU A 406 35.87 20.73 -5.82
CA GLU A 406 36.94 21.45 -5.12
C GLU A 406 36.39 22.33 -4.03
N SER A 407 35.23 22.93 -4.29
CA SER A 407 34.58 23.80 -3.32
C SER A 407 34.01 23.02 -2.13
N GLY A 408 34.00 21.69 -2.23
CA GLY A 408 33.53 20.85 -1.15
C GLY A 408 32.12 20.30 -1.28
N GLU A 409 31.49 20.54 -2.43
CA GLU A 409 30.19 19.94 -2.69
C GLU A 409 30.35 18.60 -3.42
N LEU A 410 29.45 17.66 -3.18
CA LEU A 410 29.47 16.38 -3.91
C LEU A 410 28.53 16.44 -5.10
N LEU A 411 29.04 16.04 -6.26
CA LEU A 411 28.28 16.13 -7.51
C LEU A 411 28.54 14.95 -8.43
N ALA A 412 27.59 14.71 -9.33
CA ALA A 412 27.73 13.68 -10.34
C ALA A 412 27.04 14.11 -11.64
N LYS A 413 27.64 13.77 -12.77
CA LYS A 413 27.02 14.00 -14.06
C LYS A 413 26.08 12.84 -14.40
N LEU A 414 24.91 13.15 -14.92
CA LEU A 414 23.99 12.11 -15.37
C LEU A 414 23.77 12.31 -16.87
N PRO A 415 23.98 11.25 -17.67
CA PRO A 415 23.88 11.39 -19.12
C PRO A 415 22.45 11.25 -19.65
N PHE A 416 22.09 12.12 -20.59
CA PHE A 416 20.91 11.94 -21.43
C PHE A 416 21.12 10.78 -22.41
N ASN A 417 20.03 10.26 -22.95
CA ASN A 417 20.11 9.39 -24.14
C ASN A 417 18.76 9.43 -24.83
N ARG A 418 18.75 8.96 -26.07
CA ARG A 418 17.58 9.05 -26.93
C ARG A 418 16.43 8.16 -26.48
N HIS A 419 16.74 7.07 -25.77
CA HIS A 419 15.69 6.15 -25.33
C HIS A 419 14.88 6.80 -24.20
N LEU A 420 15.57 7.45 -23.25
CA LEU A 420 14.90 8.17 -22.17
C LEU A 420 14.01 9.28 -22.72
N LYS A 421 14.49 9.93 -23.78
CA LYS A 421 13.77 11.03 -24.40
C LYS A 421 12.39 10.62 -24.93
N LYS A 422 12.28 9.38 -25.42
CA LYS A 422 11.01 8.87 -25.94
C LYS A 422 9.93 8.77 -24.87
N LEU A 423 10.36 8.73 -23.62
CA LEU A 423 9.47 8.36 -22.53
C LEU A 423 8.65 9.54 -22.03
N ILE A 424 8.90 10.73 -22.57
CA ILE A 424 8.10 11.89 -22.19
C ILE A 424 7.25 12.39 -23.35
N GLU A 425 7.11 11.55 -24.37
CA GLU A 425 6.11 11.75 -25.44
C GLU A 425 4.68 11.79 -24.90
N SER A 426 3.85 12.61 -25.53
CA SER A 426 2.41 12.61 -25.24
C SER A 426 1.64 12.23 -26.49
N LYS A 427 0.54 11.51 -26.34
CA LYS A 427 -0.30 11.18 -27.50
C LYS A 427 -1.17 12.39 -27.85
N ILE A 428 -1.33 13.33 -26.92
CA ILE A 428 -2.26 14.43 -27.15
C ILE A 428 -1.64 15.83 -26.94
N ALA A 429 -0.38 15.88 -26.53
CA ALA A 429 0.29 17.17 -26.39
C ALA A 429 1.68 17.06 -26.99
N ASP A 430 2.45 18.15 -26.94
CA ASP A 430 3.80 18.12 -27.46
C ASP A 430 4.72 17.31 -26.57
N VAL A 431 4.50 17.40 -25.27
CA VAL A 431 5.33 16.69 -24.31
C VAL A 431 4.49 16.38 -23.08
N CYS A 432 4.88 15.34 -22.35
CA CYS A 432 4.21 14.95 -21.10
C CYS A 432 5.04 15.40 -19.91
N ASN A 433 4.40 15.83 -18.81
CA ASN A 433 5.16 16.32 -17.66
C ASN A 433 5.66 15.18 -16.77
N ILE A 434 5.33 13.94 -17.12
CA ILE A 434 5.92 12.79 -16.45
C ILE A 434 6.39 11.74 -17.44
N SER A 435 7.29 10.88 -16.99
CA SER A 435 7.77 9.76 -17.80
C SER A 435 6.78 8.60 -17.78
N SER A 436 6.72 7.84 -18.87
CA SER A 436 5.88 6.64 -18.95
C SER A 436 6.49 5.47 -18.17
N SER A 437 7.74 5.62 -17.77
CA SER A 437 8.42 4.58 -16.99
C SER A 437 8.72 5.05 -15.55
N ARG A 438 8.85 4.10 -14.64
CA ARG A 438 9.23 4.41 -13.25
C ARG A 438 10.74 4.52 -13.07
N TYR A 439 11.49 4.45 -14.16
CA TYR A 439 12.95 4.43 -14.07
C TYR A 439 13.63 5.61 -14.77
N GLY A 440 14.54 6.27 -14.06
CA GLY A 440 15.36 7.35 -14.62
C GLY A 440 14.70 8.72 -14.54
N GLY A 441 13.87 8.92 -13.52
CA GLY A 441 13.05 10.11 -13.41
C GLY A 441 13.80 11.43 -13.39
N ALA A 442 15.02 11.44 -12.87
CA ALA A 442 15.78 12.70 -12.77
C ALA A 442 16.31 13.11 -14.14
N ILE A 443 16.63 12.11 -14.96
CA ILE A 443 17.16 12.38 -16.29
C ILE A 443 16.03 12.71 -17.25
N THR A 444 14.90 11.99 -17.16
CA THR A 444 13.74 12.36 -17.97
C THR A 444 13.17 13.73 -17.54
N ALA A 445 13.35 14.09 -16.26
CA ALA A 445 13.00 15.44 -15.83
C ALA A 445 13.88 16.48 -16.53
N GLY A 446 15.18 16.21 -16.60
CA GLY A 446 16.10 17.11 -17.28
C GLY A 446 15.83 17.17 -18.77
N LEU A 447 15.48 16.02 -19.37
CA LEU A 447 15.08 15.98 -20.77
C LEU A 447 13.78 16.75 -21.01
N PHE A 448 12.89 16.78 -20.04
CA PHE A 448 11.71 17.63 -20.14
C PHE A 448 12.13 19.11 -20.21
N LEU A 449 12.98 19.53 -19.26
CA LEU A 449 13.52 20.89 -19.30
C LEU A 449 14.13 21.19 -20.67
N ASN A 450 14.93 20.24 -21.18
CA ASN A 450 15.55 20.38 -22.50
C ASN A 450 14.58 20.77 -23.60
N GLU A 451 13.34 20.31 -23.52
CA GLU A 451 12.36 20.62 -24.56
C GLU A 451 12.07 22.13 -24.61
N PHE A 452 12.51 22.85 -23.59
CA PHE A 452 12.24 24.27 -23.50
C PHE A 452 13.52 25.10 -23.63
N ILE A 453 14.64 24.42 -23.81
CA ILE A 453 15.90 25.09 -24.11
C ILE A 453 16.02 25.22 -25.63
N ARG A 454 16.09 26.46 -26.12
CA ARG A 454 16.21 26.70 -27.56
C ARG A 454 17.55 26.20 -28.07
N ASP A 455 17.60 25.82 -29.35
CA ASP A 455 18.82 25.31 -29.98
C ASP A 455 20.06 26.16 -29.71
N GLU A 456 19.90 27.48 -29.79
CA GLU A 456 21.05 28.35 -29.61
C GLU A 456 21.55 28.41 -28.15
N PHE A 457 20.81 27.81 -27.21
CA PHE A 457 21.29 27.76 -25.83
C PHE A 457 21.60 26.34 -25.34
N LYS A 458 21.44 25.34 -26.21
CA LYS A 458 21.54 23.97 -25.72
C LYS A 458 22.96 23.67 -25.23
N ASP A 459 23.96 24.21 -25.91
CA ASP A 459 25.34 24.04 -25.48
C ASP A 459 25.77 25.09 -24.45
N LYS A 460 24.83 25.87 -23.91
CA LYS A 460 25.17 26.86 -22.89
C LYS A 460 24.41 26.63 -21.57
N TRP A 461 23.79 25.46 -21.45
CA TRP A 461 22.84 25.20 -20.38
C TRP A 461 23.27 24.07 -19.45
N LEU A 462 23.24 24.33 -18.15
CA LEU A 462 23.39 23.30 -17.10
C LEU A 462 22.12 23.19 -16.26
N HIS A 463 21.74 21.96 -15.93
CA HIS A 463 20.62 21.72 -15.03
C HIS A 463 21.17 21.02 -13.80
N ILE A 464 20.96 21.58 -12.61
CA ILE A 464 21.50 21.00 -11.37
C ILE A 464 20.37 20.60 -10.41
N ASP A 465 20.29 19.31 -10.13
CA ASP A 465 19.21 18.76 -9.30
C ASP A 465 19.78 18.56 -7.91
N ILE A 466 19.39 19.44 -7.00
CA ILE A 466 19.93 19.43 -5.66
C ILE A 466 18.92 18.83 -4.66
N ALA A 467 18.02 17.99 -5.19
CA ALA A 467 16.94 17.41 -4.40
C ALA A 467 17.45 16.70 -3.15
N GLY A 468 18.63 16.09 -3.26
CA GLY A 468 19.24 15.45 -2.10
C GLY A 468 19.82 16.38 -1.02
N PRO A 469 20.95 17.05 -1.32
CA PRO A 469 21.65 17.75 -0.24
C PRO A 469 21.04 19.07 0.20
N ALA A 470 20.12 19.64 -0.56
CA ALA A 470 19.55 20.94 -0.23
C ALA A 470 18.96 20.96 1.19
N TYR A 471 18.40 19.81 1.59
CA TYR A 471 17.80 19.67 2.91
C TYR A 471 17.93 18.24 3.41
N VAL A 472 18.58 18.07 4.55
CA VAL A 472 18.85 16.75 5.09
C VAL A 472 18.54 16.81 6.56
N GLU A 473 17.78 15.84 7.06
CA GLU A 473 17.41 15.87 8.47
C GLU A 473 18.44 15.23 9.38
N LYS A 474 19.70 15.68 9.26
CA LYS A 474 20.73 15.36 10.23
C LYS A 474 21.95 16.24 9.94
N GLU A 475 22.91 16.25 10.86
CA GLU A 475 24.14 16.99 10.64
C GLU A 475 25.03 16.17 9.72
N TRP A 476 25.74 16.85 8.83
CA TRP A 476 26.72 16.18 7.99
C TRP A 476 27.69 17.21 7.45
N ASP A 477 28.97 16.84 7.42
CA ASP A 477 30.02 17.75 6.96
C ASP A 477 29.91 19.10 7.69
N VAL A 478 29.81 20.18 6.92
CA VAL A 478 29.71 21.54 7.48
C VAL A 478 28.26 22.01 7.57
N ASN A 479 27.33 21.06 7.53
CA ASN A 479 25.92 21.40 7.44
C ASN A 479 25.16 21.02 8.70
N SER A 480 24.38 21.96 9.20
CA SER A 480 23.55 21.66 10.35
C SER A 480 22.31 20.92 9.89
N PHE A 481 21.53 20.41 10.84
CA PHE A 481 20.24 19.81 10.55
C PHE A 481 19.41 20.75 9.70
N GLY A 482 18.87 20.23 8.61
CA GLY A 482 17.99 21.00 7.75
C GLY A 482 18.64 21.49 6.47
N ALA A 483 18.47 22.78 6.19
CA ALA A 483 19.03 23.38 4.99
C ALA A 483 20.57 23.41 5.02
N SER A 484 21.19 23.25 3.84
CA SER A 484 22.64 23.16 3.71
C SER A 484 23.21 24.30 2.89
N GLY A 485 22.35 24.95 2.11
CA GLY A 485 22.78 25.96 1.19
C GLY A 485 23.41 25.34 -0.06
N ALA A 486 23.00 24.11 -0.39
CA ALA A 486 23.56 23.39 -1.55
C ALA A 486 23.48 24.17 -2.85
N GLY A 487 24.55 24.09 -3.64
CA GLY A 487 24.63 24.78 -4.92
C GLY A 487 25.42 26.09 -4.93
N VAL A 488 25.47 26.78 -3.79
CA VAL A 488 26.06 28.11 -3.68
C VAL A 488 27.58 28.08 -3.84
N ARG A 489 28.26 27.28 -3.02
CA ARG A 489 29.69 27.09 -3.15
C ARG A 489 30.11 26.58 -4.54
N ALA A 490 29.35 25.64 -5.07
CA ALA A 490 29.71 25.01 -6.32
C ALA A 490 29.54 25.99 -7.48
N CYS A 491 28.38 26.63 -7.58
CA CYS A 491 28.18 27.56 -8.68
C CYS A 491 29.14 28.76 -8.58
N THR A 492 29.44 29.21 -7.36
CA THR A 492 30.43 30.26 -7.17
C THR A 492 31.80 29.87 -7.73
N ALA A 493 32.24 28.65 -7.41
CA ALA A 493 33.54 28.19 -7.89
C ALA A 493 33.50 28.02 -9.41
N PHE A 494 32.34 27.63 -9.92
CA PHE A 494 32.13 27.47 -11.35
C PHE A 494 32.29 28.79 -12.10
N VAL A 495 31.63 29.83 -11.60
CA VAL A 495 31.68 31.15 -12.21
C VAL A 495 33.09 31.72 -12.15
N GLU A 496 33.74 31.58 -11.00
CA GLU A 496 35.12 32.07 -10.87
C GLU A 496 36.07 31.38 -11.86
N GLU A 497 35.94 30.07 -12.01
CA GLU A 497 36.82 29.33 -12.91
C GLU A 497 36.55 29.68 -14.36
N LEU A 498 35.27 29.87 -14.66
CA LEU A 498 34.84 30.25 -15.99
C LEU A 498 35.39 31.61 -16.39
N LEU A 499 35.36 32.56 -15.46
CA LEU A 499 35.79 33.92 -15.73
C LEU A 499 37.30 33.99 -15.84
N LYS A 500 37.98 33.15 -15.08
CA LYS A 500 39.43 33.06 -15.12
C LYS A 500 39.90 32.74 -16.54
N LYS A 501 39.17 31.87 -17.23
CA LYS A 501 39.52 31.51 -18.60
C LYS A 501 39.08 32.58 -19.60
N ALA A 502 38.21 33.49 -19.18
CA ALA A 502 37.66 34.49 -20.09
C ALA A 502 38.43 35.80 -20.03
N MET B 7 -14.18 15.39 -41.64
CA MET B 7 -14.77 16.01 -42.82
C MET B 7 -14.36 15.32 -44.11
N LEU B 8 -14.42 13.99 -44.12
CA LEU B 8 -14.18 13.24 -45.35
C LEU B 8 -15.44 13.29 -46.21
N LYS B 9 -15.38 13.95 -47.36
CA LYS B 9 -16.54 13.96 -48.24
C LYS B 9 -16.66 12.62 -48.98
N ILE B 10 -17.88 12.11 -49.05
CA ILE B 10 -18.15 10.88 -49.78
C ILE B 10 -19.06 11.20 -50.98
N LYS B 11 -18.53 10.97 -52.17
CA LYS B 11 -19.26 11.18 -53.40
C LYS B 11 -19.76 9.85 -53.94
N LEU B 12 -21.08 9.70 -54.06
CA LEU B 12 -21.67 8.50 -54.65
C LEU B 12 -21.77 8.66 -56.16
N GLU B 13 -21.24 7.69 -56.90
CA GLU B 13 -21.27 7.76 -58.37
C GLU B 13 -21.80 6.49 -59.02
N LYS B 14 -22.74 6.69 -59.95
CA LYS B 14 -23.24 5.61 -60.78
C LYS B 14 -22.18 5.26 -61.83
N THR B 15 -21.18 4.50 -61.41
CA THR B 15 -20.12 4.07 -62.32
C THR B 15 -19.43 2.84 -61.77
N THR B 16 -18.69 2.15 -62.63
CA THR B 16 -17.91 1.01 -62.19
C THR B 16 -16.67 1.48 -61.45
N PHE B 17 -16.15 0.61 -60.60
CA PHE B 17 -14.94 0.90 -59.84
C PHE B 17 -13.79 1.24 -60.80
N GLU B 18 -13.65 0.44 -61.84
CA GLU B 18 -12.60 0.65 -62.84
C GLU B 18 -12.68 2.04 -63.51
N ASN B 19 -13.88 2.49 -63.86
CA ASN B 19 -14.06 3.78 -64.53
C ASN B 19 -14.06 5.01 -63.62
N ALA B 20 -14.33 4.82 -62.33
CA ALA B 20 -14.31 5.93 -61.39
C ALA B 20 -12.88 6.50 -61.31
N LYS B 21 -12.78 7.82 -61.08
CA LYS B 21 -11.50 8.51 -61.08
C LYS B 21 -11.18 9.08 -59.69
N ALA B 22 -10.03 8.69 -59.15
CA ALA B 22 -9.51 9.24 -57.89
C ALA B 22 -7.99 9.15 -57.91
N GLU B 23 -7.34 9.75 -56.92
CA GLU B 23 -5.88 9.80 -56.92
C GLU B 23 -5.26 8.49 -56.41
N CYS B 24 -6.07 7.68 -55.73
CA CYS B 24 -5.63 6.34 -55.31
C CYS B 24 -6.84 5.42 -55.13
N SER B 25 -6.58 4.16 -54.84
CA SER B 25 -7.65 3.16 -54.72
C SER B 25 -7.63 2.44 -53.39
N LEU B 26 -8.82 2.20 -52.84
CA LEU B 26 -8.98 1.35 -51.66
C LEU B 26 -9.67 0.03 -52.06
N VAL B 27 -9.02 -1.09 -51.74
CA VAL B 27 -9.61 -2.41 -51.98
C VAL B 27 -9.56 -3.28 -50.72
N PHE B 28 -10.72 -3.70 -50.22
CA PHE B 28 -10.78 -4.59 -49.07
C PHE B 28 -10.50 -6.03 -49.46
N ILE B 29 -9.73 -6.71 -48.63
CA ILE B 29 -9.45 -8.13 -48.78
C ILE B 29 -10.18 -8.87 -47.66
N ILE B 30 -11.33 -9.44 -48.01
CA ILE B 30 -12.19 -10.10 -47.02
C ILE B 30 -11.78 -11.56 -46.83
N ASN B 31 -11.42 -11.92 -45.60
CA ASN B 31 -11.10 -13.30 -45.26
C ASN B 31 -10.02 -13.88 -46.18
N LYS B 32 -9.01 -13.06 -46.45
CA LYS B 32 -7.83 -13.46 -47.19
C LYS B 32 -8.13 -13.92 -48.63
N ASP B 33 -9.26 -13.47 -49.19
CA ASP B 33 -9.57 -13.73 -50.60
C ASP B 33 -8.91 -12.70 -51.52
N PHE B 34 -7.82 -13.12 -52.18
CA PHE B 34 -7.13 -12.24 -53.11
C PHE B 34 -7.52 -12.45 -54.58
N SER B 35 -8.66 -13.08 -54.85
CA SER B 35 -8.99 -13.52 -56.21
C SER B 35 -9.72 -12.50 -57.11
N HIS B 36 -10.34 -11.48 -56.50
CA HIS B 36 -11.16 -10.50 -57.20
C HIS B 36 -10.39 -9.72 -58.28
N ALA B 37 -11.10 -9.19 -59.27
CA ALA B 37 -10.47 -8.41 -60.34
C ALA B 37 -9.76 -7.17 -59.78
N TRP B 38 -10.28 -6.63 -58.68
CA TRP B 38 -9.78 -5.35 -58.16
C TRP B 38 -8.38 -5.48 -57.61
N VAL B 39 -7.97 -6.72 -57.32
CA VAL B 39 -6.60 -6.97 -56.93
C VAL B 39 -5.73 -6.99 -58.19
N LYS B 40 -5.18 -5.84 -58.57
CA LYS B 40 -4.53 -5.71 -59.88
C LYS B 40 -3.25 -6.51 -59.99
N ASN B 41 -2.38 -6.39 -58.98
CA ASN B 41 -1.09 -7.06 -59.04
C ASN B 41 -0.91 -7.99 -57.84
N LYS B 42 -1.45 -9.20 -57.98
CA LYS B 42 -1.42 -10.20 -56.91
C LYS B 42 0.00 -10.62 -56.59
N GLU B 43 0.84 -10.73 -57.61
CA GLU B 43 2.21 -11.19 -57.39
C GLU B 43 2.96 -10.29 -56.43
N LEU B 44 2.77 -8.98 -56.57
CA LEU B 44 3.41 -8.01 -55.69
C LEU B 44 3.11 -8.29 -54.23
N LEU B 45 1.86 -8.63 -53.95
CA LEU B 45 1.44 -8.95 -52.60
C LEU B 45 2.16 -10.20 -52.11
N GLU B 46 2.34 -11.17 -53.00
CA GLU B 46 3.03 -12.41 -52.65
C GLU B 46 4.48 -12.13 -52.33
N THR B 47 5.10 -11.32 -53.18
CA THR B 47 6.50 -10.95 -53.04
C THR B 47 6.81 -10.36 -51.67
N PHE B 48 5.94 -9.44 -51.23
CA PHE B 48 6.15 -8.76 -49.96
C PHE B 48 5.30 -9.36 -48.84
N LYS B 49 4.79 -10.56 -49.11
CA LYS B 49 4.13 -11.42 -48.13
C LYS B 49 2.95 -10.76 -47.44
N TYR B 50 2.20 -9.94 -48.18
CA TYR B 50 0.97 -9.42 -47.63
C TYR B 50 -0.07 -10.52 -47.58
N GLU B 51 -0.49 -10.90 -46.38
CA GLU B 51 -1.45 -11.99 -46.24
C GLU B 51 -2.80 -11.51 -45.69
N GLY B 52 -3.06 -10.22 -45.84
CA GLY B 52 -4.40 -9.72 -45.59
C GLY B 52 -4.64 -9.22 -44.17
N GLU B 53 -3.59 -9.15 -43.35
CA GLU B 53 -3.73 -8.54 -42.04
C GLU B 53 -3.27 -7.09 -42.09
N GLY B 54 -4.15 -6.19 -41.69
CA GLY B 54 -3.84 -4.77 -41.77
C GLY B 54 -3.84 -4.28 -43.20
N VAL B 55 -3.11 -3.19 -43.44
CA VAL B 55 -3.11 -2.56 -44.75
C VAL B 55 -1.82 -2.81 -45.51
N PHE B 56 -1.88 -2.62 -46.82
CA PHE B 56 -0.70 -2.76 -47.67
C PHE B 56 -0.87 -1.85 -48.89
N LEU B 57 0.14 -1.03 -49.17
CA LEU B 57 0.02 -0.09 -50.29
C LEU B 57 0.84 -0.53 -51.50
N ASP B 58 0.14 -0.92 -52.57
CA ASP B 58 0.73 -1.12 -53.89
C ASP B 58 1.12 0.24 -54.43
N GLN B 59 2.43 0.50 -54.52
CA GLN B 59 2.88 1.85 -54.84
C GLN B 59 2.65 2.19 -56.32
N GLU B 60 3.05 1.27 -57.19
CA GLU B 60 2.89 1.44 -58.63
C GLU B 60 1.44 1.71 -59.05
N ASN B 61 0.51 0.89 -58.54
CA ASN B 61 -0.89 1.04 -58.89
C ASN B 61 -1.65 1.99 -57.98
N LYS B 62 -0.98 2.48 -56.95
CA LYS B 62 -1.61 3.35 -55.96
C LYS B 62 -2.88 2.70 -55.41
N ILE B 63 -2.77 1.45 -55.01
CA ILE B 63 -3.88 0.76 -54.37
C ILE B 63 -3.55 0.45 -52.93
N LEU B 64 -4.37 0.95 -52.01
CA LEU B 64 -4.28 0.52 -50.61
C LEU B 64 -5.26 -0.63 -50.42
N TYR B 65 -4.71 -1.78 -50.01
CA TYR B 65 -5.48 -2.94 -49.61
C TYR B 65 -5.68 -2.90 -48.10
N ALA B 66 -6.88 -3.22 -47.65
CA ALA B 66 -7.18 -3.25 -46.22
C ALA B 66 -7.84 -4.56 -45.85
N GLY B 67 -7.23 -5.28 -44.92
CA GLY B 67 -7.71 -6.59 -44.55
C GLY B 67 -8.94 -6.56 -43.66
N VAL B 68 -9.87 -7.49 -43.95
CA VAL B 68 -11.04 -7.73 -43.13
C VAL B 68 -11.04 -9.23 -42.81
N LYS B 69 -10.71 -9.59 -41.58
CA LYS B 69 -10.38 -10.97 -41.23
C LYS B 69 -11.51 -11.97 -41.52
N GLU B 70 -12.74 -11.56 -41.23
CA GLU B 70 -13.89 -12.39 -41.59
CA GLU B 70 -13.92 -12.37 -41.54
C GLU B 70 -14.92 -11.52 -42.31
N ASP B 71 -15.78 -12.17 -43.09
CA ASP B 71 -16.86 -11.46 -43.77
C ASP B 71 -17.82 -10.93 -42.72
N ASP B 72 -17.49 -9.79 -42.14
CA ASP B 72 -18.20 -9.28 -40.98
C ASP B 72 -18.34 -7.76 -41.07
N VAL B 73 -19.57 -7.30 -40.91
CA VAL B 73 -19.89 -5.88 -41.06
C VAL B 73 -19.08 -5.03 -40.07
N HIS B 74 -18.82 -5.56 -38.88
CA HIS B 74 -18.16 -4.78 -37.83
C HIS B 74 -16.67 -4.69 -38.11
N LEU B 75 -16.11 -5.76 -38.66
CA LEU B 75 -14.70 -5.75 -39.02
C LEU B 75 -14.49 -4.87 -40.25
N LEU B 76 -15.51 -4.76 -41.11
CA LEU B 76 -15.44 -3.88 -42.27
C LEU B 76 -15.39 -2.39 -41.85
N ARG B 77 -16.20 -2.04 -40.87
CA ARG B 77 -16.22 -0.69 -40.29
C ARG B 77 -14.84 -0.30 -39.73
N GLU B 78 -14.27 -1.20 -38.93
CA GLU B 78 -12.91 -1.04 -38.42
C GLU B 78 -11.88 -0.85 -39.53
N SER B 79 -11.97 -1.68 -40.57
CA SER B 79 -10.98 -1.69 -41.63
CA SER B 79 -10.99 -1.70 -41.64
C SER B 79 -11.01 -0.41 -42.44
N ALA B 80 -12.22 0.05 -42.73
CA ALA B 80 -12.43 1.29 -43.45
C ALA B 80 -11.82 2.47 -42.69
N CYS B 81 -11.96 2.42 -41.37
CA CYS B 81 -11.39 3.45 -40.51
C CYS B 81 -9.86 3.38 -40.54
N LEU B 82 -9.33 2.17 -40.43
CA LEU B 82 -7.89 2.01 -40.50
C LEU B 82 -7.36 2.44 -41.86
N ALA B 83 -8.12 2.20 -42.92
CA ALA B 83 -7.67 2.53 -44.27
C ALA B 83 -7.49 4.04 -44.43
N VAL B 84 -8.50 4.79 -44.01
CA VAL B 84 -8.48 6.25 -44.12
C VAL B 84 -7.49 6.89 -43.13
N ARG B 85 -7.33 6.28 -41.95
CA ARG B 85 -6.26 6.70 -41.05
C ARG B 85 -4.92 6.65 -41.76
N THR B 86 -4.74 5.61 -42.56
CA THR B 86 -3.48 5.39 -43.25
C THR B 86 -3.27 6.40 -44.35
N LEU B 87 -4.33 6.63 -45.13
CA LEU B 87 -4.28 7.55 -46.27
C LEU B 87 -4.16 9.01 -45.83
N LYS B 88 -4.67 9.32 -44.63
CA LYS B 88 -4.59 10.68 -44.09
C LYS B 88 -3.15 11.20 -44.02
N LYS B 89 -2.21 10.27 -43.89
CA LYS B 89 -0.81 10.63 -43.75
C LYS B 89 -0.13 10.75 -45.11
N LEU B 90 -0.85 10.43 -46.18
CA LEU B 90 -0.25 10.38 -47.50
C LEU B 90 -0.60 11.65 -48.27
N ALA B 91 -0.33 11.68 -49.58
CA ALA B 91 -0.48 12.92 -50.34
C ALA B 91 -1.59 12.84 -51.39
N PHE B 92 -2.45 11.82 -51.30
CA PHE B 92 -3.55 11.69 -52.23
C PHE B 92 -4.75 12.50 -51.75
N LYS B 93 -5.34 13.30 -52.62
CA LYS B 93 -6.49 14.12 -52.26
C LYS B 93 -7.79 13.34 -52.26
N SER B 94 -7.81 12.21 -52.95
CA SER B 94 -9.04 11.43 -53.09
C SER B 94 -8.73 9.93 -53.20
N VAL B 95 -9.72 9.11 -52.86
CA VAL B 95 -9.58 7.67 -52.91
C VAL B 95 -10.88 7.12 -53.50
N LYS B 96 -10.81 6.10 -54.34
CA LYS B 96 -12.04 5.49 -54.81
C LYS B 96 -12.16 4.11 -54.19
N VAL B 97 -13.39 3.71 -53.92
CA VAL B 97 -13.66 2.42 -53.30
C VAL B 97 -14.91 1.84 -53.93
N GLY B 98 -14.96 0.52 -54.09
CA GLY B 98 -16.15 -0.17 -54.56
C GLY B 98 -17.13 -0.37 -53.42
N VAL B 99 -18.28 -0.99 -53.69
CA VAL B 99 -19.29 -1.18 -52.63
C VAL B 99 -19.29 -2.62 -52.07
N TYR B 100 -19.24 -2.71 -50.73
CA TYR B 100 -19.18 -3.99 -50.03
C TYR B 100 -20.40 -4.23 -49.14
N THR B 101 -20.99 -5.40 -49.33
CA THR B 101 -22.21 -5.77 -48.64
C THR B 101 -22.33 -7.27 -48.41
N ASN B 109 -31.53 -3.63 -43.37
CA ASN B 109 -31.11 -4.98 -43.72
C ASN B 109 -29.61 -5.02 -44.03
N ALA B 110 -29.14 -6.13 -44.57
CA ALA B 110 -27.70 -6.37 -44.78
C ALA B 110 -27.06 -5.27 -45.61
N LEU B 111 -27.66 -4.96 -46.76
CA LEU B 111 -27.10 -3.97 -47.67
C LEU B 111 -26.92 -2.62 -46.98
N LEU B 112 -27.98 -2.13 -46.35
CA LEU B 112 -27.96 -0.84 -45.67
C LEU B 112 -26.93 -0.82 -44.54
N GLU B 113 -26.91 -1.87 -43.73
CA GLU B 113 -26.00 -1.92 -42.59
C GLU B 113 -24.55 -1.95 -43.04
N ASN B 114 -24.27 -2.64 -44.13
CA ASN B 114 -22.90 -2.68 -44.64
C ASN B 114 -22.44 -1.37 -45.25
N LEU B 115 -23.35 -0.67 -45.91
CA LEU B 115 -23.03 0.65 -46.44
C LEU B 115 -22.84 1.70 -45.32
N LYS B 116 -23.67 1.59 -44.28
CA LYS B 116 -23.51 2.44 -43.10
C LYS B 116 -22.14 2.21 -42.46
N ALA B 117 -21.76 0.95 -42.30
CA ALA B 117 -20.47 0.59 -41.72
C ALA B 117 -19.31 1.15 -42.55
N LEU B 118 -19.41 0.97 -43.86
CA LEU B 118 -18.38 1.43 -44.78
C LEU B 118 -18.24 2.94 -44.74
N PHE B 119 -19.36 3.66 -44.85
CA PHE B 119 -19.29 5.11 -44.92
C PHE B 119 -18.90 5.71 -43.57
N LEU B 120 -19.48 5.18 -42.49
CA LEU B 120 -19.14 5.66 -41.15
C LEU B 120 -17.69 5.35 -40.85
N GLY B 121 -17.28 4.12 -41.17
CA GLY B 121 -15.90 3.68 -40.98
C GLY B 121 -14.92 4.63 -41.63
N LEU B 122 -15.15 4.92 -42.91
CA LEU B 122 -14.28 5.80 -43.68
C LEU B 122 -14.15 7.18 -43.04
N LYS B 123 -15.28 7.76 -42.64
CA LYS B 123 -15.30 9.12 -42.12
C LYS B 123 -14.61 9.23 -40.75
N LEU B 124 -14.74 8.20 -39.92
CA LEU B 124 -14.13 8.21 -38.59
C LEU B 124 -12.62 8.04 -38.67
N GLY B 125 -12.14 7.59 -39.83
CA GLY B 125 -10.71 7.45 -40.05
C GLY B 125 -9.95 8.76 -39.96
N LEU B 126 -10.64 9.88 -40.18
CA LEU B 126 -9.97 11.18 -40.18
C LEU B 126 -9.78 11.75 -38.75
N TYR B 127 -10.56 11.24 -37.80
CA TYR B 127 -10.59 11.85 -36.47
C TYR B 127 -9.34 11.53 -35.66
N GLU B 128 -8.78 12.55 -35.02
CA GLU B 128 -7.83 12.34 -33.95
C GLU B 128 -7.81 13.62 -33.12
N TYR B 129 -7.60 13.49 -31.81
CA TYR B 129 -7.57 14.67 -30.95
C TYR B 129 -6.17 15.27 -30.95
N ASP B 130 -5.89 16.11 -31.93
CA ASP B 130 -4.55 16.65 -32.05
C ASP B 130 -4.53 18.17 -31.94
N THR B 131 -5.59 18.73 -31.35
CA THR B 131 -5.76 20.17 -31.21
C THR B 131 -4.55 20.82 -30.58
N PHE B 132 -3.91 20.10 -29.67
CA PHE B 132 -2.82 20.67 -28.89
C PHE B 132 -1.46 20.28 -29.43
N LYS B 133 -1.43 19.55 -30.54
CA LYS B 133 -0.15 19.18 -31.15
C LYS B 133 0.38 20.33 -32.00
N SER B 134 1.61 20.75 -31.73
CA SER B 134 2.27 21.78 -32.53
C SER B 134 2.60 21.30 -33.95
N ASN B 135 2.59 19.99 -34.17
CA ASN B 135 2.89 19.48 -35.50
C ASN B 135 1.65 19.02 -36.29
N LYS B 136 0.46 19.30 -35.75
CA LYS B 136 -0.77 18.91 -36.43
C LYS B 136 -0.75 19.43 -37.86
N LYS B 137 -1.09 18.57 -38.81
CA LYS B 137 -1.09 18.96 -40.21
C LYS B 137 -2.48 18.75 -40.78
N GLU B 138 -2.94 19.67 -41.61
CA GLU B 138 -4.19 19.47 -42.31
C GLU B 138 -4.00 18.31 -43.29
N SER B 139 -4.92 17.35 -43.27
CA SER B 139 -4.84 16.22 -44.19
C SER B 139 -5.02 16.69 -45.62
N VAL B 140 -4.32 16.03 -46.54
CA VAL B 140 -4.53 16.25 -47.97
C VAL B 140 -5.77 15.47 -48.43
N LEU B 141 -5.99 14.30 -47.85
CA LEU B 141 -7.15 13.49 -48.21
C LEU B 141 -8.47 14.21 -47.93
N LYS B 142 -9.28 14.41 -48.96
CA LYS B 142 -10.50 15.19 -48.80
C LYS B 142 -11.77 14.49 -49.28
N GLU B 143 -11.64 13.46 -50.11
CA GLU B 143 -12.82 12.82 -50.69
C GLU B 143 -12.68 11.30 -50.84
N ALA B 144 -13.76 10.59 -50.61
CA ALA B 144 -13.82 9.20 -51.03
C ALA B 144 -14.85 9.10 -52.13
N ILE B 145 -14.43 8.61 -53.29
CA ILE B 145 -15.32 8.37 -54.41
C ILE B 145 -15.84 6.93 -54.33
N VAL B 146 -17.14 6.77 -54.16
CA VAL B 146 -17.74 5.45 -53.99
C VAL B 146 -18.42 4.99 -55.28
N ALA B 147 -17.78 4.06 -55.99
CA ALA B 147 -18.33 3.52 -57.22
C ALA B 147 -19.49 2.58 -56.91
N LEU B 148 -20.69 2.99 -57.26
CA LEU B 148 -21.87 2.18 -56.93
C LEU B 148 -21.90 0.94 -57.81
N GLU B 149 -21.24 -0.10 -57.30
CA GLU B 149 -21.09 -1.40 -57.94
C GLU B 149 -20.74 -2.38 -56.80
N LEU B 150 -21.46 -3.50 -56.74
CA LEU B 150 -21.26 -4.46 -55.66
C LEU B 150 -19.94 -5.20 -55.77
N HIS B 151 -19.26 -5.36 -54.65
CA HIS B 151 -18.08 -6.20 -54.57
C HIS B 151 -18.48 -7.65 -54.85
N LYS B 152 -19.65 -8.03 -54.33
CA LYS B 152 -20.24 -9.34 -54.57
C LYS B 152 -21.48 -9.26 -55.47
N LEU B 162 -30.20 0.11 -54.56
CA LEU B 162 -28.81 0.32 -54.15
C LEU B 162 -28.49 1.79 -53.99
N GLU B 163 -28.83 2.58 -55.00
CA GLU B 163 -28.64 4.02 -54.91
C GLU B 163 -29.49 4.56 -53.77
N LYS B 164 -30.67 3.97 -53.56
CA LYS B 164 -31.52 4.36 -52.45
C LYS B 164 -30.86 4.04 -51.10
N SER B 165 -30.22 2.88 -51.00
CA SER B 165 -29.60 2.48 -49.75
C SER B 165 -28.35 3.33 -49.46
N ALA B 166 -27.53 3.54 -50.48
CA ALA B 166 -26.31 4.31 -50.32
C ALA B 166 -26.61 5.71 -49.78
N LYS B 167 -27.62 6.34 -50.35
CA LYS B 167 -28.02 7.68 -49.94
C LYS B 167 -28.45 7.70 -48.48
N GLU B 168 -29.23 6.69 -48.10
CA GLU B 168 -29.68 6.58 -46.72
C GLU B 168 -28.50 6.35 -45.78
N ALA B 169 -27.64 5.40 -46.15
CA ALA B 169 -26.45 5.07 -45.37
C ALA B 169 -25.53 6.29 -45.24
N LEU B 170 -25.38 7.03 -46.33
CA LEU B 170 -24.54 8.21 -46.31
C LEU B 170 -25.12 9.27 -45.38
N LYS B 171 -26.44 9.38 -45.34
CA LYS B 171 -27.07 10.35 -44.46
C LYS B 171 -26.74 9.99 -43.01
N TYR B 172 -26.95 8.72 -42.67
CA TYR B 172 -26.60 8.23 -41.33
C TYR B 172 -25.14 8.50 -41.02
N ALA B 173 -24.25 8.19 -41.97
CA ALA B 173 -22.82 8.29 -41.75
C ALA B 173 -22.42 9.72 -41.43
N GLU B 174 -22.96 10.67 -42.18
CA GLU B 174 -22.67 12.09 -41.95
C GLU B 174 -23.20 12.56 -40.60
N ILE B 175 -24.42 12.19 -40.27
CA ILE B 175 -25.02 12.62 -39.00
C ILE B 175 -24.28 11.96 -37.83
N MET B 176 -24.04 10.65 -37.94
CA MET B 176 -23.39 9.93 -36.85
C MET B 176 -21.93 10.39 -36.67
N THR B 177 -21.19 10.59 -37.74
CA THR B 177 -19.83 11.10 -37.64
C THR B 177 -19.80 12.45 -36.94
N GLU B 178 -20.70 13.34 -37.35
CA GLU B 178 -20.76 14.67 -36.74
C GLU B 178 -21.10 14.58 -35.26
N SER B 179 -22.01 13.68 -34.91
CA SER B 179 -22.50 13.57 -33.54
C SER B 179 -21.44 12.96 -32.64
N LEU B 180 -20.81 11.88 -33.10
CA LEU B 180 -19.72 11.25 -32.36
C LEU B 180 -18.55 12.22 -32.12
N ASN B 181 -18.17 12.95 -33.17
CA ASN B 181 -17.03 13.85 -33.04
C ASN B 181 -17.34 15.03 -32.09
N ILE B 182 -18.59 15.48 -32.08
CA ILE B 182 -19.03 16.45 -31.08
C ILE B 182 -18.79 15.90 -29.68
N VAL B 183 -19.20 14.66 -29.47
CA VAL B 183 -19.03 14.03 -28.16
C VAL B 183 -17.55 13.83 -27.83
N LYS B 184 -16.81 13.29 -28.80
CA LYS B 184 -15.38 13.02 -28.62
C LYS B 184 -14.61 14.32 -28.34
N ASP B 185 -14.91 15.40 -29.06
CA ASP B 185 -14.24 16.67 -28.81
CA ASP B 185 -14.26 16.68 -28.81
C ASP B 185 -14.54 17.19 -27.40
N LEU B 186 -15.80 17.08 -26.96
CA LEU B 186 -16.16 17.53 -25.62
C LEU B 186 -15.44 16.70 -24.57
N VAL B 187 -15.48 15.38 -24.71
CA VAL B 187 -14.91 14.51 -23.70
C VAL B 187 -13.38 14.68 -23.64
N ASN B 188 -12.74 14.81 -24.80
CA ASN B 188 -11.30 15.03 -24.88
C ASN B 188 -10.82 16.38 -24.33
N THR B 189 -11.71 17.37 -24.26
CA THR B 189 -11.32 18.71 -23.82
C THR B 189 -10.80 18.65 -22.38
N PRO B 190 -9.60 19.19 -22.12
CA PRO B 190 -9.01 19.17 -20.77
C PRO B 190 -9.87 19.95 -19.79
N PRO B 191 -9.79 19.59 -18.49
CA PRO B 191 -10.77 20.08 -17.50
C PRO B 191 -10.70 21.58 -17.15
N MET B 192 -9.54 22.21 -17.26
CA MET B 192 -9.47 23.66 -17.01
C MET B 192 -10.36 24.38 -18.03
N ILE B 193 -10.55 23.75 -19.18
CA ILE B 193 -11.35 24.34 -20.26
C ILE B 193 -12.77 23.78 -20.27
N GLY B 194 -12.87 22.45 -20.21
CA GLY B 194 -14.15 21.78 -20.27
C GLY B 194 -14.88 21.79 -18.93
N THR B 195 -15.31 22.98 -18.53
CA THR B 195 -16.05 23.17 -17.29
C THR B 195 -17.55 22.87 -17.49
N PRO B 196 -18.33 22.86 -16.40
CA PRO B 196 -19.78 22.70 -16.60
C PRO B 196 -20.35 23.77 -17.52
N VAL B 197 -19.90 25.01 -17.37
CA VAL B 197 -20.31 26.09 -18.25
C VAL B 197 -19.95 25.76 -19.70
N TYR B 198 -18.76 25.23 -19.92
CA TYR B 198 -18.33 24.84 -21.25
C TYR B 198 -19.23 23.76 -21.87
N MET B 199 -19.62 22.77 -21.07
CA MET B 199 -20.60 21.78 -21.54
C MET B 199 -21.89 22.44 -22.01
N ALA B 200 -22.37 23.41 -21.23
CA ALA B 200 -23.62 24.11 -21.57
C ALA B 200 -23.49 24.86 -22.91
N GLU B 201 -22.31 25.40 -23.18
CA GLU B 201 -22.04 26.06 -24.45
C GLU B 201 -22.10 25.09 -25.62
N VAL B 202 -21.50 23.91 -25.45
CA VAL B 202 -21.56 22.90 -26.49
C VAL B 202 -23.02 22.52 -26.77
N ALA B 203 -23.77 22.31 -25.69
CA ALA B 203 -25.20 22.05 -25.77
C ALA B 203 -25.96 23.20 -26.44
N GLN B 204 -25.57 24.45 -26.17
CA GLN B 204 -26.20 25.61 -26.83
C GLN B 204 -26.03 25.55 -28.35
N LYS B 205 -24.80 25.30 -28.80
CA LYS B 205 -24.51 25.19 -30.24
C LYS B 205 -25.37 24.13 -30.91
N VAL B 206 -25.50 22.99 -30.24
CA VAL B 206 -26.31 21.88 -30.76
C VAL B 206 -27.79 22.26 -30.81
N ALA B 207 -28.28 22.95 -29.78
CA ALA B 207 -29.66 23.44 -29.75
C ALA B 207 -29.90 24.46 -30.88
N LYS B 208 -28.97 25.38 -31.02
CA LYS B 208 -29.07 26.40 -32.06
C LYS B 208 -28.98 25.78 -33.46
N GLU B 209 -28.12 24.78 -33.62
CA GLU B 209 -27.97 24.11 -34.91
C GLU B 209 -29.24 23.36 -35.31
N ASN B 210 -29.90 22.73 -34.34
CA ASN B 210 -31.07 21.93 -34.66
C ASN B 210 -32.40 22.55 -34.23
N HIS B 211 -32.38 23.83 -33.89
CA HIS B 211 -33.57 24.56 -33.47
C HIS B 211 -34.25 23.85 -32.32
N LEU B 212 -33.47 23.50 -31.31
CA LEU B 212 -34.04 22.82 -30.16
C LEU B 212 -34.37 23.78 -29.04
N GLU B 213 -35.34 23.41 -28.23
CA GLU B 213 -35.54 24.05 -26.95
C GLU B 213 -34.39 23.68 -26.03
N ILE B 214 -33.82 24.65 -25.32
CA ILE B 214 -32.80 24.34 -24.31
C ILE B 214 -33.00 25.18 -23.06
N HIS B 215 -32.84 24.55 -21.90
CA HIS B 215 -32.81 25.28 -20.63
C HIS B 215 -31.52 24.97 -19.90
N VAL B 216 -30.85 26.01 -19.39
CA VAL B 216 -29.62 25.82 -18.66
C VAL B 216 -29.78 26.41 -17.27
N HIS B 217 -29.95 25.52 -16.29
CA HIS B 217 -30.21 25.90 -14.91
C HIS B 217 -28.91 25.92 -14.10
N ASP B 218 -28.85 26.77 -13.07
CA ASP B 218 -27.67 26.85 -12.23
C ASP B 218 -27.97 26.38 -10.80
N GLU B 219 -27.07 26.67 -9.87
CA GLU B 219 -27.23 26.19 -8.50
C GLU B 219 -28.47 26.76 -7.82
N LYS B 220 -28.96 27.90 -8.30
CA LYS B 220 -30.17 28.49 -7.72
C LYS B 220 -31.39 27.65 -8.04
N PHE B 221 -31.48 27.18 -9.28
CA PHE B 221 -32.55 26.27 -9.67
C PHE B 221 -32.46 24.97 -8.89
N LEU B 222 -31.25 24.42 -8.82
CA LEU B 222 -30.98 23.20 -8.04
C LEU B 222 -31.48 23.32 -6.59
N GLU B 223 -31.23 24.46 -5.95
CA GLU B 223 -31.70 24.73 -4.60
C GLU B 223 -33.21 24.73 -4.55
N GLU B 224 -33.82 25.41 -5.50
CA GLU B 224 -35.27 25.51 -5.53
C GLU B 224 -35.92 24.13 -5.62
N LYS B 225 -35.36 23.29 -6.48
CA LYS B 225 -35.91 21.96 -6.69
C LYS B 225 -35.40 20.97 -5.64
N LYS B 226 -34.68 21.47 -4.65
CA LYS B 226 -34.18 20.65 -3.55
C LYS B 226 -33.30 19.49 -4.03
N MET B 227 -32.49 19.76 -5.04
CA MET B 227 -31.58 18.76 -5.59
CA MET B 227 -31.60 18.74 -5.57
C MET B 227 -30.28 18.79 -4.79
N ASN B 228 -30.38 18.41 -3.52
CA ASN B 228 -29.27 18.51 -2.59
C ASN B 228 -28.18 17.47 -2.79
N ALA B 229 -28.49 16.33 -3.42
CA ALA B 229 -27.46 15.36 -3.74
C ALA B 229 -26.52 15.94 -4.80
N PHE B 230 -27.11 16.40 -5.91
CA PHE B 230 -26.40 17.15 -6.95
C PHE B 230 -25.56 18.31 -6.35
N LEU B 231 -26.19 19.15 -5.52
CA LEU B 231 -25.51 20.31 -4.92
C LEU B 231 -24.32 19.92 -4.03
N ALA B 232 -24.46 18.82 -3.30
CA ALA B 232 -23.41 18.37 -2.40
C ALA B 232 -22.11 18.12 -3.15
N VAL B 233 -22.20 17.43 -4.28
CA VAL B 233 -21.03 17.11 -5.09
C VAL B 233 -20.31 18.39 -5.56
N ASN B 234 -21.10 19.40 -5.88
CA ASN B 234 -20.56 20.65 -6.39
C ASN B 234 -19.99 21.60 -5.30
N LYS B 235 -20.32 21.37 -4.03
CA LYS B 235 -20.00 22.36 -3.00
C LYS B 235 -18.52 22.74 -2.92
N ALA B 236 -17.61 21.77 -3.09
CA ALA B 236 -16.19 22.09 -3.03
C ALA B 236 -15.79 23.15 -4.05
N SER B 237 -16.41 23.09 -5.24
CA SER B 237 -16.00 23.87 -6.39
C SER B 237 -17.00 24.94 -6.83
N LEU B 238 -18.09 25.08 -6.08
CA LEU B 238 -19.15 26.04 -6.42
C LEU B 238 -18.60 27.44 -6.71
N SER B 239 -17.66 27.91 -5.90
CA SER B 239 -17.16 29.27 -6.06
C SER B 239 -16.24 29.39 -7.29
N VAL B 240 -15.71 28.27 -7.76
CA VAL B 240 -14.83 28.25 -8.94
C VAL B 240 -15.59 27.99 -10.24
N ASN B 241 -16.25 26.82 -10.30
CA ASN B 241 -17.04 26.43 -11.46
C ASN B 241 -18.41 25.97 -11.00
N PRO B 242 -19.41 26.86 -11.11
CA PRO B 242 -20.76 26.51 -10.68
C PRO B 242 -21.37 25.44 -11.59
N PRO B 243 -22.32 24.68 -11.04
CA PRO B 243 -22.91 23.55 -11.75
C PRO B 243 -23.91 24.00 -12.81
N ARG B 244 -24.18 23.14 -13.79
CA ARG B 244 -25.24 23.38 -14.74
C ARG B 244 -26.13 22.15 -14.89
N LEU B 245 -27.44 22.37 -14.83
CA LEU B 245 -28.38 21.34 -15.23
C LEU B 245 -28.83 21.73 -16.62
N ILE B 246 -28.48 20.91 -17.60
CA ILE B 246 -28.74 21.22 -19.00
C ILE B 246 -29.89 20.39 -19.49
N HIS B 247 -30.85 21.02 -20.13
CA HIS B 247 -32.06 20.35 -20.57
C HIS B 247 -32.35 20.68 -22.03
N LEU B 248 -32.08 19.74 -22.92
CA LEU B 248 -32.38 19.93 -24.33
C LEU B 248 -33.69 19.25 -24.68
N VAL B 249 -34.45 19.88 -25.57
CA VAL B 249 -35.68 19.23 -26.01
C VAL B 249 -35.80 19.26 -27.53
N TYR B 250 -35.95 18.08 -28.11
CA TYR B 250 -36.30 17.92 -29.52
C TYR B 250 -37.77 17.55 -29.63
N LYS B 251 -38.56 18.43 -30.22
CA LYS B 251 -39.99 18.21 -30.39
C LYS B 251 -40.35 18.15 -31.87
N PRO B 252 -40.66 16.95 -32.38
CA PRO B 252 -40.96 16.85 -33.81
C PRO B 252 -42.44 17.01 -34.12
N LYS B 253 -42.76 17.03 -35.41
CA LYS B 253 -44.14 17.04 -35.87
C LYS B 253 -44.94 15.89 -35.27
N LYS B 254 -44.43 14.68 -35.46
CA LYS B 254 -45.09 13.48 -34.97
C LYS B 254 -44.25 12.86 -33.87
N ALA B 255 -44.82 12.72 -32.68
CA ALA B 255 -44.11 12.09 -31.57
C ALA B 255 -44.80 10.81 -31.12
N LYS B 256 -44.17 9.67 -31.39
CA LYS B 256 -44.76 8.40 -30.98
C LYS B 256 -44.39 8.04 -29.54
N LYS B 257 -43.28 8.58 -29.07
CA LYS B 257 -42.85 8.33 -27.70
C LYS B 257 -42.26 9.59 -27.09
N LYS B 258 -42.20 9.62 -25.78
CA LYS B 258 -41.48 10.67 -25.06
C LYS B 258 -40.30 10.03 -24.36
N ILE B 259 -39.09 10.44 -24.72
CA ILE B 259 -37.90 9.78 -24.22
C ILE B 259 -37.01 10.73 -23.44
N ALA B 260 -36.59 10.29 -22.27
CA ALA B 260 -35.67 11.07 -21.45
C ALA B 260 -34.30 10.39 -21.43
N LEU B 261 -33.28 11.12 -21.87
CA LEU B 261 -31.92 10.63 -21.86
C LEU B 261 -31.17 11.39 -20.78
N VAL B 262 -30.64 10.70 -19.78
CA VAL B 262 -30.05 11.36 -18.64
C VAL B 262 -28.55 11.07 -18.54
N GLY B 263 -27.73 12.12 -18.42
CA GLY B 263 -26.29 11.93 -18.51
C GLY B 263 -25.44 12.50 -17.38
N LYS B 264 -24.49 11.70 -16.91
CA LYS B 264 -23.52 12.17 -15.89
C LYS B 264 -22.51 13.11 -16.54
N GLY B 265 -22.52 14.38 -16.14
CA GLY B 265 -21.58 15.33 -16.70
C GLY B 265 -20.53 15.75 -15.69
N LEU B 266 -19.79 14.80 -15.14
CA LEU B 266 -18.76 15.17 -14.17
C LEU B 266 -17.52 15.63 -14.94
N THR B 267 -17.35 16.95 -15.07
CA THR B 267 -16.34 17.49 -15.97
C THR B 267 -14.94 17.22 -15.44
N TYR B 268 -14.83 17.07 -14.12
CA TYR B 268 -13.64 16.48 -13.54
C TYR B 268 -14.01 15.84 -12.23
N ASP B 269 -13.41 14.69 -11.97
CA ASP B 269 -13.67 13.92 -10.77
C ASP B 269 -12.36 13.55 -10.11
N CYS B 270 -12.02 14.21 -9.01
CA CYS B 270 -10.75 13.91 -8.34
C CYS B 270 -11.02 12.95 -7.19
N GLY B 271 -12.29 12.64 -7.01
CA GLY B 271 -12.75 11.71 -5.98
C GLY B 271 -13.24 12.48 -4.76
N GLY B 272 -13.02 13.80 -4.73
CA GLY B 272 -13.44 14.60 -3.59
C GLY B 272 -12.54 14.33 -2.41
N LEU B 273 -13.07 14.45 -1.19
CA LEU B 273 -12.27 14.16 0.01
C LEU B 273 -11.77 12.72 0.06
N SER B 274 -12.54 11.80 -0.52
CA SER B 274 -12.09 10.43 -0.73
C SER B 274 -11.20 10.42 -1.97
N LEU B 275 -10.06 11.10 -1.87
CA LEU B 275 -9.23 11.45 -3.03
C LEU B 275 -8.69 10.23 -3.81
N LYS B 276 -8.84 10.26 -5.13
CA LYS B 276 -8.29 9.21 -5.98
C LYS B 276 -6.78 9.20 -5.91
N PRO B 277 -6.17 8.01 -5.98
CA PRO B 277 -4.72 7.93 -6.16
C PRO B 277 -4.31 8.51 -7.52
N ALA B 278 -3.08 9.00 -7.62
CA ALA B 278 -2.60 9.68 -8.82
C ALA B 278 -2.80 8.85 -10.09
N ASP B 279 -2.47 7.57 -10.03
CA ASP B 279 -2.62 6.68 -11.19
C ASP B 279 -4.05 6.63 -11.70
N TYR B 280 -5.01 6.80 -10.80
CA TYR B 280 -6.42 6.66 -11.17
C TYR B 280 -7.10 8.00 -11.47
N MET B 281 -6.45 9.11 -11.17
CA MET B 281 -7.08 10.41 -11.45
C MET B 281 -6.88 10.86 -12.91
N VAL B 282 -5.81 10.38 -13.53
CA VAL B 282 -5.62 10.68 -14.94
C VAL B 282 -6.77 10.05 -15.75
N THR B 283 -7.19 10.74 -16.82
CA THR B 283 -8.35 10.42 -17.68
C THR B 283 -9.71 10.86 -17.06
N MET B 284 -9.70 11.42 -15.85
CA MET B 284 -10.98 11.78 -15.21
C MET B 284 -11.66 13.01 -15.81
N LYS B 285 -11.02 13.62 -16.81
CA LYS B 285 -11.73 14.61 -17.62
C LYS B 285 -12.85 13.94 -18.42
N ALA B 286 -12.75 12.60 -18.56
CA ALA B 286 -13.71 11.85 -19.35
C ALA B 286 -14.89 11.36 -18.53
N ASP B 287 -14.95 11.79 -17.28
CA ASP B 287 -16.06 11.45 -16.42
C ASP B 287 -17.31 12.19 -16.86
N LYS B 288 -17.18 13.01 -17.91
CA LYS B 288 -18.35 13.64 -18.49
C LYS B 288 -18.82 12.89 -19.74
N GLY B 289 -18.36 11.64 -19.88
CA GLY B 289 -18.68 10.82 -21.04
C GLY B 289 -20.17 10.61 -21.26
N GLY B 290 -20.91 10.38 -20.18
CA GLY B 290 -22.34 10.12 -20.27
C GLY B 290 -23.13 11.35 -20.67
N GLY B 291 -22.86 12.47 -20.00
CA GLY B 291 -23.50 13.72 -20.34
C GLY B 291 -23.17 14.16 -21.75
N SER B 292 -21.94 13.90 -22.18
CA SER B 292 -21.52 14.34 -23.50
C SER B 292 -22.24 13.50 -24.56
N ALA B 293 -22.39 12.20 -24.31
CA ALA B 293 -23.11 11.33 -25.24
C ALA B 293 -24.57 11.80 -25.43
N VAL B 294 -25.20 12.23 -24.33
CA VAL B 294 -26.57 12.74 -24.39
C VAL B 294 -26.68 13.97 -25.29
N ILE B 295 -25.75 14.92 -25.16
CA ILE B 295 -25.68 16.04 -26.10
C ILE B 295 -25.51 15.56 -27.57
N GLY B 296 -24.64 14.59 -27.78
CA GLY B 296 -24.47 14.05 -29.12
C GLY B 296 -25.71 13.32 -29.62
N LEU B 297 -26.40 12.65 -28.71
CA LEU B 297 -27.62 11.95 -29.04
C LEU B 297 -28.73 12.91 -29.47
N LEU B 298 -28.80 14.10 -28.89
CA LEU B 298 -29.85 15.01 -29.35
C LEU B 298 -29.53 15.58 -30.72
N ASN B 299 -28.24 15.75 -31.01
CA ASN B 299 -27.85 16.14 -32.36
C ASN B 299 -28.25 15.07 -33.37
N ALA B 300 -27.89 13.82 -33.07
CA ALA B 300 -28.13 12.71 -33.98
C ALA B 300 -29.62 12.42 -34.17
N LEU B 301 -30.37 12.40 -33.07
CA LEU B 301 -31.78 12.06 -33.15
C LEU B 301 -32.61 13.16 -33.82
N ALA B 302 -32.23 14.42 -33.63
CA ALA B 302 -32.90 15.52 -34.32
C ALA B 302 -32.58 15.53 -35.83
N LYS B 303 -31.32 15.29 -36.19
CA LYS B 303 -30.98 15.33 -37.62
C LYS B 303 -31.52 14.12 -38.36
N LEU B 304 -31.72 13.02 -37.65
CA LEU B 304 -32.34 11.87 -38.29
C LEU B 304 -33.85 12.07 -38.36
N GLY B 305 -34.34 13.06 -37.63
CA GLY B 305 -35.76 13.39 -37.61
C GLY B 305 -36.63 12.25 -37.09
N VAL B 306 -36.23 11.64 -35.98
CA VAL B 306 -37.01 10.52 -35.44
C VAL B 306 -38.33 11.03 -34.89
N GLU B 307 -39.31 10.15 -34.85
CA GLU B 307 -40.66 10.53 -34.40
C GLU B 307 -40.83 10.25 -32.93
N ALA B 308 -40.14 11.07 -32.13
CA ALA B 308 -40.23 10.94 -30.69
C ALA B 308 -39.84 12.27 -30.11
N GLU B 309 -40.48 12.63 -29.01
CA GLU B 309 -40.04 13.79 -28.24
C GLU B 309 -38.90 13.34 -27.35
N VAL B 310 -37.73 13.94 -27.54
CA VAL B 310 -36.54 13.49 -26.85
C VAL B 310 -36.02 14.57 -25.92
N HIS B 311 -35.86 14.22 -24.64
CA HIS B 311 -35.30 15.16 -23.66
C HIS B 311 -33.90 14.72 -23.25
N GLY B 312 -32.95 15.64 -23.38
CA GLY B 312 -31.58 15.37 -23.00
C GLY B 312 -31.26 16.18 -21.76
N ILE B 313 -30.99 15.46 -20.68
CA ILE B 313 -30.78 16.05 -19.37
C ILE B 313 -29.37 15.75 -18.87
N ILE B 314 -28.59 16.79 -18.60
CA ILE B 314 -27.21 16.59 -18.20
C ILE B 314 -26.93 17.29 -16.89
N GLY B 315 -26.47 16.53 -15.89
CA GLY B 315 -26.04 17.12 -14.64
C GLY B 315 -24.56 17.39 -14.70
N ALA B 316 -24.16 18.66 -14.79
CA ALA B 316 -22.75 19.01 -14.96
C ALA B 316 -22.16 19.68 -13.72
N THR B 317 -21.04 19.14 -13.25
CA THR B 317 -20.29 19.67 -12.10
C THR B 317 -18.92 19.00 -12.04
N GLU B 318 -17.98 19.59 -11.32
CA GLU B 318 -16.79 18.87 -10.92
C GLU B 318 -17.04 18.19 -9.58
N ASN B 319 -16.17 17.24 -9.24
CA ASN B 319 -16.15 16.65 -7.90
C ASN B 319 -14.76 16.93 -7.33
N MET B 320 -14.61 18.10 -6.72
CA MET B 320 -13.30 18.59 -6.27
C MET B 320 -13.11 18.43 -4.77
N ILE B 321 -11.88 18.66 -4.33
CA ILE B 321 -11.55 18.57 -2.92
C ILE B 321 -11.22 19.98 -2.44
N GLY B 322 -11.53 20.26 -1.17
CA GLY B 322 -11.39 21.60 -0.64
C GLY B 322 -12.12 21.79 0.69
N PRO B 323 -11.95 22.96 1.32
CA PRO B 323 -12.50 23.12 2.68
C PRO B 323 -14.04 23.14 2.72
N ALA B 324 -14.70 23.28 1.57
CA ALA B 324 -16.16 23.18 1.57
C ALA B 324 -16.68 21.86 0.98
N ALA B 325 -15.80 20.89 0.71
CA ALA B 325 -16.24 19.61 0.12
C ALA B 325 -17.31 18.92 0.96
N TYR B 326 -18.23 18.21 0.28
CA TYR B 326 -19.13 17.32 1.01
C TYR B 326 -18.29 16.15 1.52
N LYS B 327 -18.78 15.43 2.51
CA LYS B 327 -17.90 14.56 3.29
C LYS B 327 -18.44 13.15 3.48
N PRO B 328 -17.52 12.17 3.64
CA PRO B 328 -17.94 10.91 4.27
C PRO B 328 -18.61 11.28 5.61
N ASP B 329 -19.79 10.71 5.87
CA ASP B 329 -20.68 10.96 7.03
C ASP B 329 -21.82 11.94 6.71
N ASP B 330 -21.71 12.73 5.64
CA ASP B 330 -22.84 13.58 5.29
C ASP B 330 -24.07 12.74 4.92
N ILE B 331 -25.24 13.26 5.25
CA ILE B 331 -26.48 12.59 4.97
C ILE B 331 -27.34 13.58 4.21
N LEU B 332 -27.60 13.27 2.96
CA LEU B 332 -28.17 14.22 2.01
C LEU B 332 -29.60 13.84 1.71
N ILE B 333 -30.46 14.85 1.59
CA ILE B 333 -31.85 14.59 1.22
C ILE B 333 -32.01 14.81 -0.29
N SER B 334 -32.16 13.71 -1.01
CA SER B 334 -32.37 13.75 -2.45
C SER B 334 -33.69 14.43 -2.79
N LYS B 335 -33.80 14.91 -4.03
CA LYS B 335 -35.05 15.50 -4.51
C LYS B 335 -36.25 14.57 -4.32
N GLU B 336 -36.06 13.27 -4.58
CA GLU B 336 -37.16 12.30 -4.44
C GLU B 336 -37.62 12.22 -2.98
N GLY B 337 -36.70 12.47 -2.06
CA GLY B 337 -37.07 12.54 -0.65
C GLY B 337 -36.29 11.57 0.19
N LYS B 338 -35.72 10.56 -0.44
CA LYS B 338 -34.93 9.58 0.28
C LYS B 338 -33.60 10.20 0.69
N SER B 339 -33.17 9.86 1.91
CA SER B 339 -31.91 10.32 2.46
C SER B 339 -30.77 9.36 2.11
N ILE B 340 -29.58 9.93 1.91
CA ILE B 340 -28.43 9.19 1.43
C ILE B 340 -27.27 9.36 2.40
N GLU B 341 -26.86 8.27 3.05
CA GLU B 341 -25.61 8.31 3.83
C GLU B 341 -24.39 8.30 2.89
N VAL B 342 -23.57 9.34 2.93
CA VAL B 342 -22.34 9.38 2.14
C VAL B 342 -21.23 8.70 2.90
N ARG B 343 -20.63 7.65 2.34
CA ARG B 343 -19.50 7.02 3.02
C ARG B 343 -18.22 7.18 2.19
N ASN B 344 -18.36 7.61 0.94
CA ASN B 344 -17.21 7.78 0.05
C ASN B 344 -17.56 8.78 -1.03
N THR B 345 -16.84 9.89 -1.06
CA THR B 345 -17.16 11.00 -1.95
C THR B 345 -16.81 10.71 -3.41
N ASP B 346 -16.19 9.57 -3.66
CA ASP B 346 -15.79 9.19 -5.03
C ASP B 346 -16.94 8.42 -5.69
N ALA B 347 -18.00 8.19 -4.92
CA ALA B 347 -19.23 7.66 -5.49
C ALA B 347 -20.22 8.83 -5.72
N GLU B 348 -19.75 9.82 -6.48
CA GLU B 348 -20.47 11.08 -6.64
C GLU B 348 -21.43 11.06 -7.83
N GLY B 349 -21.12 10.30 -8.87
CA GLY B 349 -21.95 10.28 -10.05
C GLY B 349 -23.39 9.86 -9.73
N ARG B 350 -23.52 8.90 -8.82
CA ARG B 350 -24.84 8.39 -8.51
C ARG B 350 -25.69 9.41 -7.74
N LEU B 351 -25.05 10.33 -7.01
CA LEU B 351 -25.77 11.41 -6.35
C LEU B 351 -26.35 12.41 -7.34
N VAL B 352 -25.49 12.86 -8.27
CA VAL B 352 -25.93 13.74 -9.33
C VAL B 352 -27.05 13.06 -10.14
N LEU B 353 -26.86 11.78 -10.43
CA LEU B 353 -27.85 11.05 -11.23
C LEU B 353 -29.17 10.88 -10.48
N ALA B 354 -29.10 10.63 -9.17
CA ALA B 354 -30.31 10.49 -8.36
C ALA B 354 -31.21 11.72 -8.54
N ASP B 355 -30.60 12.90 -8.55
CA ASP B 355 -31.40 14.12 -8.66
C ASP B 355 -31.81 14.37 -10.11
N CYS B 356 -30.96 14.02 -11.06
CA CYS B 356 -31.28 14.28 -12.46
C CYS B 356 -32.34 13.31 -12.97
N LEU B 357 -32.34 12.09 -12.44
CA LEU B 357 -33.37 11.11 -12.78
C LEU B 357 -34.73 11.54 -12.23
N SER B 358 -34.71 12.24 -11.09
CA SER B 358 -35.94 12.71 -10.43
C SER B 358 -36.59 13.78 -11.31
N TYR B 359 -35.76 14.70 -11.77
CA TYR B 359 -36.17 15.76 -12.68
C TYR B 359 -36.68 15.16 -13.99
N ALA B 360 -36.02 14.10 -14.48
CA ALA B 360 -36.45 13.42 -15.69
C ALA B 360 -37.85 12.83 -15.54
N GLN B 361 -38.08 12.14 -14.43
CA GLN B 361 -39.36 11.49 -14.18
C GLN B 361 -40.52 12.50 -14.13
N ASP B 362 -40.24 13.71 -13.67
CA ASP B 362 -41.26 14.75 -13.57
C ASP B 362 -41.83 15.11 -14.94
N LEU B 363 -41.08 14.77 -15.99
CA LEU B 363 -41.49 14.98 -17.38
C LEU B 363 -42.47 13.91 -17.89
N ASN B 364 -42.74 12.92 -17.05
CA ASN B 364 -43.53 11.76 -17.42
C ASN B 364 -43.16 11.14 -18.79
N PRO B 365 -41.90 10.69 -18.94
CA PRO B 365 -41.49 10.08 -20.22
C PRO B 365 -41.99 8.64 -20.36
N ASP B 366 -42.00 8.12 -21.57
CA ASP B 366 -42.33 6.71 -21.76
C ASP B 366 -41.11 5.83 -21.52
N VAL B 367 -39.94 6.40 -21.80
CA VAL B 367 -38.67 5.69 -21.62
C VAL B 367 -37.64 6.62 -20.99
N ILE B 368 -36.93 6.11 -19.99
CA ILE B 368 -35.75 6.80 -19.45
C ILE B 368 -34.52 5.93 -19.62
N VAL B 369 -33.51 6.50 -20.27
CA VAL B 369 -32.19 5.87 -20.33
C VAL B 369 -31.14 6.78 -19.71
N ASP B 370 -30.33 6.29 -18.76
CA ASP B 370 -29.26 7.13 -18.27
C ASP B 370 -27.90 6.59 -18.70
N PHE B 371 -26.98 7.51 -18.97
CA PHE B 371 -25.62 7.16 -19.35
C PHE B 371 -24.62 7.73 -18.36
N ALA B 372 -23.71 6.89 -17.89
CA ALA B 372 -22.76 7.31 -16.88
C ALA B 372 -21.46 6.51 -16.95
N THR B 373 -20.35 7.20 -16.73
CA THR B 373 -19.08 6.55 -16.50
C THR B 373 -19.07 6.29 -15.01
N LEU B 374 -19.87 5.32 -14.57
CA LEU B 374 -20.21 5.29 -13.14
C LEU B 374 -19.24 4.53 -12.27
N THR B 375 -18.81 3.35 -12.70
CA THR B 375 -18.05 2.51 -11.77
C THR B 375 -16.80 1.88 -12.35
N GLY B 376 -15.76 1.80 -11.52
CA GLY B 376 -14.56 1.06 -11.89
C GLY B 376 -14.84 -0.43 -11.94
N ALA B 377 -15.75 -0.89 -11.07
CA ALA B 377 -16.07 -2.30 -10.98
C ALA B 377 -16.68 -2.84 -12.27
N CYS B 378 -17.41 -2.01 -13.00
CA CYS B 378 -17.95 -2.40 -14.29
C CYS B 378 -16.82 -2.77 -15.24
N VAL B 379 -15.85 -1.87 -15.31
CA VAL B 379 -14.67 -2.06 -16.16
C VAL B 379 -13.93 -3.33 -15.77
N VAL B 380 -13.69 -3.51 -14.47
CA VAL B 380 -13.04 -4.73 -14.00
C VAL B 380 -13.82 -5.96 -14.49
N GLY B 381 -15.15 -5.87 -14.53
CA GLY B 381 -15.97 -7.02 -14.84
C GLY B 381 -16.11 -7.35 -16.31
N LEU B 382 -16.21 -6.32 -17.15
CA LEU B 382 -16.54 -6.50 -18.55
C LEU B 382 -15.36 -6.19 -19.48
N GLY B 383 -14.36 -5.51 -18.92
CA GLY B 383 -13.22 -5.07 -19.72
C GLY B 383 -13.46 -3.66 -20.17
N GLU B 384 -12.44 -3.07 -20.78
CA GLU B 384 -12.49 -1.66 -21.13
C GLU B 384 -13.40 -1.33 -22.29
N PHE B 385 -13.83 -2.33 -23.06
CA PHE B 385 -14.43 -2.06 -24.37
C PHE B 385 -15.94 -2.23 -24.42
N THR B 386 -16.51 -2.62 -23.28
CA THR B 386 -17.90 -3.06 -23.18
C THR B 386 -18.67 -2.30 -22.10
N SER B 387 -19.89 -1.85 -22.44
CA SER B 387 -20.76 -1.16 -21.48
C SER B 387 -21.78 -2.11 -20.87
N ALA B 388 -22.20 -1.82 -19.65
CA ALA B 388 -23.19 -2.67 -18.99
C ALA B 388 -24.59 -2.06 -19.11
N ILE B 389 -25.57 -2.92 -19.29
CA ILE B 389 -26.97 -2.53 -19.34
C ILE B 389 -27.69 -3.09 -18.10
N MET B 390 -28.34 -2.22 -17.34
CA MET B 390 -29.10 -2.64 -16.16
C MET B 390 -30.53 -2.08 -16.22
N GLY B 391 -31.44 -2.69 -15.46
CA GLY B 391 -32.84 -2.29 -15.44
C GLY B 391 -33.75 -3.47 -15.08
N HIS B 392 -35.07 -3.27 -15.10
CA HIS B 392 -35.98 -4.32 -14.64
C HIS B 392 -36.65 -5.03 -15.82
N ASN B 393 -36.91 -4.25 -16.86
CA ASN B 393 -37.67 -4.71 -18.00
C ASN B 393 -36.79 -5.46 -18.99
N GLU B 394 -36.87 -6.78 -19.00
CA GLU B 394 -36.00 -7.60 -19.85
C GLU B 394 -36.20 -7.30 -21.34
N GLU B 395 -37.43 -7.07 -21.76
CA GLU B 395 -37.68 -6.79 -23.18
C GLU B 395 -36.98 -5.50 -23.56
N LEU B 396 -37.01 -4.53 -22.65
CA LEU B 396 -36.38 -3.24 -22.88
C LEU B 396 -34.86 -3.40 -22.93
N LYS B 397 -34.33 -4.14 -21.95
CA LYS B 397 -32.89 -4.36 -21.87
CA LYS B 397 -32.89 -4.39 -21.86
C LYS B 397 -32.39 -5.14 -23.10
N ASN B 398 -33.15 -6.13 -23.54
CA ASN B 398 -32.81 -6.89 -24.74
C ASN B 398 -32.83 -6.01 -25.99
N LEU B 399 -33.82 -5.14 -26.10
CA LEU B 399 -33.90 -4.27 -27.27
C LEU B 399 -32.65 -3.40 -27.36
N PHE B 400 -32.25 -2.83 -26.22
CA PHE B 400 -31.09 -1.95 -26.21
C PHE B 400 -29.81 -2.70 -26.55
N GLU B 401 -29.67 -3.90 -25.99
CA GLU B 401 -28.52 -4.76 -26.30
C GLU B 401 -28.44 -5.14 -27.79
N THR B 402 -29.52 -5.72 -28.33
CA THR B 402 -29.51 -6.18 -29.71
CA THR B 402 -29.51 -6.18 -29.72
C THR B 402 -29.26 -5.02 -30.68
N SER B 403 -30.04 -3.95 -30.55
CA SER B 403 -29.83 -2.76 -31.37
C SER B 403 -28.41 -2.21 -31.21
N GLY B 404 -27.93 -2.20 -29.98
CA GLY B 404 -26.63 -1.62 -29.67
C GLY B 404 -25.51 -2.42 -30.28
N LEU B 405 -25.61 -3.75 -30.14
CA LEU B 405 -24.64 -4.66 -30.72
C LEU B 405 -24.57 -4.44 -32.23
N GLU B 406 -25.73 -4.33 -32.87
CA GLU B 406 -25.78 -4.12 -34.32
C GLU B 406 -25.15 -2.80 -34.74
N SER B 407 -25.29 -1.79 -33.89
CA SER B 407 -24.72 -0.50 -34.22
C SER B 407 -23.18 -0.54 -34.17
N GLY B 408 -22.62 -1.59 -33.58
CA GLY B 408 -21.17 -1.76 -33.49
C GLY B 408 -20.59 -1.47 -32.10
N GLU B 409 -21.46 -1.26 -31.13
CA GLU B 409 -21.01 -1.05 -29.74
C GLU B 409 -21.03 -2.38 -29.01
N LEU B 410 -20.12 -2.58 -28.07
CA LEU B 410 -20.10 -3.81 -27.29
C LEU B 410 -20.86 -3.60 -25.96
N LEU B 411 -21.82 -4.49 -25.70
CA LEU B 411 -22.72 -4.40 -24.57
C LEU B 411 -22.89 -5.71 -23.83
N ALA B 412 -23.23 -5.63 -22.56
CA ALA B 412 -23.57 -6.82 -21.78
C ALA B 412 -24.61 -6.45 -20.74
N LYS B 413 -25.63 -7.30 -20.58
CA LYS B 413 -26.59 -7.09 -19.49
C LYS B 413 -26.00 -7.60 -18.18
N LEU B 414 -26.21 -6.87 -17.08
CA LEU B 414 -25.81 -7.35 -15.77
C LEU B 414 -27.08 -7.47 -14.91
N PRO B 415 -27.31 -8.65 -14.30
CA PRO B 415 -28.56 -8.86 -13.56
C PRO B 415 -28.55 -8.31 -12.12
N PHE B 416 -29.66 -7.69 -11.71
CA PHE B 416 -29.90 -7.39 -10.30
C PHE B 416 -30.19 -8.68 -9.53
N ASN B 417 -30.05 -8.65 -8.21
CA ASN B 417 -30.66 -9.68 -7.36
C ASN B 417 -30.87 -9.15 -5.94
N ARG B 418 -31.69 -9.85 -5.17
CA ARG B 418 -32.10 -9.35 -3.85
C ARG B 418 -30.93 -9.31 -2.88
N HIS B 419 -29.94 -10.17 -3.08
CA HIS B 419 -28.81 -10.18 -2.15
C HIS B 419 -27.97 -8.89 -2.30
N LEU B 420 -27.76 -8.46 -3.54
CA LEU B 420 -27.00 -7.24 -3.79
C LEU B 420 -27.73 -6.02 -3.24
N LYS B 421 -29.06 -6.04 -3.35
CA LYS B 421 -29.88 -4.92 -2.90
C LYS B 421 -29.63 -4.60 -1.43
N LYS B 422 -29.40 -5.64 -0.64
CA LYS B 422 -29.22 -5.47 0.79
C LYS B 422 -27.91 -4.75 1.15
N LEU B 423 -26.95 -4.76 0.23
CA LEU B 423 -25.60 -4.27 0.57
C LEU B 423 -25.48 -2.75 0.58
N ILE B 424 -26.52 -2.06 0.11
CA ILE B 424 -26.55 -0.61 0.10
C ILE B 424 -27.50 -0.03 1.15
N GLU B 425 -27.87 -0.84 2.14
CA GLU B 425 -28.65 -0.31 3.24
C GLU B 425 -27.78 0.61 4.09
N SER B 426 -28.42 1.50 4.83
CA SER B 426 -27.75 2.37 5.78
C SER B 426 -28.36 2.21 7.16
N LYS B 427 -27.53 2.27 8.20
CA LYS B 427 -28.07 2.25 9.55
C LYS B 427 -28.71 3.58 9.94
N ILE B 428 -28.47 4.63 9.16
CA ILE B 428 -28.84 5.97 9.65
C ILE B 428 -29.44 6.87 8.57
N ALA B 429 -29.72 6.26 7.42
CA ALA B 429 -30.32 6.93 6.29
C ALA B 429 -31.12 5.91 5.52
N ASP B 430 -31.81 6.35 4.47
CA ASP B 430 -32.60 5.43 3.64
C ASP B 430 -31.74 4.55 2.76
N VAL B 431 -30.61 5.06 2.32
CA VAL B 431 -29.71 4.32 1.46
C VAL B 431 -28.28 4.84 1.63
N CYS B 432 -27.30 3.97 1.41
CA CYS B 432 -25.89 4.34 1.49
C CYS B 432 -25.33 4.50 0.08
N ASN B 433 -24.47 5.49 -0.14
CA ASN B 433 -23.96 5.71 -1.49
C ASN B 433 -22.83 4.78 -1.91
N ILE B 434 -22.43 3.88 -1.02
CA ILE B 434 -21.55 2.76 -1.44
C ILE B 434 -22.07 1.45 -0.90
N SER B 435 -21.59 0.36 -1.48
CA SER B 435 -21.90 -0.99 -1.03
C SER B 435 -21.05 -1.36 0.19
N SER B 436 -21.58 -2.21 1.05
CA SER B 436 -20.82 -2.71 2.20
C SER B 436 -19.84 -3.82 1.81
N SER B 437 -19.85 -4.22 0.54
CA SER B 437 -18.99 -5.30 0.05
C SER B 437 -18.10 -4.79 -1.09
N ARG B 438 -16.91 -5.38 -1.27
CA ARG B 438 -16.05 -4.95 -2.37
C ARG B 438 -16.43 -5.64 -3.69
N TYR B 439 -17.52 -6.40 -3.70
CA TYR B 439 -17.92 -7.11 -4.91
C TYR B 439 -19.28 -6.67 -5.46
N GLY B 440 -19.37 -6.56 -6.79
CA GLY B 440 -20.62 -6.22 -7.46
C GLY B 440 -20.91 -4.74 -7.61
N GLY B 441 -19.85 -3.94 -7.52
CA GLY B 441 -19.97 -2.49 -7.49
C GLY B 441 -20.81 -1.86 -8.59
N ALA B 442 -20.72 -2.35 -9.83
CA ALA B 442 -21.48 -1.73 -10.91
C ALA B 442 -22.98 -1.96 -10.72
N ILE B 443 -23.33 -3.10 -10.14
CA ILE B 443 -24.71 -3.52 -10.00
C ILE B 443 -25.33 -2.93 -8.73
N THR B 444 -24.56 -2.88 -7.65
CA THR B 444 -25.09 -2.20 -6.48
C THR B 444 -25.22 -0.69 -6.80
N ALA B 445 -24.34 -0.17 -7.64
CA ALA B 445 -24.49 1.21 -8.11
C ALA B 445 -25.79 1.38 -8.90
N GLY B 446 -26.13 0.39 -9.72
CA GLY B 446 -27.38 0.44 -10.46
C GLY B 446 -28.57 0.30 -9.53
N LEU B 447 -28.40 -0.52 -8.49
CA LEU B 447 -29.42 -0.68 -7.47
C LEU B 447 -29.53 0.56 -6.57
N PHE B 448 -28.46 1.35 -6.48
CA PHE B 448 -28.59 2.66 -5.82
C PHE B 448 -29.51 3.55 -6.65
N LEU B 449 -29.25 3.62 -7.95
CA LEU B 449 -30.08 4.45 -8.84
C LEU B 449 -31.55 4.02 -8.80
N ASN B 450 -31.77 2.71 -8.76
CA ASN B 450 -33.13 2.17 -8.64
C ASN B 450 -33.95 2.74 -7.47
N GLU B 451 -33.28 3.02 -6.35
CA GLU B 451 -33.99 3.54 -5.17
C GLU B 451 -34.67 4.88 -5.44
N PHE B 452 -34.25 5.54 -6.50
CA PHE B 452 -34.77 6.85 -6.90
C PHE B 452 -35.63 6.78 -8.15
N ILE B 453 -35.80 5.58 -8.67
CA ILE B 453 -36.75 5.41 -9.76
C ILE B 453 -38.11 5.06 -9.14
N ARG B 454 -39.08 5.94 -9.33
CA ARG B 454 -40.46 5.68 -8.88
C ARG B 454 -41.00 4.38 -9.45
N ASP B 455 -41.91 3.74 -8.71
CA ASP B 455 -42.49 2.47 -9.11
C ASP B 455 -43.04 2.52 -10.53
N GLU B 456 -43.73 3.61 -10.84
CA GLU B 456 -44.37 3.75 -12.13
C GLU B 456 -43.36 4.04 -13.25
N PHE B 457 -42.07 4.07 -12.94
CA PHE B 457 -41.05 4.19 -13.99
C PHE B 457 -40.05 3.04 -13.99
N LYS B 458 -40.15 2.12 -13.03
CA LYS B 458 -39.15 1.05 -12.93
C LYS B 458 -39.13 0.15 -14.17
N ASP B 459 -40.26 0.01 -14.84
CA ASP B 459 -40.29 -0.80 -16.04
C ASP B 459 -40.06 0.02 -17.30
N LYS B 460 -39.71 1.29 -17.14
CA LYS B 460 -39.45 2.13 -18.30
C LYS B 460 -38.01 2.63 -18.34
N TRP B 461 -37.16 2.02 -17.52
CA TRP B 461 -35.86 2.59 -17.21
C TRP B 461 -34.68 1.68 -17.56
N LEU B 462 -33.68 2.27 -18.20
CA LEU B 462 -32.42 1.59 -18.50
C LEU B 462 -31.26 2.37 -17.91
N HIS B 463 -30.32 1.66 -17.29
CA HIS B 463 -29.09 2.26 -16.82
C HIS B 463 -27.91 1.69 -17.62
N ILE B 464 -27.19 2.56 -18.33
CA ILE B 464 -26.01 2.14 -19.12
C ILE B 464 -24.73 2.71 -18.53
N ASP B 465 -23.88 1.81 -18.02
CA ASP B 465 -22.59 2.20 -17.44
C ASP B 465 -21.52 2.09 -18.53
N ILE B 466 -21.07 3.24 -19.02
CA ILE B 466 -20.06 3.27 -20.07
C ILE B 466 -18.65 3.60 -19.55
N ALA B 467 -18.36 3.28 -18.28
CA ALA B 467 -17.11 3.67 -17.65
C ALA B 467 -15.87 3.14 -18.42
N GLY B 468 -16.03 1.99 -19.06
CA GLY B 468 -14.94 1.40 -19.82
C GLY B 468 -14.70 2.13 -21.13
N PRO B 469 -15.57 1.90 -22.12
CA PRO B 469 -15.26 2.31 -23.48
C PRO B 469 -15.38 3.81 -23.72
N ALA B 470 -15.93 4.56 -22.77
CA ALA B 470 -16.08 6.02 -22.97
C ALA B 470 -14.76 6.73 -23.26
N TYR B 471 -13.69 6.23 -22.66
CA TYR B 471 -12.37 6.82 -22.82
C TYR B 471 -11.35 5.72 -22.61
N VAL B 472 -10.50 5.50 -23.60
CA VAL B 472 -9.56 4.39 -23.60
C VAL B 472 -8.24 4.93 -24.11
N GLU B 473 -7.14 4.64 -23.42
CA GLU B 473 -5.87 5.26 -23.80
C GLU B 473 -5.11 4.44 -24.85
N LYS B 474 -5.77 4.14 -25.95
CA LYS B 474 -5.17 3.56 -27.15
C LYS B 474 -6.20 3.56 -28.28
N GLU B 475 -5.77 3.32 -29.52
CA GLU B 475 -6.69 3.21 -30.63
C GLU B 475 -7.32 1.83 -30.61
N TRP B 476 -8.62 1.76 -30.88
CA TRP B 476 -9.31 0.49 -30.96
C TRP B 476 -10.55 0.65 -31.84
N ASP B 477 -10.81 -0.36 -32.69
CA ASP B 477 -11.96 -0.31 -33.59
C ASP B 477 -11.93 1.00 -34.38
N VAL B 478 -13.03 1.76 -34.32
CA VAL B 478 -13.12 3.03 -35.02
C VAL B 478 -12.80 4.22 -34.11
N ASN B 479 -12.15 3.97 -32.98
CA ASN B 479 -11.91 5.02 -31.99
C ASN B 479 -10.45 5.38 -31.82
N SER B 480 -10.17 6.68 -31.96
CA SER B 480 -8.82 7.17 -31.76
C SER B 480 -8.53 7.16 -30.25
N PHE B 481 -7.27 7.44 -29.90
CA PHE B 481 -6.85 7.55 -28.50
C PHE B 481 -7.79 8.51 -27.77
N GLY B 482 -8.31 8.08 -26.63
CA GLY B 482 -9.07 8.99 -25.79
C GLY B 482 -10.57 8.73 -25.85
N ALA B 483 -11.35 9.79 -26.07
CA ALA B 483 -12.81 9.67 -26.15
C ALA B 483 -13.25 8.81 -27.35
N SER B 484 -14.34 8.08 -27.20
CA SER B 484 -14.84 7.16 -28.24
C SER B 484 -16.22 7.55 -28.74
N GLY B 485 -16.97 8.28 -27.91
CA GLY B 485 -18.37 8.58 -28.21
C GLY B 485 -19.26 7.40 -27.89
N ALA B 486 -18.83 6.60 -26.92
CA ALA B 486 -19.59 5.42 -26.49
C ALA B 486 -20.99 5.82 -26.05
N GLY B 487 -21.97 5.03 -26.49
CA GLY B 487 -23.35 5.20 -26.10
C GLY B 487 -24.20 5.81 -27.20
N VAL B 488 -23.59 6.66 -28.02
CA VAL B 488 -24.33 7.40 -29.04
C VAL B 488 -24.93 6.48 -30.11
N ARG B 489 -24.11 5.68 -30.78
CA ARG B 489 -24.61 4.77 -31.81
C ARG B 489 -25.66 3.82 -31.27
N ALA B 490 -25.39 3.27 -30.10
CA ALA B 490 -26.24 2.26 -29.50
C ALA B 490 -27.60 2.84 -29.19
N CYS B 491 -27.63 4.00 -28.51
CA CYS B 491 -28.90 4.58 -28.11
C CYS B 491 -29.68 5.04 -29.33
N THR B 492 -28.96 5.46 -30.37
CA THR B 492 -29.62 5.88 -31.62
C THR B 492 -30.32 4.68 -32.26
N ALA B 493 -29.59 3.58 -32.40
CA ALA B 493 -30.15 2.34 -32.92
C ALA B 493 -31.34 1.88 -32.05
N PHE B 494 -31.17 1.94 -30.72
CA PHE B 494 -32.23 1.59 -29.78
C PHE B 494 -33.52 2.39 -30.01
N VAL B 495 -33.37 3.70 -30.17
CA VAL B 495 -34.52 4.56 -30.36
C VAL B 495 -35.20 4.24 -31.68
N GLU B 496 -34.42 4.03 -32.72
CA GLU B 496 -34.95 3.72 -34.04
C GLU B 496 -35.76 2.42 -34.03
N GLU B 497 -35.24 1.41 -33.36
CA GLU B 497 -35.94 0.12 -33.31
C GLU B 497 -37.20 0.21 -32.45
N LEU B 498 -37.09 0.94 -31.35
CA LEU B 498 -38.21 1.20 -30.45
C LEU B 498 -39.38 1.86 -31.19
N LEU B 499 -39.05 2.84 -32.04
CA LEU B 499 -40.08 3.59 -32.76
C LEU B 499 -40.70 2.75 -33.88
N LYS B 500 -39.99 1.72 -34.35
CA LYS B 500 -40.54 0.82 -35.36
C LYS B 500 -41.72 0.01 -34.81
N LYS B 501 -41.67 -0.31 -33.52
CA LYS B 501 -42.75 -1.07 -32.87
C LYS B 501 -43.93 -0.17 -32.48
N ALA B 502 -43.61 1.08 -32.14
CA ALA B 502 -44.57 2.01 -31.55
C ALA B 502 -45.82 2.23 -32.40
N MET C 7 30.49 -9.73 35.10
CA MET C 7 31.94 -9.74 35.00
C MET C 7 32.53 -8.38 35.42
N LEU C 8 31.70 -7.49 35.94
CA LEU C 8 32.24 -6.35 36.69
C LEU C 8 32.27 -6.72 38.17
N LYS C 9 33.48 -6.97 38.69
CA LYS C 9 33.62 -7.31 40.10
C LYS C 9 33.35 -6.11 41.00
N ILE C 10 32.57 -6.34 42.05
CA ILE C 10 32.28 -5.31 43.02
C ILE C 10 32.87 -5.70 44.37
N LYS C 11 33.82 -4.89 44.84
CA LYS C 11 34.45 -5.16 46.12
C LYS C 11 33.86 -4.22 47.17
N LEU C 12 33.26 -4.81 48.20
CA LEU C 12 32.78 -4.01 49.33
C LEU C 12 33.94 -3.77 50.29
N GLU C 13 34.03 -2.55 50.82
CA GLU C 13 35.07 -2.23 51.80
C GLU C 13 34.60 -1.30 52.91
N LYS C 14 34.98 -1.62 54.14
CA LYS C 14 34.66 -0.76 55.27
C LYS C 14 35.71 0.34 55.35
N THR C 15 35.43 1.43 54.66
CA THR C 15 36.33 2.57 54.59
C THR C 15 35.60 3.80 54.07
N THR C 16 36.23 4.96 54.17
CA THR C 16 35.68 6.17 53.58
C THR C 16 35.92 6.17 52.08
N PHE C 17 35.13 6.97 51.37
CA PHE C 17 35.34 7.17 49.93
C PHE C 17 36.78 7.60 49.68
N GLU C 18 37.25 8.58 50.44
CA GLU C 18 38.60 9.14 50.28
C GLU C 18 39.69 8.09 50.43
N ASN C 19 39.60 7.25 51.44
CA ASN C 19 40.65 6.28 51.73
C ASN C 19 40.66 5.06 50.80
N ALA C 20 39.50 4.75 50.21
CA ALA C 20 39.41 3.64 49.27
C ALA C 20 40.33 3.91 48.08
N LYS C 21 40.91 2.85 47.52
CA LYS C 21 41.87 3.00 46.44
C LYS C 21 41.42 2.31 45.15
N ALA C 22 41.40 3.10 44.08
CA ALA C 22 41.06 2.63 42.74
C ALA C 22 41.66 3.59 41.74
N GLU C 23 41.72 3.20 40.47
CA GLU C 23 42.39 4.03 39.46
C GLU C 23 41.59 5.24 39.01
N CYS C 24 40.30 5.27 39.31
CA CYS C 24 39.50 6.48 39.11
C CYS C 24 38.30 6.50 40.05
N SER C 25 37.55 7.60 40.01
CA SER C 25 36.41 7.77 40.91
C SER C 25 35.11 8.04 40.17
N LEU C 26 34.01 7.51 40.70
CA LEU C 26 32.67 7.85 40.24
C LEU C 26 31.90 8.61 41.32
N VAL C 27 31.34 9.76 40.94
CA VAL C 27 30.54 10.56 41.87
C VAL C 27 29.24 10.98 41.19
N PHE C 28 28.12 10.80 41.89
CA PHE C 28 26.84 11.18 41.31
C PHE C 28 26.46 12.61 41.68
N ILE C 29 26.02 13.36 40.69
CA ILE C 29 25.52 14.70 40.90
C ILE C 29 24.00 14.68 40.83
N ILE C 30 23.37 14.66 42.00
CA ILE C 30 21.91 14.66 42.11
C ILE C 30 21.32 16.06 41.99
N ASN C 31 20.43 16.25 41.02
CA ASN C 31 19.65 17.46 40.90
C ASN C 31 20.52 18.73 40.86
N LYS C 32 21.62 18.65 40.11
CA LYS C 32 22.52 19.78 39.91
C LYS C 32 23.10 20.35 41.22
N ASP C 33 23.23 19.49 42.24
CA ASP C 33 23.79 19.89 43.52
C ASP C 33 25.29 19.56 43.56
N PHE C 34 26.12 20.57 43.34
CA PHE C 34 27.56 20.39 43.27
C PHE C 34 28.30 20.72 44.58
N SER C 35 27.58 20.66 45.71
CA SER C 35 28.12 21.14 46.97
C SER C 35 28.95 20.12 47.74
N HIS C 36 28.73 18.83 47.44
CA HIS C 36 29.32 17.76 48.23
C HIS C 36 30.85 17.76 48.17
N ALA C 37 31.45 17.29 49.26
CA ALA C 37 32.90 17.26 49.41
C ALA C 37 33.58 16.38 48.37
N TRP C 38 32.88 15.34 47.94
CA TRP C 38 33.44 14.41 46.95
C TRP C 38 33.67 15.10 45.60
N VAL C 39 32.99 16.22 45.38
CA VAL C 39 33.28 17.04 44.22
C VAL C 39 34.56 17.82 44.48
N LYS C 40 35.69 17.21 44.15
CA LYS C 40 37.00 17.75 44.51
C LYS C 40 37.27 19.11 43.87
N ASN C 41 37.01 19.23 42.59
CA ASN C 41 37.22 20.51 41.91
C ASN C 41 35.91 21.05 41.34
N LYS C 42 35.25 21.88 42.13
CA LYS C 42 33.94 22.42 41.74
C LYS C 42 34.09 23.48 40.66
N GLU C 43 35.18 24.24 40.73
CA GLU C 43 35.40 25.32 39.77
C GLU C 43 35.60 24.78 38.36
N LEU C 44 36.28 23.63 38.25
CA LEU C 44 36.52 23.02 36.94
C LEU C 44 35.21 22.76 36.22
N LEU C 45 34.18 22.40 36.97
CA LEU C 45 32.89 22.04 36.39
C LEU C 45 32.19 23.28 35.87
N GLU C 46 32.31 24.39 36.60
CA GLU C 46 31.70 25.65 36.18
C GLU C 46 32.38 26.15 34.91
N THR C 47 33.70 26.03 34.87
CA THR C 47 34.49 26.49 33.73
C THR C 47 34.05 25.85 32.44
N PHE C 48 33.90 24.54 32.45
CA PHE C 48 33.48 23.77 31.28
C PHE C 48 31.98 23.53 31.29
N LYS C 49 31.27 24.30 32.11
CA LYS C 49 29.81 24.34 32.06
C LYS C 49 29.14 22.97 32.22
N TYR C 50 29.67 22.13 33.10
CA TYR C 50 28.97 20.89 33.43
C TYR C 50 27.85 21.19 34.40
N GLU C 51 26.62 20.98 33.96
CA GLU C 51 25.43 21.28 34.77
C GLU C 51 24.65 20.03 35.17
N GLY C 52 25.34 18.89 35.25
CA GLY C 52 24.71 17.67 35.73
C GLY C 52 23.94 16.88 34.67
N GLU C 53 24.06 17.29 33.42
CA GLU C 53 23.46 16.52 32.34
C GLU C 53 24.46 15.48 31.84
N GLY C 54 24.17 14.21 32.09
CA GLY C 54 25.05 13.15 31.62
C GLY C 54 26.32 13.05 32.42
N VAL C 55 27.43 12.71 31.75
CA VAL C 55 28.68 12.50 32.47
C VAL C 55 29.73 13.56 32.17
N PHE C 56 30.62 13.77 33.14
CA PHE C 56 31.74 14.68 32.95
C PHE C 56 32.97 14.14 33.67
N LEU C 57 34.10 14.11 32.97
CA LEU C 57 35.30 13.59 33.56
C LEU C 57 36.32 14.68 33.94
N ASP C 58 36.50 14.86 35.25
CA ASP C 58 37.62 15.64 35.78
C ASP C 58 38.89 14.85 35.50
N GLN C 59 39.60 15.22 34.44
CA GLN C 59 40.76 14.48 33.99
C GLN C 59 41.88 14.43 35.03
N GLU C 60 42.21 15.59 35.58
CA GLU C 60 43.30 15.70 36.54
C GLU C 60 43.06 14.80 37.74
N ASN C 61 41.84 14.84 38.27
CA ASN C 61 41.52 14.09 39.48
C ASN C 61 40.98 12.71 39.20
N LYS C 62 40.87 12.37 37.91
CA LYS C 62 40.34 11.09 37.47
C LYS C 62 39.01 10.80 38.16
N ILE C 63 38.10 11.77 38.06
CA ILE C 63 36.79 11.67 38.65
C ILE C 63 35.69 11.76 37.60
N LEU C 64 34.89 10.72 37.47
CA LEU C 64 33.75 10.78 36.58
C LEU C 64 32.54 11.24 37.36
N TYR C 65 31.86 12.28 36.86
CA TYR C 65 30.60 12.69 37.44
C TYR C 65 29.47 12.20 36.57
N ALA C 66 28.39 11.76 37.18
CA ALA C 66 27.23 11.29 36.43
C ALA C 66 25.96 11.91 37.00
N GLY C 67 25.24 12.63 36.15
CA GLY C 67 24.04 13.32 36.59
C GLY C 67 22.88 12.40 36.91
N VAL C 68 22.18 12.72 38.00
CA VAL C 68 20.93 12.07 38.34
C VAL C 68 19.91 13.20 38.53
N LYS C 69 18.97 13.30 37.59
CA LYS C 69 18.09 14.46 37.48
C LYS C 69 17.32 14.75 38.77
N GLU C 70 16.86 13.70 39.44
CA GLU C 70 16.18 13.82 40.72
C GLU C 70 16.53 12.66 41.64
N ASP C 71 16.26 12.84 42.94
CA ASP C 71 16.46 11.76 43.92
C ASP C 71 15.53 10.59 43.65
N ASP C 72 16.00 9.67 42.82
CA ASP C 72 15.16 8.58 42.32
C ASP C 72 16.00 7.32 42.18
N VAL C 73 15.55 6.25 42.83
CA VAL C 73 16.29 4.99 42.80
C VAL C 73 16.43 4.48 41.35
N HIS C 74 15.46 4.77 40.50
CA HIS C 74 15.49 4.29 39.11
C HIS C 74 16.47 5.08 38.26
N LEU C 75 16.50 6.40 38.45
CA LEU C 75 17.44 7.22 37.70
C LEU C 75 18.87 6.94 38.17
N LEU C 76 19.02 6.58 39.45
CA LEU C 76 20.33 6.17 39.93
C LEU C 76 20.81 4.89 39.24
N ARG C 77 19.92 3.92 39.10
CA ARG C 77 20.25 2.68 38.39
C ARG C 77 20.71 2.98 36.97
N GLU C 78 19.98 3.87 36.30
CA GLU C 78 20.32 4.32 34.96
C GLU C 78 21.68 5.00 34.90
N SER C 79 21.93 5.93 35.83
CA SER C 79 23.17 6.68 35.86
C SER C 79 24.37 5.79 36.08
N ALA C 80 24.26 4.85 37.02
CA ALA C 80 25.35 3.89 37.28
C ALA C 80 25.70 3.09 36.02
N CYS C 81 24.68 2.76 35.24
CA CYS C 81 24.89 2.02 34.00
C CYS C 81 25.63 2.90 32.98
N LEU C 82 25.18 4.13 32.81
CA LEU C 82 25.83 5.07 31.91
C LEU C 82 27.29 5.35 32.31
N ALA C 83 27.56 5.38 33.61
CA ALA C 83 28.92 5.64 34.08
C ALA C 83 29.87 4.53 33.68
N VAL C 84 29.47 3.30 33.96
CA VAL C 84 30.31 2.15 33.66
C VAL C 84 30.48 1.99 32.15
N ARG C 85 29.42 2.30 31.40
CA ARG C 85 29.48 2.29 29.94
C ARG C 85 30.55 3.23 29.45
N THR C 86 30.65 4.38 30.12
CA THR C 86 31.61 5.41 29.76
C THR C 86 33.00 4.96 30.13
N LEU C 87 33.14 4.42 31.34
CA LEU C 87 34.43 3.98 31.82
C LEU C 87 34.94 2.75 31.05
N LYS C 88 34.03 1.90 30.60
CA LYS C 88 34.39 0.70 29.84
C LYS C 88 35.27 1.03 28.61
N LYS C 89 35.13 2.24 28.07
CA LYS C 89 35.92 2.66 26.92
C LYS C 89 37.27 3.26 27.34
N LEU C 90 37.50 3.39 28.64
CA LEU C 90 38.71 4.05 29.12
C LEU C 90 39.75 3.02 29.58
N ALA C 91 40.83 3.50 30.20
CA ALA C 91 41.98 2.62 30.50
C ALA C 91 42.12 2.30 31.98
N PHE C 92 41.15 2.71 32.78
CA PHE C 92 41.17 2.46 34.23
C PHE C 92 40.65 1.06 34.56
N LYS C 93 41.46 0.28 35.28
CA LYS C 93 41.11 -1.09 35.63
C LYS C 93 40.06 -1.14 36.74
N SER C 94 39.99 -0.08 37.54
CA SER C 94 39.12 -0.08 38.69
C SER C 94 38.56 1.31 38.94
N VAL C 95 37.41 1.36 39.59
CA VAL C 95 36.75 2.62 39.92
C VAL C 95 36.19 2.50 41.34
N LYS C 96 36.21 3.59 42.10
CA LYS C 96 35.57 3.60 43.41
C LYS C 96 34.34 4.50 43.45
N VAL C 97 33.41 4.14 44.33
CA VAL C 97 32.15 4.86 44.48
C VAL C 97 31.63 4.69 45.92
N GLY C 98 30.90 5.68 46.42
CA GLY C 98 30.29 5.59 47.74
C GLY C 98 28.83 5.17 47.66
N VAL C 99 28.18 5.01 48.81
CA VAL C 99 26.80 4.53 48.83
C VAL C 99 25.76 5.66 48.78
N TYR C 100 24.85 5.57 47.81
CA TYR C 100 23.83 6.59 47.62
C TYR C 100 22.44 6.04 47.94
N THR C 101 21.73 6.72 48.82
CA THR C 101 20.37 6.33 49.19
C THR C 101 19.35 7.37 48.72
N ASN C 109 13.17 -2.27 52.42
CA ASN C 109 12.97 -0.83 52.42
C ASN C 109 13.98 -0.11 51.51
N ALA C 110 14.11 1.20 51.69
CA ALA C 110 14.87 2.07 50.80
C ALA C 110 16.33 1.68 50.61
N LEU C 111 17.04 1.47 51.71
CA LEU C 111 18.47 1.23 51.65
C LEU C 111 18.83 0.07 50.74
N LEU C 112 18.20 -1.08 50.98
CA LEU C 112 18.45 -2.28 50.19
C LEU C 112 18.20 -2.04 48.71
N GLU C 113 17.11 -1.37 48.39
CA GLU C 113 16.75 -1.13 46.99
C GLU C 113 17.74 -0.20 46.33
N ASN C 114 18.18 0.84 47.05
CA ASN C 114 19.20 1.75 46.52
C ASN C 114 20.52 1.05 46.24
N LEU C 115 20.92 0.15 47.12
CA LEU C 115 22.14 -0.60 46.89
C LEU C 115 21.95 -1.54 45.70
N LYS C 116 20.80 -2.19 45.63
CA LYS C 116 20.48 -3.08 44.51
C LYS C 116 20.56 -2.32 43.19
N ALA C 117 19.97 -1.13 43.18
CA ALA C 117 19.96 -0.24 42.03
C ALA C 117 21.37 0.17 41.59
N LEU C 118 22.20 0.55 42.56
CA LEU C 118 23.57 0.97 42.25
C LEU C 118 24.38 -0.21 41.75
N PHE C 119 24.27 -1.34 42.43
CA PHE C 119 25.09 -2.50 42.07
C PHE C 119 24.63 -3.14 40.75
N LEU C 120 23.33 -3.21 40.54
CA LEU C 120 22.83 -3.78 39.29
C LEU C 120 23.17 -2.84 38.14
N GLY C 121 22.97 -1.54 38.36
CA GLY C 121 23.30 -0.54 37.37
C GLY C 121 24.73 -0.65 36.87
N LEU C 122 25.68 -0.57 37.79
CA LEU C 122 27.09 -0.68 37.45
C LEU C 122 27.38 -1.93 36.64
N LYS C 123 26.87 -3.07 37.09
CA LYS C 123 27.23 -4.34 36.47
C LYS C 123 26.67 -4.43 35.06
N LEU C 124 25.53 -3.80 34.82
CA LEU C 124 24.86 -3.89 33.52
C LEU C 124 25.53 -2.99 32.52
N GLY C 125 26.33 -2.05 33.03
CA GLY C 125 27.04 -1.11 32.18
C GLY C 125 28.05 -1.77 31.24
N LEU C 126 28.51 -2.98 31.54
CA LEU C 126 29.47 -3.63 30.67
C LEU C 126 28.82 -4.35 29.48
N TYR C 127 27.52 -4.61 29.55
CA TYR C 127 26.93 -5.46 28.53
C TYR C 127 26.76 -4.76 27.18
N GLU C 128 27.24 -5.41 26.14
CA GLU C 128 26.78 -5.14 24.78
C GLU C 128 26.90 -6.42 23.96
N TYR C 129 26.01 -6.59 22.98
CA TYR C 129 26.08 -7.78 22.13
C TYR C 129 27.04 -7.53 20.99
N ASP C 130 28.32 -7.84 21.21
CA ASP C 130 29.33 -7.51 20.22
C ASP C 130 30.10 -8.75 19.77
N THR C 131 29.54 -9.92 20.03
CA THR C 131 30.17 -11.20 19.72
CA THR C 131 30.21 -11.18 19.72
C THR C 131 30.55 -11.31 18.24
N PHE C 132 29.81 -10.61 17.38
CA PHE C 132 30.07 -10.70 15.93
C PHE C 132 30.88 -9.54 15.38
N LYS C 133 31.24 -8.60 16.25
CA LYS C 133 32.06 -7.47 15.84
C LYS C 133 33.53 -7.85 15.74
N SER C 134 34.13 -7.67 14.57
CA SER C 134 35.55 -7.95 14.38
C SER C 134 36.45 -7.02 15.21
N ASN C 135 35.92 -5.85 15.55
CA ASN C 135 36.69 -4.83 16.26
C ASN C 135 36.41 -4.80 17.77
N LYS C 136 35.77 -5.84 18.30
CA LYS C 136 35.45 -5.90 19.72
C LYS C 136 36.72 -5.91 20.57
N LYS C 137 36.67 -5.25 21.72
CA LYS C 137 37.83 -5.16 22.60
C LYS C 137 37.53 -5.68 24.00
N GLU C 138 38.54 -6.29 24.62
CA GLU C 138 38.46 -6.58 26.04
C GLU C 138 38.43 -5.26 26.78
N SER C 139 37.48 -5.10 27.70
CA SER C 139 37.46 -3.93 28.55
C SER C 139 38.60 -4.04 29.57
N VAL C 140 39.24 -2.91 29.86
CA VAL C 140 40.27 -2.87 30.89
C VAL C 140 39.62 -2.74 32.27
N LEU C 141 38.53 -1.97 32.34
CA LEU C 141 37.76 -1.86 33.57
C LEU C 141 37.26 -3.21 34.05
N LYS C 142 37.69 -3.63 35.23
CA LYS C 142 37.34 -4.95 35.75
C LYS C 142 36.71 -4.93 37.14
N GLU C 143 36.88 -3.83 37.88
CA GLU C 143 36.44 -3.77 39.27
C GLU C 143 35.81 -2.45 39.67
N ALA C 144 34.77 -2.52 40.50
CA ALA C 144 34.22 -1.35 41.17
C ALA C 144 34.33 -1.54 42.68
N ILE C 145 35.06 -0.63 43.31
CA ILE C 145 35.27 -0.65 44.74
C ILE C 145 34.19 0.20 45.40
N VAL C 146 33.34 -0.43 46.20
CA VAL C 146 32.29 0.32 46.89
C VAL C 146 32.70 0.62 48.33
N ALA C 147 32.96 1.90 48.61
CA ALA C 147 33.26 2.33 49.96
C ALA C 147 31.97 2.44 50.76
N LEU C 148 31.83 1.60 51.78
CA LEU C 148 30.61 1.61 52.57
C LEU C 148 30.50 2.89 53.38
N GLU C 149 30.27 3.99 52.66
CA GLU C 149 30.04 5.31 53.25
C GLU C 149 28.92 6.03 52.52
N LEU C 150 27.96 6.54 53.28
CA LEU C 150 26.77 7.14 52.71
C LEU C 150 27.05 8.50 52.10
N HIS C 151 26.39 8.78 50.98
CA HIS C 151 26.43 10.09 50.35
C HIS C 151 25.69 11.12 51.20
N LYS C 152 24.56 10.70 51.78
CA LYS C 152 23.74 11.58 52.60
C LYS C 152 23.50 11.02 54.00
N SER C 161 24.30 -3.42 59.75
CA SER C 161 23.19 -3.11 58.86
C SER C 161 23.67 -2.80 57.44
N LEU C 162 24.40 -1.69 57.28
CA LEU C 162 24.85 -1.24 55.97
C LEU C 162 25.71 -2.28 55.28
N GLU C 163 26.55 -2.98 56.04
CA GLU C 163 27.41 -4.02 55.47
C GLU C 163 26.58 -5.27 55.12
N LYS C 164 25.55 -5.53 55.90
CA LYS C 164 24.66 -6.67 55.67
C LYS C 164 23.75 -6.41 54.46
N SER C 165 23.19 -5.20 54.41
CA SER C 165 22.35 -4.81 53.29
C SER C 165 23.16 -4.76 51.99
N ALA C 166 24.41 -4.31 52.06
CA ALA C 166 25.25 -4.25 50.89
C ALA C 166 25.51 -5.64 50.33
N LYS C 167 25.85 -6.58 51.22
CA LYS C 167 26.17 -7.94 50.79
C LYS C 167 24.94 -8.61 50.18
N GLU C 168 23.80 -8.34 50.80
CA GLU C 168 22.51 -8.84 50.35
C GLU C 168 22.16 -8.25 48.98
N ALA C 169 22.43 -6.96 48.81
CA ALA C 169 22.23 -6.29 47.54
C ALA C 169 23.20 -6.82 46.50
N LEU C 170 24.41 -7.14 46.95
CA LEU C 170 25.46 -7.59 46.04
C LEU C 170 25.10 -8.96 45.51
N LYS C 171 24.51 -9.79 46.36
CA LYS C 171 24.12 -11.13 45.95
C LYS C 171 23.05 -11.06 44.85
N TYR C 172 22.08 -10.16 45.04
CA TYR C 172 21.04 -9.92 44.06
C TYR C 172 21.63 -9.46 42.74
N ALA C 173 22.48 -8.44 42.82
CA ALA C 173 23.11 -7.86 41.63
C ALA C 173 23.88 -8.90 40.81
N GLU C 174 24.61 -9.78 41.46
CA GLU C 174 25.41 -10.75 40.72
C GLU C 174 24.51 -11.80 40.06
N ILE C 175 23.48 -12.22 40.78
CA ILE C 175 22.54 -13.21 40.27
C ILE C 175 21.67 -12.65 39.14
N MET C 176 21.19 -11.42 39.32
CA MET C 176 20.31 -10.82 38.33
C MET C 176 21.07 -10.46 37.06
N THR C 177 22.29 -9.94 37.22
CA THR C 177 23.15 -9.62 36.08
C THR C 177 23.42 -10.89 35.26
N GLU C 178 23.80 -11.96 35.95
CA GLU C 178 24.03 -13.23 35.26
C GLU C 178 22.78 -13.65 34.50
N SER C 179 21.65 -13.63 35.20
CA SER C 179 20.38 -14.06 34.66
C SER C 179 19.94 -13.25 33.44
N LEU C 180 20.00 -11.93 33.55
CA LEU C 180 19.67 -11.05 32.43
C LEU C 180 20.54 -11.29 31.22
N ASN C 181 21.85 -11.46 31.44
CA ASN C 181 22.75 -11.66 30.33
C ASN C 181 22.58 -13.03 29.69
N ILE C 182 22.17 -14.03 30.47
CA ILE C 182 21.78 -15.31 29.88
C ILE C 182 20.66 -15.07 28.88
N VAL C 183 19.63 -14.34 29.32
CA VAL C 183 18.48 -14.06 28.46
C VAL C 183 18.85 -13.20 27.25
N LYS C 184 19.61 -12.15 27.48
CA LYS C 184 19.99 -11.24 26.40
C LYS C 184 20.86 -11.95 25.35
N ASP C 185 21.82 -12.76 25.80
CA ASP C 185 22.66 -13.50 24.85
C ASP C 185 21.84 -14.46 23.98
N LEU C 186 20.82 -15.05 24.59
CA LEU C 186 19.96 -16.00 23.88
C LEU C 186 19.10 -15.24 22.87
N VAL C 187 18.37 -14.24 23.34
CA VAL C 187 17.51 -13.43 22.49
C VAL C 187 18.29 -12.78 21.34
N ASN C 188 19.50 -12.30 21.63
CA ASN C 188 20.33 -11.64 20.62
C ASN C 188 20.94 -12.60 19.58
N THR C 189 20.98 -13.90 19.91
CA THR C 189 21.57 -14.90 19.02
C THR C 189 20.77 -15.00 17.72
N PRO C 190 21.45 -14.91 16.57
CA PRO C 190 20.84 -14.94 15.23
C PRO C 190 20.07 -16.26 14.96
N PRO C 191 19.01 -16.17 14.15
CA PRO C 191 18.06 -17.30 14.01
C PRO C 191 18.67 -18.57 13.42
N MET C 192 19.68 -18.46 12.55
CA MET C 192 20.29 -19.65 11.98
C MET C 192 20.99 -20.44 13.08
N ILE C 193 21.53 -19.72 14.05
CA ILE C 193 22.16 -20.32 15.22
C ILE C 193 21.14 -20.62 16.31
N GLY C 194 20.30 -19.63 16.62
CA GLY C 194 19.38 -19.75 17.74
C GLY C 194 18.12 -20.54 17.44
N THR C 195 18.27 -21.84 17.24
CA THR C 195 17.17 -22.73 16.91
C THR C 195 16.44 -23.22 18.17
N PRO C 196 15.34 -23.96 18.01
CA PRO C 196 14.76 -24.49 19.25
C PRO C 196 15.72 -25.43 19.96
N VAL C 197 16.50 -26.20 19.20
CA VAL C 197 17.52 -27.06 19.80
C VAL C 197 18.53 -26.23 20.60
N TYR C 198 18.97 -25.10 20.03
CA TYR C 198 19.85 -24.18 20.76
C TYR C 198 19.21 -23.70 22.08
N MET C 199 17.94 -23.27 22.02
CA MET C 199 17.24 -22.88 23.25
C MET C 199 17.32 -23.97 24.29
N ALA C 200 17.11 -25.20 23.84
CA ALA C 200 17.11 -26.35 24.72
C ALA C 200 18.48 -26.53 25.36
N GLU C 201 19.52 -26.36 24.56
CA GLU C 201 20.89 -26.52 25.04
C GLU C 201 21.23 -25.45 26.06
N VAL C 202 20.71 -24.23 25.89
CA VAL C 202 20.92 -23.18 26.87
C VAL C 202 20.19 -23.54 28.17
N ALA C 203 19.00 -24.11 28.02
CA ALA C 203 18.22 -24.50 29.19
C ALA C 203 18.94 -25.63 29.91
N GLN C 204 19.53 -26.55 29.15
CA GLN C 204 20.36 -27.60 29.73
C GLN C 204 21.49 -27.02 30.58
N LYS C 205 22.21 -26.03 30.04
CA LYS C 205 23.32 -25.41 30.75
C LYS C 205 22.87 -24.84 32.10
N VAL C 206 21.71 -24.22 32.10
CA VAL C 206 21.14 -23.61 33.30
C VAL C 206 20.71 -24.70 34.29
N ALA C 207 20.18 -25.80 33.76
CA ALA C 207 19.77 -26.92 34.61
C ALA C 207 20.98 -27.55 35.27
N LYS C 208 22.02 -27.83 34.48
CA LYS C 208 23.24 -28.39 35.03
C LYS C 208 23.82 -27.47 36.09
N GLU C 209 23.90 -26.18 35.79
CA GLU C 209 24.50 -25.19 36.68
C GLU C 209 23.81 -25.13 38.04
N ASN C 210 22.49 -25.26 38.02
CA ASN C 210 21.69 -25.11 39.23
C ASN C 210 21.15 -26.43 39.75
N HIS C 211 21.59 -27.53 39.14
CA HIS C 211 21.13 -28.87 39.53
C HIS C 211 19.61 -28.94 39.48
N LEU C 212 19.04 -28.53 38.36
CA LEU C 212 17.59 -28.54 38.19
C LEU C 212 17.15 -29.79 37.46
N GLU C 213 15.90 -30.18 37.66
CA GLU C 213 15.29 -31.20 36.83
C GLU C 213 14.99 -30.58 35.46
N ILE C 214 15.28 -31.29 34.38
CA ILE C 214 14.95 -30.78 33.06
C ILE C 214 14.49 -31.87 32.11
N HIS C 215 13.34 -31.63 31.49
CA HIS C 215 12.81 -32.51 30.45
C HIS C 215 12.77 -31.76 29.13
N VAL C 216 13.28 -32.38 28.08
CA VAL C 216 13.25 -31.78 26.76
C VAL C 216 12.47 -32.70 25.82
N HIS C 217 11.26 -32.28 25.46
CA HIS C 217 10.37 -33.08 24.62
C HIS C 217 10.45 -32.65 23.16
N ASP C 218 10.17 -33.57 22.24
CA ASP C 218 10.13 -33.22 20.81
C ASP C 218 8.76 -33.38 20.20
N GLU C 219 8.69 -33.38 18.87
CA GLU C 219 7.43 -33.47 18.16
C GLU C 219 6.66 -34.77 18.48
N LYS C 220 7.37 -35.85 18.78
CA LYS C 220 6.72 -37.10 19.14
C LYS C 220 5.88 -36.94 20.42
N PHE C 221 6.44 -36.25 21.40
CA PHE C 221 5.74 -35.99 22.65
C PHE C 221 4.55 -35.06 22.44
N LEU C 222 4.75 -34.00 21.66
CA LEU C 222 3.67 -33.09 21.30
C LEU C 222 2.50 -33.86 20.66
N GLU C 223 2.81 -34.79 19.76
CA GLU C 223 1.78 -35.62 19.14
C GLU C 223 1.03 -36.44 20.18
N GLU C 224 1.80 -37.13 21.02
CA GLU C 224 1.25 -37.98 22.06
C GLU C 224 0.30 -37.23 22.99
N LYS C 225 0.64 -35.99 23.34
CA LYS C 225 -0.19 -35.20 24.24
C LYS C 225 -1.23 -34.38 23.49
N LYS C 226 -1.34 -34.61 22.18
CA LYS C 226 -2.35 -33.99 21.31
C LYS C 226 -2.21 -32.45 21.25
N MET C 227 -0.97 -31.98 21.25
CA MET C 227 -0.68 -30.56 21.21
C MET C 227 -0.61 -30.08 19.77
N ASN C 228 -1.75 -30.11 19.09
CA ASN C 228 -1.82 -29.91 17.66
C ASN C 228 -1.72 -28.44 17.23
N ALA C 229 -2.08 -27.54 18.12
CA ALA C 229 -1.88 -26.12 17.84
C ALA C 229 -0.38 -25.82 17.76
N PHE C 230 0.37 -26.25 18.78
CA PHE C 230 1.83 -26.19 18.80
C PHE C 230 2.40 -26.85 17.53
N LEU C 231 1.95 -28.07 17.24
CA LEU C 231 2.46 -28.81 16.09
C LEU C 231 2.23 -28.06 14.78
N ALA C 232 1.03 -27.51 14.65
CA ALA C 232 0.67 -26.80 13.42
C ALA C 232 1.66 -25.69 13.09
N VAL C 233 2.05 -24.89 14.09
CA VAL C 233 2.95 -23.77 13.87
C VAL C 233 4.28 -24.29 13.32
N ASN C 234 4.70 -25.45 13.80
CA ASN C 234 6.00 -26.03 13.44
C ASN C 234 6.04 -26.75 12.08
N LYS C 235 4.88 -27.08 11.53
CA LYS C 235 4.80 -28.00 10.41
C LYS C 235 5.57 -27.54 9.16
N ALA C 236 5.71 -26.23 8.97
CA ALA C 236 6.46 -25.73 7.81
C ALA C 236 7.92 -26.09 7.90
N SER C 237 8.43 -26.14 9.12
CA SER C 237 9.87 -26.23 9.35
C SER C 237 10.28 -27.47 10.11
N LEU C 238 9.33 -28.38 10.32
CA LEU C 238 9.56 -29.62 11.06
C LEU C 238 10.82 -30.34 10.59
N SER C 239 10.93 -30.52 9.27
CA SER C 239 12.02 -31.31 8.72
C SER C 239 13.32 -30.52 8.71
N VAL C 240 13.27 -29.25 9.08
CA VAL C 240 14.47 -28.42 9.14
C VAL C 240 14.91 -28.26 10.61
N ASN C 241 14.05 -27.65 11.42
CA ASN C 241 14.32 -27.46 12.84
C ASN C 241 13.14 -27.96 13.66
N PRO C 242 13.24 -29.16 14.23
CA PRO C 242 12.12 -29.72 15.00
C PRO C 242 11.84 -28.93 16.26
N PRO C 243 10.59 -28.98 16.74
CA PRO C 243 10.21 -28.21 17.93
C PRO C 243 10.78 -28.81 19.22
N ARG C 244 10.89 -27.98 20.24
CA ARG C 244 11.23 -28.46 21.58
C ARG C 244 10.27 -27.86 22.61
N LEU C 245 9.70 -28.73 23.44
CA LEU C 245 9.00 -28.31 24.65
C LEU C 245 9.97 -28.49 25.79
N ILE C 246 10.42 -27.37 26.37
CA ILE C 246 11.43 -27.37 27.41
C ILE C 246 10.76 -27.19 28.76
N HIS C 247 11.07 -28.10 29.70
CA HIS C 247 10.45 -28.12 31.02
C HIS C 247 11.51 -28.18 32.12
N LEU C 248 11.73 -27.05 32.79
CA LEU C 248 12.70 -26.97 33.87
C LEU C 248 11.96 -27.05 35.21
N VAL C 249 12.55 -27.73 36.18
CA VAL C 249 11.92 -27.77 37.50
C VAL C 249 12.93 -27.41 38.59
N TYR C 250 12.63 -26.36 39.34
CA TYR C 250 13.37 -26.04 40.55
C TYR C 250 12.57 -26.47 41.78
N LYS C 251 13.15 -27.39 42.56
CA LYS C 251 12.47 -27.96 43.73
C LYS C 251 13.24 -27.72 45.02
N PRO C 252 12.83 -26.70 45.79
CA PRO C 252 13.61 -26.36 46.98
C PRO C 252 13.33 -27.30 48.15
N LYS C 253 14.04 -27.10 49.25
CA LYS C 253 13.78 -27.82 50.49
C LYS C 253 12.35 -27.56 50.96
N LYS C 254 11.98 -26.28 50.97
CA LYS C 254 10.67 -25.84 51.44
C LYS C 254 9.93 -25.08 50.35
N ALA C 255 8.80 -25.63 49.90
CA ALA C 255 8.03 -24.98 48.84
C ALA C 255 6.69 -24.46 49.35
N LYS C 256 6.61 -23.15 49.57
CA LYS C 256 5.35 -22.53 50.00
C LYS C 256 4.35 -22.40 48.86
N LYS C 257 4.83 -22.47 47.62
CA LYS C 257 3.98 -22.30 46.44
C LYS C 257 4.52 -23.12 45.28
N LYS C 258 3.64 -23.55 44.38
CA LYS C 258 4.07 -24.17 43.14
C LYS C 258 3.74 -23.22 41.99
N ILE C 259 4.79 -22.73 41.33
CA ILE C 259 4.65 -21.69 40.33
C ILE C 259 5.05 -22.19 38.95
N ALA C 260 4.19 -21.95 37.97
CA ALA C 260 4.45 -22.35 36.60
C ALA C 260 4.70 -21.09 35.77
N LEU C 261 5.89 -21.01 35.20
CA LEU C 261 6.23 -19.90 34.30
C LEU C 261 6.29 -20.42 32.87
N VAL C 262 5.42 -19.88 32.01
CA VAL C 262 5.28 -20.39 30.66
C VAL C 262 5.76 -19.35 29.63
N GLY C 263 6.57 -19.76 28.66
CA GLY C 263 7.19 -18.79 27.77
C GLY C 263 7.10 -19.13 26.30
N LYS C 264 6.79 -18.13 25.48
CA LYS C 264 6.77 -18.31 24.04
C LYS C 264 8.20 -18.31 23.52
N GLY C 265 8.63 -19.44 22.96
CA GLY C 265 9.97 -19.52 22.39
C GLY C 265 10.00 -19.56 20.87
N LEU C 266 9.46 -18.53 20.22
CA LEU C 266 9.47 -18.51 18.76
C LEU C 266 10.81 -18.02 18.26
N THR C 267 11.70 -18.95 17.95
CA THR C 267 13.08 -18.62 17.66
C THR C 267 13.16 -17.80 16.36
N TYR C 268 12.17 -18.00 15.48
CA TYR C 268 11.98 -17.08 14.38
C TYR C 268 10.54 -17.12 13.88
N ASP C 269 10.05 -15.96 13.46
CA ASP C 269 8.67 -15.81 13.05
C ASP C 269 8.59 -14.95 11.81
N CYS C 270 8.46 -15.58 10.66
CA CYS C 270 8.35 -14.84 9.40
C CYS C 270 6.90 -14.48 9.11
N GLY C 271 6.01 -14.97 9.97
CA GLY C 271 4.58 -14.75 9.82
C GLY C 271 3.88 -15.97 9.24
N GLY C 272 4.67 -16.93 8.74
CA GLY C 272 4.13 -18.08 8.04
C GLY C 272 3.56 -17.70 6.69
N LEU C 273 2.55 -18.42 6.23
CA LEU C 273 1.94 -18.11 4.93
C LEU C 273 1.38 -16.68 4.93
N SER C 274 0.92 -16.23 6.09
CA SER C 274 0.53 -14.82 6.28
C SER C 274 1.81 -13.98 6.46
N LEU C 275 2.59 -13.91 5.38
CA LEU C 275 3.97 -13.44 5.45
C LEU C 275 4.09 -11.99 5.95
N LYS C 276 5.01 -11.77 6.89
CA LYS C 276 5.31 -10.42 7.36
C LYS C 276 5.96 -9.58 6.27
N PRO C 277 5.60 -8.30 6.18
CA PRO C 277 6.34 -7.33 5.36
C PRO C 277 7.79 -7.30 5.81
N ALA C 278 8.70 -7.12 4.88
CA ALA C 278 10.14 -7.17 5.16
C ALA C 278 10.54 -6.27 6.34
N ASP C 279 10.02 -5.04 6.38
CA ASP C 279 10.42 -4.08 7.41
CA ASP C 279 10.44 -4.09 7.40
C ASP C 279 9.89 -4.47 8.77
N TYR C 280 9.03 -5.50 8.82
CA TYR C 280 8.49 -5.98 10.08
C TYR C 280 9.08 -7.33 10.46
N MET C 281 9.72 -8.00 9.51
CA MET C 281 10.33 -9.29 9.79
C MET C 281 11.66 -9.16 10.54
N VAL C 282 12.41 -8.10 10.27
CA VAL C 282 13.64 -7.85 11.00
C VAL C 282 13.35 -7.71 12.52
N THR C 283 14.30 -8.18 13.33
CA THR C 283 14.22 -8.35 14.81
C THR C 283 13.36 -9.56 15.29
N MET C 284 12.76 -10.31 14.37
CA MET C 284 11.91 -11.44 14.79
C MET C 284 12.68 -12.63 15.42
N LYS C 285 14.01 -12.58 15.43
CA LYS C 285 14.81 -13.51 16.25
C LYS C 285 14.46 -13.35 17.75
N ALA C 286 13.92 -12.19 18.10
CA ALA C 286 13.59 -11.88 19.49
C ALA C 286 12.17 -12.30 19.86
N ASP C 287 11.49 -13.00 18.95
CA ASP C 287 10.19 -13.57 19.25
C ASP C 287 10.32 -14.72 20.26
N LYS C 288 11.56 -15.06 20.61
CA LYS C 288 11.79 -16.03 21.67
C LYS C 288 12.03 -15.35 23.02
N GLY C 289 11.71 -14.06 23.10
CA GLY C 289 11.97 -13.29 24.33
C GLY C 289 11.30 -13.80 25.59
N GLY C 290 10.06 -14.28 25.44
CA GLY C 290 9.27 -14.75 26.56
C GLY C 290 9.85 -16.06 27.09
N GLY C 291 10.04 -17.02 26.19
CA GLY C 291 10.68 -18.28 26.54
C GLY C 291 12.07 -18.11 27.15
N SER C 292 12.83 -17.15 26.63
CA SER C 292 14.20 -16.94 27.09
C SER C 292 14.15 -16.41 28.52
N ALA C 293 13.17 -15.56 28.77
CA ALA C 293 12.99 -14.93 30.07
C ALA C 293 12.74 -15.99 31.14
N VAL C 294 11.93 -16.98 30.79
CA VAL C 294 11.63 -18.09 31.69
C VAL C 294 12.89 -18.90 32.05
N ILE C 295 13.75 -19.15 31.06
CA ILE C 295 15.05 -19.79 31.31
C ILE C 295 15.89 -18.99 32.31
N GLY C 296 16.03 -17.69 32.05
CA GLY C 296 16.75 -16.81 32.97
C GLY C 296 16.08 -16.72 34.33
N LEU C 297 14.75 -16.73 34.34
CA LEU C 297 14.00 -16.68 35.59
C LEU C 297 14.29 -17.89 36.46
N LEU C 298 14.48 -19.06 35.85
CA LEU C 298 14.76 -20.23 36.66
C LEU C 298 16.17 -20.20 37.21
N ASN C 299 17.10 -19.64 36.44
CA ASN C 299 18.42 -19.37 36.98
C ASN C 299 18.34 -18.45 38.20
N ALA C 300 17.62 -17.34 38.07
CA ALA C 300 17.56 -16.33 39.13
C ALA C 300 16.89 -16.88 40.40
N LEU C 301 15.72 -17.50 40.23
CA LEU C 301 14.96 -17.99 41.37
C LEU C 301 15.67 -19.15 42.07
N ALA C 302 16.36 -19.99 41.30
CA ALA C 302 17.13 -21.09 41.90
C ALA C 302 18.34 -20.58 42.68
N LYS C 303 19.07 -19.61 42.13
CA LYS C 303 20.22 -19.05 42.83
C LYS C 303 19.83 -18.15 44.00
N LEU C 304 18.66 -17.53 43.96
CA LEU C 304 18.21 -16.77 45.13
C LEU C 304 17.63 -17.73 46.16
N GLY C 305 17.39 -18.97 45.74
CA GLY C 305 16.87 -20.00 46.62
C GLY C 305 15.51 -19.69 47.20
N VAL C 306 14.58 -19.29 46.35
CA VAL C 306 13.24 -18.92 46.80
C VAL C 306 12.49 -20.16 47.28
N GLU C 307 11.63 -19.99 48.27
CA GLU C 307 10.91 -21.12 48.82
C GLU C 307 9.65 -21.44 48.02
N ALA C 308 9.84 -21.86 46.77
CA ALA C 308 8.73 -22.23 45.91
C ALA C 308 9.19 -23.23 44.89
N GLU C 309 8.33 -24.19 44.59
CA GLU C 309 8.58 -25.08 43.47
C GLU C 309 8.28 -24.30 42.20
N VAL C 310 9.27 -24.19 41.32
CA VAL C 310 9.13 -23.39 40.12
C VAL C 310 9.33 -24.24 38.86
N HIS C 311 8.31 -24.25 38.01
CA HIS C 311 8.39 -24.95 36.73
C HIS C 311 8.58 -23.95 35.60
N GLY C 312 9.61 -24.15 34.80
CA GLY C 312 9.84 -23.32 33.62
C GLY C 312 9.43 -24.08 32.38
N ILE C 313 8.41 -23.58 31.69
CA ILE C 313 7.91 -24.27 30.51
C ILE C 313 8.03 -23.39 29.27
N ILE C 314 8.70 -23.91 28.24
CA ILE C 314 8.99 -23.12 27.05
C ILE C 314 8.58 -23.88 25.80
N GLY C 315 7.76 -23.25 24.98
CA GLY C 315 7.38 -23.84 23.71
C GLY C 315 8.23 -23.23 22.62
N ALA C 316 9.19 -24.00 22.12
CA ALA C 316 10.12 -23.48 21.15
C ALA C 316 9.90 -24.09 19.78
N THR C 317 9.75 -23.22 18.78
CA THR C 317 9.63 -23.62 17.37
C THR C 317 9.83 -22.38 16.51
N GLU C 318 10.04 -22.56 15.22
CA GLU C 318 9.94 -21.43 14.30
C GLU C 318 8.54 -21.37 13.69
N ASN C 319 8.20 -20.22 13.13
CA ASN C 319 7.00 -20.04 12.33
C ASN C 319 7.43 -19.65 10.92
N MET C 320 7.60 -20.67 10.07
CA MET C 320 8.15 -20.48 8.73
C MET C 320 7.09 -20.64 7.64
N ILE C 321 7.44 -20.23 6.43
CA ILE C 321 6.59 -20.38 5.27
C ILE C 321 7.17 -21.52 4.42
N GLY C 322 6.31 -22.28 3.74
CA GLY C 322 6.75 -23.40 2.94
C GLY C 322 5.56 -24.28 2.53
N PRO C 323 5.80 -25.29 1.68
CA PRO C 323 4.68 -26.09 1.14
C PRO C 323 3.92 -26.91 2.19
N ALA C 324 4.51 -27.12 3.37
CA ALA C 324 3.81 -27.85 4.42
C ALA C 324 3.25 -26.94 5.53
N ALA C 325 3.25 -25.63 5.31
CA ALA C 325 2.85 -24.68 6.37
C ALA C 325 1.39 -24.86 6.74
N TYR C 326 1.05 -24.61 8.00
CA TYR C 326 -0.37 -24.60 8.36
C TYR C 326 -0.95 -23.32 7.75
N LYS C 327 -2.26 -23.28 7.56
CA LYS C 327 -2.85 -22.32 6.64
C LYS C 327 -3.99 -21.51 7.26
N PRO C 328 -4.19 -20.28 6.78
CA PRO C 328 -5.50 -19.66 7.02
C PRO C 328 -6.58 -20.60 6.49
N ASP C 329 -7.62 -20.85 7.32
CA ASP C 329 -8.71 -21.83 7.13
C ASP C 329 -8.46 -23.17 7.83
N ASP C 330 -7.25 -23.43 8.31
CA ASP C 330 -7.04 -24.66 9.06
C ASP C 330 -7.81 -24.53 10.37
N ILE C 331 -8.36 -25.66 10.81
CA ILE C 331 -9.07 -25.73 12.07
C ILE C 331 -8.36 -26.76 12.94
N LEU C 332 -7.75 -26.29 14.01
CA LEU C 332 -6.85 -27.07 14.82
C LEU C 332 -7.56 -27.47 16.11
N ILE C 333 -7.32 -28.70 16.57
CA ILE C 333 -7.84 -29.14 17.87
C ILE C 333 -6.75 -28.98 18.93
N SER C 334 -6.95 -28.02 19.84
CA SER C 334 -6.02 -27.77 20.94
C SER C 334 -5.94 -28.96 21.89
N LYS C 335 -4.87 -29.05 22.66
CA LYS C 335 -4.76 -30.09 23.69
C LYS C 335 -5.98 -30.04 24.64
N GLU C 336 -6.36 -28.84 25.08
CA GLU C 336 -7.53 -28.64 25.96
C GLU C 336 -8.80 -29.14 25.30
N GLY C 337 -8.82 -29.15 23.98
CA GLY C 337 -9.90 -29.78 23.25
C GLY C 337 -10.75 -28.83 22.45
N LYS C 338 -10.67 -27.54 22.75
CA LYS C 338 -11.37 -26.56 21.95
C LYS C 338 -10.78 -26.47 20.56
N SER C 339 -11.61 -26.23 19.55
CA SER C 339 -11.12 -26.10 18.18
C SER C 339 -10.79 -24.64 17.87
N ILE C 340 -9.81 -24.45 17.00
CA ILE C 340 -9.32 -23.14 16.65
C ILE C 340 -9.37 -22.90 15.14
N GLU C 341 -10.14 -21.92 14.69
CA GLU C 341 -10.09 -21.48 13.30
C GLU C 341 -8.90 -20.54 13.07
N VAL C 342 -7.98 -20.94 12.21
CA VAL C 342 -6.87 -20.08 11.80
C VAL C 342 -7.31 -19.18 10.66
N ARG C 343 -7.16 -17.87 10.84
CA ARG C 343 -7.44 -16.91 9.78
C ARG C 343 -6.18 -16.16 9.42
N ASN C 344 -5.17 -16.25 10.28
CA ASN C 344 -3.89 -15.59 10.03
C ASN C 344 -2.78 -16.35 10.75
N THR C 345 -1.76 -16.80 10.01
CA THR C 345 -0.73 -17.66 10.60
C THR C 345 0.29 -16.86 11.39
N ASP C 346 0.24 -15.55 11.26
CA ASP C 346 1.11 -14.66 12.03
C ASP C 346 0.59 -14.47 13.46
N ALA C 347 -0.57 -15.05 13.75
CA ALA C 347 -1.09 -15.11 15.11
C ALA C 347 -0.73 -16.48 15.71
N GLU C 348 0.55 -16.82 15.64
CA GLU C 348 1.02 -18.16 15.96
C GLU C 348 1.43 -18.36 17.43
N GLY C 349 1.84 -17.31 18.12
CA GLY C 349 2.35 -17.48 19.46
C GLY C 349 1.25 -17.96 20.39
N ARG C 350 0.05 -17.44 20.16
CA ARG C 350 -1.07 -17.79 21.02
C ARG C 350 -1.46 -19.25 20.82
N LEU C 351 -1.14 -19.82 19.64
CA LEU C 351 -1.39 -21.25 19.42
C LEU C 351 -0.42 -22.12 20.22
N VAL C 352 0.87 -21.80 20.15
CA VAL C 352 1.88 -22.51 20.94
C VAL C 352 1.60 -22.35 22.46
N LEU C 353 1.23 -21.14 22.88
CA LEU C 353 0.93 -20.92 24.30
C LEU C 353 -0.31 -21.70 24.75
N ALA C 354 -1.31 -21.80 23.89
CA ALA C 354 -2.52 -22.54 24.20
C ALA C 354 -2.20 -23.96 24.66
N ASP C 355 -1.37 -24.64 23.90
CA ASP C 355 -1.00 -26.01 24.25
C ASP C 355 -0.03 -26.04 25.44
N CYS C 356 0.89 -25.08 25.52
CA CYS C 356 1.84 -25.04 26.64
C CYS C 356 1.17 -24.67 27.97
N LEU C 357 0.18 -23.79 27.93
CA LEU C 357 -0.64 -23.52 29.13
C LEU C 357 -1.43 -24.75 29.59
N SER C 358 -1.91 -25.54 28.63
CA SER C 358 -2.60 -26.79 28.93
C SER C 358 -1.69 -27.75 29.69
N TYR C 359 -0.46 -27.85 29.21
CA TYR C 359 0.56 -28.70 29.83
C TYR C 359 0.94 -28.15 31.19
N ALA C 360 1.00 -26.84 31.30
CA ALA C 360 1.30 -26.19 32.56
C ALA C 360 0.21 -26.48 33.59
N GLN C 361 -1.05 -26.42 33.17
CA GLN C 361 -2.16 -26.64 34.09
C GLN C 361 -2.21 -28.08 34.62
N ASP C 362 -1.77 -29.05 33.83
CA ASP C 362 -1.69 -30.44 34.30
C ASP C 362 -0.73 -30.62 35.49
N LEU C 363 0.06 -29.60 35.80
CA LEU C 363 0.96 -29.64 36.96
C LEU C 363 0.28 -29.19 38.23
N ASN C 364 -0.96 -28.73 38.10
CA ASN C 364 -1.70 -28.16 39.22
C ASN C 364 -0.95 -27.11 40.04
N PRO C 365 -0.46 -26.05 39.37
CA PRO C 365 0.29 -25.05 40.15
C PRO C 365 -0.64 -24.12 40.92
N ASP C 366 -0.09 -23.37 41.86
CA ASP C 366 -0.85 -22.33 42.55
C ASP C 366 -0.91 -21.06 41.74
N VAL C 367 0.13 -20.82 40.96
CA VAL C 367 0.23 -19.61 40.15
C VAL C 367 0.77 -19.97 38.76
N ILE C 368 0.13 -19.41 37.73
CA ILE C 368 0.64 -19.53 36.37
C ILE C 368 0.91 -18.14 35.80
N VAL C 369 2.15 -17.90 35.37
CA VAL C 369 2.45 -16.66 34.63
C VAL C 369 2.97 -17.01 33.25
N ASP C 370 2.40 -16.41 32.20
CA ASP C 370 3.03 -16.58 30.88
C ASP C 370 3.66 -15.27 30.40
N PHE C 371 4.78 -15.41 29.69
CA PHE C 371 5.49 -14.29 29.08
C PHE C 371 5.53 -14.54 27.58
N ALA C 372 5.22 -13.51 26.80
CA ALA C 372 5.17 -13.64 25.35
C ALA C 372 5.39 -12.29 24.66
N THR C 373 6.16 -12.32 23.58
CA THR C 373 6.24 -11.20 22.65
C THR C 373 5.09 -11.40 21.68
N LEU C 374 3.87 -11.16 22.16
CA LEU C 374 2.69 -11.71 21.50
C LEU C 374 2.10 -10.82 20.41
N THR C 375 2.01 -9.52 20.65
CA THR C 375 1.27 -8.68 19.70
C THR C 375 1.92 -7.32 19.46
N GLY C 376 1.85 -6.86 18.22
CA GLY C 376 2.26 -5.51 17.87
C GLY C 376 1.29 -4.48 18.44
N ALA C 377 0.01 -4.87 18.55
CA ALA C 377 -1.01 -3.98 19.11
C ALA C 377 -0.64 -3.51 20.51
N CYS C 378 -0.05 -4.40 21.31
CA CYS C 378 0.45 -4.02 22.62
C CYS C 378 1.46 -2.88 22.55
N VAL C 379 2.41 -3.02 21.64
CA VAL C 379 3.47 -2.01 21.50
C VAL C 379 2.84 -0.70 21.05
N VAL C 380 1.97 -0.78 20.05
CA VAL C 380 1.24 0.42 19.62
C VAL C 380 0.59 1.10 20.84
N GLY C 381 0.08 0.29 21.77
CA GLY C 381 -0.70 0.79 22.87
C GLY C 381 0.13 1.42 23.99
N LEU C 382 1.11 0.68 24.47
CA LEU C 382 1.89 1.12 25.60
C LEU C 382 3.21 1.76 25.22
N GLY C 383 3.63 1.57 23.97
CA GLY C 383 4.95 2.00 23.55
C GLY C 383 5.96 0.88 23.71
N GLU C 384 7.19 1.10 23.27
CA GLU C 384 8.17 0.02 23.24
C GLU C 384 8.75 -0.36 24.58
N PHE C 385 8.54 0.44 25.61
CA PHE C 385 9.33 0.28 26.82
C PHE C 385 8.54 -0.39 27.95
N THR C 386 7.27 -0.68 27.68
CA THR C 386 6.31 -1.08 28.71
C THR C 386 5.59 -2.40 28.39
N SER C 387 5.53 -3.31 29.35
CA SER C 387 4.83 -4.57 29.15
C SER C 387 3.40 -4.50 29.66
N ALA C 388 2.52 -5.30 29.06
CA ALA C 388 1.13 -5.37 29.48
C ALA C 388 0.88 -6.52 30.45
N ILE C 389 0.03 -6.28 31.45
CA ILE C 389 -0.38 -7.33 32.37
C ILE C 389 -1.86 -7.63 32.22
N MET C 390 -2.18 -8.89 31.97
CA MET C 390 -3.56 -9.29 31.81
C MET C 390 -3.91 -10.46 32.71
N GLY C 391 -5.20 -10.64 32.98
CA GLY C 391 -5.66 -11.68 33.87
C GLY C 391 -6.97 -11.28 34.51
N HIS C 392 -7.47 -12.14 35.39
CA HIS C 392 -8.74 -11.89 36.09
C HIS C 392 -8.56 -11.45 37.53
N ASN C 393 -7.53 -11.97 38.17
CA ASN C 393 -7.32 -11.73 39.60
C ASN C 393 -6.66 -10.38 39.83
N GLU C 394 -7.46 -9.40 40.26
CA GLU C 394 -6.95 -8.03 40.40
C GLU C 394 -5.81 -7.94 41.41
N GLU C 395 -5.93 -8.68 42.51
CA GLU C 395 -4.93 -8.62 43.56
C GLU C 395 -3.58 -9.14 43.07
N LEU C 396 -3.63 -10.24 42.33
CA LEU C 396 -2.46 -10.84 41.71
C LEU C 396 -1.87 -9.93 40.64
N LYS C 397 -2.72 -9.33 39.80
CA LYS C 397 -2.22 -8.41 38.78
C LYS C 397 -1.56 -7.21 39.45
N ASN C 398 -2.19 -6.70 40.50
CA ASN C 398 -1.62 -5.58 41.26
C ASN C 398 -0.27 -5.94 41.87
N LEU C 399 -0.16 -7.16 42.40
CA LEU C 399 1.08 -7.58 43.01
C LEU C 399 2.19 -7.61 41.96
N PHE C 400 1.86 -8.08 40.76
CA PHE C 400 2.88 -8.17 39.71
C PHE C 400 3.29 -6.75 39.29
N GLU C 401 2.29 -5.89 39.08
CA GLU C 401 2.56 -4.50 38.68
C GLU C 401 3.46 -3.77 39.70
N THR C 402 3.06 -3.75 40.97
CA THR C 402 3.80 -3.04 42.00
CA THR C 402 3.81 -3.01 41.97
C THR C 402 5.23 -3.54 42.15
N SER C 403 5.38 -4.86 42.28
CA SER C 403 6.72 -5.45 42.38
C SER C 403 7.58 -5.15 41.14
N GLY C 404 7.02 -5.38 39.96
CA GLY C 404 7.76 -5.17 38.72
C GLY C 404 8.19 -3.73 38.53
N LEU C 405 7.30 -2.80 38.89
CA LEU C 405 7.62 -1.38 38.82
C LEU C 405 8.80 -1.07 39.74
N GLU C 406 8.75 -1.61 40.95
CA GLU C 406 9.85 -1.42 41.91
C GLU C 406 11.17 -1.96 41.40
N SER C 407 11.10 -3.06 40.65
CA SER C 407 12.31 -3.73 40.16
C SER C 407 12.95 -2.91 39.04
N GLY C 408 12.20 -1.91 38.55
CA GLY C 408 12.68 -1.04 37.50
C GLY C 408 12.13 -1.35 36.10
N GLU C 409 11.18 -2.27 36.00
CA GLU C 409 10.52 -2.51 34.72
C GLU C 409 9.28 -1.63 34.62
N LEU C 410 8.94 -1.21 33.41
CA LEU C 410 7.72 -0.43 33.20
C LEU C 410 6.58 -1.37 32.81
N LEU C 411 5.44 -1.24 33.48
CA LEU C 411 4.35 -2.21 33.32
C LEU C 411 2.99 -1.52 33.35
N ALA C 412 2.02 -2.09 32.66
CA ALA C 412 0.65 -1.57 32.71
C ALA C 412 -0.36 -2.70 32.65
N LYS C 413 -1.43 -2.58 33.44
CA LYS C 413 -2.54 -3.53 33.39
C LYS C 413 -3.48 -3.16 32.27
N LEU C 414 -3.92 -4.14 31.48
CA LEU C 414 -4.95 -3.89 30.49
C LEU C 414 -6.18 -4.71 30.85
N PRO C 415 -7.37 -4.08 30.82
CA PRO C 415 -8.57 -4.81 31.27
C PRO C 415 -9.28 -5.60 30.17
N PHE C 416 -9.70 -6.82 30.49
CA PHE C 416 -10.67 -7.55 29.67
C PHE C 416 -12.02 -6.84 29.75
N ASN C 417 -12.89 -7.10 28.78
CA ASN C 417 -14.33 -6.83 28.92
C ASN C 417 -15.07 -7.75 27.99
N ARG C 418 -16.38 -7.87 28.21
CA ARG C 418 -17.20 -8.84 27.50
C ARG C 418 -17.34 -8.53 26.02
N HIS C 419 -17.28 -7.25 25.66
CA HIS C 419 -17.39 -6.86 24.25
C HIS C 419 -16.22 -7.39 23.42
N LEU C 420 -15.00 -7.25 23.93
CA LEU C 420 -13.81 -7.74 23.24
C LEU C 420 -13.84 -9.26 23.07
N LYS C 421 -14.36 -9.94 24.08
CA LYS C 421 -14.46 -11.40 24.08
C LYS C 421 -15.24 -11.93 22.87
N LYS C 422 -16.26 -11.16 22.45
CA LYS C 422 -17.09 -11.55 21.31
C LYS C 422 -16.33 -11.49 19.98
N LEU C 423 -15.26 -10.71 19.94
CA LEU C 423 -14.55 -10.46 18.70
C LEU C 423 -13.68 -11.63 18.25
N ILE C 424 -13.49 -12.64 19.11
CA ILE C 424 -12.73 -13.83 18.74
C ILE C 424 -13.61 -15.07 18.54
N GLU C 425 -14.92 -14.87 18.44
CA GLU C 425 -15.81 -15.95 18.00
C GLU C 425 -15.50 -16.49 16.60
N SER C 426 -15.88 -17.74 16.36
CA SER C 426 -15.77 -18.38 15.06
C SER C 426 -17.13 -18.95 14.64
N LYS C 427 -17.44 -18.83 13.34
CA LYS C 427 -18.67 -19.43 12.82
C LYS C 427 -18.53 -20.93 12.62
N ILE C 428 -17.29 -21.41 12.58
CA ILE C 428 -17.08 -22.81 12.22
C ILE C 428 -16.17 -23.56 13.20
N ALA C 429 -15.72 -22.87 14.25
CA ALA C 429 -14.91 -23.50 15.30
C ALA C 429 -15.21 -22.87 16.66
N ASP C 430 -14.60 -23.37 17.73
CA ASP C 430 -14.89 -22.85 19.07
C ASP C 430 -14.36 -21.44 19.29
N VAL C 431 -13.26 -21.12 18.62
CA VAL C 431 -12.67 -19.82 18.76
C VAL C 431 -11.82 -19.56 17.53
N CYS C 432 -11.62 -18.28 17.20
CA CYS C 432 -10.79 -17.86 16.08
C CYS C 432 -9.45 -17.29 16.58
N ASN C 433 -8.34 -17.52 15.86
CA ASN C 433 -7.06 -17.10 16.41
C ASN C 433 -6.72 -15.63 16.17
N ILE C 434 -7.64 -14.91 15.52
CA ILE C 434 -7.53 -13.44 15.43
C ILE C 434 -8.88 -12.81 15.76
N SER C 435 -8.84 -11.56 16.18
CA SER C 435 -10.05 -10.77 16.38
C SER C 435 -10.68 -10.36 15.04
N SER C 436 -11.99 -10.20 15.01
CA SER C 436 -12.64 -9.66 13.81
C SER C 436 -12.46 -8.15 13.70
N SER C 437 -11.91 -7.52 14.72
CA SER C 437 -11.71 -6.07 14.69
C SER C 437 -10.25 -5.69 14.57
N ARG C 438 -10.01 -4.49 14.05
CA ARG C 438 -8.69 -3.90 13.97
C ARG C 438 -8.17 -3.41 15.34
N TYR C 439 -9.04 -3.42 16.35
CA TYR C 439 -8.72 -2.75 17.61
C TYR C 439 -8.73 -3.66 18.83
N GLY C 440 -7.79 -3.40 19.75
CA GLY C 440 -7.66 -4.15 20.99
C GLY C 440 -6.89 -5.45 20.87
N GLY C 441 -6.03 -5.55 19.86
CA GLY C 441 -5.32 -6.78 19.57
C GLY C 441 -4.64 -7.46 20.75
N ALA C 442 -4.00 -6.69 21.63
CA ALA C 442 -3.25 -7.27 22.75
C ALA C 442 -4.20 -7.95 23.76
N ILE C 443 -5.38 -7.36 23.92
CA ILE C 443 -6.34 -7.83 24.89
C ILE C 443 -7.19 -8.97 24.31
N THR C 444 -7.54 -8.92 23.02
CA THR C 444 -8.24 -10.09 22.48
C THR C 444 -7.29 -11.28 22.41
N ALA C 445 -6.00 -11.03 22.22
CA ALA C 445 -5.01 -12.12 22.26
C ALA C 445 -4.98 -12.73 23.67
N GLY C 446 -5.01 -11.89 24.70
CA GLY C 446 -5.11 -12.37 26.07
C GLY C 446 -6.41 -13.11 26.32
N LEU C 447 -7.50 -12.63 25.73
CA LEU C 447 -8.78 -13.32 25.83
C LEU C 447 -8.78 -14.63 25.03
N PHE C 448 -7.99 -14.70 23.96
CA PHE C 448 -7.81 -15.97 23.26
C PHE C 448 -7.19 -16.99 24.23
N LEU C 449 -6.14 -16.57 24.93
CA LEU C 449 -5.44 -17.46 25.84
C LEU C 449 -6.38 -17.91 26.95
N ASN C 450 -7.21 -16.98 27.41
CA ASN C 450 -8.19 -17.28 28.44
C ASN C 450 -9.06 -18.49 28.11
N GLU C 451 -9.36 -18.70 26.83
CA GLU C 451 -10.23 -19.81 26.43
C GLU C 451 -9.62 -21.18 26.75
N PHE C 452 -8.33 -21.17 27.07
CA PHE C 452 -7.58 -22.40 27.31
C PHE C 452 -7.17 -22.48 28.79
N ILE C 453 -7.56 -21.48 29.57
CA ILE C 453 -7.34 -21.54 31.00
C ILE C 453 -8.62 -22.12 31.63
N ARG C 454 -8.50 -23.27 32.28
CA ARG C 454 -9.63 -23.92 32.93
C ARG C 454 -10.15 -23.05 34.07
N ASP C 455 -11.44 -23.21 34.39
CA ASP C 455 -12.10 -22.38 35.41
C ASP C 455 -11.31 -22.38 36.71
N GLU C 456 -10.79 -23.53 37.09
CA GLU C 456 -10.09 -23.66 38.37
C GLU C 456 -8.68 -23.04 38.34
N PHE C 457 -8.31 -22.45 37.20
CA PHE C 457 -7.04 -21.74 37.12
C PHE C 457 -7.21 -20.27 36.73
N LYS C 458 -8.43 -19.86 36.39
CA LYS C 458 -8.63 -18.50 35.90
C LYS C 458 -8.19 -17.42 36.90
N ASP C 459 -8.34 -17.67 38.20
CA ASP C 459 -7.92 -16.68 39.20
CA ASP C 459 -7.93 -16.68 39.20
C ASP C 459 -6.48 -16.88 39.64
N LYS C 460 -5.77 -17.78 38.97
CA LYS C 460 -4.39 -18.08 39.32
C LYS C 460 -3.40 -17.73 38.20
N TRP C 461 -3.87 -16.99 37.20
CA TRP C 461 -3.15 -16.81 35.94
C TRP C 461 -2.87 -15.34 35.59
N LEU C 462 -1.64 -15.08 35.17
CA LEU C 462 -1.25 -13.79 34.64
C LEU C 462 -0.66 -13.97 33.24
N HIS C 463 -1.01 -13.07 32.33
CA HIS C 463 -0.44 -13.03 31.00
C HIS C 463 0.32 -11.73 30.81
N ILE C 464 1.59 -11.85 30.46
CA ILE C 464 2.45 -10.69 30.35
C ILE C 464 2.98 -10.56 28.93
N ASP C 465 2.57 -9.48 28.27
CA ASP C 465 2.94 -9.24 26.88
C ASP C 465 4.16 -8.32 26.86
N ILE C 466 5.32 -8.90 26.52
CA ILE C 466 6.57 -8.15 26.56
C ILE C 466 7.02 -7.76 25.15
N ALA C 467 6.08 -7.69 24.22
CA ALA C 467 6.41 -7.43 22.81
C ALA C 467 7.19 -6.14 22.59
N GLY C 468 6.99 -5.16 23.46
CA GLY C 468 7.74 -3.93 23.33
C GLY C 468 9.17 -4.06 23.82
N PRO C 469 9.32 -4.14 25.15
CA PRO C 469 10.68 -3.93 25.67
C PRO C 469 11.59 -5.15 25.55
N ALA C 470 11.09 -6.32 25.15
CA ALA C 470 11.96 -7.48 25.01
C ALA C 470 13.12 -7.22 24.04
N TYR C 471 12.84 -6.45 23.00
CA TYR C 471 13.86 -6.15 21.99
C TYR C 471 13.60 -4.76 21.43
N VAL C 472 14.61 -3.91 21.54
CA VAL C 472 14.48 -2.52 21.20
C VAL C 472 15.76 -2.10 20.50
N GLU C 473 15.65 -1.50 19.32
CA GLU C 473 16.87 -1.19 18.55
C GLU C 473 17.50 0.15 18.89
N LYS C 474 17.75 0.36 20.19
CA LYS C 474 18.56 1.46 20.67
C LYS C 474 18.88 1.22 22.15
N GLU C 475 19.79 2.00 22.71
CA GLU C 475 20.05 1.93 24.14
C GLU C 475 18.99 2.69 24.91
N TRP C 476 18.51 2.12 26.00
CA TRP C 476 17.60 2.81 26.91
C TRP C 476 17.78 2.27 28.32
N ASP C 477 17.79 3.15 29.32
CA ASP C 477 17.93 2.73 30.72
C ASP C 477 19.16 1.83 30.87
N VAL C 478 18.98 0.64 31.45
CA VAL C 478 20.12 -0.26 31.65
C VAL C 478 20.21 -1.28 30.53
N ASN C 479 19.65 -0.94 29.37
CA ASN C 479 19.57 -1.90 28.29
C ASN C 479 20.37 -1.46 27.09
N SER C 480 21.21 -2.36 26.60
CA SER C 480 21.98 -2.08 25.41
C SER C 480 21.10 -2.33 24.18
N PHE C 481 21.61 -1.97 23.02
CA PHE C 481 20.91 -2.22 21.76
C PHE C 481 20.47 -3.67 21.67
N GLY C 482 19.18 -3.87 21.39
CA GLY C 482 18.68 -5.22 21.14
C GLY C 482 17.87 -5.81 22.28
N ALA C 483 18.27 -7.00 22.73
CA ALA C 483 17.61 -7.71 23.82
C ALA C 483 17.80 -6.99 25.16
N SER C 484 16.75 -7.00 26.00
CA SER C 484 16.74 -6.25 27.26
C SER C 484 16.68 -7.19 28.47
N GLY C 485 16.20 -8.40 28.24
CA GLY C 485 15.95 -9.34 29.32
C GLY C 485 14.65 -9.02 30.04
N ALA C 486 13.74 -8.35 29.33
CA ALA C 486 12.46 -7.92 29.90
C ALA C 486 11.71 -9.05 30.59
N GLY C 487 11.17 -8.75 31.77
CA GLY C 487 10.32 -9.69 32.50
C GLY C 487 11.03 -10.41 33.62
N VAL C 488 12.36 -10.53 33.53
CA VAL C 488 13.10 -11.31 34.52
C VAL C 488 13.10 -10.61 35.89
N ARG C 489 13.44 -9.32 35.92
CA ARG C 489 13.45 -8.59 37.19
C ARG C 489 12.05 -8.51 37.78
N ALA C 490 11.08 -8.19 36.94
CA ALA C 490 9.70 -8.03 37.40
C ALA C 490 9.18 -9.33 37.99
N CYS C 491 9.41 -10.46 37.33
CA CYS C 491 8.84 -11.72 37.82
C CYS C 491 9.58 -12.18 39.06
N THR C 492 10.87 -11.91 39.12
CA THR C 492 11.66 -12.27 40.29
C THR C 492 11.12 -11.54 41.53
N ALA C 493 10.88 -10.24 41.38
CA ALA C 493 10.33 -9.44 42.47
C ALA C 493 8.91 -9.87 42.83
N PHE C 494 8.15 -10.29 41.82
CA PHE C 494 6.79 -10.76 42.01
C PHE C 494 6.76 -12.00 42.90
N VAL C 495 7.58 -12.98 42.55
CA VAL C 495 7.64 -14.25 43.27
C VAL C 495 8.10 -14.02 44.72
N GLU C 496 9.12 -13.19 44.90
CA GLU C 496 9.62 -12.89 46.25
C GLU C 496 8.57 -12.24 47.12
N GLU C 497 7.86 -11.26 46.58
CA GLU C 497 6.78 -10.62 47.32
C GLU C 497 5.64 -11.60 47.61
N LEU C 498 5.31 -12.43 46.63
CA LEU C 498 4.27 -13.44 46.80
C LEU C 498 4.56 -14.34 48.00
N LEU C 499 5.82 -14.76 48.11
CA LEU C 499 6.24 -15.71 49.13
C LEU C 499 6.26 -15.09 50.53
N LYS C 500 6.33 -13.77 50.61
CA LYS C 500 6.31 -13.07 51.89
C LYS C 500 4.95 -13.12 52.59
N LYS C 501 3.95 -13.67 51.91
CA LYS C 501 2.61 -13.79 52.48
C LYS C 501 2.13 -15.24 52.41
N ALA C 502 2.93 -16.09 51.78
CA ALA C 502 2.55 -17.48 51.54
C ALA C 502 2.34 -18.24 52.85
N MET D 7 -30.51 -36.30 7.82
CA MET D 7 -31.25 -35.38 6.98
C MET D 7 -32.69 -35.24 7.48
N LEU D 8 -33.44 -34.33 6.87
CA LEU D 8 -34.85 -34.14 7.20
C LEU D 8 -35.74 -35.15 6.49
N LYS D 9 -36.34 -36.05 7.23
CA LYS D 9 -37.27 -37.00 6.63
C LYS D 9 -38.51 -36.23 6.19
N ILE D 10 -38.91 -36.40 4.93
CA ILE D 10 -40.17 -35.85 4.46
C ILE D 10 -41.17 -36.97 4.15
N LYS D 11 -42.29 -36.95 4.86
CA LYS D 11 -43.35 -37.94 4.69
C LYS D 11 -44.51 -37.34 3.90
N LEU D 12 -44.84 -37.96 2.77
CA LEU D 12 -46.02 -37.56 2.00
C LEU D 12 -47.26 -38.30 2.50
N GLU D 13 -48.25 -37.55 2.97
CA GLU D 13 -49.49 -38.13 3.44
C GLU D 13 -50.70 -37.56 2.68
N LYS D 14 -51.58 -38.46 2.24
CA LYS D 14 -52.83 -38.06 1.62
C LYS D 14 -53.84 -37.77 2.71
N THR D 15 -53.77 -36.55 3.25
CA THR D 15 -54.69 -36.10 4.29
C THR D 15 -54.86 -34.59 4.17
N THR D 16 -55.77 -34.03 4.96
CA THR D 16 -55.89 -32.57 5.02
C THR D 16 -54.82 -32.07 5.97
N PHE D 17 -54.40 -30.81 5.80
CA PHE D 17 -53.42 -30.20 6.68
C PHE D 17 -53.90 -30.27 8.14
N GLU D 18 -55.18 -30.02 8.32
CA GLU D 18 -55.80 -30.00 9.64
CA GLU D 18 -55.74 -29.99 9.67
C GLU D 18 -55.76 -31.37 10.32
N ASN D 19 -56.02 -32.42 9.53
CA ASN D 19 -56.04 -33.79 10.04
C ASN D 19 -54.64 -34.38 10.22
N ALA D 20 -53.67 -33.87 9.46
CA ALA D 20 -52.29 -34.32 9.61
C ALA D 20 -51.83 -34.08 11.04
N LYS D 21 -50.91 -34.92 11.52
CA LYS D 21 -50.42 -34.78 12.88
C LYS D 21 -48.91 -34.62 12.93
N ALA D 22 -48.46 -33.62 13.70
CA ALA D 22 -47.05 -33.37 13.94
C ALA D 22 -46.94 -32.53 15.20
N GLU D 23 -45.74 -32.40 15.75
CA GLU D 23 -45.62 -31.68 17.01
C GLU D 23 -45.68 -30.16 16.84
N CYS D 24 -45.54 -29.67 15.61
CA CYS D 24 -45.79 -28.26 15.32
C CYS D 24 -46.22 -28.08 13.85
N SER D 25 -46.58 -26.85 13.52
CA SER D 25 -47.10 -26.56 12.19
C SER D 25 -46.23 -25.51 11.52
N LEU D 26 -46.08 -25.63 10.20
CA LEU D 26 -45.45 -24.58 9.40
C LEU D 26 -46.47 -24.03 8.43
N VAL D 27 -46.67 -22.72 8.47
CA VAL D 27 -47.57 -22.06 7.53
C VAL D 27 -46.86 -20.92 6.82
N PHE D 28 -46.83 -20.95 5.50
CA PHE D 28 -46.26 -19.85 4.74
C PHE D 28 -47.24 -18.72 4.54
N ILE D 29 -46.78 -17.49 4.76
CA ILE D 29 -47.57 -16.31 4.47
C ILE D 29 -47.02 -15.68 3.18
N ILE D 30 -47.75 -15.86 2.08
CA ILE D 30 -47.36 -15.35 0.77
C ILE D 30 -47.87 -13.94 0.53
N ASN D 31 -46.94 -13.02 0.24
CA ASN D 31 -47.28 -11.64 -0.10
C ASN D 31 -48.22 -10.98 0.90
N LYS D 32 -47.97 -11.27 2.16
CA LYS D 32 -48.65 -10.66 3.29
C LYS D 32 -50.15 -11.00 3.32
N ASP D 33 -50.52 -12.10 2.67
CA ASP D 33 -51.89 -12.59 2.75
C ASP D 33 -52.11 -13.41 4.02
N PHE D 34 -52.79 -12.82 5.00
CA PHE D 34 -53.04 -13.52 6.26
C PHE D 34 -54.45 -14.10 6.33
N SER D 35 -55.10 -14.22 5.18
CA SER D 35 -56.54 -14.45 5.14
C SER D 35 -56.94 -15.93 5.18
N HIS D 36 -55.99 -16.81 4.96
N HIS D 36 -55.99 -16.84 4.94
CA HIS D 36 -56.24 -18.26 4.85
CA HIS D 36 -56.36 -18.24 4.80
C HIS D 36 -56.71 -18.90 6.16
C HIS D 36 -56.70 -18.92 6.13
N ALA D 37 -57.41 -20.03 6.03
CA ALA D 37 -57.87 -20.79 7.19
C ALA D 37 -56.73 -21.29 8.08
N TRP D 38 -55.54 -21.50 7.50
CA TRP D 38 -54.44 -22.03 8.29
C TRP D 38 -53.85 -21.01 9.24
N VAL D 39 -54.14 -19.72 9.02
CA VAL D 39 -53.78 -18.71 10.02
C VAL D 39 -54.78 -18.79 11.19
N LYS D 40 -54.44 -19.56 12.21
CA LYS D 40 -55.43 -19.93 13.23
C LYS D 40 -55.81 -18.74 14.11
N ASN D 41 -54.80 -17.97 14.52
CA ASN D 41 -55.07 -16.83 15.37
C ASN D 41 -54.44 -15.55 14.81
N LYS D 42 -55.20 -14.87 13.96
CA LYS D 42 -54.76 -13.62 13.32
C LYS D 42 -54.45 -12.53 14.35
N GLU D 43 -55.29 -12.46 15.37
CA GLU D 43 -55.20 -11.42 16.39
C GLU D 43 -53.83 -11.39 17.04
N LEU D 44 -53.30 -12.57 17.34
CA LEU D 44 -51.96 -12.68 17.93
C LEU D 44 -50.90 -11.97 17.08
N LEU D 45 -51.01 -12.14 15.77
CA LEU D 45 -50.01 -11.59 14.85
C LEU D 45 -50.12 -10.07 14.80
N GLU D 46 -51.36 -9.57 14.87
CA GLU D 46 -51.60 -8.14 14.93
C GLU D 46 -50.99 -7.56 16.21
N THR D 47 -51.23 -8.22 17.33
CA THR D 47 -50.78 -7.72 18.63
C THR D 47 -49.27 -7.60 18.65
N PHE D 48 -48.60 -8.61 18.08
CA PHE D 48 -47.15 -8.64 18.11
C PHE D 48 -46.52 -8.17 16.80
N LYS D 49 -47.30 -7.42 16.02
CA LYS D 49 -46.82 -6.68 14.87
C LYS D 49 -46.12 -7.54 13.82
N TYR D 50 -46.55 -8.78 13.65
CA TYR D 50 -45.96 -9.60 12.60
C TYR D 50 -46.60 -9.27 11.26
N GLU D 51 -45.78 -8.82 10.31
CA GLU D 51 -46.30 -8.38 9.01
C GLU D 51 -45.83 -9.27 7.85
N GLY D 52 -45.24 -10.41 8.16
CA GLY D 52 -44.91 -11.38 7.13
C GLY D 52 -43.47 -11.30 6.66
N GLU D 53 -42.64 -10.54 7.36
CA GLU D 53 -41.22 -10.56 7.07
C GLU D 53 -40.53 -11.54 7.97
N GLY D 54 -39.89 -12.53 7.37
CA GLY D 54 -39.25 -13.59 8.15
C GLY D 54 -40.26 -14.44 8.88
N VAL D 55 -39.84 -14.98 10.02
CA VAL D 55 -40.64 -15.96 10.72
C VAL D 55 -41.26 -15.42 12.00
N PHE D 56 -42.34 -16.07 12.42
CA PHE D 56 -43.01 -15.74 13.68
C PHE D 56 -43.65 -16.99 14.24
N LEU D 57 -43.49 -17.20 15.54
CA LEU D 57 -43.95 -18.44 16.14
C LEU D 57 -45.14 -18.22 17.08
N ASP D 58 -46.30 -18.73 16.68
CA ASP D 58 -47.50 -18.78 17.51
C ASP D 58 -47.27 -19.82 18.59
N GLN D 59 -47.04 -19.35 19.81
CA GLN D 59 -46.62 -20.26 20.88
C GLN D 59 -47.72 -21.21 21.29
N GLU D 60 -48.91 -20.68 21.53
CA GLU D 60 -50.03 -21.48 22.01
C GLU D 60 -50.47 -22.52 20.97
N ASN D 61 -50.47 -22.13 19.70
CA ASN D 61 -50.91 -23.03 18.66
C ASN D 61 -49.76 -23.84 18.09
N LYS D 62 -48.53 -23.49 18.48
CA LYS D 62 -47.34 -24.16 17.94
C LYS D 62 -47.34 -24.08 16.41
N ILE D 63 -47.49 -22.86 15.91
CA ILE D 63 -47.48 -22.63 14.47
C ILE D 63 -46.35 -21.68 14.13
N LEU D 64 -45.42 -22.12 13.29
CA LEU D 64 -44.39 -21.24 12.78
C LEU D 64 -44.89 -20.64 11.48
N TYR D 65 -44.96 -19.32 11.41
CA TYR D 65 -45.26 -18.66 10.15
C TYR D 65 -43.97 -18.24 9.47
N ALA D 66 -43.88 -18.47 8.18
CA ALA D 66 -42.71 -18.04 7.39
C ALA D 66 -43.15 -17.17 6.23
N GLY D 67 -42.61 -15.96 6.17
CA GLY D 67 -43.00 -15.02 5.15
C GLY D 67 -42.35 -15.25 3.80
N VAL D 68 -43.17 -15.20 2.75
CA VAL D 68 -42.69 -15.23 1.39
C VAL D 68 -43.14 -13.91 0.76
N LYS D 69 -42.19 -13.02 0.48
CA LYS D 69 -42.53 -11.65 0.12
C LYS D 69 -43.37 -11.53 -1.14
N GLU D 70 -43.10 -12.39 -2.11
CA GLU D 70 -43.89 -12.43 -3.34
C GLU D 70 -44.27 -13.85 -3.62
N ASP D 71 -45.32 -14.06 -4.41
CA ASP D 71 -45.72 -15.40 -4.84
C ASP D 71 -44.67 -15.93 -5.82
N ASP D 72 -43.53 -16.35 -5.27
CA ASP D 72 -42.36 -16.66 -6.09
C ASP D 72 -41.69 -17.96 -5.62
N VAL D 73 -41.47 -18.89 -6.54
CA VAL D 73 -40.95 -20.22 -6.23
C VAL D 73 -39.57 -20.18 -5.54
N HIS D 74 -38.72 -19.25 -5.93
CA HIS D 74 -37.38 -19.12 -5.36
C HIS D 74 -37.44 -18.53 -3.94
N LEU D 75 -38.36 -17.60 -3.71
CA LEU D 75 -38.51 -17.04 -2.38
C LEU D 75 -39.08 -18.09 -1.44
N LEU D 76 -39.93 -18.96 -1.99
CA LEU D 76 -40.50 -20.09 -1.23
C LEU D 76 -39.42 -21.06 -0.78
N ARG D 77 -38.49 -21.33 -1.69
CA ARG D 77 -37.37 -22.21 -1.39
C ARG D 77 -36.54 -21.62 -0.22
N GLU D 78 -36.28 -20.33 -0.31
CA GLU D 78 -35.60 -19.62 0.75
C GLU D 78 -36.33 -19.66 2.09
N SER D 79 -37.63 -19.37 2.09
CA SER D 79 -38.37 -19.38 3.36
C SER D 79 -38.46 -20.74 3.98
N ALA D 80 -38.64 -21.76 3.15
CA ALA D 80 -38.69 -23.14 3.64
C ALA D 80 -37.41 -23.51 4.39
N CYS D 81 -36.29 -23.02 3.87
CA CYS D 81 -34.99 -23.20 4.49
C CYS D 81 -34.93 -22.44 5.81
N LEU D 82 -35.35 -21.18 5.78
CA LEU D 82 -35.33 -20.39 7.00
C LEU D 82 -36.22 -21.04 8.08
N ALA D 83 -37.36 -21.58 7.66
CA ALA D 83 -38.31 -22.15 8.61
C ALA D 83 -37.69 -23.35 9.33
N VAL D 84 -37.01 -24.21 8.59
CA VAL D 84 -36.42 -25.41 9.19
C VAL D 84 -35.19 -25.03 10.02
N ARG D 85 -34.41 -24.07 9.55
CA ARG D 85 -33.33 -23.51 10.37
C ARG D 85 -33.82 -23.07 11.74
N THR D 86 -34.97 -22.43 11.74
CA THR D 86 -35.57 -21.90 12.95
C THR D 86 -36.01 -23.01 13.89
N LEU D 87 -36.66 -24.03 13.32
CA LEU D 87 -37.20 -25.15 14.09
C LEU D 87 -36.11 -26.12 14.58
N LYS D 88 -34.96 -26.11 13.90
CA LYS D 88 -33.83 -26.96 14.27
C LYS D 88 -33.36 -26.68 15.70
N LYS D 89 -33.58 -25.46 16.16
CA LYS D 89 -33.10 -25.07 17.47
C LYS D 89 -34.15 -25.29 18.55
N LEU D 90 -35.30 -25.82 18.16
CA LEU D 90 -36.41 -25.96 19.09
C LEU D 90 -36.56 -27.42 19.52
N ALA D 91 -37.69 -27.77 20.12
CA ALA D 91 -37.84 -29.10 20.73
C ALA D 91 -38.86 -30.01 20.03
N PHE D 92 -39.38 -29.57 18.89
CA PHE D 92 -40.38 -30.36 18.16
C PHE D 92 -39.72 -31.38 17.23
N LYS D 93 -40.13 -32.63 17.37
CA LYS D 93 -39.55 -33.73 16.61
C LYS D 93 -40.06 -33.74 15.17
N SER D 94 -41.25 -33.16 14.96
CA SER D 94 -41.88 -33.18 13.64
C SER D 94 -42.64 -31.89 13.39
N VAL D 95 -42.74 -31.52 12.11
CA VAL D 95 -43.53 -30.36 11.68
C VAL D 95 -44.42 -30.78 10.53
N LYS D 96 -45.62 -30.24 10.44
CA LYS D 96 -46.46 -30.53 9.29
C LYS D 96 -46.60 -29.27 8.45
N VAL D 97 -46.76 -29.46 7.15
CA VAL D 97 -46.88 -28.34 6.23
C VAL D 97 -47.84 -28.72 5.10
N GLY D 98 -48.60 -27.74 4.61
CA GLY D 98 -49.48 -27.93 3.47
C GLY D 98 -48.74 -27.82 2.15
N VAL D 99 -49.43 -28.01 1.03
CA VAL D 99 -48.74 -27.99 -0.27
C VAL D 99 -48.95 -26.67 -1.02
N TYR D 100 -47.84 -26.09 -1.49
CA TYR D 100 -47.84 -24.71 -2.00
C TYR D 100 -47.50 -24.60 -3.48
N THR D 101 -48.40 -23.95 -4.22
CA THR D 101 -48.20 -23.77 -5.66
C THR D 101 -48.29 -22.29 -6.05
N ALA D 110 -44.82 -26.66 -13.09
CA ALA D 110 -45.07 -25.56 -12.16
C ALA D 110 -45.39 -26.06 -10.76
N LEU D 111 -46.35 -26.98 -10.65
CA LEU D 111 -46.58 -27.66 -9.39
C LEU D 111 -45.29 -28.38 -9.01
N LEU D 112 -44.68 -29.00 -10.00
CA LEU D 112 -43.43 -29.74 -9.82
C LEU D 112 -42.30 -28.87 -9.28
N GLU D 113 -42.10 -27.70 -9.88
CA GLU D 113 -41.03 -26.82 -9.44
C GLU D 113 -41.31 -26.31 -8.05
N ASN D 114 -42.56 -25.94 -7.78
CA ASN D 114 -42.98 -25.54 -6.44
C ASN D 114 -42.75 -26.61 -5.38
N LEU D 115 -43.09 -27.84 -5.70
CA LEU D 115 -42.87 -28.95 -4.77
C LEU D 115 -41.37 -29.20 -4.60
N LYS D 116 -40.64 -29.17 -5.71
CA LYS D 116 -39.18 -29.27 -5.66
C LYS D 116 -38.57 -28.18 -4.75
N ALA D 117 -38.99 -26.94 -4.96
CA ALA D 117 -38.53 -25.82 -4.14
C ALA D 117 -38.84 -26.01 -2.66
N LEU D 118 -40.06 -26.46 -2.38
CA LEU D 118 -40.49 -26.68 -1.02
C LEU D 118 -39.66 -27.76 -0.33
N PHE D 119 -39.55 -28.92 -0.96
CA PHE D 119 -38.89 -30.06 -0.29
C PHE D 119 -37.38 -29.84 -0.18
N LEU D 120 -36.78 -29.28 -1.25
CA LEU D 120 -35.34 -29.00 -1.23
C LEU D 120 -35.03 -28.01 -0.11
N GLY D 121 -35.75 -26.89 -0.12
CA GLY D 121 -35.56 -25.82 0.86
C GLY D 121 -35.72 -26.31 2.28
N LEU D 122 -36.78 -27.08 2.53
CA LEU D 122 -36.97 -27.66 3.85
C LEU D 122 -35.73 -28.47 4.28
N LYS D 123 -35.29 -29.38 3.43
CA LYS D 123 -34.14 -30.24 3.73
C LYS D 123 -32.84 -29.47 3.97
N LEU D 124 -32.60 -28.43 3.18
CA LEU D 124 -31.34 -27.70 3.27
C LEU D 124 -31.28 -26.87 4.53
N GLY D 125 -32.46 -26.62 5.12
CA GLY D 125 -32.54 -25.90 6.38
C GLY D 125 -31.77 -26.54 7.52
N LEU D 126 -31.55 -27.85 7.46
CA LEU D 126 -30.81 -28.51 8.52
C LEU D 126 -29.29 -28.38 8.39
N TYR D 127 -28.79 -28.04 7.20
CA TYR D 127 -27.33 -28.12 7.02
C TYR D 127 -26.61 -26.97 7.72
N GLU D 128 -25.58 -27.33 8.47
CA GLU D 128 -24.64 -26.35 9.03
C GLU D 128 -23.29 -27.04 9.11
N TYR D 129 -22.23 -26.34 8.71
CA TYR D 129 -20.90 -26.91 8.89
C TYR D 129 -20.42 -26.70 10.32
N ASP D 130 -20.78 -27.64 11.19
CA ASP D 130 -20.52 -27.47 12.62
C ASP D 130 -19.68 -28.61 13.20
N THR D 131 -19.04 -29.40 12.34
CA THR D 131 -18.20 -30.53 12.77
C THR D 131 -17.21 -30.19 13.87
N PHE D 132 -16.59 -29.02 13.76
CA PHE D 132 -15.52 -28.66 14.68
C PHE D 132 -16.04 -27.88 15.88
N LYS D 133 -17.36 -27.65 15.91
CA LYS D 133 -17.99 -26.98 17.06
C LYS D 133 -18.10 -27.93 18.26
N SER D 134 -17.62 -27.48 19.41
CA SER D 134 -17.73 -28.25 20.66
C SER D 134 -19.11 -28.19 21.32
N ASN D 135 -19.94 -27.25 20.91
CA ASN D 135 -21.27 -27.11 21.50
C ASN D 135 -22.38 -27.69 20.61
N LYS D 136 -21.99 -28.37 19.52
CA LYS D 136 -22.97 -28.90 18.58
C LYS D 136 -23.81 -29.99 19.24
N LYS D 137 -25.12 -29.89 19.06
CA LYS D 137 -26.04 -30.94 19.50
C LYS D 137 -26.78 -31.48 18.29
N GLU D 138 -27.29 -32.71 18.39
CA GLU D 138 -28.11 -33.22 17.31
C GLU D 138 -29.48 -32.57 17.40
N SER D 139 -30.03 -32.24 16.24
CA SER D 139 -31.37 -31.66 16.17
C SER D 139 -32.39 -32.63 16.74
N VAL D 140 -33.49 -32.10 17.26
CA VAL D 140 -34.61 -32.91 17.67
C VAL D 140 -35.54 -33.13 16.47
N LEU D 141 -35.61 -32.13 15.60
CA LEU D 141 -36.46 -32.19 14.43
C LEU D 141 -35.98 -33.25 13.43
N LYS D 142 -36.84 -34.23 13.16
CA LYS D 142 -36.47 -35.36 12.31
C LYS D 142 -37.31 -35.43 11.05
N GLU D 143 -38.55 -34.96 11.15
CA GLU D 143 -39.55 -35.19 10.10
C GLU D 143 -40.35 -33.96 9.72
N ALA D 144 -40.70 -33.87 8.44
CA ALA D 144 -41.72 -32.94 7.98
C ALA D 144 -42.85 -33.76 7.36
N ILE D 145 -44.03 -33.64 7.96
CA ILE D 145 -45.23 -34.27 7.44
C ILE D 145 -45.85 -33.35 6.43
N VAL D 146 -45.93 -33.78 5.18
CA VAL D 146 -46.50 -32.96 4.12
C VAL D 146 -47.91 -33.46 3.83
N ALA D 147 -48.90 -32.62 4.15
CA ALA D 147 -50.29 -32.95 3.87
C ALA D 147 -50.55 -32.66 2.40
N LEU D 148 -50.88 -33.70 1.64
CA LEU D 148 -51.09 -33.49 0.21
C LEU D 148 -52.44 -32.81 -0.01
N GLU D 149 -52.41 -31.48 0.16
CA GLU D 149 -53.55 -30.56 0.01
C GLU D 149 -53.02 -29.20 -0.43
N LEU D 150 -53.55 -28.66 -1.53
CA LEU D 150 -53.07 -27.39 -2.07
C LEU D 150 -53.41 -26.18 -1.19
N HIS D 151 -52.51 -25.20 -1.20
CA HIS D 151 -52.74 -23.94 -0.49
C HIS D 151 -53.82 -23.11 -1.19
N SER D 161 -51.23 -36.54 -11.40
CA SER D 161 -51.82 -36.33 -10.08
C SER D 161 -50.84 -35.65 -9.13
N LEU D 162 -51.37 -35.06 -8.06
CA LEU D 162 -50.56 -34.39 -7.05
C LEU D 162 -49.54 -35.33 -6.43
N GLU D 163 -49.99 -36.52 -6.06
CA GLU D 163 -49.12 -37.49 -5.41
C GLU D 163 -47.96 -37.87 -6.33
N LYS D 164 -48.25 -37.94 -7.63
CA LYS D 164 -47.23 -38.27 -8.63
C LYS D 164 -46.14 -37.21 -8.67
N SER D 165 -46.55 -35.96 -8.84
CA SER D 165 -45.62 -34.85 -8.86
C SER D 165 -44.84 -34.76 -7.54
N ALA D 166 -45.54 -34.98 -6.43
CA ALA D 166 -44.92 -34.88 -5.11
C ALA D 166 -43.81 -35.91 -4.92
N LYS D 167 -44.04 -37.13 -5.37
CA LYS D 167 -43.08 -38.22 -5.21
C LYS D 167 -41.87 -37.96 -6.09
N GLU D 168 -42.13 -37.33 -7.22
CA GLU D 168 -41.06 -36.93 -8.14
C GLU D 168 -40.19 -35.79 -7.56
N ALA D 169 -40.85 -34.79 -6.97
CA ALA D 169 -40.13 -33.65 -6.41
C ALA D 169 -39.33 -34.09 -5.18
N LEU D 170 -39.88 -35.04 -4.43
CA LEU D 170 -39.20 -35.55 -3.25
C LEU D 170 -37.95 -36.34 -3.63
N LYS D 171 -38.00 -37.09 -4.72
CA LYS D 171 -36.83 -37.84 -5.18
C LYS D 171 -35.70 -36.88 -5.59
N TYR D 172 -36.07 -35.81 -6.31
CA TYR D 172 -35.09 -34.79 -6.67
C TYR D 172 -34.50 -34.15 -5.41
N ALA D 173 -35.39 -33.83 -4.47
CA ALA D 173 -35.02 -33.12 -3.28
C ALA D 173 -34.02 -33.93 -2.48
N GLU D 174 -34.25 -35.24 -2.40
CA GLU D 174 -33.38 -36.13 -1.61
C GLU D 174 -32.01 -36.30 -2.29
N ILE D 175 -32.02 -36.49 -3.60
CA ILE D 175 -30.79 -36.64 -4.33
C ILE D 175 -30.02 -35.34 -4.32
N MET D 176 -30.72 -34.23 -4.51
CA MET D 176 -30.06 -32.93 -4.63
C MET D 176 -29.52 -32.43 -3.29
N THR D 177 -30.25 -32.69 -2.21
CA THR D 177 -29.76 -32.39 -0.86
C THR D 177 -28.48 -33.17 -0.58
N GLU D 178 -28.52 -34.47 -0.88
CA GLU D 178 -27.39 -35.34 -0.65
C GLU D 178 -26.18 -34.84 -1.47
N SER D 179 -26.42 -34.54 -2.74
CA SER D 179 -25.38 -34.10 -3.64
C SER D 179 -24.76 -32.77 -3.17
N LEU D 180 -25.61 -31.80 -2.88
CA LEU D 180 -25.13 -30.50 -2.37
C LEU D 180 -24.33 -30.66 -1.07
N ASN D 181 -24.82 -31.47 -0.15
CA ASN D 181 -24.14 -31.60 1.14
C ASN D 181 -22.79 -32.32 0.98
N ILE D 182 -22.68 -33.17 -0.04
CA ILE D 182 -21.40 -33.80 -0.38
C ILE D 182 -20.40 -32.73 -0.80
N VAL D 183 -20.82 -31.87 -1.72
CA VAL D 183 -20.00 -30.77 -2.21
C VAL D 183 -19.65 -29.81 -1.08
N LYS D 184 -20.63 -29.47 -0.25
CA LYS D 184 -20.44 -28.53 0.84
C LYS D 184 -19.49 -29.05 1.92
N ASP D 185 -19.66 -30.31 2.34
CA ASP D 185 -18.77 -30.89 3.34
C ASP D 185 -17.31 -30.91 2.83
N LEU D 186 -17.17 -31.24 1.56
CA LEU D 186 -15.86 -31.31 0.93
C LEU D 186 -15.22 -29.92 0.84
N VAL D 187 -15.96 -28.95 0.30
CA VAL D 187 -15.42 -27.59 0.20
C VAL D 187 -15.11 -26.99 1.59
N ASN D 188 -15.98 -27.27 2.56
CA ASN D 188 -15.79 -26.76 3.93
C ASN D 188 -14.61 -27.42 4.64
N THR D 189 -14.23 -28.60 4.19
CA THR D 189 -13.14 -29.33 4.85
C THR D 189 -11.86 -28.49 4.78
N PRO D 190 -11.25 -28.24 5.93
CA PRO D 190 -10.06 -27.39 6.00
C PRO D 190 -8.87 -28.05 5.32
N PRO D 191 -7.95 -27.24 4.77
CA PRO D 191 -6.94 -27.69 3.79
C PRO D 191 -5.93 -28.72 4.30
N MET D 192 -5.60 -28.73 5.60
CA MET D 192 -4.68 -29.74 6.13
C MET D 192 -5.29 -31.14 5.98
N ILE D 193 -6.62 -31.20 5.98
CA ILE D 193 -7.34 -32.45 5.87
C ILE D 193 -7.77 -32.69 4.43
N GLY D 194 -8.35 -31.66 3.81
CA GLY D 194 -8.88 -31.77 2.47
C GLY D 194 -7.79 -31.65 1.44
N THR D 195 -6.94 -32.67 1.36
CA THR D 195 -5.87 -32.75 0.38
C THR D 195 -6.36 -33.31 -0.98
N PRO D 196 -5.52 -33.21 -2.04
CA PRO D 196 -5.92 -33.88 -3.29
C PRO D 196 -6.26 -35.35 -3.07
N VAL D 197 -5.52 -36.04 -2.21
CA VAL D 197 -5.82 -37.41 -1.94
C VAL D 197 -7.19 -37.48 -1.29
N TYR D 198 -7.46 -36.55 -0.37
CA TYR D 198 -8.77 -36.52 0.27
C TYR D 198 -9.90 -36.37 -0.76
N MET D 199 -9.74 -35.45 -1.71
CA MET D 199 -10.72 -35.31 -2.79
C MET D 199 -10.95 -36.63 -3.52
N ALA D 200 -9.86 -37.33 -3.81
CA ALA D 200 -9.94 -38.60 -4.50
C ALA D 200 -10.75 -39.60 -3.69
N GLU D 201 -10.54 -39.61 -2.37
CA GLU D 201 -11.25 -40.53 -1.49
C GLU D 201 -12.76 -40.26 -1.48
N VAL D 202 -13.12 -38.97 -1.48
CA VAL D 202 -14.53 -38.60 -1.58
C VAL D 202 -15.10 -39.06 -2.93
N ALA D 203 -14.34 -38.88 -4.01
CA ALA D 203 -14.79 -39.30 -5.34
C ALA D 203 -14.95 -40.82 -5.40
N GLN D 204 -13.99 -41.53 -4.80
CA GLN D 204 -14.07 -43.00 -4.67
C GLN D 204 -15.37 -43.44 -4.01
N LYS D 205 -15.77 -42.75 -2.95
CA LYS D 205 -16.98 -43.09 -2.21
C LYS D 205 -18.21 -42.94 -3.08
N VAL D 206 -18.30 -41.80 -3.76
CA VAL D 206 -19.42 -41.52 -4.64
C VAL D 206 -19.49 -42.59 -5.74
N ALA D 207 -18.32 -43.00 -6.25
CA ALA D 207 -18.24 -44.01 -7.31
C ALA D 207 -18.67 -45.40 -6.80
N LYS D 208 -18.31 -45.70 -5.56
CA LYS D 208 -18.68 -46.97 -4.92
C LYS D 208 -20.18 -47.01 -4.65
N GLU D 209 -20.73 -45.93 -4.10
CA GLU D 209 -22.17 -45.84 -3.87
C GLU D 209 -22.96 -45.94 -5.16
N ASN D 210 -22.40 -45.40 -6.24
CA ASN D 210 -23.14 -45.33 -7.49
C ASN D 210 -22.68 -46.31 -8.56
N HIS D 211 -21.85 -47.28 -8.18
CA HIS D 211 -21.30 -48.27 -9.09
C HIS D 211 -20.74 -47.60 -10.35
N LEU D 212 -20.01 -46.52 -10.14
CA LEU D 212 -19.35 -45.78 -11.21
C LEU D 212 -17.98 -46.35 -11.52
N GLU D 213 -17.55 -46.19 -12.77
CA GLU D 213 -16.17 -46.40 -13.13
C GLU D 213 -15.33 -45.23 -12.58
N ILE D 214 -14.16 -45.51 -12.03
CA ILE D 214 -13.31 -44.40 -11.56
C ILE D 214 -11.81 -44.64 -11.79
N HIS D 215 -11.12 -43.63 -12.32
CA HIS D 215 -9.66 -43.65 -12.41
C HIS D 215 -9.10 -42.51 -11.60
N VAL D 216 -8.06 -42.79 -10.83
CA VAL D 216 -7.37 -41.79 -10.05
C VAL D 216 -5.89 -41.84 -10.46
N HIS D 217 -5.47 -40.81 -11.18
CA HIS D 217 -4.12 -40.74 -11.73
C HIS D 217 -3.24 -39.86 -10.88
N ASP D 218 -1.94 -40.14 -10.85
CA ASP D 218 -0.98 -39.33 -10.10
C ASP D 218 -0.02 -38.54 -11.00
N GLU D 219 1.03 -37.99 -10.38
CA GLU D 219 1.97 -37.12 -11.09
C GLU D 219 2.73 -37.86 -12.21
N LYS D 220 2.92 -39.16 -12.06
CA LYS D 220 3.60 -39.93 -13.10
C LYS D 220 2.71 -40.07 -14.34
N PHE D 221 1.40 -40.24 -14.14
CA PHE D 221 0.44 -40.20 -15.25
C PHE D 221 0.42 -38.83 -15.94
N LEU D 222 0.34 -37.78 -15.13
CA LEU D 222 0.42 -36.41 -15.62
C LEU D 222 1.65 -36.23 -16.50
N GLU D 223 2.77 -36.75 -16.01
CA GLU D 223 4.04 -36.69 -16.72
C GLU D 223 4.00 -37.42 -18.06
N GLU D 224 3.43 -38.63 -18.07
CA GLU D 224 3.32 -39.40 -19.32
CA GLU D 224 3.32 -39.39 -19.31
C GLU D 224 2.43 -38.66 -20.32
N LYS D 225 1.40 -37.99 -19.82
CA LYS D 225 0.46 -37.28 -20.68
C LYS D 225 0.95 -35.89 -21.01
N LYS D 226 2.15 -35.56 -20.52
CA LYS D 226 2.76 -34.26 -20.80
C LYS D 226 1.90 -33.10 -20.30
N MET D 227 1.21 -33.30 -19.17
CA MET D 227 0.39 -32.24 -18.61
C MET D 227 1.24 -31.37 -17.70
N ASN D 228 2.14 -30.60 -18.31
CA ASN D 228 3.13 -29.84 -17.57
C ASN D 228 2.61 -28.53 -16.98
N ALA D 229 1.55 -27.96 -17.53
CA ALA D 229 0.94 -26.80 -16.89
C ALA D 229 0.37 -27.22 -15.51
N PHE D 230 -0.37 -28.32 -15.48
CA PHE D 230 -0.88 -28.95 -14.25
C PHE D 230 0.27 -29.22 -13.29
N LEU D 231 1.30 -29.91 -13.76
CA LEU D 231 2.42 -30.29 -12.89
C LEU D 231 3.16 -29.07 -12.32
N ALA D 232 3.25 -28.00 -13.12
CA ALA D 232 3.95 -26.79 -12.70
C ALA D 232 3.34 -26.20 -11.43
N VAL D 233 2.00 -26.14 -11.39
CA VAL D 233 1.27 -25.63 -10.23
C VAL D 233 1.53 -26.49 -8.99
N ASN D 234 1.67 -27.80 -9.20
CA ASN D 234 1.87 -28.72 -8.08
C ASN D 234 3.33 -28.79 -7.57
N LYS D 235 4.28 -28.31 -8.36
CA LYS D 235 5.70 -28.53 -8.06
C LYS D 235 6.12 -28.13 -6.64
N ALA D 236 5.67 -26.96 -6.17
CA ALA D 236 6.04 -26.50 -4.82
C ALA D 236 5.73 -27.54 -3.74
N SER D 237 4.62 -28.26 -3.90
CA SER D 237 4.07 -29.07 -2.82
C SER D 237 4.01 -30.56 -3.17
N LEU D 238 4.58 -30.91 -4.33
CA LEU D 238 4.63 -32.30 -4.81
C LEU D 238 5.03 -33.31 -3.74
N SER D 239 6.02 -32.97 -2.93
CA SER D 239 6.59 -33.92 -1.97
C SER D 239 5.76 -33.97 -0.69
N VAL D 240 4.90 -32.97 -0.48
CA VAL D 240 3.98 -32.97 0.65
C VAL D 240 2.65 -33.66 0.32
N ASN D 241 1.91 -33.07 -0.60
CA ASN D 241 0.68 -33.65 -1.10
C ASN D 241 0.71 -33.72 -2.62
N PRO D 242 0.93 -34.93 -3.17
CA PRO D 242 1.00 -35.13 -4.63
C PRO D 242 -0.34 -34.81 -5.29
N PRO D 243 -0.31 -34.49 -6.58
CA PRO D 243 -1.53 -34.13 -7.32
C PRO D 243 -2.38 -35.36 -7.67
N ARG D 244 -3.67 -35.15 -7.91
CA ARG D 244 -4.51 -36.24 -8.39
C ARG D 244 -5.38 -35.76 -9.55
N LEU D 245 -5.40 -36.54 -10.64
CA LEU D 245 -6.36 -36.38 -11.73
C LEU D 245 -7.46 -37.40 -11.51
N ILE D 246 -8.66 -36.91 -11.20
CA ILE D 246 -9.78 -37.78 -10.86
C ILE D 246 -10.74 -37.87 -12.04
N HIS D 247 -11.05 -39.09 -12.42
CA HIS D 247 -11.89 -39.32 -13.58
C HIS D 247 -13.02 -40.28 -13.24
N LEU D 248 -14.22 -39.73 -13.06
CA LEU D 248 -15.42 -40.53 -12.80
C LEU D 248 -16.17 -40.75 -14.10
N VAL D 249 -16.77 -41.91 -14.24
CA VAL D 249 -17.59 -42.16 -15.42
C VAL D 249 -18.91 -42.81 -15.04
N TYR D 250 -19.99 -42.16 -15.44
CA TYR D 250 -21.32 -42.71 -15.37
C TYR D 250 -21.77 -43.12 -16.77
N LYS D 251 -22.13 -44.38 -16.92
CA LYS D 251 -22.49 -44.91 -18.23
C LYS D 251 -23.77 -45.71 -18.13
N PRO D 252 -24.89 -45.10 -18.57
CA PRO D 252 -26.24 -45.67 -18.41
C PRO D 252 -26.60 -46.64 -19.54
N LYS D 253 -27.72 -47.32 -19.40
CA LYS D 253 -28.29 -48.17 -20.44
C LYS D 253 -28.41 -47.41 -21.75
N LYS D 254 -28.89 -46.18 -21.64
CA LYS D 254 -29.20 -45.36 -22.80
C LYS D 254 -28.46 -44.03 -22.69
N ALA D 255 -27.55 -43.76 -23.60
CA ALA D 255 -26.81 -42.50 -23.58
C ALA D 255 -27.06 -41.66 -24.84
N LYS D 256 -27.88 -40.63 -24.72
CA LYS D 256 -28.20 -39.77 -25.85
C LYS D 256 -27.09 -38.76 -26.13
N LYS D 257 -26.30 -38.48 -25.10
CA LYS D 257 -25.16 -37.56 -25.22
C LYS D 257 -23.97 -38.03 -24.38
N LYS D 258 -22.78 -37.65 -24.82
CA LYS D 258 -21.58 -37.80 -24.00
C LYS D 258 -21.19 -36.41 -23.43
N ILE D 259 -21.09 -36.33 -22.11
CA ILE D 259 -20.88 -35.05 -21.43
C ILE D 259 -19.66 -35.09 -20.53
N ALA D 260 -18.75 -34.15 -20.73
CA ALA D 260 -17.58 -34.04 -19.86
C ALA D 260 -17.73 -32.84 -18.94
N LEU D 261 -17.65 -33.12 -17.64
CA LEU D 261 -17.70 -32.09 -16.60
C LEU D 261 -16.31 -31.92 -15.95
N VAL D 262 -15.75 -30.72 -16.08
CA VAL D 262 -14.34 -30.52 -15.73
C VAL D 262 -14.18 -29.51 -14.58
N GLY D 263 -13.51 -29.93 -13.50
CA GLY D 263 -13.48 -29.12 -12.30
C GLY D 263 -12.11 -28.74 -11.77
N LYS D 264 -11.99 -27.46 -11.41
CA LYS D 264 -10.79 -26.98 -10.75
C LYS D 264 -10.75 -27.49 -9.31
N GLY D 265 -9.77 -28.34 -9.01
CA GLY D 265 -9.65 -28.86 -7.65
C GLY D 265 -8.48 -28.35 -6.83
N LEU D 266 -8.36 -27.03 -6.67
CA LEU D 266 -7.25 -26.47 -5.91
C LEU D 266 -7.59 -26.53 -4.43
N THR D 267 -7.01 -27.49 -3.71
CA THR D 267 -7.48 -27.79 -2.36
C THR D 267 -6.92 -26.76 -1.38
N TYR D 268 -5.85 -26.09 -1.80
CA TYR D 268 -5.47 -24.80 -1.24
C TYR D 268 -4.67 -23.97 -2.26
N ASP D 269 -4.89 -22.66 -2.22
CA ASP D 269 -4.24 -21.70 -3.12
C ASP D 269 -3.76 -20.51 -2.30
N CYS D 270 -2.45 -20.48 -2.04
CA CYS D 270 -1.85 -19.37 -1.29
C CYS D 270 -1.40 -18.29 -2.25
N GLY D 271 -1.48 -18.59 -3.54
CA GLY D 271 -1.07 -17.68 -4.61
C GLY D 271 0.23 -18.13 -5.27
N GLY D 272 0.97 -18.98 -4.57
CA GLY D 272 2.29 -19.40 -5.00
C GLY D 272 3.32 -18.34 -4.68
N LEU D 273 4.34 -18.23 -5.52
CA LEU D 273 5.36 -17.23 -5.31
C LEU D 273 4.75 -15.81 -5.34
N SER D 274 3.74 -15.64 -6.20
CA SER D 274 2.92 -14.42 -6.19
C SER D 274 1.95 -14.46 -5.01
N LEU D 275 2.50 -14.53 -3.80
CA LEU D 275 1.73 -14.76 -2.58
C LEU D 275 0.55 -13.80 -2.37
N LYS D 276 -0.58 -14.34 -1.93
CA LYS D 276 -1.75 -13.52 -1.62
C LYS D 276 -1.55 -12.72 -0.34
N PRO D 277 -2.08 -11.49 -0.29
CA PRO D 277 -2.16 -10.80 1.00
C PRO D 277 -2.96 -11.66 1.97
N ALA D 278 -2.69 -11.51 3.26
CA ALA D 278 -3.34 -12.32 4.29
C ALA D 278 -4.87 -12.25 4.20
N ASP D 279 -5.39 -11.06 3.93
CA ASP D 279 -6.82 -10.84 3.82
C ASP D 279 -7.49 -11.64 2.70
N TYR D 280 -6.73 -11.97 1.66
CA TYR D 280 -7.27 -12.68 0.51
C TYR D 280 -6.99 -14.18 0.55
N MET D 281 -6.17 -14.61 1.49
CA MET D 281 -5.83 -16.02 1.58
C MET D 281 -6.85 -16.82 2.41
N VAL D 282 -7.44 -16.16 3.41
CA VAL D 282 -8.56 -16.76 4.11
C VAL D 282 -9.64 -17.14 3.07
N THR D 283 -10.23 -18.33 3.25
CA THR D 283 -11.29 -18.95 2.41
C THR D 283 -10.78 -19.73 1.20
N MET D 284 -9.47 -19.75 0.98
CA MET D 284 -8.90 -20.42 -0.20
C MET D 284 -8.94 -21.95 -0.13
N LYS D 285 -9.37 -22.49 1.01
CA LYS D 285 -9.74 -23.90 1.05
C LYS D 285 -10.87 -24.19 0.05
N ALA D 286 -11.61 -23.14 -0.35
CA ALA D 286 -12.73 -23.31 -1.25
C ALA D 286 -12.34 -23.15 -2.73
N ASP D 287 -11.03 -23.10 -2.99
CA ASP D 287 -10.58 -23.02 -4.36
C ASP D 287 -10.82 -24.36 -5.06
N LYS D 288 -11.32 -25.34 -4.30
CA LYS D 288 -11.67 -26.64 -4.85
C LYS D 288 -13.18 -26.75 -5.12
N GLY D 289 -13.87 -25.62 -5.14
CA GLY D 289 -15.31 -25.60 -5.27
C GLY D 289 -15.78 -26.22 -6.58
N GLY D 290 -15.04 -25.97 -7.65
CA GLY D 290 -15.42 -26.45 -8.97
C GLY D 290 -15.26 -27.95 -9.07
N GLY D 291 -14.07 -28.43 -8.69
CA GLY D 291 -13.81 -29.86 -8.62
C GLY D 291 -14.82 -30.57 -7.72
N SER D 292 -15.17 -29.95 -6.59
CA SER D 292 -16.15 -30.57 -5.69
C SER D 292 -17.56 -30.63 -6.31
N ALA D 293 -17.95 -29.56 -7.02
CA ALA D 293 -19.22 -29.53 -7.73
C ALA D 293 -19.36 -30.70 -8.70
N VAL D 294 -18.26 -31.05 -9.36
CA VAL D 294 -18.26 -32.10 -10.36
C VAL D 294 -18.50 -33.46 -9.70
N ILE D 295 -17.84 -33.67 -8.55
CA ILE D 295 -18.06 -34.88 -7.77
C ILE D 295 -19.54 -35.03 -7.38
N GLY D 296 -20.13 -33.94 -6.89
CA GLY D 296 -21.53 -33.95 -6.51
C GLY D 296 -22.48 -34.13 -7.70
N LEU D 297 -22.08 -33.60 -8.85
CA LEU D 297 -22.89 -33.70 -10.07
C LEU D 297 -22.96 -35.15 -10.55
N LEU D 298 -21.88 -35.91 -10.38
CA LEU D 298 -21.96 -37.30 -10.81
C LEU D 298 -22.81 -38.09 -9.86
N ASN D 299 -22.81 -37.69 -8.59
CA ASN D 299 -23.72 -38.31 -7.65
C ASN D 299 -25.16 -38.03 -8.08
N ALA D 300 -25.48 -36.77 -8.35
CA ALA D 300 -26.85 -36.37 -8.70
C ALA D 300 -27.31 -36.97 -10.04
N LEU D 301 -26.44 -36.91 -11.04
CA LEU D 301 -26.81 -37.33 -12.39
C LEU D 301 -26.94 -38.85 -12.48
N ALA D 302 -26.08 -39.56 -11.77
CA ALA D 302 -26.18 -41.02 -11.72
C ALA D 302 -27.47 -41.46 -10.98
N LYS D 303 -27.75 -40.86 -9.82
CA LYS D 303 -28.94 -41.23 -9.05
C LYS D 303 -30.23 -40.79 -9.73
N LEU D 304 -30.19 -39.70 -10.49
CA LEU D 304 -31.34 -39.30 -11.28
C LEU D 304 -31.50 -40.19 -12.52
N GLY D 305 -30.43 -40.92 -12.85
CA GLY D 305 -30.45 -41.86 -13.97
C GLY D 305 -30.66 -41.20 -15.33
N VAL D 306 -30.04 -40.04 -15.51
CA VAL D 306 -30.13 -39.31 -16.77
C VAL D 306 -29.58 -40.17 -17.92
N GLU D 307 -30.14 -39.97 -19.11
CA GLU D 307 -29.74 -40.76 -20.26
C GLU D 307 -28.53 -40.16 -20.99
N ALA D 308 -27.40 -40.14 -20.31
CA ALA D 308 -26.20 -39.58 -20.90
C ALA D 308 -25.00 -40.19 -20.23
N GLU D 309 -23.93 -40.34 -21.01
CA GLU D 309 -22.66 -40.79 -20.45
C GLU D 309 -21.96 -39.56 -19.89
N VAL D 310 -21.73 -39.55 -18.59
CA VAL D 310 -21.17 -38.36 -17.96
C VAL D 310 -19.79 -38.67 -17.42
N HIS D 311 -18.83 -37.85 -17.83
CA HIS D 311 -17.48 -37.96 -17.31
C HIS D 311 -17.19 -36.80 -16.38
N GLY D 312 -16.74 -37.08 -15.17
CA GLY D 312 -16.34 -36.04 -14.26
C GLY D 312 -14.84 -36.06 -14.10
N ILE D 313 -14.22 -34.95 -14.46
CA ILE D 313 -12.77 -34.84 -14.48
C ILE D 313 -12.32 -33.74 -13.53
N ILE D 314 -11.53 -34.09 -12.52
CA ILE D 314 -11.12 -33.12 -11.50
C ILE D 314 -9.62 -33.07 -11.38
N GLY D 315 -9.05 -31.89 -11.61
CA GLY D 315 -7.62 -31.70 -11.42
C GLY D 315 -7.37 -31.19 -10.02
N ALA D 316 -6.79 -32.04 -9.18
CA ALA D 316 -6.60 -31.73 -7.76
C ALA D 316 -5.12 -31.52 -7.37
N THR D 317 -4.85 -30.38 -6.73
CA THR D 317 -3.51 -30.03 -6.25
C THR D 317 -3.61 -28.79 -5.39
N GLU D 318 -2.58 -28.51 -4.58
CA GLU D 318 -2.49 -27.19 -3.96
C GLU D 318 -1.64 -26.29 -4.84
N ASN D 319 -1.66 -25.00 -4.54
CA ASN D 319 -0.74 -24.02 -5.15
C ASN D 319 0.03 -23.38 -4.00
N MET D 320 1.13 -24.00 -3.62
CA MET D 320 1.88 -23.59 -2.45
C MET D 320 3.13 -22.81 -2.85
N ILE D 321 3.77 -22.23 -1.83
CA ILE D 321 4.98 -21.49 -2.04
C ILE D 321 6.12 -22.32 -1.41
N GLY D 322 7.29 -22.29 -2.02
CA GLY D 322 8.42 -23.07 -1.56
C GLY D 322 9.54 -22.97 -2.57
N PRO D 323 10.71 -23.55 -2.23
CA PRO D 323 11.87 -23.47 -3.12
C PRO D 323 11.68 -24.23 -4.45
N ALA D 324 10.63 -25.04 -4.59
CA ALA D 324 10.44 -25.73 -5.86
C ALA D 324 9.29 -25.13 -6.66
N ALA D 325 8.67 -24.08 -6.14
CA ALA D 325 7.52 -23.47 -6.81
C ALA D 325 7.83 -23.08 -8.26
N TYR D 326 6.86 -23.26 -9.15
CA TYR D 326 6.99 -22.70 -10.49
C TYR D 326 6.92 -21.18 -10.34
N LYS D 327 7.45 -20.46 -11.32
CA LYS D 327 7.81 -19.06 -11.12
C LYS D 327 7.23 -18.13 -12.17
N PRO D 328 6.99 -16.85 -11.79
CA PRO D 328 6.82 -15.81 -12.82
C PRO D 328 8.09 -15.89 -13.68
N ASP D 329 7.94 -15.92 -15.00
CA ASP D 329 8.99 -16.09 -16.06
C ASP D 329 9.07 -17.53 -16.56
N ASP D 330 8.38 -18.48 -15.93
CA ASP D 330 8.43 -19.85 -16.41
C ASP D 330 7.59 -19.91 -17.69
N ILE D 331 8.04 -20.74 -18.62
CA ILE D 331 7.28 -20.94 -19.83
C ILE D 331 6.92 -22.41 -19.97
N LEU D 332 5.63 -22.69 -19.84
CA LEU D 332 5.16 -24.05 -19.72
C LEU D 332 4.64 -24.56 -21.04
N ILE D 333 4.95 -25.82 -21.36
CA ILE D 333 4.38 -26.47 -22.55
C ILE D 333 3.13 -27.25 -22.15
N SER D 334 1.97 -26.71 -22.53
CA SER D 334 0.70 -27.35 -22.21
C SER D 334 0.58 -28.69 -22.93
N LYS D 335 -0.32 -29.55 -22.46
CA LYS D 335 -0.54 -30.84 -23.11
C LYS D 335 -0.98 -30.62 -24.56
N GLU D 336 -1.85 -29.66 -24.79
CA GLU D 336 -2.28 -29.33 -26.14
C GLU D 336 -1.10 -28.90 -27.01
N GLY D 337 -0.04 -28.43 -26.37
CA GLY D 337 1.17 -28.09 -27.09
C GLY D 337 1.49 -26.62 -27.13
N LYS D 338 0.48 -25.78 -26.88
CA LYS D 338 0.73 -24.35 -26.86
C LYS D 338 1.56 -24.02 -25.63
N SER D 339 2.44 -23.03 -25.77
CA SER D 339 3.29 -22.61 -24.65
C SER D 339 2.67 -21.47 -23.87
N ILE D 340 2.93 -21.45 -22.58
CA ILE D 340 2.34 -20.48 -21.70
C ILE D 340 3.42 -19.70 -20.96
N GLU D 341 3.47 -18.39 -21.16
CA GLU D 341 4.31 -17.53 -20.31
C GLU D 341 3.61 -17.27 -18.99
N VAL D 342 4.23 -17.70 -17.89
CA VAL D 342 3.72 -17.42 -16.55
C VAL D 342 4.24 -16.08 -16.03
N ARG D 343 3.33 -15.16 -15.74
CA ARG D 343 3.73 -13.87 -15.20
C ARG D 343 3.26 -13.69 -13.75
N ASN D 344 2.33 -14.54 -13.33
CA ASN D 344 1.75 -14.49 -11.98
C ASN D 344 1.29 -15.89 -11.57
N THR D 345 1.83 -16.39 -10.46
CA THR D 345 1.59 -17.77 -10.05
C THR D 345 0.24 -17.96 -9.40
N ASP D 346 -0.49 -16.86 -9.26
CA ASP D 346 -1.81 -16.85 -8.61
C ASP D 346 -2.90 -16.99 -9.68
N ALA D 347 -2.48 -17.04 -10.95
CA ALA D 347 -3.38 -17.45 -12.01
C ALA D 347 -3.11 -18.92 -12.35
N GLU D 348 -3.28 -19.78 -11.34
CA GLU D 348 -2.88 -21.19 -11.44
C GLU D 348 -4.01 -22.10 -11.91
N GLY D 349 -5.25 -21.70 -11.63
CA GLY D 349 -6.40 -22.49 -11.98
C GLY D 349 -6.51 -22.74 -13.48
N ARG D 350 -6.21 -21.72 -14.28
CA ARG D 350 -6.34 -21.83 -15.72
C ARG D 350 -5.27 -22.74 -16.32
N LEU D 351 -4.15 -22.88 -15.61
CA LEU D 351 -3.11 -23.84 -15.99
C LEU D 351 -3.55 -25.28 -15.74
N VAL D 352 -4.10 -25.53 -14.56
CA VAL D 352 -4.63 -26.85 -14.26
C VAL D 352 -5.73 -27.22 -15.26
N LEU D 353 -6.61 -26.27 -15.54
CA LEU D 353 -7.73 -26.53 -16.42
C LEU D 353 -7.27 -26.71 -17.87
N ALA D 354 -6.29 -25.92 -18.29
CA ALA D 354 -5.72 -26.07 -19.63
C ALA D 354 -5.46 -27.55 -19.94
N ASP D 355 -4.79 -28.22 -19.01
CA ASP D 355 -4.45 -29.62 -19.19
C ASP D 355 -5.66 -30.55 -18.97
N CYS D 356 -6.52 -30.22 -18.00
CA CYS D 356 -7.68 -31.07 -17.78
C CYS D 356 -8.68 -30.98 -18.93
N LEU D 357 -8.77 -29.82 -19.58
CA LEU D 357 -9.65 -29.67 -20.73
C LEU D 357 -9.12 -30.48 -21.89
N SER D 358 -7.80 -30.57 -21.97
CA SER D 358 -7.17 -31.31 -23.05
C SER D 358 -7.45 -32.82 -22.88
N TYR D 359 -7.30 -33.30 -21.66
CA TYR D 359 -7.69 -34.67 -21.30
C TYR D 359 -9.17 -34.93 -21.59
N ALA D 360 -10.02 -33.96 -21.27
CA ALA D 360 -11.45 -34.07 -21.49
C ALA D 360 -11.77 -34.21 -22.97
N GLN D 361 -11.09 -33.42 -23.80
CA GLN D 361 -11.36 -33.40 -25.24
C GLN D 361 -10.97 -34.70 -25.93
N ASP D 362 -9.99 -35.41 -25.40
CA ASP D 362 -9.57 -36.69 -25.96
C ASP D 362 -10.70 -37.71 -25.86
N LEU D 363 -11.68 -37.41 -25.01
CA LEU D 363 -12.82 -38.31 -24.82
C LEU D 363 -13.85 -38.14 -25.91
N ASN D 364 -13.64 -37.18 -26.80
CA ASN D 364 -14.64 -36.81 -27.80
C ASN D 364 -16.06 -36.63 -27.24
N PRO D 365 -16.22 -35.75 -26.23
CA PRO D 365 -17.57 -35.52 -25.70
C PRO D 365 -18.42 -34.69 -26.64
N ASP D 366 -19.74 -34.75 -26.48
CA ASP D 366 -20.64 -33.85 -27.19
C ASP D 366 -20.69 -32.47 -26.51
N VAL D 367 -20.53 -32.45 -25.19
CA VAL D 367 -20.61 -31.20 -24.44
C VAL D 367 -19.49 -31.18 -23.42
N ILE D 368 -18.85 -30.02 -23.27
CA ILE D 368 -17.88 -29.82 -22.21
C ILE D 368 -18.25 -28.61 -21.39
N VAL D 369 -18.39 -28.82 -20.08
CA VAL D 369 -18.59 -27.70 -19.17
C VAL D 369 -17.49 -27.72 -18.12
N ASP D 370 -16.84 -26.58 -17.91
CA ASP D 370 -15.88 -26.52 -16.81
C ASP D 370 -16.40 -25.61 -15.71
N PHE D 371 -16.05 -25.98 -14.48
CA PHE D 371 -16.41 -25.22 -13.30
C PHE D 371 -15.16 -24.85 -12.55
N ALA D 372 -15.01 -23.56 -12.25
CA ALA D 372 -13.86 -23.12 -11.47
C ALA D 372 -14.16 -21.88 -10.66
N THR D 373 -13.55 -21.83 -9.48
CA THR D 373 -13.41 -20.61 -8.72
C THR D 373 -12.22 -19.90 -9.31
N LEU D 374 -12.40 -19.30 -10.48
CA LEU D 374 -11.25 -18.90 -11.28
C LEU D 374 -10.76 -17.48 -11.01
N THR D 375 -11.65 -16.51 -10.96
CA THR D 375 -11.17 -15.12 -10.88
C THR D 375 -11.89 -14.26 -9.84
N GLY D 376 -11.13 -13.40 -9.17
CA GLY D 376 -11.68 -12.38 -8.31
C GLY D 376 -12.43 -11.33 -9.12
N ALA D 377 -11.98 -11.09 -10.35
CA ALA D 377 -12.58 -10.05 -11.20
C ALA D 377 -14.03 -10.40 -11.51
N CYS D 378 -14.33 -11.70 -11.57
CA CYS D 378 -15.70 -12.16 -11.75
C CYS D 378 -16.57 -11.67 -10.61
N VAL D 379 -16.03 -11.76 -9.40
CA VAL D 379 -16.75 -11.40 -8.19
C VAL D 379 -16.95 -9.89 -8.13
N VAL D 380 -15.89 -9.16 -8.45
CA VAL D 380 -15.97 -7.70 -8.55
C VAL D 380 -17.08 -7.32 -9.53
N GLY D 381 -17.22 -8.11 -10.60
CA GLY D 381 -18.14 -7.78 -11.67
C GLY D 381 -19.61 -8.07 -11.41
N LEU D 382 -19.89 -9.27 -10.91
CA LEU D 382 -21.25 -9.75 -10.79
C LEU D 382 -21.78 -9.78 -9.35
N GLY D 383 -20.88 -9.63 -8.39
CA GLY D 383 -21.23 -9.78 -6.99
C GLY D 383 -20.95 -11.20 -6.53
N GLU D 384 -20.97 -11.43 -5.22
CA GLU D 384 -20.63 -12.71 -4.63
C GLU D 384 -21.62 -13.83 -4.88
N PHE D 385 -22.82 -13.51 -5.36
CA PHE D 385 -23.91 -14.49 -5.34
C PHE D 385 -24.21 -15.11 -6.72
N THR D 386 -23.43 -14.69 -7.72
CA THR D 386 -23.73 -14.92 -9.12
C THR D 386 -22.51 -15.49 -9.88
N SER D 387 -22.72 -16.56 -10.64
CA SER D 387 -21.65 -17.16 -11.44
C SER D 387 -21.67 -16.64 -12.87
N ALA D 388 -20.52 -16.65 -13.53
CA ALA D 388 -20.42 -16.19 -14.91
C ALA D 388 -20.43 -17.36 -15.89
N ILE D 389 -21.15 -17.21 -17.01
CA ILE D 389 -21.16 -18.22 -18.07
C ILE D 389 -20.46 -17.69 -19.32
N MET D 390 -19.42 -18.39 -19.76
CA MET D 390 -18.70 -18.00 -20.96
C MET D 390 -18.65 -19.14 -22.00
N GLY D 391 -18.44 -18.76 -23.26
CA GLY D 391 -18.39 -19.71 -24.36
C GLY D 391 -18.70 -19.04 -25.69
N HIS D 392 -18.82 -19.82 -26.75
CA HIS D 392 -19.07 -19.27 -28.08
C HIS D 392 -20.49 -19.53 -28.53
N ASN D 393 -20.99 -20.71 -28.18
CA ASN D 393 -22.30 -21.16 -28.65
C ASN D 393 -23.39 -20.53 -27.82
N GLU D 394 -24.08 -19.55 -28.40
CA GLU D 394 -25.03 -18.73 -27.66
C GLU D 394 -26.21 -19.57 -27.20
N GLU D 395 -26.67 -20.45 -28.07
CA GLU D 395 -27.78 -21.35 -27.77
C GLU D 395 -27.45 -22.26 -26.59
N LEU D 396 -26.20 -22.69 -26.50
CA LEU D 396 -25.76 -23.52 -25.38
C LEU D 396 -25.64 -22.70 -24.07
N LYS D 397 -25.09 -21.49 -24.16
CA LYS D 397 -24.99 -20.63 -22.99
C LYS D 397 -26.38 -20.27 -22.50
N ASN D 398 -27.30 -19.98 -23.42
CA ASN D 398 -28.68 -19.65 -23.05
C ASN D 398 -29.40 -20.80 -22.35
N LEU D 399 -29.11 -22.02 -22.77
CA LEU D 399 -29.75 -23.17 -22.16
C LEU D 399 -29.26 -23.31 -20.72
N PHE D 400 -27.96 -23.15 -20.55
CA PHE D 400 -27.37 -23.22 -19.22
C PHE D 400 -27.92 -22.10 -18.35
N GLU D 401 -27.99 -20.90 -18.90
CA GLU D 401 -28.48 -19.77 -18.11
C GLU D 401 -29.93 -19.94 -17.70
N THR D 402 -30.81 -20.31 -18.63
CA THR D 402 -32.24 -20.41 -18.35
CA THR D 402 -32.23 -20.38 -18.32
C THR D 402 -32.55 -21.54 -17.38
N SER D 403 -31.94 -22.70 -17.63
CA SER D 403 -32.14 -23.85 -16.75
C SER D 403 -31.56 -23.60 -15.37
N GLY D 404 -30.41 -22.93 -15.34
CA GLY D 404 -29.72 -22.65 -14.09
C GLY D 404 -30.51 -21.70 -13.20
N LEU D 405 -31.04 -20.63 -13.80
CA LEU D 405 -31.87 -19.70 -13.07
C LEU D 405 -33.10 -20.40 -12.49
N GLU D 406 -33.71 -21.29 -13.26
CA GLU D 406 -34.93 -22.00 -12.81
C GLU D 406 -34.61 -22.94 -11.66
N SER D 407 -33.38 -23.44 -11.63
CA SER D 407 -32.95 -24.30 -10.54
C SER D 407 -32.67 -23.47 -9.27
N GLY D 408 -32.70 -22.14 -9.39
CA GLY D 408 -32.49 -21.27 -8.23
C GLY D 408 -31.07 -20.74 -8.04
N GLU D 409 -30.19 -20.99 -9.01
CA GLU D 409 -28.85 -20.43 -8.97
C GLU D 409 -28.85 -19.12 -9.74
N LEU D 410 -28.05 -18.14 -9.30
CA LEU D 410 -27.93 -16.88 -10.02
C LEU D 410 -26.77 -16.95 -11.02
N LEU D 411 -27.04 -16.56 -12.26
CA LEU D 411 -26.05 -16.59 -13.36
C LEU D 411 -26.16 -15.38 -14.25
N ALA D 412 -25.06 -15.11 -14.98
CA ALA D 412 -25.05 -14.08 -16.03
C ALA D 412 -24.07 -14.52 -17.12
N LYS D 413 -24.39 -14.24 -18.37
CA LYS D 413 -23.44 -14.50 -19.45
C LYS D 413 -22.49 -13.33 -19.56
N LEU D 414 -21.20 -13.60 -19.77
CA LEU D 414 -20.26 -12.52 -20.06
C LEU D 414 -19.67 -12.73 -21.46
N PRO D 415 -19.70 -11.70 -22.31
CA PRO D 415 -19.32 -11.87 -23.71
C PRO D 415 -17.82 -11.68 -23.97
N PHE D 416 -17.28 -12.56 -24.81
CA PHE D 416 -15.94 -12.41 -25.37
C PHE D 416 -15.95 -11.23 -26.35
N ASN D 417 -14.78 -10.68 -26.63
CA ASN D 417 -14.63 -9.85 -27.83
C ASN D 417 -13.17 -9.85 -28.26
N ARG D 418 -12.92 -9.28 -29.43
CA ARG D 418 -11.61 -9.41 -30.08
C ARG D 418 -10.57 -8.56 -29.37
N HIS D 419 -11.00 -7.47 -28.74
CA HIS D 419 -10.09 -6.58 -28.06
C HIS D 419 -9.50 -7.25 -26.82
N LEU D 420 -10.35 -7.97 -26.08
CA LEU D 420 -9.89 -8.62 -24.87
C LEU D 420 -8.93 -9.75 -25.20
N LYS D 421 -9.21 -10.45 -26.30
CA LYS D 421 -8.40 -11.59 -26.70
C LYS D 421 -6.94 -11.19 -26.93
N LYS D 422 -6.74 -9.95 -27.38
CA LYS D 422 -5.39 -9.44 -27.62
C LYS D 422 -4.57 -9.26 -26.33
N LEU D 423 -5.24 -9.22 -25.18
CA LEU D 423 -4.58 -8.83 -23.95
C LEU D 423 -3.83 -9.98 -23.29
N ILE D 424 -4.04 -11.20 -23.78
CA ILE D 424 -3.33 -12.36 -23.23
C ILE D 424 -2.24 -12.86 -24.17
N GLU D 425 -1.84 -12.02 -25.12
CA GLU D 425 -0.72 -12.32 -26.00
C GLU D 425 0.57 -12.28 -25.21
N SER D 426 1.55 -13.05 -25.68
CA SER D 426 2.88 -13.05 -25.08
C SER D 426 3.94 -12.77 -26.15
N LYS D 427 4.98 -12.03 -25.77
CA LYS D 427 6.09 -11.74 -26.67
C LYS D 427 7.02 -12.93 -26.80
N ILE D 428 6.98 -13.85 -25.85
CA ILE D 428 7.93 -14.95 -25.83
C ILE D 428 7.28 -16.33 -25.72
N ALA D 429 5.96 -16.38 -25.77
CA ALA D 429 5.23 -17.65 -25.78
C ALA D 429 3.93 -17.52 -26.58
N ASP D 430 3.21 -18.62 -26.74
CA ASP D 430 1.96 -18.60 -27.50
C ASP D 430 0.86 -17.84 -26.77
N VAL D 431 0.89 -17.87 -25.45
CA VAL D 431 -0.11 -17.16 -24.65
C VAL D 431 0.45 -16.83 -23.25
N CYS D 432 -0.08 -15.77 -22.67
CA CYS D 432 0.28 -15.35 -21.32
C CYS D 432 -0.78 -15.74 -20.30
N ASN D 433 -0.40 -16.26 -19.13
CA ASN D 433 -1.40 -16.69 -18.17
C ASN D 433 -2.09 -15.55 -17.41
N ILE D 434 -1.67 -14.30 -17.66
CA ILE D 434 -2.44 -13.15 -17.18
C ILE D 434 -2.66 -12.13 -18.28
N SER D 435 -3.64 -11.25 -18.07
CA SER D 435 -3.91 -10.17 -18.99
C SER D 435 -2.94 -9.00 -18.80
N SER D 436 -2.68 -8.25 -19.87
CA SER D 436 -1.90 -7.02 -19.73
C SER D 436 -2.72 -5.87 -19.12
N SER D 437 -4.02 -6.06 -18.95
CA SER D 437 -4.89 -5.01 -18.42
C SER D 437 -5.45 -5.36 -17.05
N ARG D 438 -5.78 -4.34 -16.27
CA ARG D 438 -6.43 -4.53 -14.97
C ARG D 438 -7.92 -4.86 -15.12
N TYR D 439 -8.40 -4.81 -16.36
CA TYR D 439 -9.83 -4.88 -16.64
C TYR D 439 -10.24 -6.06 -17.52
N GLY D 440 -11.31 -6.74 -17.14
CA GLY D 440 -11.86 -7.82 -17.94
C GLY D 440 -11.37 -9.19 -17.51
N GLY D 441 -10.82 -9.21 -16.29
CA GLY D 441 -10.21 -10.40 -15.72
C GLY D 441 -10.92 -11.72 -15.90
N ALA D 442 -12.21 -11.80 -15.54
CA ALA D 442 -12.94 -13.06 -15.65
C ALA D 442 -13.02 -13.53 -17.09
N ILE D 443 -13.11 -12.58 -18.01
CA ILE D 443 -13.36 -12.88 -19.41
C ILE D 443 -12.05 -13.22 -20.11
N THR D 444 -10.98 -12.48 -19.80
CA THR D 444 -9.71 -12.82 -20.42
C THR D 444 -9.26 -14.18 -19.87
N ALA D 445 -9.62 -14.51 -18.63
CA ALA D 445 -9.38 -15.87 -18.15
C ALA D 445 -10.16 -16.87 -19.01
N GLY D 446 -11.37 -16.51 -19.43
CA GLY D 446 -12.16 -17.38 -20.27
C GLY D 446 -11.49 -17.53 -21.62
N LEU D 447 -10.95 -16.43 -22.13
CA LEU D 447 -10.26 -16.46 -23.41
C LEU D 447 -8.92 -17.20 -23.32
N PHE D 448 -8.32 -17.23 -22.13
CA PHE D 448 -7.15 -18.08 -21.94
C PHE D 448 -7.52 -19.56 -22.09
N LEU D 449 -8.58 -19.97 -21.40
CA LEU D 449 -9.06 -21.34 -21.49
C LEU D 449 -9.37 -21.67 -22.96
N ASN D 450 -9.94 -20.72 -23.68
CA ASN D 450 -10.30 -20.92 -25.08
C ASN D 450 -9.10 -21.31 -25.96
N GLU D 451 -7.91 -20.83 -25.64
CA GLU D 451 -6.73 -21.15 -26.47
C GLU D 451 -6.39 -22.64 -26.43
N PHE D 452 -6.99 -23.35 -25.49
CA PHE D 452 -6.74 -24.79 -25.30
C PHE D 452 -7.94 -25.64 -25.69
N ILE D 453 -9.00 -24.98 -26.13
CA ILE D 453 -10.14 -25.67 -26.66
C ILE D 453 -9.94 -25.81 -28.17
N ARG D 454 -9.82 -27.04 -28.65
CA ARG D 454 -9.68 -27.29 -30.07
C ARG D 454 -10.88 -26.76 -30.87
N ASP D 455 -10.63 -26.36 -32.12
CA ASP D 455 -11.67 -25.77 -32.96
C ASP D 455 -12.94 -26.60 -33.00
N GLU D 456 -12.78 -27.92 -32.96
CA GLU D 456 -13.92 -28.79 -33.12
C GLU D 456 -14.72 -28.96 -31.83
N PHE D 457 -14.25 -28.32 -30.75
CA PHE D 457 -14.96 -28.34 -29.49
C PHE D 457 -15.38 -26.94 -29.03
N LYS D 458 -15.02 -25.90 -29.78
CA LYS D 458 -15.31 -24.54 -29.34
C LYS D 458 -16.82 -24.26 -29.22
N ASP D 459 -17.63 -24.93 -30.05
CA ASP D 459 -19.09 -24.75 -30.00
C ASP D 459 -19.77 -25.78 -29.13
N LYS D 460 -18.98 -26.59 -28.43
CA LYS D 460 -19.51 -27.58 -27.52
C LYS D 460 -19.12 -27.27 -26.09
N TRP D 461 -18.58 -26.08 -25.87
CA TRP D 461 -17.90 -25.78 -24.61
C TRP D 461 -18.54 -24.63 -23.81
N LEU D 462 -18.75 -24.88 -22.52
CA LEU D 462 -19.13 -23.84 -21.57
C LEU D 462 -18.11 -23.70 -20.47
N HIS D 463 -17.81 -22.45 -20.10
CA HIS D 463 -16.99 -22.16 -18.93
C HIS D 463 -17.81 -21.42 -17.88
N ILE D 464 -17.85 -21.96 -16.66
CA ILE D 464 -18.64 -21.36 -15.57
C ILE D 464 -17.71 -20.97 -14.43
N ASP D 465 -17.62 -19.66 -14.19
CA ASP D 465 -16.80 -19.12 -13.11
C ASP D 465 -17.67 -18.94 -11.88
N ILE D 466 -17.46 -19.80 -10.89
CA ILE D 466 -18.25 -19.78 -9.66
C ILE D 466 -17.45 -19.21 -8.48
N ALA D 467 -16.46 -18.37 -8.76
CA ALA D 467 -15.59 -17.82 -7.69
C ALA D 467 -16.40 -17.09 -6.63
N GLY D 468 -17.50 -16.46 -7.05
CA GLY D 468 -18.41 -15.80 -6.13
C GLY D 468 -19.14 -16.74 -5.19
N PRO D 469 -20.20 -17.39 -5.71
CA PRO D 469 -21.14 -18.09 -4.81
C PRO D 469 -20.63 -19.42 -4.27
N ALA D 470 -19.47 -19.90 -4.72
CA ALA D 470 -19.00 -21.20 -4.25
C ALA D 470 -18.76 -21.22 -2.76
N TYR D 471 -18.35 -20.08 -2.22
CA TYR D 471 -18.06 -19.97 -0.80
C TYR D 471 -18.27 -18.53 -0.38
N VAL D 472 -19.10 -18.34 0.65
CA VAL D 472 -19.55 -17.01 1.06
C VAL D 472 -19.58 -16.99 2.58
N GLU D 473 -18.99 -15.96 3.19
CA GLU D 473 -18.89 -15.93 4.65
C GLU D 473 -20.11 -15.33 5.35
N LYS D 474 -21.29 -15.74 4.88
CA LYS D 474 -22.56 -15.49 5.58
C LYS D 474 -23.62 -16.43 5.06
N GLU D 475 -24.74 -16.53 5.76
CA GLU D 475 -25.89 -17.25 5.23
C GLU D 475 -26.59 -16.39 4.20
N TRP D 476 -27.05 -17.05 3.14
CA TRP D 476 -27.82 -16.38 2.11
C TRP D 476 -28.64 -17.43 1.38
N ASP D 477 -29.88 -17.08 1.02
CA ASP D 477 -30.80 -18.02 0.37
C ASP D 477 -30.81 -19.37 1.13
N VAL D 478 -30.58 -20.48 0.43
CA VAL D 478 -30.60 -21.79 1.06
C VAL D 478 -29.21 -22.24 1.50
N ASN D 479 -28.28 -21.31 1.61
CA ASN D 479 -26.89 -21.63 1.87
C ASN D 479 -26.44 -21.19 3.24
N SER D 480 -25.83 -22.12 3.96
CA SER D 480 -25.24 -21.82 5.25
C SER D 480 -23.91 -21.14 5.03
N PHE D 481 -23.34 -20.58 6.10
CA PHE D 481 -22.04 -19.95 6.07
C PHE D 481 -21.02 -20.91 5.46
N GLY D 482 -20.20 -20.40 4.52
CA GLY D 482 -19.20 -21.24 3.90
C GLY D 482 -19.61 -21.77 2.53
N ALA D 483 -19.45 -23.08 2.33
CA ALA D 483 -19.74 -23.67 1.01
C ALA D 483 -21.23 -23.64 0.69
N SER D 484 -21.54 -23.51 -0.60
CA SER D 484 -22.92 -23.46 -1.08
C SER D 484 -23.32 -24.64 -1.96
N GLY D 485 -22.33 -25.25 -2.61
CA GLY D 485 -22.61 -26.27 -3.60
C GLY D 485 -22.96 -25.65 -4.94
N ALA D 486 -22.49 -24.42 -5.16
CA ALA D 486 -22.79 -23.70 -6.40
C ALA D 486 -22.41 -24.53 -7.63
N GLY D 487 -23.26 -24.48 -8.64
CA GLY D 487 -23.01 -25.16 -9.91
C GLY D 487 -23.73 -26.49 -10.05
N VAL D 488 -23.89 -27.19 -8.93
CA VAL D 488 -24.55 -28.50 -8.94
C VAL D 488 -26.00 -28.44 -9.43
N ARG D 489 -26.81 -27.56 -8.86
CA ARG D 489 -28.20 -27.46 -9.30
C ARG D 489 -28.37 -26.98 -10.74
N ALA D 490 -27.55 -26.00 -11.11
CA ALA D 490 -27.68 -25.38 -12.43
C ALA D 490 -27.31 -26.36 -13.53
N CYS D 491 -26.26 -27.15 -13.31
CA CYS D 491 -25.77 -28.07 -14.33
C CYS D 491 -26.68 -29.28 -14.43
N THR D 492 -27.26 -29.68 -13.31
CA THR D 492 -28.20 -30.77 -13.32
C THR D 492 -29.40 -30.41 -14.21
N ALA D 493 -29.95 -29.21 -13.99
CA ALA D 493 -31.08 -28.75 -14.79
C ALA D 493 -30.69 -28.61 -16.27
N PHE D 494 -29.49 -28.09 -16.51
CA PHE D 494 -28.97 -27.93 -17.86
C PHE D 494 -28.94 -29.27 -18.60
N VAL D 495 -28.47 -30.31 -17.91
CA VAL D 495 -28.35 -31.61 -18.51
C VAL D 495 -29.73 -32.17 -18.82
N GLU D 496 -30.64 -32.08 -17.86
CA GLU D 496 -32.00 -32.56 -18.05
C GLU D 496 -32.70 -31.87 -19.23
N GLU D 497 -32.52 -30.56 -19.34
CA GLU D 497 -33.13 -29.82 -20.44
C GLU D 497 -32.50 -30.22 -21.78
N LEU D 498 -31.19 -30.43 -21.76
CA LEU D 498 -30.43 -30.78 -22.95
C LEU D 498 -30.87 -32.13 -23.52
N LEU D 499 -31.02 -33.11 -22.64
CA LEU D 499 -31.46 -34.45 -23.03
C LEU D 499 -32.90 -34.45 -23.54
N LYS D 500 -33.70 -33.49 -23.11
CA LYS D 500 -35.07 -33.36 -23.59
C LYS D 500 -35.11 -33.06 -25.09
N LYS D 501 -34.16 -32.25 -25.56
CA LYS D 501 -34.10 -31.83 -26.95
C LYS D 501 -33.38 -32.85 -27.82
N ALA D 502 -32.78 -33.84 -27.17
CA ALA D 502 -32.04 -34.89 -27.87
C ALA D 502 -32.91 -36.12 -28.08
N MET E 7 22.36 -17.27 -38.28
CA MET E 7 23.23 -16.10 -38.40
C MET E 7 23.03 -15.44 -39.76
N LEU E 8 23.30 -14.13 -39.84
CA LEU E 8 23.28 -13.44 -41.12
C LEU E 8 24.67 -13.47 -41.74
N LYS E 9 24.83 -14.29 -42.77
CA LYS E 9 26.11 -14.36 -43.47
C LYS E 9 26.44 -13.03 -44.13
N ILE E 10 27.62 -12.51 -43.87
CA ILE E 10 28.05 -11.30 -44.56
C ILE E 10 29.16 -11.68 -45.54
N LYS E 11 29.04 -11.24 -46.79
CA LYS E 11 30.08 -11.48 -47.79
C LYS E 11 30.69 -10.16 -48.26
N LEU E 12 32.00 -10.03 -48.13
CA LEU E 12 32.66 -8.82 -48.58
C LEU E 12 32.94 -8.95 -50.07
N GLU E 13 32.59 -7.95 -50.86
CA GLU E 13 32.83 -8.06 -52.30
C GLU E 13 33.49 -6.83 -52.87
N LYS E 14 34.55 -7.07 -53.66
CA LYS E 14 35.32 -6.02 -54.28
C LYS E 14 34.66 -5.55 -55.57
N THR E 15 33.71 -4.63 -55.43
CA THR E 15 32.97 -4.12 -56.57
C THR E 15 32.19 -2.88 -56.19
N THR E 16 31.50 -2.29 -57.16
CA THR E 16 30.61 -1.18 -56.89
C THR E 16 29.28 -1.71 -56.34
N PHE E 17 28.58 -0.84 -55.64
CA PHE E 17 27.26 -1.16 -55.10
C PHE E 17 26.33 -1.61 -56.24
N GLU E 18 26.37 -0.86 -57.33
CA GLU E 18 25.49 -1.08 -58.47
C GLU E 18 25.73 -2.43 -59.13
N ASN E 19 26.98 -2.85 -59.25
CA ASN E 19 27.32 -4.11 -59.93
C ASN E 19 27.23 -5.33 -59.03
N ALA E 20 27.19 -5.10 -57.71
CA ALA E 20 26.95 -6.18 -56.78
C ALA E 20 25.55 -6.74 -57.02
N LYS E 21 25.37 -8.04 -56.79
CA LYS E 21 24.08 -8.66 -57.03
C LYS E 21 23.46 -9.24 -55.75
N ALA E 22 22.20 -8.90 -55.53
CA ALA E 22 21.41 -9.48 -54.45
C ALA E 22 19.92 -9.35 -54.77
N GLU E 23 19.07 -10.00 -54.00
CA GLU E 23 17.64 -9.98 -54.30
C GLU E 23 16.99 -8.65 -53.91
N CYS E 24 17.67 -7.87 -53.06
CA CYS E 24 17.19 -6.52 -52.77
C CYS E 24 18.35 -5.64 -52.33
N SER E 25 18.11 -4.34 -52.22
CA SER E 25 19.14 -3.40 -51.82
C SER E 25 18.75 -2.70 -50.52
N LEU E 26 19.76 -2.25 -49.79
CA LEU E 26 19.60 -1.39 -48.63
C LEU E 26 20.39 -0.10 -48.83
N VAL E 27 19.73 1.04 -48.73
CA VAL E 27 20.44 2.32 -48.73
C VAL E 27 20.09 3.13 -47.50
N PHE E 28 21.09 3.63 -46.79
CA PHE E 28 20.80 4.49 -45.67
C PHE E 28 20.54 5.91 -46.12
N ILE E 29 19.53 6.55 -45.53
CA ILE E 29 19.30 7.97 -45.75
C ILE E 29 19.75 8.75 -44.51
N ILE E 30 20.84 9.49 -44.65
CA ILE E 30 21.39 10.23 -43.52
C ILE E 30 20.93 11.68 -43.50
N ASN E 31 20.32 12.08 -42.38
CA ASN E 31 19.92 13.45 -42.13
C ASN E 31 19.04 14.01 -43.25
N LYS E 32 18.12 13.17 -43.71
CA LYS E 32 17.08 13.55 -44.68
C LYS E 32 17.63 13.97 -46.06
N ASP E 33 18.87 13.56 -46.34
CA ASP E 33 19.53 13.88 -47.62
C ASP E 33 19.30 12.77 -48.65
N PHE E 34 18.45 13.04 -49.63
CA PHE E 34 18.08 12.03 -50.63
C PHE E 34 18.80 12.19 -51.97
N SER E 35 19.96 12.85 -51.96
CA SER E 35 20.61 13.26 -53.20
C SER E 35 21.55 12.22 -53.82
N HIS E 36 21.89 11.18 -53.09
CA HIS E 36 22.89 10.21 -53.54
C HIS E 36 22.35 9.36 -54.69
N ALA E 37 23.27 8.89 -55.53
CA ALA E 37 22.93 8.14 -56.74
C ALA E 37 22.19 6.84 -56.43
N TRP E 38 22.46 6.28 -55.25
CA TRP E 38 21.85 5.01 -54.87
C TRP E 38 20.36 5.17 -54.60
N VAL E 39 19.90 6.40 -54.38
CA VAL E 39 18.46 6.65 -54.30
C VAL E 39 17.92 6.61 -55.73
N LYS E 40 17.59 5.42 -56.20
CA LYS E 40 17.29 5.19 -57.61
C LYS E 40 16.07 5.98 -58.08
N ASN E 41 15.00 5.99 -57.28
CA ASN E 41 13.79 6.73 -57.62
C ASN E 41 13.41 7.72 -56.51
N LYS E 42 13.93 8.94 -56.61
CA LYS E 42 13.73 9.95 -55.58
C LYS E 42 12.30 10.46 -55.57
N GLU E 43 11.68 10.50 -56.75
CA GLU E 43 10.30 10.94 -56.89
C GLU E 43 9.33 10.07 -56.07
N LEU E 44 9.51 8.76 -56.15
CA LEU E 44 8.65 7.83 -55.42
C LEU E 44 8.60 8.19 -53.93
N LEU E 45 9.77 8.47 -53.37
CA LEU E 45 9.87 8.77 -51.95
C LEU E 45 9.09 10.05 -51.62
N GLU E 46 9.10 11.01 -52.53
CA GLU E 46 8.39 12.26 -52.31
C GLU E 46 6.89 12.07 -52.36
N THR E 47 6.42 11.34 -53.38
CA THR E 47 5.00 11.07 -53.56
C THR E 47 4.38 10.43 -52.31
N PHE E 48 5.10 9.48 -51.70
CA PHE E 48 4.59 8.75 -50.56
C PHE E 48 5.11 9.30 -49.23
N LYS E 49 5.61 10.53 -49.27
CA LYS E 49 5.99 11.28 -48.07
C LYS E 49 7.02 10.59 -47.18
N TYR E 50 7.96 9.86 -47.76
CA TYR E 50 9.07 9.35 -46.96
C TYR E 50 10.06 10.48 -46.73
N GLU E 51 10.30 10.81 -45.47
CA GLU E 51 11.15 11.93 -45.11
C GLU E 51 12.35 11.51 -44.26
N GLY E 52 12.66 10.23 -44.28
CA GLY E 52 13.89 9.75 -43.67
C GLY E 52 13.73 9.19 -42.27
N GLU E 53 12.49 9.05 -41.81
CA GLU E 53 12.25 8.45 -40.50
C GLU E 53 11.81 6.99 -40.63
N GLY E 54 12.58 6.11 -40.01
CA GLY E 54 12.32 4.69 -40.10
C GLY E 54 12.66 4.16 -41.47
N VAL E 55 11.96 3.11 -41.89
CA VAL E 55 12.26 2.48 -43.16
C VAL E 55 11.17 2.74 -44.18
N PHE E 56 11.55 2.65 -45.45
CA PHE E 56 10.62 2.75 -46.58
C PHE E 56 11.11 1.84 -47.69
N LEU E 57 10.20 1.07 -48.27
CA LEU E 57 10.60 0.11 -49.28
C LEU E 57 10.11 0.54 -50.67
N ASP E 58 11.06 0.84 -51.55
CA ASP E 58 10.79 1.05 -52.97
C ASP E 58 10.49 -0.32 -53.56
N GLN E 59 9.22 -0.61 -53.75
CA GLN E 59 8.79 -1.93 -54.15
C GLN E 59 9.33 -2.31 -55.52
N GLU E 60 9.16 -1.41 -56.48
CA GLU E 60 9.50 -1.68 -57.88
C GLU E 60 10.98 -1.92 -58.04
N ASN E 61 11.79 -1.14 -57.33
CA ASN E 61 13.24 -1.23 -57.39
C ASN E 61 13.81 -2.18 -56.32
N LYS E 62 12.95 -2.64 -55.42
CA LYS E 62 13.33 -3.56 -54.35
C LYS E 62 14.43 -2.97 -53.49
N ILE E 63 14.27 -1.68 -53.16
CA ILE E 63 15.22 -0.95 -52.33
C ILE E 63 14.62 -0.59 -50.98
N LEU E 64 15.25 -1.03 -49.90
CA LEU E 64 14.86 -0.59 -48.57
C LEU E 64 15.70 0.62 -48.15
N TYR E 65 15.04 1.73 -47.90
CA TYR E 65 15.72 2.87 -47.31
C TYR E 65 15.60 2.81 -45.80
N ALA E 66 16.68 3.15 -45.10
CA ALA E 66 16.65 3.21 -43.64
C ALA E 66 17.22 4.54 -43.16
N GLY E 67 16.43 5.29 -42.41
CA GLY E 67 16.82 6.62 -41.98
C GLY E 67 17.80 6.60 -40.84
N VAL E 68 18.76 7.51 -40.91
CA VAL E 68 19.77 7.69 -39.86
C VAL E 68 19.77 9.16 -39.50
N LYS E 69 19.13 9.51 -38.38
CA LYS E 69 18.75 10.90 -38.11
C LYS E 69 19.93 11.88 -38.21
N GLU E 70 21.10 11.46 -37.75
CA GLU E 70 22.32 12.26 -37.94
C GLU E 70 23.47 11.38 -38.41
N ASP E 71 24.53 12.01 -38.89
CA ASP E 71 25.72 11.27 -39.25
C ASP E 71 26.41 10.76 -37.98
N ASP E 72 26.01 9.58 -37.54
CA ASP E 72 26.42 9.07 -36.23
C ASP E 72 26.60 7.55 -36.27
N VAL E 73 27.76 7.08 -35.82
CA VAL E 73 28.09 5.66 -35.90
C VAL E 73 27.07 4.81 -35.12
N HIS E 74 26.57 5.36 -34.02
CA HIS E 74 25.64 4.61 -33.18
C HIS E 74 24.27 4.52 -33.80
N LEU E 75 23.84 5.58 -34.49
CA LEU E 75 22.52 5.54 -35.13
C LEU E 75 22.56 4.65 -36.38
N LEU E 76 23.73 4.58 -37.02
CA LEU E 76 23.97 3.66 -38.14
C LEU E 76 23.81 2.22 -37.71
N ARG E 77 24.40 1.88 -36.56
CA ARG E 77 24.30 0.53 -36.01
C ARG E 77 22.83 0.18 -35.76
N GLU E 78 22.11 1.12 -35.15
CA GLU E 78 20.70 0.92 -34.86
C GLU E 78 19.89 0.72 -36.14
N SER E 79 20.13 1.55 -37.14
CA SER E 79 19.38 1.48 -38.40
C SER E 79 19.65 0.20 -39.16
N ALA E 80 20.89 -0.25 -39.16
CA ALA E 80 21.24 -1.52 -39.79
C ALA E 80 20.40 -2.65 -39.21
N CYS E 81 20.34 -2.66 -37.89
CA CYS E 81 19.56 -3.64 -37.17
C CYS E 81 18.09 -3.58 -37.57
N LEU E 82 17.56 -2.36 -37.62
CA LEU E 82 16.17 -2.16 -38.05
C LEU E 82 15.96 -2.66 -39.48
N ALA E 83 16.93 -2.39 -40.36
CA ALA E 83 16.79 -2.78 -41.75
C ALA E 83 16.62 -4.30 -41.83
N VAL E 84 17.46 -5.02 -41.11
CA VAL E 84 17.47 -6.46 -41.18
C VAL E 84 16.24 -7.04 -40.45
N ARG E 85 15.80 -6.35 -39.40
CA ARG E 85 14.55 -6.75 -38.73
C ARG E 85 13.41 -6.68 -39.73
N THR E 86 13.37 -5.58 -40.50
CA THR E 86 12.33 -5.36 -41.50
C THR E 86 12.40 -6.39 -42.63
N LEU E 87 13.62 -6.69 -43.08
CA LEU E 87 13.84 -7.60 -44.19
C LEU E 87 13.59 -9.06 -43.81
N LYS E 88 13.70 -9.34 -42.52
CA LYS E 88 13.56 -10.70 -42.02
C LYS E 88 12.16 -11.26 -42.29
N LYS E 89 11.19 -10.36 -42.42
CA LYS E 89 9.81 -10.78 -42.55
C LYS E 89 9.38 -10.88 -44.02
N LEU E 90 10.33 -10.58 -44.91
CA LEU E 90 10.06 -10.57 -46.35
C LEU E 90 10.55 -11.83 -47.03
N ALA E 91 10.52 -11.83 -48.36
CA ALA E 91 10.82 -13.04 -49.13
C ALA E 91 12.18 -12.98 -49.84
N PHE E 92 13.02 -12.01 -49.49
CA PHE E 92 14.33 -11.89 -50.14
C PHE E 92 15.41 -12.70 -49.43
N LYS E 93 16.13 -13.52 -50.19
CA LYS E 93 17.20 -14.34 -49.62
C LYS E 93 18.45 -13.53 -49.31
N SER E 94 18.58 -12.36 -49.93
CA SER E 94 19.84 -11.61 -49.89
C SER E 94 19.64 -10.12 -50.03
N VAL E 95 20.47 -9.34 -49.36
CA VAL E 95 20.40 -7.88 -49.45
C VAL E 95 21.80 -7.37 -49.74
N LYS E 96 21.92 -6.32 -50.55
CA LYS E 96 23.22 -5.70 -50.79
C LYS E 96 23.26 -4.30 -50.21
N VAL E 97 24.43 -3.94 -49.68
CA VAL E 97 24.63 -2.64 -49.05
C VAL E 97 26.03 -2.10 -49.36
N GLY E 98 26.19 -0.78 -49.40
CA GLY E 98 27.51 -0.18 -49.49
C GLY E 98 28.11 0.17 -48.13
N VAL E 99 29.31 0.77 -48.14
CA VAL E 99 30.03 1.10 -46.92
C VAL E 99 29.84 2.55 -46.46
N TYR E 100 29.39 2.71 -45.22
CA TYR E 100 29.04 4.02 -44.67
C TYR E 100 29.99 4.44 -43.56
N THR E 101 30.52 5.66 -43.65
CA THR E 101 31.46 6.16 -42.66
C THR E 101 30.92 7.43 -41.98
N CYS E 102 30.15 7.22 -40.92
CA CYS E 102 29.53 8.29 -40.16
C CYS E 102 30.47 8.86 -39.11
N GLY E 103 29.95 9.78 -38.30
CA GLY E 103 30.71 10.37 -37.22
C GLY E 103 31.03 9.35 -36.15
N ALA E 104 32.26 8.81 -36.20
CA ALA E 104 32.72 7.81 -35.23
C ALA E 104 33.20 8.47 -33.94
N ALA E 110 38.04 4.71 -37.09
CA ALA E 110 36.82 5.42 -37.47
C ALA E 110 36.12 4.71 -38.62
N LEU E 111 36.84 4.46 -39.71
CA LEU E 111 36.37 3.57 -40.74
C LEU E 111 36.05 2.20 -40.12
N LEU E 112 36.99 1.71 -39.31
CA LEU E 112 36.84 0.43 -38.64
C LEU E 112 35.61 0.41 -37.71
N GLU E 113 35.42 1.47 -36.95
CA GLU E 113 34.28 1.50 -36.03
C GLU E 113 32.96 1.61 -36.80
N ASN E 114 32.97 2.35 -37.90
CA ASN E 114 31.80 2.38 -38.79
C ASN E 114 31.51 1.04 -39.46
N LEU E 115 32.58 0.32 -39.81
CA LEU E 115 32.42 -0.99 -40.40
C LEU E 115 31.90 -2.00 -39.37
N LYS E 116 32.42 -1.91 -38.15
CA LYS E 116 31.97 -2.73 -37.05
C LYS E 116 30.49 -2.48 -36.75
N ALA E 117 30.13 -1.20 -36.64
CA ALA E 117 28.74 -0.79 -36.42
C ALA E 117 27.79 -1.38 -37.45
N LEU E 118 28.12 -1.21 -38.73
CA LEU E 118 27.28 -1.69 -39.80
C LEU E 118 27.11 -3.20 -39.76
N PHE E 119 28.22 -3.93 -39.68
CA PHE E 119 28.19 -5.39 -39.71
C PHE E 119 27.54 -6.01 -38.47
N LEU E 120 27.78 -5.40 -37.30
CA LEU E 120 27.19 -5.90 -36.06
C LEU E 120 25.70 -5.60 -36.04
N GLY E 121 25.33 -4.39 -36.46
CA GLY E 121 23.93 -4.01 -36.50
C GLY E 121 23.14 -4.94 -37.39
N LEU E 122 23.65 -5.20 -38.60
CA LEU E 122 23.00 -6.09 -39.55
C LEU E 122 22.77 -7.47 -38.96
N LYS E 123 23.82 -8.03 -38.37
CA LYS E 123 23.73 -9.39 -37.86
C LYS E 123 22.75 -9.47 -36.68
N LEU E 124 22.68 -8.43 -35.87
CA LEU E 124 21.84 -8.45 -34.67
C LEU E 124 20.35 -8.35 -35.00
N GLY E 125 20.04 -7.91 -36.23
CA GLY E 125 18.67 -7.75 -36.64
C GLY E 125 17.89 -9.05 -36.74
N LEU E 126 18.60 -10.17 -36.81
CA LEU E 126 17.95 -11.46 -36.89
C LEU E 126 17.52 -12.00 -35.53
N TYR E 127 18.13 -11.53 -34.45
CA TYR E 127 17.86 -12.14 -33.14
C TYR E 127 16.47 -11.82 -32.65
N GLU E 128 15.81 -12.85 -32.13
CA GLU E 128 14.64 -12.68 -31.27
C GLU E 128 14.41 -13.97 -30.51
N TYR E 129 13.97 -13.87 -29.26
CA TYR E 129 13.79 -15.05 -28.43
C TYR E 129 12.43 -15.65 -28.72
N ASP E 130 12.38 -16.55 -29.69
CA ASP E 130 11.11 -17.07 -30.16
C ASP E 130 11.02 -18.58 -30.06
N THR E 131 12.00 -19.17 -29.36
CA THR E 131 12.13 -20.62 -29.14
CA THR E 131 12.06 -20.62 -29.34
C THR E 131 10.81 -21.31 -28.78
N PHE E 132 10.03 -20.62 -27.93
CA PHE E 132 8.79 -21.21 -27.42
C PHE E 132 7.56 -20.86 -28.24
N LYS E 133 7.72 -20.03 -29.26
CA LYS E 133 6.59 -19.66 -30.11
C LYS E 133 6.28 -20.79 -31.08
N SER E 134 5.00 -21.11 -31.24
CA SER E 134 4.57 -22.17 -32.16
C SER E 134 4.53 -21.71 -33.62
N ASN E 135 4.31 -20.42 -33.82
CA ASN E 135 4.23 -19.85 -35.17
C ASN E 135 5.61 -19.56 -35.78
N LYS E 136 6.66 -19.73 -34.99
CA LYS E 136 8.01 -19.32 -35.38
C LYS E 136 8.42 -19.96 -36.70
N LYS E 137 8.99 -19.17 -37.59
CA LYS E 137 9.42 -19.68 -38.88
C LYS E 137 10.83 -19.21 -39.19
N GLU E 138 11.54 -19.99 -40.01
CA GLU E 138 12.85 -19.61 -40.48
C GLU E 138 12.73 -18.40 -41.41
N SER E 139 13.65 -17.46 -41.28
CA SER E 139 13.71 -16.34 -42.20
C SER E 139 14.30 -16.78 -43.53
N VAL E 140 13.77 -16.23 -44.62
CA VAL E 140 14.30 -16.48 -45.95
C VAL E 140 15.64 -15.73 -46.12
N LEU E 141 15.77 -14.59 -45.43
CA LEU E 141 16.97 -13.76 -45.50
C LEU E 141 18.19 -14.43 -44.88
N LYS E 142 19.20 -14.68 -45.71
CA LYS E 142 20.35 -15.49 -45.32
C LYS E 142 21.68 -14.73 -45.41
N GLU E 143 21.75 -13.75 -46.32
CA GLU E 143 23.02 -13.07 -46.59
C GLU E 143 22.89 -11.57 -46.81
N ALA E 144 23.90 -10.83 -46.36
CA ALA E 144 24.10 -9.46 -46.80
C ALA E 144 25.34 -9.40 -47.70
N ILE E 145 25.20 -8.80 -48.86
CA ILE E 145 26.33 -8.61 -49.77
C ILE E 145 26.87 -7.22 -49.53
N VAL E 146 28.07 -7.12 -48.96
CA VAL E 146 28.65 -5.80 -48.69
C VAL E 146 29.56 -5.40 -49.84
N ALA E 147 29.13 -4.40 -50.60
CA ALA E 147 29.93 -3.92 -51.73
C ALA E 147 30.91 -2.89 -51.23
N LEU E 148 32.20 -3.18 -51.40
CA LEU E 148 33.25 -2.35 -50.83
C LEU E 148 33.41 -1.04 -51.61
N GLU E 149 32.45 -0.15 -51.41
CA GLU E 149 32.42 1.15 -52.06
C GLU E 149 31.87 2.16 -51.07
N LEU E 150 32.53 3.31 -50.96
CA LEU E 150 32.13 4.34 -50.02
C LEU E 150 30.87 5.07 -50.47
N HIS E 151 29.95 5.28 -49.53
CA HIS E 151 28.78 6.12 -49.73
C HIS E 151 29.20 7.57 -49.98
N LYS E 152 30.15 8.06 -49.17
CA LYS E 152 30.72 9.38 -49.36
C LYS E 152 32.24 9.31 -49.54
N SER E 161 43.62 0.42 -45.72
CA SER E 161 42.96 -0.44 -46.71
C SER E 161 41.52 -0.73 -46.29
N LEU E 162 40.59 -0.41 -47.18
CA LEU E 162 39.18 -0.71 -46.97
C LEU E 162 38.93 -2.20 -46.76
N GLU E 163 39.52 -3.02 -47.63
CA GLU E 163 39.33 -4.47 -47.52
C GLU E 163 39.88 -5.03 -46.20
N LYS E 164 41.04 -4.57 -45.78
CA LYS E 164 41.64 -5.08 -44.55
C LYS E 164 40.76 -4.70 -43.34
N SER E 165 40.33 -3.45 -43.28
CA SER E 165 39.45 -2.98 -42.22
C SER E 165 38.11 -3.72 -42.19
N ALA E 166 37.55 -3.97 -43.37
CA ALA E 166 36.30 -4.70 -43.46
C ALA E 166 36.48 -6.12 -42.97
N LYS E 167 37.65 -6.70 -43.21
CA LYS E 167 37.86 -8.05 -42.73
C LYS E 167 37.95 -8.06 -41.21
N GLU E 168 38.54 -7.01 -40.64
CA GLU E 168 38.70 -6.90 -39.19
C GLU E 168 37.36 -6.68 -38.51
N ALA E 169 36.59 -5.75 -39.07
CA ALA E 169 35.24 -5.47 -38.60
C ALA E 169 34.34 -6.70 -38.71
N LEU E 170 34.45 -7.45 -39.82
CA LEU E 170 33.61 -8.64 -39.98
C LEU E 170 33.88 -9.69 -38.91
N LYS E 171 35.16 -9.89 -38.59
CA LYS E 171 35.54 -10.85 -37.57
C LYS E 171 34.99 -10.44 -36.22
N TYR E 172 35.04 -9.13 -35.94
CA TYR E 172 34.53 -8.63 -34.67
C TYR E 172 33.03 -8.90 -34.59
N ALA E 173 32.32 -8.54 -35.66
CA ALA E 173 30.87 -8.66 -35.71
C ALA E 173 30.43 -10.11 -35.60
N GLU E 174 31.24 -11.00 -36.16
CA GLU E 174 30.96 -12.43 -36.13
C GLU E 174 31.11 -12.95 -34.70
N ILE E 175 32.21 -12.59 -34.06
CA ILE E 175 32.48 -13.07 -32.72
C ILE E 175 31.50 -12.42 -31.72
N MET E 176 31.25 -11.12 -31.89
CA MET E 176 30.44 -10.40 -30.91
C MET E 176 28.97 -10.80 -31.03
N THR E 177 28.48 -11.00 -32.25
CA THR E 177 27.12 -11.52 -32.47
C THR E 177 26.96 -12.86 -31.76
N GLU E 178 27.93 -13.75 -31.95
CA GLU E 178 27.84 -15.07 -31.34
C GLU E 178 27.86 -14.97 -29.82
N SER E 179 28.77 -14.14 -29.32
CA SER E 179 28.92 -13.95 -27.89
C SER E 179 27.64 -13.37 -27.25
N LEU E 180 27.14 -12.30 -27.85
CA LEU E 180 25.89 -11.68 -27.44
C LEU E 180 24.69 -12.64 -27.42
N ASN E 181 24.53 -13.42 -28.48
CA ASN E 181 23.40 -14.33 -28.56
C ASN E 181 23.51 -15.47 -27.55
N ILE E 182 24.74 -15.89 -27.23
CA ILE E 182 24.93 -16.85 -26.14
C ILE E 182 24.40 -16.27 -24.82
N VAL E 183 24.74 -15.02 -24.53
CA VAL E 183 24.32 -14.41 -23.28
C VAL E 183 22.81 -14.26 -23.24
N LYS E 184 22.27 -13.80 -24.35
CA LYS E 184 20.86 -13.53 -24.48
C LYS E 184 20.03 -14.80 -24.38
N ASP E 185 20.47 -15.87 -25.04
CA ASP E 185 19.75 -17.14 -24.95
C ASP E 185 19.72 -17.62 -23.50
N LEU E 186 20.87 -17.53 -22.84
CA LEU E 186 20.98 -17.94 -21.45
C LEU E 186 20.10 -17.08 -20.54
N VAL E 187 20.24 -15.75 -20.61
CA VAL E 187 19.41 -14.86 -19.81
C VAL E 187 17.90 -15.04 -20.10
N ASN E 188 17.52 -15.16 -21.37
CA ASN E 188 16.13 -15.37 -21.75
C ASN E 188 15.55 -16.72 -21.31
N THR E 189 16.42 -17.68 -21.01
CA THR E 189 15.95 -19.00 -20.62
C THR E 189 15.17 -18.93 -19.30
N PRO E 190 13.92 -19.46 -19.32
CA PRO E 190 13.05 -19.49 -18.13
C PRO E 190 13.68 -20.28 -16.97
N PRO E 191 13.37 -19.87 -15.73
CA PRO E 191 14.07 -20.34 -14.52
C PRO E 191 13.92 -21.83 -14.20
N MET E 192 12.82 -22.49 -14.57
CA MET E 192 12.72 -23.92 -14.31
C MET E 192 13.81 -24.68 -15.07
N ILE E 193 14.17 -24.15 -16.23
CA ILE E 193 15.19 -24.72 -17.08
C ILE E 193 16.58 -24.16 -16.78
N GLY E 194 16.66 -22.84 -16.76
CA GLY E 194 17.92 -22.16 -16.48
C GLY E 194 18.33 -22.18 -15.03
N THR E 195 18.69 -23.35 -14.53
CA THR E 195 19.13 -23.54 -13.15
C THR E 195 20.62 -23.21 -13.01
N PRO E 196 21.16 -23.20 -11.77
CA PRO E 196 22.61 -23.02 -11.68
C PRO E 196 23.39 -24.12 -12.40
N VAL E 197 22.87 -25.34 -12.41
CA VAL E 197 23.50 -26.44 -13.12
C VAL E 197 23.45 -26.15 -14.62
N TYR E 198 22.33 -25.62 -15.07
CA TYR E 198 22.20 -25.25 -16.48
C TYR E 198 23.23 -24.20 -16.87
N MET E 199 23.47 -23.25 -15.96
CA MET E 199 24.46 -22.22 -16.20
C MET E 199 25.85 -22.83 -16.34
N ALA E 200 26.17 -23.77 -15.46
CA ALA E 200 27.44 -24.50 -15.57
C ALA E 200 27.56 -25.21 -16.92
N GLU E 201 26.46 -25.79 -17.40
CA GLU E 201 26.48 -26.53 -18.66
C GLU E 201 26.78 -25.62 -19.85
N VAL E 202 26.14 -24.45 -19.88
CA VAL E 202 26.45 -23.48 -20.93
C VAL E 202 27.91 -23.04 -20.89
N ALA E 203 28.43 -22.79 -19.69
CA ALA E 203 29.86 -22.47 -19.51
C ALA E 203 30.74 -23.61 -20.02
N GLN E 204 30.35 -24.84 -19.75
CA GLN E 204 31.09 -26.01 -20.22
C GLN E 204 31.14 -26.04 -21.73
N LYS E 205 30.02 -25.76 -22.38
CA LYS E 205 29.98 -25.70 -23.84
C LYS E 205 30.93 -24.63 -24.38
N VAL E 206 30.89 -23.44 -23.78
CA VAL E 206 31.80 -22.36 -24.16
C VAL E 206 33.27 -22.78 -23.99
N ALA E 207 33.58 -23.39 -22.85
CA ALA E 207 34.93 -23.89 -22.57
C ALA E 207 35.41 -24.90 -23.62
N LYS E 208 34.57 -25.89 -23.92
CA LYS E 208 34.88 -26.91 -24.89
C LYS E 208 35.12 -26.28 -26.28
N GLU E 209 34.20 -25.41 -26.70
CA GLU E 209 34.34 -24.71 -27.97
C GLU E 209 35.66 -23.91 -28.09
N ASN E 210 36.10 -23.34 -26.98
CA ASN E 210 37.27 -22.48 -27.01
C ASN E 210 38.53 -23.10 -26.38
N HIS E 211 38.46 -24.37 -26.02
CA HIS E 211 39.57 -25.06 -25.35
C HIS E 211 40.03 -24.32 -24.10
N LEU E 212 39.06 -23.96 -23.26
CA LEU E 212 39.35 -23.26 -22.02
C LEU E 212 39.37 -24.24 -20.86
N GLU E 213 40.15 -23.89 -19.85
CA GLU E 213 40.05 -24.53 -18.56
C GLU E 213 38.70 -24.17 -17.93
N ILE E 214 38.04 -25.13 -17.29
CA ILE E 214 36.83 -24.82 -16.53
C ILE E 214 36.78 -25.63 -15.25
N HIS E 215 36.45 -24.97 -14.14
CA HIS E 215 36.16 -25.65 -12.88
C HIS E 215 34.73 -25.35 -12.47
N VAL E 216 34.00 -26.37 -12.01
CA VAL E 216 32.64 -26.19 -11.55
C VAL E 216 32.59 -26.70 -10.13
N HIS E 217 32.59 -25.78 -9.18
CA HIS E 217 32.56 -26.11 -7.76
C HIS E 217 31.12 -26.18 -7.22
N ASP E 218 30.87 -27.10 -6.30
CA ASP E 218 29.56 -27.24 -5.66
C ASP E 218 29.54 -26.71 -4.21
N GLU E 219 28.49 -27.05 -3.47
CA GLU E 219 28.32 -26.52 -2.13
C GLU E 219 29.43 -26.96 -1.17
N LYS E 220 30.03 -28.12 -1.40
CA LYS E 220 31.11 -28.58 -0.51
C LYS E 220 32.38 -27.72 -0.65
N PHE E 221 32.69 -27.29 -1.88
CA PHE E 221 33.78 -26.36 -2.12
C PHE E 221 33.51 -25.03 -1.42
N LEU E 222 32.30 -24.52 -1.58
CA LEU E 222 31.88 -23.30 -0.89
C LEU E 222 32.10 -23.39 0.62
N GLU E 223 31.73 -24.55 1.16
CA GLU E 223 31.92 -24.86 2.57
C GLU E 223 33.38 -24.82 2.97
N GLU E 224 34.22 -25.51 2.20
CA GLU E 224 35.64 -25.58 2.53
C GLU E 224 36.32 -24.22 2.45
N LYS E 225 35.82 -23.37 1.57
CA LYS E 225 36.37 -22.04 1.41
C LYS E 225 35.65 -21.02 2.28
N LYS E 226 34.76 -21.52 3.13
CA LYS E 226 34.05 -20.69 4.11
C LYS E 226 33.26 -19.58 3.44
N MET E 227 32.69 -19.87 2.28
CA MET E 227 31.88 -18.90 1.56
CA MET E 227 31.90 -18.88 1.57
C MET E 227 30.44 -18.93 2.04
N ASN E 228 30.21 -18.47 3.27
CA ASN E 228 28.90 -18.63 3.90
C ASN E 228 27.89 -17.56 3.53
N ALA E 229 28.35 -16.42 3.02
CA ALA E 229 27.39 -15.47 2.45
C ALA E 229 26.71 -16.10 1.22
N PHE E 230 27.54 -16.61 0.31
CA PHE E 230 27.07 -17.33 -0.86
C PHE E 230 26.11 -18.46 -0.44
N LEU E 231 26.55 -19.31 0.49
CA LEU E 231 25.76 -20.46 0.89
C LEU E 231 24.44 -20.04 1.57
N ALA E 232 24.44 -18.96 2.34
CA ALA E 232 23.22 -18.51 2.99
C ALA E 232 22.10 -18.23 1.98
N VAL E 233 22.47 -17.59 0.87
CA VAL E 233 21.48 -17.27 -0.16
C VAL E 233 20.87 -18.54 -0.76
N ASN E 234 21.70 -19.58 -0.87
CA ASN E 234 21.31 -20.83 -1.49
C ASN E 234 20.53 -21.77 -0.57
N LYS E 235 20.62 -21.54 0.74
CA LYS E 235 20.12 -22.49 1.73
C LYS E 235 18.66 -22.89 1.50
N ALA E 236 17.83 -21.92 1.16
CA ALA E 236 16.41 -22.21 0.93
C ALA E 236 16.24 -23.27 -0.15
N SER E 237 17.08 -23.24 -1.18
CA SER E 237 16.86 -24.09 -2.34
C SER E 237 17.96 -25.11 -2.58
N LEU E 238 18.87 -25.25 -1.61
CA LEU E 238 19.97 -26.21 -1.74
C LEU E 238 19.51 -27.62 -2.15
N SER E 239 18.40 -28.08 -1.56
CA SER E 239 17.91 -29.43 -1.80
C SER E 239 17.24 -29.60 -3.16
N VAL E 240 16.82 -28.48 -3.76
CA VAL E 240 16.21 -28.52 -5.08
C VAL E 240 17.23 -28.19 -6.19
N ASN E 241 17.94 -27.08 -6.03
CA ASN E 241 18.98 -26.67 -6.98
C ASN E 241 20.25 -26.24 -6.27
N PRO E 242 21.23 -27.15 -6.21
CA PRO E 242 22.48 -26.83 -5.54
C PRO E 242 23.18 -25.70 -6.26
N PRO E 243 23.98 -24.92 -5.53
CA PRO E 243 24.66 -23.78 -6.16
C PRO E 243 25.86 -24.24 -7.00
N ARG E 244 26.35 -23.36 -7.88
CA ARG E 244 27.55 -23.68 -8.66
C ARG E 244 28.47 -22.48 -8.67
N LEU E 245 29.74 -22.71 -8.37
CA LEU E 245 30.74 -21.68 -8.57
C LEU E 245 31.48 -22.05 -9.85
N ILE E 246 31.23 -21.26 -10.88
CA ILE E 246 31.79 -21.56 -12.18
C ILE E 246 33.07 -20.72 -12.34
N HIS E 247 34.13 -21.38 -12.80
CA HIS E 247 35.42 -20.72 -12.97
C HIS E 247 36.00 -21.13 -14.32
N LEU E 248 35.86 -20.25 -15.29
CA LEU E 248 36.41 -20.42 -16.62
C LEU E 248 37.75 -19.75 -16.71
N VAL E 249 38.68 -20.32 -17.48
CA VAL E 249 40.02 -19.74 -17.60
C VAL E 249 40.48 -19.73 -19.05
N TYR E 250 40.76 -18.54 -19.55
CA TYR E 250 41.39 -18.36 -20.85
C TYR E 250 42.86 -18.02 -20.67
N LYS E 251 43.72 -18.85 -21.25
CA LYS E 251 45.18 -18.70 -21.12
C LYS E 251 45.85 -18.60 -22.49
N PRO E 252 46.27 -17.39 -22.87
CA PRO E 252 46.92 -17.26 -24.18
C PRO E 252 48.41 -17.49 -24.07
N LYS E 253 49.08 -17.65 -25.21
CA LYS E 253 50.52 -17.71 -25.27
C LYS E 253 51.13 -16.54 -24.51
N LYS E 254 50.81 -15.33 -24.98
CA LYS E 254 51.29 -14.10 -24.37
C LYS E 254 50.18 -13.42 -23.56
N ALA E 255 50.38 -13.31 -22.26
CA ALA E 255 49.41 -12.60 -21.42
C ALA E 255 50.05 -11.38 -20.78
N LYS E 256 49.59 -10.20 -21.19
CA LYS E 256 50.11 -8.94 -20.65
C LYS E 256 49.51 -8.61 -19.29
N LYS E 257 48.35 -9.19 -19.00
CA LYS E 257 47.63 -8.92 -17.76
C LYS E 257 46.86 -10.15 -17.34
N LYS E 258 46.59 -10.27 -16.04
CA LYS E 258 45.60 -11.24 -15.57
C LYS E 258 44.34 -10.48 -15.19
N ILE E 259 43.23 -10.83 -15.83
CA ILE E 259 41.95 -10.13 -15.66
C ILE E 259 40.91 -11.07 -15.09
N ALA E 260 40.28 -10.65 -14.00
CA ALA E 260 39.21 -11.45 -13.39
C ALA E 260 37.86 -10.80 -13.63
N LEU E 261 36.96 -11.53 -14.28
CA LEU E 261 35.59 -11.06 -14.53
C LEU E 261 34.63 -11.87 -13.64
N VAL E 262 33.87 -11.17 -12.80
CA VAL E 262 33.07 -11.81 -11.75
C VAL E 262 31.60 -11.47 -11.93
N GLY E 263 30.74 -12.48 -11.99
CA GLY E 263 29.35 -12.22 -12.31
C GLY E 263 28.36 -12.80 -11.33
N LYS E 264 27.31 -12.02 -11.07
CA LYS E 264 26.20 -12.47 -10.26
C LYS E 264 25.33 -13.40 -11.10
N GLY E 265 25.26 -14.67 -10.72
CA GLY E 265 24.46 -15.62 -11.48
C GLY E 265 23.21 -16.08 -10.76
N LEU E 266 22.37 -15.14 -10.32
CA LEU E 266 21.15 -15.48 -9.62
C LEU E 266 20.14 -15.94 -10.65
N THR E 267 19.94 -17.24 -10.76
CA THR E 267 19.15 -17.80 -11.87
C THR E 267 17.68 -17.54 -11.62
N TYR E 268 17.36 -17.29 -10.36
CA TYR E 268 16.08 -16.69 -10.03
C TYR E 268 16.13 -16.06 -8.64
N ASP E 269 15.53 -14.88 -8.53
CA ASP E 269 15.51 -14.17 -7.27
C ASP E 269 14.07 -13.78 -6.97
N CYS E 270 13.44 -14.52 -6.05
CA CYS E 270 12.08 -14.17 -5.65
C CYS E 270 12.13 -13.17 -4.48
N GLY E 271 13.34 -12.89 -4.01
CA GLY E 271 13.53 -11.96 -2.90
C GLY E 271 13.81 -12.67 -1.59
N GLY E 272 13.56 -13.98 -1.56
CA GLY E 272 13.72 -14.74 -0.33
C GLY E 272 12.57 -14.44 0.63
N LEU E 273 12.82 -14.56 1.92
CA LEU E 273 11.80 -14.28 2.93
C LEU E 273 11.31 -12.83 2.83
N SER E 274 12.18 -11.93 2.39
CA SER E 274 11.78 -10.58 2.08
C SER E 274 11.19 -10.59 0.68
N LEU E 275 10.03 -11.24 0.55
CA LEU E 275 9.48 -11.61 -0.74
C LEU E 275 9.19 -10.39 -1.61
N LYS E 276 9.59 -10.44 -2.88
CA LYS E 276 9.25 -9.39 -3.83
C LYS E 276 7.76 -9.37 -4.14
N PRO E 277 7.18 -8.18 -4.32
CA PRO E 277 5.81 -8.06 -4.81
C PRO E 277 5.67 -8.73 -6.19
N ALA E 278 4.47 -9.17 -6.53
CA ALA E 278 4.27 -9.95 -7.75
C ALA E 278 4.73 -9.21 -9.01
N ASP E 279 4.37 -7.92 -9.10
CA ASP E 279 4.72 -7.12 -10.26
CA ASP E 279 4.72 -7.12 -10.27
C ASP E 279 6.22 -6.91 -10.39
N TYR E 280 6.96 -7.21 -9.32
CA TYR E 280 8.40 -6.99 -9.31
C TYR E 280 9.19 -8.28 -9.47
N MET E 281 8.51 -9.41 -9.33
CA MET E 281 9.18 -10.70 -9.44
C MET E 281 9.29 -11.15 -10.90
N VAL E 282 8.40 -10.66 -11.75
CA VAL E 282 8.51 -10.97 -13.16
C VAL E 282 9.83 -10.34 -13.68
N THR E 283 10.46 -11.04 -14.62
CA THR E 283 11.78 -10.75 -15.22
C THR E 283 12.97 -11.19 -14.34
N MET E 284 12.70 -11.74 -13.15
CA MET E 284 13.82 -12.12 -12.27
C MET E 284 14.64 -13.33 -12.78
N LYS E 285 14.21 -13.93 -13.89
CA LYS E 285 15.05 -14.91 -14.59
C LYS E 285 16.33 -14.21 -15.07
N ALA E 286 16.23 -12.90 -15.26
CA ALA E 286 17.33 -12.08 -15.77
C ALA E 286 18.31 -11.64 -14.68
N ASP E 287 18.12 -12.13 -13.46
CA ASP E 287 19.01 -11.76 -12.36
C ASP E 287 20.35 -12.47 -12.49
N LYS E 288 20.45 -13.28 -13.55
CA LYS E 288 21.69 -13.99 -13.89
C LYS E 288 22.38 -13.30 -15.06
N GLY E 289 21.92 -12.09 -15.39
CA GLY E 289 22.51 -11.29 -16.44
C GLY E 289 24.01 -11.05 -16.35
N GLY E 290 24.49 -10.78 -15.12
CA GLY E 290 25.90 -10.50 -14.88
C GLY E 290 26.76 -11.72 -15.11
N GLY E 291 26.39 -12.82 -14.46
CA GLY E 291 27.02 -14.09 -14.68
C GLY E 291 26.98 -14.53 -16.15
N SER E 292 25.86 -14.26 -16.82
CA SER E 292 25.71 -14.69 -18.20
C SER E 292 26.67 -13.88 -19.09
N ALA E 293 26.79 -12.59 -18.79
CA ALA E 293 27.66 -11.72 -19.55
C ALA E 293 29.13 -12.17 -19.42
N VAL E 294 29.51 -12.61 -18.23
CA VAL E 294 30.86 -13.12 -18.01
C VAL E 294 31.13 -14.36 -18.89
N ILE E 295 30.19 -15.31 -18.91
CA ILE E 295 30.28 -16.46 -19.83
C ILE E 295 30.48 -16.03 -21.28
N GLY E 296 29.68 -15.08 -21.74
CA GLY E 296 29.83 -14.58 -23.11
C GLY E 296 31.14 -13.83 -23.33
N LEU E 297 31.63 -13.17 -22.27
CA LEU E 297 32.86 -12.40 -22.35
C LEU E 297 34.07 -13.30 -22.58
N LEU E 298 34.07 -14.48 -22.02
CA LEU E 298 35.18 -15.39 -22.27
CA LEU E 298 35.17 -15.40 -22.27
C LEU E 298 35.12 -15.94 -23.69
N ASN E 299 33.93 -16.20 -24.19
CA ASN E 299 33.80 -16.62 -25.58
C ASN E 299 34.41 -15.55 -26.51
N ALA E 300 34.03 -14.30 -26.30
CA ALA E 300 34.46 -13.21 -27.18
C ALA E 300 35.95 -12.99 -27.10
N LEU E 301 36.49 -12.95 -25.89
CA LEU E 301 37.88 -12.61 -25.65
C LEU E 301 38.81 -13.72 -26.07
N ALA E 302 38.39 -14.97 -25.87
CA ALA E 302 39.17 -16.08 -26.36
C ALA E 302 39.17 -16.06 -27.89
N LYS E 303 38.01 -15.93 -28.52
CA LYS E 303 37.97 -15.96 -29.98
C LYS E 303 38.64 -14.73 -30.63
N LEU E 304 38.67 -13.61 -29.91
CA LEU E 304 39.38 -12.44 -30.41
C LEU E 304 40.90 -12.59 -30.21
N GLY E 305 41.28 -13.57 -29.39
CA GLY E 305 42.67 -13.87 -29.16
C GLY E 305 43.38 -12.80 -28.35
N VAL E 306 42.69 -12.20 -27.40
CA VAL E 306 43.31 -11.10 -26.64
C VAL E 306 44.51 -11.63 -25.87
N GLU E 307 45.52 -10.78 -25.70
CA GLU E 307 46.76 -11.18 -25.03
C GLU E 307 46.70 -10.95 -23.52
N ALA E 308 45.91 -11.78 -22.84
CA ALA E 308 45.70 -11.63 -21.41
C ALA E 308 45.12 -12.90 -20.86
N GLU E 309 45.51 -13.23 -19.63
CA GLU E 309 44.90 -14.36 -18.95
C GLU E 309 43.57 -13.90 -18.35
N VAL E 310 42.48 -14.49 -18.81
CA VAL E 310 41.15 -14.04 -18.39
C VAL E 310 40.43 -15.13 -17.61
N HIS E 311 39.96 -14.73 -16.43
CA HIS E 311 39.23 -15.61 -15.53
C HIS E 311 37.77 -15.17 -15.48
N GLY E 312 36.86 -16.12 -15.65
CA GLY E 312 35.45 -15.83 -15.57
C GLY E 312 34.85 -16.57 -14.41
N ILE E 313 34.45 -15.80 -13.40
CA ILE E 313 33.96 -16.37 -12.15
C ILE E 313 32.47 -16.05 -12.00
N ILE E 314 31.66 -17.09 -11.83
CA ILE E 314 30.21 -16.92 -11.77
C ILE E 314 29.64 -17.61 -10.54
N GLY E 315 28.97 -16.84 -9.69
CA GLY E 315 28.31 -17.37 -8.52
C GLY E 315 26.86 -17.62 -8.88
N ALA E 316 26.51 -18.90 -9.05
CA ALA E 316 25.18 -19.26 -9.51
C ALA E 316 24.33 -19.93 -8.44
N THR E 317 23.14 -19.39 -8.21
CA THR E 317 22.20 -19.93 -7.24
C THR E 317 20.87 -19.23 -7.44
N GLU E 318 19.82 -19.82 -6.90
CA GLU E 318 18.56 -19.11 -6.80
C GLU E 318 18.51 -18.47 -5.43
N ASN E 319 17.60 -17.51 -5.28
CA ASN E 319 17.28 -16.91 -4.01
C ASN E 319 15.79 -17.18 -3.78
N MET E 320 15.50 -18.33 -3.14
CA MET E 320 14.13 -18.80 -2.99
C MET E 320 13.62 -18.58 -1.57
N ILE E 321 12.33 -18.86 -1.38
CA ILE E 321 11.71 -18.77 -0.07
C ILE E 321 11.36 -20.20 0.36
N GLY E 322 11.39 -20.47 1.65
CA GLY E 322 11.16 -21.81 2.17
C GLY E 322 11.59 -21.92 3.63
N PRO E 323 11.36 -23.08 4.24
CA PRO E 323 11.58 -23.23 5.69
C PRO E 323 13.08 -23.17 6.07
N ALA E 324 13.98 -23.36 5.12
CA ALA E 324 15.40 -23.32 5.41
C ALA E 324 16.05 -22.02 4.93
N ALA E 325 15.25 -21.10 4.39
CA ALA E 325 15.79 -19.82 3.90
C ALA E 325 16.56 -19.05 4.97
N TYR E 326 17.64 -18.38 4.57
CA TYR E 326 18.32 -17.44 5.47
C TYR E 326 17.43 -16.23 5.76
N LYS E 327 17.69 -15.53 6.86
CA LYS E 327 16.66 -14.64 7.41
C LYS E 327 17.15 -13.20 7.73
N PRO E 328 16.23 -12.22 7.66
CA PRO E 328 16.52 -10.96 8.35
C PRO E 328 16.86 -11.32 9.79
N ASP E 329 17.96 -10.75 10.30
CA ASP E 329 18.59 -10.95 11.62
C ASP E 329 19.69 -12.00 11.62
N ASP E 330 19.87 -12.73 10.52
CA ASP E 330 20.98 -13.67 10.41
C ASP E 330 22.26 -12.83 10.31
N ILE E 331 23.33 -13.34 10.90
CA ILE E 331 24.62 -12.68 10.84
C ILE E 331 25.61 -13.68 10.26
N LEU E 332 26.10 -13.36 9.07
CA LEU E 332 26.89 -14.30 8.29
C LEU E 332 28.36 -13.90 8.32
N ILE E 333 29.24 -14.90 8.37
CA ILE E 333 30.67 -14.64 8.30
C ILE E 333 31.15 -14.87 6.87
N SER E 334 31.52 -13.79 6.21
CA SER E 334 31.99 -13.84 4.82
C SER E 334 33.30 -14.63 4.73
N LYS E 335 33.64 -15.08 3.53
CA LYS E 335 34.96 -15.68 3.28
C LYS E 335 36.04 -14.73 3.77
N GLU E 336 35.90 -13.45 3.46
CA GLU E 336 36.87 -12.44 3.83
C GLU E 336 37.02 -12.29 5.37
N GLY E 337 36.01 -12.71 6.12
CA GLY E 337 36.11 -12.69 7.56
C GLY E 337 35.19 -11.70 8.22
N LYS E 338 34.73 -10.72 7.45
CA LYS E 338 33.80 -9.72 7.96
C LYS E 338 32.41 -10.30 8.19
N SER E 339 31.76 -9.88 9.28
CA SER E 339 30.42 -10.33 9.56
C SER E 339 29.40 -9.40 8.93
N ILE E 340 28.30 -10.00 8.47
CA ILE E 340 27.26 -9.28 7.75
C ILE E 340 25.89 -9.43 8.44
N GLU E 341 25.34 -8.32 8.93
CA GLU E 341 23.96 -8.33 9.42
C GLU E 341 23.02 -8.33 8.22
N VAL E 342 22.19 -9.36 8.11
CA VAL E 342 21.16 -9.36 7.08
C VAL E 342 19.90 -8.70 7.62
N ARG E 343 19.38 -7.71 6.91
CA ARG E 343 18.14 -7.07 7.33
C ARG E 343 17.08 -7.22 6.24
N ASN E 344 17.49 -7.72 5.08
CA ASN E 344 16.58 -7.91 3.96
C ASN E 344 17.16 -8.93 2.99
N THR E 345 16.45 -10.03 2.79
CA THR E 345 16.99 -11.14 2.03
C THR E 345 17.00 -10.86 0.54
N ASP E 346 16.39 -9.75 0.12
CA ASP E 346 16.35 -9.38 -1.30
C ASP E 346 17.61 -8.59 -1.70
N ALA E 347 18.52 -8.39 -0.75
CA ALA E 347 19.84 -7.86 -1.05
C ALA E 347 20.84 -9.02 -1.05
N GLU E 348 20.56 -10.03 -1.88
CA GLU E 348 21.29 -11.28 -1.83
C GLU E 348 22.47 -11.29 -2.81
N GLY E 349 22.36 -10.55 -3.91
CA GLY E 349 23.38 -10.55 -4.94
C GLY E 349 24.72 -10.08 -4.39
N ARG E 350 24.67 -9.15 -3.45
CA ARG E 350 25.87 -8.55 -2.89
C ARG E 350 26.52 -9.54 -1.93
N LEU E 351 25.72 -10.43 -1.33
CA LEU E 351 26.28 -11.50 -0.50
C LEU E 351 27.01 -12.56 -1.33
N VAL E 352 26.42 -12.94 -2.45
CA VAL E 352 27.07 -13.90 -3.34
C VAL E 352 28.34 -13.23 -3.92
N LEU E 353 28.25 -11.95 -4.25
CA LEU E 353 29.40 -11.26 -4.82
C LEU E 353 30.52 -11.01 -3.79
N ALA E 354 30.16 -10.76 -2.53
CA ALA E 354 31.19 -10.63 -1.48
C ALA E 354 32.10 -11.85 -1.48
N ASP E 355 31.50 -13.04 -1.59
CA ASP E 355 32.30 -14.27 -1.52
C ASP E 355 33.00 -14.57 -2.85
N CYS E 356 32.34 -14.32 -3.97
CA CYS E 356 32.97 -14.53 -5.27
C CYS E 356 34.12 -13.55 -5.55
N LEU E 357 33.98 -12.30 -5.10
CA LEU E 357 35.07 -11.32 -5.20
C LEU E 357 36.26 -11.74 -4.38
N SER E 358 35.98 -12.33 -3.21
CA SER E 358 37.04 -12.84 -2.34
C SER E 358 37.84 -13.91 -3.06
N TYR E 359 37.11 -14.89 -3.59
CA TYR E 359 37.69 -15.95 -4.44
C TYR E 359 38.49 -15.37 -5.61
N ALA E 360 37.94 -14.35 -6.25
CA ALA E 360 38.60 -13.76 -7.40
C ALA E 360 39.94 -13.13 -6.99
N GLN E 361 39.95 -12.44 -5.86
CA GLN E 361 41.16 -11.77 -5.42
C GLN E 361 42.24 -12.80 -5.08
N ASP E 362 41.83 -14.02 -4.70
CA ASP E 362 42.80 -15.08 -4.48
C ASP E 362 43.60 -15.45 -5.74
N LEU E 363 43.17 -14.98 -6.91
CA LEU E 363 43.92 -15.21 -8.16
C LEU E 363 45.02 -14.16 -8.37
N ASN E 364 45.09 -13.20 -7.45
CA ASN E 364 45.93 -12.02 -7.60
C ASN E 364 45.91 -11.42 -9.02
N PRO E 365 44.72 -11.02 -9.49
CA PRO E 365 44.61 -10.43 -10.83
C PRO E 365 45.14 -9.01 -10.86
N ASP E 366 45.40 -8.50 -12.06
CA ASP E 366 45.75 -7.10 -12.21
C ASP E 366 44.51 -6.20 -12.29
N VAL E 367 43.43 -6.75 -12.83
CA VAL E 367 42.16 -6.02 -12.96
C VAL E 367 41.05 -6.95 -12.51
N ILE E 368 40.07 -6.41 -11.77
CA ILE E 368 38.87 -7.17 -11.40
C ILE E 368 37.65 -6.34 -11.74
N VAL E 369 36.78 -6.90 -12.57
CA VAL E 369 35.54 -6.24 -12.92
C VAL E 369 34.38 -7.15 -12.52
N ASP E 370 33.44 -6.64 -11.75
CA ASP E 370 32.25 -7.46 -11.50
C ASP E 370 31.07 -6.87 -12.24
N PHE E 371 30.17 -7.74 -12.67
CA PHE E 371 28.94 -7.36 -13.35
C PHE E 371 27.75 -7.92 -12.57
N ALA E 372 26.77 -7.08 -12.29
CA ALA E 372 25.62 -7.55 -11.53
C ALA E 372 24.37 -6.74 -11.84
N THR E 373 23.27 -7.46 -11.98
CA THR E 373 21.92 -6.89 -11.94
C THR E 373 21.64 -6.66 -10.47
N LEU E 374 22.28 -5.64 -9.89
CA LEU E 374 22.41 -5.59 -8.45
C LEU E 374 21.28 -4.83 -7.76
N THR E 375 20.94 -3.64 -8.24
CA THR E 375 19.97 -2.83 -7.51
C THR E 375 18.88 -2.19 -8.37
N GLY E 376 17.68 -2.12 -7.79
CA GLY E 376 16.61 -1.35 -8.38
C GLY E 376 16.90 0.14 -8.39
N ALA E 377 17.63 0.60 -7.37
CA ALA E 377 17.88 2.04 -7.27
C ALA E 377 18.73 2.53 -8.44
N CYS E 378 19.68 1.71 -8.87
CA CYS E 378 20.43 2.02 -10.09
C CYS E 378 19.52 2.33 -11.27
N VAL E 379 18.50 1.50 -11.44
CA VAL E 379 17.58 1.65 -12.56
C VAL E 379 16.75 2.92 -12.39
N VAL E 380 16.28 3.16 -11.15
CA VAL E 380 15.55 4.38 -10.85
C VAL E 380 16.44 5.59 -11.16
N GLY E 381 17.73 5.47 -10.88
CA GLY E 381 18.66 6.57 -11.01
C GLY E 381 19.06 6.90 -12.43
N LEU E 382 19.43 5.88 -13.21
CA LEU E 382 19.99 6.11 -14.54
C LEU E 382 19.04 5.75 -15.67
N GLY E 383 17.98 5.02 -15.35
CA GLY E 383 17.05 4.58 -16.37
C GLY E 383 17.34 3.17 -16.84
N GLU E 384 16.44 2.60 -17.64
CA GLU E 384 16.57 1.20 -17.98
C GLU E 384 17.69 0.88 -18.94
N PHE E 385 18.28 1.88 -19.59
CA PHE E 385 19.14 1.61 -20.75
C PHE E 385 20.62 1.79 -20.46
N THR E 386 20.93 2.14 -19.21
CA THR E 386 22.27 2.59 -18.84
C THR E 386 22.86 1.84 -17.64
N SER E 387 24.13 1.48 -17.74
CA SER E 387 24.76 0.82 -16.59
C SER E 387 25.61 1.77 -15.74
N ALA E 388 25.73 1.46 -14.45
CA ALA E 388 26.52 2.28 -13.53
C ALA E 388 27.92 1.72 -13.34
N ILE E 389 28.91 2.60 -13.35
CA ILE E 389 30.29 2.21 -13.12
C ILE E 389 30.76 2.75 -11.78
N MET E 390 31.23 1.87 -10.89
CA MET E 390 31.77 2.29 -9.60
C MET E 390 33.17 1.70 -9.34
N GLY E 391 33.91 2.35 -8.46
CA GLY E 391 35.25 1.92 -8.09
C GLY E 391 36.02 3.11 -7.54
N HIS E 392 37.31 2.91 -7.27
CA HIS E 392 38.14 3.97 -6.71
C HIS E 392 39.07 4.62 -7.74
N ASN E 393 39.53 3.82 -8.69
CA ASN E 393 40.51 4.26 -9.67
C ASN E 393 39.83 5.03 -10.79
N GLU E 394 39.93 6.35 -10.73
CA GLU E 394 39.23 7.21 -11.68
C GLU E 394 39.62 6.94 -13.13
N GLU E 395 40.91 6.75 -13.34
CA GLU E 395 41.47 6.50 -14.67
C GLU E 395 40.95 5.18 -15.25
N LEU E 396 40.89 4.15 -14.42
CA LEU E 396 40.35 2.85 -14.81
C LEU E 396 38.84 2.99 -15.14
N LYS E 397 38.14 3.72 -14.27
CA LYS E 397 36.72 4.01 -14.46
CA LYS E 397 36.72 3.98 -14.47
C LYS E 397 36.47 4.69 -15.79
N ASN E 398 37.30 5.70 -16.10
CA ASN E 398 37.19 6.45 -17.34
C ASN E 398 37.46 5.59 -18.57
N LEU E 399 38.46 4.73 -18.46
CA LEU E 399 38.77 3.80 -19.53
C LEU E 399 37.58 2.90 -19.82
N PHE E 400 36.93 2.40 -18.78
CA PHE E 400 35.78 1.55 -19.00
C PHE E 400 34.63 2.35 -19.62
N GLU E 401 34.36 3.54 -19.09
CA GLU E 401 33.31 4.38 -19.64
C GLU E 401 33.51 4.74 -21.13
N THR E 402 34.66 5.30 -21.47
CA THR E 402 34.97 5.71 -22.83
CA THR E 402 34.93 5.72 -22.84
C THR E 402 34.92 4.54 -23.81
N SER E 403 35.64 3.48 -23.48
CA SER E 403 35.64 2.27 -24.27
C SER E 403 34.22 1.78 -24.49
N GLY E 404 33.48 1.72 -23.38
CA GLY E 404 32.12 1.19 -23.38
C GLY E 404 31.15 2.00 -24.20
N LEU E 405 31.21 3.32 -24.05
CA LEU E 405 30.39 4.21 -24.88
C LEU E 405 30.65 4.02 -26.38
N GLU E 406 31.93 3.92 -26.77
CA GLU E 406 32.30 3.73 -28.16
C GLU E 406 31.76 2.42 -28.71
N SER E 407 31.73 1.39 -27.87
CA SER E 407 31.22 0.08 -28.26
C SER E 407 29.70 0.08 -28.43
N GLY E 408 29.03 1.13 -27.95
CA GLY E 408 27.59 1.27 -28.12
C GLY E 408 26.74 1.05 -26.87
N GLU E 409 27.38 0.77 -25.74
CA GLU E 409 26.65 0.64 -24.49
C GLU E 409 26.54 2.01 -23.84
N LEU E 410 25.43 2.24 -23.12
CA LEU E 410 25.28 3.48 -22.38
C LEU E 410 25.72 3.25 -20.94
N LEU E 411 26.51 4.19 -20.42
CA LEU E 411 27.16 4.01 -19.12
C LEU E 411 27.30 5.32 -18.40
N ALA E 412 27.47 5.24 -17.09
CA ALA E 412 27.60 6.42 -16.26
C ALA E 412 28.42 6.05 -15.02
N LYS E 413 29.38 6.90 -14.66
CA LYS E 413 30.10 6.71 -13.40
C LYS E 413 29.25 7.27 -12.25
N LEU E 414 29.15 6.51 -11.15
CA LEU E 414 28.52 7.01 -9.94
C LEU E 414 29.58 7.13 -8.84
N PRO E 415 29.63 8.27 -8.16
CA PRO E 415 30.68 8.49 -7.16
C PRO E 415 30.36 7.95 -5.76
N PHE E 416 31.32 7.30 -5.13
CA PHE E 416 31.25 7.05 -3.69
C PHE E 416 31.43 8.36 -2.92
N ASN E 417 31.01 8.37 -1.66
CA ASN E 417 31.41 9.40 -0.69
C ASN E 417 31.32 8.84 0.73
N ARG E 418 31.94 9.52 1.69
CA ARG E 418 32.07 8.99 3.04
C ARG E 418 30.74 8.97 3.79
N HIS E 419 29.83 9.85 3.41
CA HIS E 419 28.54 9.94 4.07
C HIS E 419 27.69 8.69 3.75
N LEU E 420 27.72 8.24 2.50
CA LEU E 420 27.02 7.03 2.07
C LEU E 420 27.58 5.80 2.78
N LYS E 421 28.90 5.79 2.93
CA LYS E 421 29.59 4.66 3.57
C LYS E 421 29.09 4.37 4.99
N LYS E 422 28.76 5.42 5.73
CA LYS E 422 28.29 5.27 7.09
C LYS E 422 26.95 4.53 7.14
N LEU E 423 26.19 4.60 6.06
CA LEU E 423 24.83 4.10 6.06
C LEU E 423 24.72 2.57 6.03
N ILE E 424 25.84 1.87 5.86
CA ILE E 424 25.82 0.42 5.82
C ILE E 424 26.47 -0.16 7.07
N GLU E 425 26.67 0.71 8.07
CA GLU E 425 27.13 0.29 9.38
C GLU E 425 26.09 -0.59 10.07
N SER E 426 26.55 -1.48 10.93
CA SER E 426 25.67 -2.33 11.73
C SER E 426 26.03 -2.17 13.21
N LYS E 427 25.02 -2.22 14.08
CA LYS E 427 25.22 -2.14 15.53
C LYS E 427 25.73 -3.45 16.13
N ILE E 428 25.50 -4.57 15.44
CA ILE E 428 25.87 -5.88 15.99
C ILE E 428 26.75 -6.72 15.05
N ALA E 429 27.14 -6.14 13.92
CA ALA E 429 28.03 -6.82 12.98
C ALA E 429 28.96 -5.81 12.31
N ASP E 430 29.87 -6.29 11.46
CA ASP E 430 30.85 -5.38 10.86
C ASP E 430 30.24 -4.52 9.78
N VAL E 431 29.27 -5.07 9.06
CA VAL E 431 28.58 -4.33 8.01
C VAL E 431 27.14 -4.84 7.84
N CYS E 432 26.28 -4.00 7.28
CA CYS E 432 24.88 -4.39 7.04
C CYS E 432 24.64 -4.64 5.54
N ASN E 433 23.79 -5.60 5.17
CA ASN E 433 23.60 -5.90 3.75
C ASN E 433 22.62 -4.94 3.07
N ILE E 434 21.99 -4.06 3.85
CA ILE E 434 21.28 -2.92 3.26
C ILE E 434 21.65 -1.63 3.97
N SER E 435 21.33 -0.51 3.34
CA SER E 435 21.53 0.81 3.90
C SER E 435 20.38 1.18 4.84
N SER E 436 20.65 2.06 5.79
CA SER E 436 19.63 2.54 6.71
C SER E 436 18.77 3.61 6.05
N SER E 437 19.08 3.96 4.80
CA SER E 437 18.36 5.03 4.11
C SER E 437 17.70 4.55 2.82
N ARG E 438 16.63 5.23 2.44
CA ARG E 438 15.95 4.93 1.17
C ARG E 438 16.71 5.43 -0.05
N TYR E 439 17.81 6.14 0.17
CA TYR E 439 18.45 6.86 -0.93
C TYR E 439 19.89 6.42 -1.19
N GLY E 440 20.27 6.30 -2.47
CA GLY E 440 21.62 5.93 -2.85
C GLY E 440 21.90 4.42 -2.90
N GLY E 441 20.82 3.63 -3.00
CA GLY E 441 20.89 2.18 -3.09
C GLY E 441 21.99 1.56 -3.96
N ALA E 442 22.18 2.05 -5.19
CA ALA E 442 23.18 1.45 -6.10
C ALA E 442 24.61 1.74 -5.63
N ILE E 443 24.77 2.90 -5.00
CA ILE E 443 26.07 3.34 -4.56
C ILE E 443 26.43 2.70 -3.23
N THR E 444 25.45 2.59 -2.31
CA THR E 444 25.73 1.94 -1.04
C THR E 444 25.97 0.44 -1.25
N ALA E 445 25.29 -0.16 -2.24
CA ALA E 445 25.57 -1.55 -2.58
C ALA E 445 27.00 -1.67 -3.06
N GLY E 446 27.47 -0.69 -3.83
CA GLY E 446 28.86 -0.67 -4.28
C GLY E 446 29.84 -0.51 -3.14
N LEU E 447 29.48 0.31 -2.16
CA LEU E 447 30.28 0.46 -0.94
C LEU E 447 30.27 -0.81 -0.08
N PHE E 448 29.16 -1.53 -0.08
CA PHE E 448 29.14 -2.84 0.57
C PHE E 448 30.14 -3.78 -0.11
N LEU E 449 30.10 -3.86 -1.44
CA LEU E 449 31.08 -4.67 -2.18
C LEU E 449 32.50 -4.27 -1.79
N ASN E 450 32.72 -2.97 -1.66
CA ASN E 450 34.04 -2.43 -1.31
C ASN E 450 34.60 -2.99 -0.01
N GLU E 451 33.74 -3.31 0.95
CA GLU E 451 34.20 -3.85 2.23
C GLU E 451 34.88 -5.21 2.04
N PHE E 452 34.71 -5.80 0.87
CA PHE E 452 35.26 -7.13 0.61
C PHE E 452 36.37 -7.07 -0.44
N ILE E 453 36.75 -5.86 -0.80
CA ILE E 453 37.88 -5.66 -1.70
C ILE E 453 39.11 -5.32 -0.85
N ARG E 454 40.11 -6.19 -0.86
CA ARG E 454 41.34 -5.95 -0.08
C ARG E 454 42.06 -4.68 -0.55
N ASP E 455 42.80 -4.07 0.38
CA ASP E 455 43.50 -2.80 0.11
C ASP E 455 44.36 -2.86 -1.14
N GLU E 456 45.00 -3.99 -1.38
CA GLU E 456 45.87 -4.14 -2.53
C GLU E 456 45.11 -4.30 -3.87
N PHE E 457 43.79 -4.38 -3.83
CA PHE E 457 43.02 -4.46 -5.08
C PHE E 457 42.09 -3.27 -5.27
N LYS E 458 42.10 -2.32 -4.33
CA LYS E 458 41.10 -1.26 -4.38
C LYS E 458 41.26 -0.38 -5.64
N ASP E 459 42.49 -0.26 -6.14
N ASP E 459 42.48 -0.25 -6.16
CA ASP E 459 42.74 0.55 -7.34
CA ASP E 459 42.68 0.57 -7.35
C ASP E 459 42.67 -0.28 -8.63
C ASP E 459 42.64 -0.27 -8.63
N LYS E 460 42.32 -1.55 -8.50
CA LYS E 460 42.25 -2.47 -9.63
C LYS E 460 40.85 -3.04 -9.90
N TRP E 461 39.85 -2.45 -9.27
CA TRP E 461 38.49 -2.98 -9.18
C TRP E 461 37.46 -2.06 -9.80
N LEU E 462 36.59 -2.62 -10.62
CA LEU E 462 35.40 -1.93 -11.14
C LEU E 462 34.15 -2.73 -10.82
N HIS E 463 33.10 -2.02 -10.42
CA HIS E 463 31.80 -2.64 -10.21
C HIS E 463 30.82 -2.07 -11.23
N ILE E 464 30.23 -2.95 -12.04
CA ILE E 464 29.28 -2.55 -13.07
C ILE E 464 27.89 -3.08 -12.76
N ASP E 465 26.96 -2.15 -12.49
CA ASP E 465 25.57 -2.52 -12.21
C ASP E 465 24.78 -2.45 -13.51
N ILE E 466 24.44 -3.60 -14.05
CA ILE E 466 23.71 -3.62 -15.31
C ILE E 466 22.22 -3.91 -15.09
N ALA E 467 21.71 -3.57 -13.90
CA ALA E 467 20.35 -3.94 -13.53
C ALA E 467 19.32 -3.41 -14.52
N GLY E 468 19.60 -2.25 -15.12
CA GLY E 468 18.72 -1.69 -16.12
C GLY E 468 18.75 -2.43 -17.45
N PRO E 469 19.84 -2.29 -18.22
CA PRO E 469 19.87 -2.76 -19.62
C PRO E 469 20.00 -4.27 -19.85
N ALA E 470 20.45 -5.04 -18.86
CA ALA E 470 20.55 -6.49 -19.05
C ALA E 470 19.25 -7.10 -19.56
N TYR E 471 18.12 -6.55 -19.10
CA TYR E 471 16.80 -7.06 -19.50
C TYR E 471 15.74 -5.96 -19.54
N VAL E 472 15.14 -5.77 -20.72
CA VAL E 472 14.17 -4.71 -20.96
C VAL E 472 13.01 -5.33 -21.74
N GLU E 473 11.78 -5.05 -21.32
CA GLU E 473 10.61 -5.62 -21.97
C GLU E 473 10.09 -4.77 -23.14
N LYS E 474 10.99 -4.46 -24.07
CA LYS E 474 10.65 -3.89 -25.37
C LYS E 474 11.89 -3.90 -26.25
N GLU E 475 11.71 -3.67 -27.55
CA GLU E 475 12.86 -3.54 -28.45
C GLU E 475 13.46 -2.16 -28.30
N TRP E 476 14.79 -2.10 -28.22
CA TRP E 476 15.50 -0.82 -28.20
C TRP E 476 16.88 -0.98 -28.82
N ASP E 477 17.30 0.01 -29.61
CA ASP E 477 18.61 -0.04 -30.27
C ASP E 477 18.80 -1.38 -31.01
N VAL E 478 19.82 -2.15 -30.65
CA VAL E 478 20.10 -3.44 -31.29
C VAL E 478 19.63 -4.60 -30.43
N ASN E 479 18.69 -4.34 -29.54
CA ASN E 479 18.28 -5.36 -28.60
C ASN E 479 16.82 -5.70 -28.78
N SER E 480 16.53 -6.98 -28.86
CA SER E 480 15.15 -7.43 -28.98
C SER E 480 14.53 -7.48 -27.59
N PHE E 481 13.23 -7.75 -27.54
CA PHE E 481 12.53 -7.86 -26.25
C PHE E 481 13.23 -8.87 -25.35
N GLY E 482 13.49 -8.48 -24.12
CA GLY E 482 14.12 -9.36 -23.17
C GLY E 482 15.60 -9.09 -22.92
N ALA E 483 16.41 -10.14 -23.00
CA ALA E 483 17.85 -10.03 -22.72
C ALA E 483 18.55 -9.22 -23.79
N SER E 484 19.57 -8.47 -23.37
CA SER E 484 20.32 -7.59 -24.28
C SER E 484 21.77 -8.02 -24.45
N GLY E 485 22.31 -8.72 -23.45
CA GLY E 485 23.72 -9.05 -23.41
C GLY E 485 24.51 -7.83 -22.95
N ALA E 486 23.86 -6.94 -22.21
CA ALA E 486 24.52 -5.77 -21.64
C ALA E 486 25.83 -6.14 -20.93
N GLY E 487 26.86 -5.33 -21.14
CA GLY E 487 28.14 -5.55 -20.50
C GLY E 487 29.21 -6.22 -21.36
N VAL E 488 28.80 -7.08 -22.30
CA VAL E 488 29.77 -7.80 -23.12
C VAL E 488 30.56 -6.92 -24.10
N ARG E 489 29.87 -6.09 -24.86
CA ARG E 489 30.54 -5.16 -25.78
C ARG E 489 31.45 -4.20 -25.03
N ALA E 490 30.96 -3.70 -23.90
CA ALA E 490 31.68 -2.68 -23.15
C ALA E 490 32.96 -3.25 -22.56
N CYS E 491 32.84 -4.42 -21.93
CA CYS E 491 33.99 -5.01 -21.28
C CYS E 491 35.00 -5.48 -22.32
N THR E 492 34.52 -5.98 -23.46
CA THR E 492 35.40 -6.40 -24.53
C THR E 492 36.26 -5.23 -25.00
N ALA E 493 35.61 -4.09 -25.26
CA ALA E 493 36.31 -2.91 -25.73
C ALA E 493 37.29 -2.41 -24.67
N PHE E 494 36.87 -2.46 -23.42
CA PHE E 494 37.72 -2.04 -22.32
C PHE E 494 39.00 -2.88 -22.20
N VAL E 495 38.86 -4.20 -22.34
CA VAL E 495 40.00 -5.09 -22.32
C VAL E 495 40.93 -4.80 -23.53
N GLU E 496 40.36 -4.65 -24.71
CA GLU E 496 41.18 -4.36 -25.88
C GLU E 496 41.96 -3.05 -25.70
N GLU E 497 41.29 -2.01 -25.23
CA GLU E 497 41.96 -0.72 -25.03
C GLU E 497 43.05 -0.83 -23.99
N LEU E 498 42.76 -1.57 -22.93
CA LEU E 498 43.70 -1.78 -21.84
C LEU E 498 44.99 -2.46 -22.34
N LEU E 499 44.83 -3.47 -23.19
CA LEU E 499 45.96 -4.24 -23.68
C LEU E 499 46.79 -3.43 -24.67
N LYS E 500 46.16 -2.48 -25.36
CA LYS E 500 46.85 -1.58 -26.27
C LYS E 500 47.96 -0.83 -25.55
N LYS E 501 47.60 -0.20 -24.44
CA LYS E 501 48.55 0.53 -23.60
C LYS E 501 49.53 -0.39 -22.86
N ALA E 502 49.32 -1.70 -22.93
CA ALA E 502 50.22 -2.62 -22.26
C ALA E 502 51.11 -3.34 -23.27
N MET F 7 -39.04 10.32 25.22
CA MET F 7 -38.64 9.88 26.56
C MET F 7 -39.52 8.74 27.05
N LEU F 8 -38.92 7.78 27.73
CA LEU F 8 -39.68 6.76 28.42
C LEU F 8 -40.06 7.26 29.82
N LYS F 9 -41.35 7.56 30.03
CA LYS F 9 -41.81 7.99 31.33
C LYS F 9 -41.75 6.85 32.35
N ILE F 10 -41.17 7.09 33.50
CA ILE F 10 -41.15 6.08 34.55
C ILE F 10 -42.03 6.54 35.71
N LYS F 11 -43.03 5.74 36.05
CA LYS F 11 -43.89 6.01 37.19
C LYS F 11 -43.52 5.12 38.37
N LEU F 12 -43.12 5.72 39.50
CA LEU F 12 -42.95 4.96 40.72
C LEU F 12 -44.32 4.72 41.35
N GLU F 13 -44.60 3.48 41.74
CA GLU F 13 -45.88 3.15 42.37
C GLU F 13 -45.69 2.28 43.61
N LYS F 14 -46.29 2.72 44.71
CA LYS F 14 -46.29 1.97 45.96
C LYS F 14 -47.30 0.84 45.86
N THR F 15 -46.86 -0.29 45.33
CA THR F 15 -47.76 -1.40 45.04
C THR F 15 -46.96 -2.65 44.76
N THR F 16 -47.61 -3.80 44.82
CA THR F 16 -46.94 -5.03 44.46
C THR F 16 -46.88 -5.12 42.93
N PHE F 17 -45.88 -5.84 42.44
CA PHE F 17 -45.76 -6.08 40.99
C PHE F 17 -47.05 -6.70 40.46
N GLU F 18 -47.61 -7.61 41.24
CA GLU F 18 -48.84 -8.31 40.85
C GLU F 18 -50.01 -7.36 40.70
N ASN F 19 -50.10 -6.35 41.57
CA ASN F 19 -51.24 -5.43 41.57
C ASN F 19 -51.09 -4.25 40.62
N ALA F 20 -49.85 -3.95 40.24
CA ALA F 20 -49.59 -2.89 39.28
C ALA F 20 -50.23 -3.23 37.94
N LYS F 21 -50.59 -2.19 37.18
CA LYS F 21 -51.30 -2.38 35.92
C LYS F 21 -50.52 -1.79 34.75
N ALA F 22 -50.44 -2.56 33.66
CA ALA F 22 -49.72 -2.18 32.45
C ALA F 22 -50.06 -3.18 31.36
N GLU F 23 -49.80 -2.84 30.10
CA GLU F 23 -50.19 -3.73 29.02
C GLU F 23 -49.26 -4.94 28.87
N CYS F 24 -48.05 -4.86 29.40
CA CYS F 24 -47.18 -6.03 29.43
C CYS F 24 -46.28 -6.01 30.67
N SER F 25 -45.59 -7.11 30.90
CA SER F 25 -44.71 -7.26 32.06
C SER F 25 -43.27 -7.40 31.60
N LEU F 26 -42.34 -6.84 32.38
CA LEU F 26 -40.94 -7.15 32.19
C LEU F 26 -40.47 -7.90 33.42
N VAL F 27 -39.84 -9.06 33.22
CA VAL F 27 -39.24 -9.80 34.32
C VAL F 27 -37.81 -10.17 33.99
N PHE F 28 -36.87 -9.78 34.84
CA PHE F 28 -35.49 -10.18 34.64
C PHE F 28 -35.22 -11.57 35.16
N ILE F 29 -34.45 -12.34 34.40
CA ILE F 29 -33.99 -13.65 34.82
C ILE F 29 -32.49 -13.52 35.13
N ILE F 30 -32.17 -13.43 36.43
CA ILE F 30 -30.81 -13.22 36.88
C ILE F 30 -30.14 -14.57 37.09
N ASN F 31 -29.01 -14.78 36.43
CA ASN F 31 -28.18 -15.97 36.61
C ASN F 31 -28.97 -17.27 36.40
N LYS F 32 -29.84 -17.26 35.40
CA LYS F 32 -30.65 -18.42 35.01
C LYS F 32 -31.58 -18.96 36.11
N ASP F 33 -31.89 -18.11 37.08
CA ASP F 33 -32.87 -18.44 38.12
C ASP F 33 -34.31 -18.19 37.66
N PHE F 34 -35.02 -19.26 37.33
CA PHE F 34 -36.41 -19.16 36.89
C PHE F 34 -37.41 -19.50 38.01
N SER F 35 -36.95 -19.47 39.26
CA SER F 35 -37.75 -19.95 40.40
C SER F 35 -38.81 -18.97 40.92
N HIS F 36 -38.60 -17.69 40.69
CA HIS F 36 -39.42 -16.63 41.28
C HIS F 36 -40.89 -16.70 40.86
N ALA F 37 -41.78 -16.19 41.72
CA ALA F 37 -43.20 -16.13 41.44
C ALA F 37 -43.53 -15.33 40.18
N TRP F 38 -42.63 -14.44 39.78
CA TRP F 38 -42.91 -13.59 38.63
C TRP F 38 -42.73 -14.37 37.33
N VAL F 39 -42.09 -15.53 37.40
CA VAL F 39 -42.06 -16.44 36.27
C VAL F 39 -43.35 -17.26 36.22
N LYS F 40 -44.34 -16.74 35.52
CA LYS F 40 -45.71 -17.23 35.61
C LYS F 40 -45.92 -18.58 34.93
N ASN F 41 -45.27 -18.79 33.79
CA ASN F 41 -45.40 -20.04 33.05
C ASN F 41 -44.05 -20.60 32.69
N LYS F 42 -43.44 -21.32 33.63
CA LYS F 42 -42.12 -21.89 33.44
C LYS F 42 -42.10 -22.93 32.31
N GLU F 43 -43.13 -23.77 32.26
CA GLU F 43 -43.20 -24.83 31.27
C GLU F 43 -43.00 -24.30 29.84
N LEU F 44 -43.66 -23.18 29.52
CA LEU F 44 -43.53 -22.56 28.21
C LEU F 44 -42.07 -22.24 27.88
N LEU F 45 -41.34 -21.71 28.86
CA LEU F 45 -39.93 -21.39 28.67
C LEU F 45 -39.12 -22.65 28.38
N GLU F 46 -39.55 -23.78 28.95
CA GLU F 46 -38.84 -25.03 28.74
C GLU F 46 -39.12 -25.57 27.35
N THR F 47 -40.39 -25.54 26.95
CA THR F 47 -40.77 -26.01 25.62
C THR F 47 -40.05 -25.29 24.50
N PHE F 48 -39.85 -23.98 24.66
CA PHE F 48 -39.21 -23.22 23.59
C PHE F 48 -37.73 -22.96 23.86
N LYS F 49 -37.17 -23.74 24.78
CA LYS F 49 -35.74 -23.73 25.06
C LYS F 49 -35.21 -22.35 25.45
N TYR F 50 -35.95 -21.58 26.24
CA TYR F 50 -35.37 -20.33 26.73
C TYR F 50 -34.53 -20.62 27.96
N GLU F 51 -33.25 -20.27 27.88
CA GLU F 51 -32.33 -20.54 28.97
C GLU F 51 -31.74 -19.28 29.59
N GLY F 52 -32.35 -18.13 29.32
CA GLY F 52 -31.93 -16.90 29.97
C GLY F 52 -30.91 -16.11 29.19
N GLU F 53 -30.69 -16.49 27.94
CA GLU F 53 -29.89 -15.68 27.04
C GLU F 53 -30.79 -14.71 26.30
N GLY F 54 -30.55 -13.41 26.45
CA GLY F 54 -31.34 -12.41 25.76
C GLY F 54 -32.79 -12.40 26.18
N VAL F 55 -33.69 -12.02 25.27
CA VAL F 55 -35.09 -11.86 25.65
C VAL F 55 -35.99 -12.97 25.12
N PHE F 56 -37.13 -13.12 25.77
CA PHE F 56 -38.14 -14.08 25.37
C PHE F 56 -39.50 -13.57 25.81
N LEU F 57 -40.45 -13.54 24.88
CA LEU F 57 -41.78 -13.04 25.20
C LEU F 57 -42.77 -14.18 25.32
N ASP F 58 -43.29 -14.36 26.53
CA ASP F 58 -44.44 -15.22 26.80
C ASP F 58 -45.67 -14.53 26.21
N GLN F 59 -46.09 -14.97 25.03
CA GLN F 59 -47.14 -14.25 24.32
C GLN F 59 -48.47 -14.20 25.08
N GLU F 60 -48.86 -15.34 25.63
CA GLU F 60 -50.13 -15.47 26.31
C GLU F 60 -50.20 -14.56 27.53
N ASN F 61 -49.16 -14.58 28.35
CA ASN F 61 -49.16 -13.80 29.58
C ASN F 61 -48.69 -12.36 29.35
N LYS F 62 -48.14 -12.12 28.17
CA LYS F 62 -47.56 -10.82 27.81
C LYS F 62 -46.42 -10.45 28.76
N ILE F 63 -45.56 -11.43 29.03
CA ILE F 63 -44.37 -11.21 29.83
C ILE F 63 -43.11 -11.23 28.96
N LEU F 64 -42.34 -10.16 29.01
CA LEU F 64 -41.03 -10.17 28.38
C LEU F 64 -40.00 -10.53 29.45
N TYR F 65 -39.32 -11.65 29.24
CA TYR F 65 -38.23 -12.03 30.11
C TYR F 65 -36.93 -11.51 29.52
N ALA F 66 -36.05 -11.02 30.39
CA ALA F 66 -34.76 -10.50 29.93
C ALA F 66 -33.64 -11.09 30.78
N GLY F 67 -32.79 -11.87 30.15
CA GLY F 67 -31.73 -12.58 30.87
C GLY F 67 -30.63 -11.65 31.31
N VAL F 68 -30.20 -11.83 32.55
CA VAL F 68 -29.02 -11.17 33.10
C VAL F 68 -28.03 -12.27 33.52
N LYS F 69 -26.94 -12.40 32.76
CA LYS F 69 -26.04 -13.55 32.88
C LYS F 69 -25.54 -13.79 34.30
N GLU F 70 -25.15 -12.71 34.96
CA GLU F 70 -24.65 -12.78 36.33
C GLU F 70 -25.36 -11.74 37.17
N ASP F 71 -25.38 -11.93 38.47
CA ASP F 71 -25.95 -10.96 39.38
C ASP F 71 -25.06 -9.73 39.40
N ASP F 72 -25.23 -8.87 38.40
CA ASP F 72 -24.30 -7.79 38.16
C ASP F 72 -25.03 -6.52 37.72
N VAL F 73 -24.81 -5.42 38.43
CA VAL F 73 -25.45 -4.15 38.12
C VAL F 73 -25.28 -3.68 36.66
N HIS F 74 -24.10 -3.93 36.07
CA HIS F 74 -23.85 -3.48 34.72
C HIS F 74 -24.60 -4.34 33.71
N LEU F 75 -24.68 -5.64 33.94
CA LEU F 75 -25.47 -6.47 33.03
C LEU F 75 -26.96 -6.16 33.17
N LEU F 76 -27.39 -5.74 34.37
CA LEU F 76 -28.78 -5.34 34.58
C LEU F 76 -29.12 -4.16 33.69
N ARG F 77 -28.29 -3.13 33.76
CA ARG F 77 -28.44 -1.91 32.95
C ARG F 77 -28.54 -2.26 31.46
N GLU F 78 -27.66 -3.14 31.00
CA GLU F 78 -27.66 -3.62 29.62
C GLU F 78 -28.95 -4.39 29.26
N SER F 79 -29.37 -5.29 30.14
N SER F 79 -29.37 -5.28 30.15
CA SER F 79 -30.57 -6.08 29.89
CA SER F 79 -30.56 -6.09 29.91
C SER F 79 -31.81 -5.20 29.84
C SER F 79 -31.79 -5.21 29.84
N ALA F 80 -31.83 -4.20 30.70
CA ALA F 80 -32.94 -3.26 30.76
C ALA F 80 -33.10 -2.50 29.45
N CYS F 81 -31.96 -2.09 28.89
CA CYS F 81 -31.94 -1.40 27.62
C CYS F 81 -32.43 -2.31 26.50
N LEU F 82 -31.93 -3.53 26.45
CA LEU F 82 -32.36 -4.47 25.41
C LEU F 82 -33.87 -4.76 25.54
N ALA F 83 -34.36 -4.86 26.77
CA ALA F 83 -35.79 -5.11 26.99
C ALA F 83 -36.62 -4.02 26.32
N VAL F 84 -36.30 -2.76 26.59
CA VAL F 84 -37.06 -1.64 26.06
C VAL F 84 -36.87 -1.49 24.53
N ARG F 85 -35.68 -1.84 24.05
CA ARG F 85 -35.43 -1.87 22.62
C ARG F 85 -36.39 -2.86 21.97
N THR F 86 -36.58 -3.98 22.66
CA THR F 86 -37.43 -5.05 22.15
C THR F 86 -38.89 -4.62 22.14
N LEU F 87 -39.37 -4.10 23.27
CA LEU F 87 -40.74 -3.62 23.41
C LEU F 87 -41.08 -2.43 22.51
N LYS F 88 -40.05 -1.66 22.13
CA LYS F 88 -40.24 -0.46 21.31
C LYS F 88 -40.87 -0.79 19.94
N LYS F 89 -40.63 -2.00 19.46
CA LYS F 89 -41.11 -2.43 18.15
C LYS F 89 -42.48 -3.09 18.26
N LEU F 90 -43.04 -3.12 19.47
CA LEU F 90 -44.32 -3.80 19.66
C LEU F 90 -45.45 -2.80 19.90
N ALA F 91 -46.61 -3.31 20.27
CA ALA F 91 -47.80 -2.47 20.31
C ALA F 91 -48.26 -2.15 21.73
N PHE F 92 -47.45 -2.46 22.74
CA PHE F 92 -47.84 -2.17 24.12
C PHE F 92 -47.49 -0.73 24.51
N LYS F 93 -48.46 0.00 25.05
CA LYS F 93 -48.25 1.40 25.42
C LYS F 93 -47.47 1.55 26.71
N SER F 94 -47.44 0.48 27.52
CA SER F 94 -46.80 0.55 28.84
C SER F 94 -46.36 -0.84 29.29
N VAL F 95 -45.36 -0.87 30.17
CA VAL F 95 -44.80 -2.10 30.72
C VAL F 95 -44.64 -1.95 32.23
N LYS F 96 -44.84 -3.03 32.98
CA LYS F 96 -44.59 -2.96 34.43
C LYS F 96 -43.39 -3.82 34.80
N VAL F 97 -42.60 -3.35 35.75
CA VAL F 97 -41.39 -4.05 36.17
C VAL F 97 -41.25 -3.91 37.68
N GLY F 98 -40.77 -4.97 38.33
CA GLY F 98 -40.48 -4.94 39.76
C GLY F 98 -39.08 -4.45 40.05
N VAL F 99 -38.72 -4.33 41.33
CA VAL F 99 -37.44 -3.72 41.67
C VAL F 99 -36.34 -4.75 41.95
N TYR F 100 -35.15 -4.53 41.38
CA TYR F 100 -34.05 -5.50 41.41
C TYR F 100 -32.79 -5.03 42.14
N THR F 101 -32.27 -5.88 43.03
CA THR F 101 -31.07 -5.58 43.80
C THR F 101 -29.93 -6.56 43.48
N ASN F 109 -24.28 3.12 47.63
CA ASN F 109 -24.69 1.81 48.11
C ASN F 109 -25.47 1.05 47.03
N ALA F 110 -25.62 -0.26 47.25
CA ALA F 110 -26.14 -1.19 46.24
C ALA F 110 -27.50 -0.80 45.67
N LEU F 111 -28.48 -0.52 46.54
CA LEU F 111 -29.84 -0.28 46.09
C LEU F 111 -29.93 0.89 45.12
N LEU F 112 -29.37 2.03 45.51
CA LEU F 112 -29.39 3.21 44.66
C LEU F 112 -28.76 2.94 43.28
N GLU F 113 -27.57 2.34 43.33
N GLU F 113 -27.58 2.31 43.27
CA GLU F 113 -26.82 1.89 42.18
CA GLU F 113 -26.91 2.03 42.00
C GLU F 113 -27.68 1.05 41.24
C GLU F 113 -27.66 1.00 41.17
N ASN F 114 -28.28 0.02 41.83
CA ASN F 114 -29.11 -0.94 41.10
C ASN F 114 -30.30 -0.23 40.47
N LEU F 115 -30.91 0.68 41.22
CA LEU F 115 -32.06 1.43 40.71
C LEU F 115 -31.64 2.41 39.62
N LYS F 116 -30.46 2.99 39.76
CA LYS F 116 -29.93 3.88 38.73
C LYS F 116 -29.76 3.11 37.42
N ALA F 117 -29.10 1.96 37.51
CA ALA F 117 -28.85 1.09 36.36
C ALA F 117 -30.13 0.69 35.67
N LEU F 118 -31.11 0.25 36.46
CA LEU F 118 -32.39 -0.17 35.94
C LEU F 118 -33.11 0.95 35.22
N PHE F 119 -33.23 2.12 35.87
CA PHE F 119 -33.99 3.22 35.28
C PHE F 119 -33.27 3.85 34.08
N LEU F 120 -31.96 4.01 34.18
CA LEU F 120 -31.20 4.55 33.07
C LEU F 120 -31.24 3.58 31.89
N GLY F 121 -30.98 2.30 32.16
CA GLY F 121 -31.05 1.25 31.16
C GLY F 121 -32.35 1.28 30.39
N LEU F 122 -33.47 1.25 31.12
CA LEU F 122 -34.79 1.27 30.46
C LEU F 122 -34.93 2.48 29.55
N LYS F 123 -34.61 3.65 30.07
CA LYS F 123 -34.75 4.87 29.31
C LYS F 123 -33.88 4.88 28.05
N LEU F 124 -32.70 4.29 28.11
CA LEU F 124 -31.78 4.37 26.98
C LEU F 124 -32.25 3.48 25.82
N GLY F 125 -33.05 2.47 26.14
CA GLY F 125 -33.54 1.54 25.14
C GLY F 125 -34.38 2.18 24.04
N LEU F 126 -34.88 3.38 24.27
CA LEU F 126 -35.65 4.07 23.24
C LEU F 126 -34.74 4.81 22.25
N TYR F 127 -33.50 5.10 22.61
CA TYR F 127 -32.71 5.98 21.73
C TYR F 127 -32.21 5.24 20.49
N GLU F 128 -32.30 5.94 19.38
CA GLU F 128 -31.87 5.45 18.09
C GLU F 128 -31.66 6.66 17.20
N TYR F 129 -30.58 6.70 16.43
CA TYR F 129 -30.41 7.89 15.59
C TYR F 129 -31.15 7.68 14.27
N ASP F 130 -32.43 8.04 14.22
CA ASP F 130 -33.22 7.71 13.04
C ASP F 130 -33.88 8.92 12.39
N THR F 131 -33.42 10.10 12.76
N THR F 131 -33.43 10.11 12.74
CA THR F 131 -33.98 11.34 12.22
CA THR F 131 -34.03 11.33 12.23
C THR F 131 -34.07 11.35 10.69
C THR F 131 -34.03 11.41 10.69
N PHE F 132 -33.07 10.77 10.02
CA PHE F 132 -33.01 10.79 8.56
C PHE F 132 -33.70 9.59 7.90
N LYS F 133 -34.25 8.68 8.69
CA LYS F 133 -34.94 7.54 8.07
C LYS F 133 -36.37 7.90 7.72
N SER F 134 -36.80 7.51 6.52
CA SER F 134 -38.13 7.85 6.03
C SER F 134 -39.24 6.97 6.61
N ASN F 135 -38.86 5.81 7.11
CA ASN F 135 -39.82 4.91 7.73
C ASN F 135 -39.87 5.04 9.26
N LYS F 136 -39.22 6.07 9.79
CA LYS F 136 -39.13 6.24 11.24
C LYS F 136 -40.52 6.34 11.84
N LYS F 137 -40.69 5.77 13.02
CA LYS F 137 -41.99 5.72 13.67
C LYS F 137 -41.87 6.02 15.16
N GLU F 138 -42.86 6.71 15.70
CA GLU F 138 -42.94 6.87 17.14
C GLU F 138 -43.40 5.54 17.74
N SER F 139 -42.70 5.12 18.79
CA SER F 139 -43.07 3.88 19.44
C SER F 139 -44.38 4.07 20.18
N VAL F 140 -45.16 3.00 20.27
CA VAL F 140 -46.36 2.99 21.09
C VAL F 140 -45.97 2.98 22.56
N LEU F 141 -44.82 2.40 22.87
CA LEU F 141 -44.34 2.32 24.24
C LEU F 141 -44.00 3.70 24.78
N LYS F 142 -44.66 4.07 25.89
CA LYS F 142 -44.58 5.42 26.43
C LYS F 142 -44.20 5.47 27.90
N GLU F 143 -44.51 4.39 28.64
CA GLU F 143 -44.28 4.37 30.08
C GLU F 143 -43.82 3.03 30.61
N ALA F 144 -42.98 3.06 31.63
CA ALA F 144 -42.74 1.88 32.45
C ALA F 144 -43.27 2.13 33.86
N ILE F 145 -44.16 1.26 34.30
CA ILE F 145 -44.69 1.30 35.66
C ILE F 145 -43.79 0.49 36.59
N VAL F 146 -43.15 1.14 37.56
CA VAL F 146 -42.25 0.45 38.47
C VAL F 146 -42.90 0.18 39.82
N ALA F 147 -43.24 -1.08 40.06
CA ALA F 147 -43.82 -1.48 41.34
C ALA F 147 -42.71 -1.53 42.38
N LEU F 148 -42.74 -0.60 43.34
CA LEU F 148 -41.70 -0.56 44.36
C LEU F 148 -41.82 -1.76 45.29
N GLU F 149 -41.14 -2.83 44.88
CA GLU F 149 -41.14 -4.12 45.55
C GLU F 149 -39.85 -4.86 45.16
N LEU F 150 -39.15 -5.38 46.16
CA LEU F 150 -37.87 -6.07 45.91
C LEU F 150 -38.07 -7.42 45.24
N HIS F 151 -37.24 -7.69 44.23
CA HIS F 151 -37.27 -8.96 43.53
C HIS F 151 -36.68 -10.09 44.38
N SER F 161 -34.82 3.93 53.06
CA SER F 161 -36.11 3.83 52.40
C SER F 161 -35.96 3.51 50.92
N LEU F 162 -36.88 2.71 50.40
CA LEU F 162 -36.87 2.32 48.99
C LEU F 162 -37.42 3.45 48.09
N GLU F 163 -38.53 4.06 48.51
CA GLU F 163 -39.11 5.16 47.74
C GLU F 163 -38.16 6.35 47.61
N LYS F 164 -37.41 6.66 48.66
CA LYS F 164 -36.47 7.78 48.59
C LYS F 164 -35.35 7.48 47.59
N SER F 165 -34.73 6.31 47.73
CA SER F 165 -33.67 5.89 46.81
C SER F 165 -34.16 5.70 45.36
N ALA F 166 -35.42 5.31 45.20
CA ALA F 166 -35.97 5.14 43.86
C ALA F 166 -36.16 6.51 43.24
N LYS F 167 -36.57 7.46 44.07
CA LYS F 167 -36.77 8.81 43.60
C LYS F 167 -35.43 9.43 43.26
N GLU F 168 -34.41 9.08 44.04
CA GLU F 168 -33.08 9.61 43.80
C GLU F 168 -32.52 9.08 42.48
N ALA F 169 -32.68 7.77 42.27
CA ALA F 169 -32.23 7.10 41.05
C ALA F 169 -33.00 7.59 39.83
N LEU F 170 -34.31 7.82 39.98
CA LEU F 170 -35.12 8.33 38.88
C LEU F 170 -34.68 9.72 38.41
N LYS F 171 -34.36 10.59 39.37
CA LYS F 171 -33.85 11.92 39.05
C LYS F 171 -32.55 11.80 38.24
N TYR F 172 -31.68 10.89 38.68
CA TYR F 172 -30.42 10.63 37.98
C TYR F 172 -30.69 10.15 36.56
N ALA F 173 -31.53 9.12 36.44
CA ALA F 173 -31.80 8.51 35.15
C ALA F 173 -32.35 9.53 34.16
N GLU F 174 -33.22 10.40 34.67
CA GLU F 174 -33.87 11.39 33.81
C GLU F 174 -32.86 12.40 33.32
N ILE F 175 -31.99 12.83 34.23
CA ILE F 175 -31.01 13.84 33.87
C ILE F 175 -29.94 13.25 32.97
N MET F 176 -29.51 12.03 33.30
CA MET F 176 -28.40 11.42 32.58
C MET F 176 -28.85 10.99 31.16
N THR F 177 -30.09 10.51 31.03
CA THR F 177 -30.65 10.19 29.70
C THR F 177 -30.69 11.44 28.80
N GLU F 178 -31.24 12.53 29.34
CA GLU F 178 -31.32 13.77 28.56
C GLU F 178 -29.93 14.19 28.14
N SER F 179 -29.01 14.10 29.09
CA SER F 179 -27.66 14.61 28.91
C SER F 179 -26.95 13.76 27.86
N LEU F 180 -27.09 12.45 28.02
CA LEU F 180 -26.53 11.51 27.05
C LEU F 180 -27.09 11.70 25.65
N ASN F 181 -28.40 11.89 25.55
CA ASN F 181 -28.99 11.99 24.23
C ASN F 181 -28.68 13.33 23.57
N ILE F 182 -28.40 14.35 24.38
CA ILE F 182 -27.92 15.63 23.85
C ILE F 182 -26.58 15.42 23.15
N VAL F 183 -25.68 14.71 23.82
CA VAL F 183 -24.36 14.45 23.28
C VAL F 183 -24.44 13.56 22.03
N LYS F 184 -25.26 12.52 22.10
CA LYS F 184 -25.44 11.61 20.95
C LYS F 184 -26.04 12.32 19.74
N ASP F 185 -27.07 13.13 19.94
CA ASP F 185 -27.66 13.81 18.78
C ASP F 185 -26.66 14.74 18.14
N LEU F 186 -25.87 15.40 18.97
CA LEU F 186 -24.85 16.30 18.50
C LEU F 186 -23.77 15.56 17.71
N VAL F 187 -23.18 14.53 18.32
CA VAL F 187 -22.14 13.72 17.68
C VAL F 187 -22.67 13.01 16.42
N ASN F 188 -23.90 12.50 16.47
CA ASN F 188 -24.49 11.85 15.29
C ASN F 188 -24.80 12.82 14.15
N THR F 189 -24.95 14.11 14.45
CA THR F 189 -25.27 15.11 13.44
C THR F 189 -24.20 15.19 12.35
N PRO F 190 -24.62 15.05 11.08
CA PRO F 190 -23.66 15.11 9.95
C PRO F 190 -22.92 16.45 9.88
N PRO F 191 -21.67 16.43 9.40
CA PRO F 191 -20.74 17.56 9.45
C PRO F 191 -21.18 18.76 8.62
N MET F 192 -21.95 18.60 7.54
CA MET F 192 -22.43 19.77 6.79
C MET F 192 -23.37 20.61 7.66
N ILE F 193 -24.05 19.94 8.58
CA ILE F 193 -24.95 20.58 9.53
C ILE F 193 -24.20 20.91 10.82
N GLY F 194 -23.44 19.93 11.31
CA GLY F 194 -22.76 20.05 12.59
C GLY F 194 -21.46 20.80 12.48
N THR F 195 -21.57 22.10 12.25
CA THR F 195 -20.44 22.98 12.13
C THR F 195 -20.02 23.52 13.52
N PRO F 196 -18.85 24.18 13.61
CA PRO F 196 -18.55 24.79 14.91
C PRO F 196 -19.62 25.78 15.35
N VAL F 197 -20.23 26.50 14.42
CA VAL F 197 -21.33 27.37 14.81
C VAL F 197 -22.51 26.56 15.34
N TYR F 198 -22.77 25.40 14.74
CA TYR F 198 -23.84 24.52 15.22
C TYR F 198 -23.57 23.98 16.63
N MET F 199 -22.35 23.55 16.90
CA MET F 199 -21.95 23.15 18.25
C MET F 199 -22.25 24.28 19.24
N ALA F 200 -21.90 25.51 18.87
CA ALA F 200 -22.14 26.65 19.75
C ALA F 200 -23.63 26.89 19.99
N GLU F 201 -24.45 26.67 18.96
CA GLU F 201 -25.89 26.83 19.11
C GLU F 201 -26.47 25.81 20.10
N VAL F 202 -25.97 24.57 20.05
CA VAL F 202 -26.43 23.55 21.00
C VAL F 202 -25.99 23.95 22.43
N ALA F 203 -24.75 24.41 22.56
CA ALA F 203 -24.26 24.95 23.83
C ALA F 203 -25.17 26.08 24.33
N GLN F 204 -25.60 26.95 23.42
CA GLN F 204 -26.48 28.06 23.80
C GLN F 204 -27.77 27.55 24.40
N LYS F 205 -28.37 26.54 23.76
CA LYS F 205 -29.63 25.96 24.24
C LYS F 205 -29.47 25.37 25.64
N VAL F 206 -28.36 24.69 25.86
CA VAL F 206 -28.07 24.09 27.15
C VAL F 206 -27.86 25.19 28.20
N ALA F 207 -27.24 26.30 27.80
CA ALA F 207 -27.04 27.42 28.70
C ALA F 207 -28.38 28.06 29.07
N LYS F 208 -29.20 28.33 28.07
CA LYS F 208 -30.51 28.95 28.24
C LYS F 208 -31.41 28.09 29.15
N GLU F 209 -31.41 26.79 28.90
CA GLU F 209 -32.23 25.85 29.65
C GLU F 209 -31.81 25.79 31.12
N ASN F 210 -30.51 25.90 31.37
CA ASN F 210 -29.99 25.79 32.73
C ASN F 210 -29.55 27.10 33.37
N HIS F 211 -29.86 28.22 32.74
CA HIS F 211 -29.50 29.54 33.27
C HIS F 211 -28.00 29.64 33.49
N LEU F 212 -27.23 29.10 32.54
CA LEU F 212 -25.78 29.15 32.62
C LEU F 212 -25.21 30.38 31.92
N GLU F 213 -24.10 30.86 32.43
CA GLU F 213 -23.28 31.83 31.71
C GLU F 213 -22.69 31.14 30.48
N ILE F 214 -22.68 31.81 29.35
CA ILE F 214 -21.99 31.26 28.18
C ILE F 214 -21.25 32.36 27.41
N HIS F 215 -19.98 32.07 27.10
CA HIS F 215 -19.19 32.92 26.20
C HIS F 215 -18.88 32.13 24.93
N VAL F 216 -19.12 32.75 23.77
CA VAL F 216 -18.78 32.11 22.49
C VAL F 216 -17.82 33.04 21.75
N HIS F 217 -16.55 32.65 21.73
CA HIS F 217 -15.48 33.44 21.11
C HIS F 217 -15.20 33.00 19.67
N ASP F 218 -14.83 33.94 18.80
CA ASP F 218 -14.50 33.64 17.40
C ASP F 218 -13.00 33.74 17.13
N GLU F 219 -12.62 33.77 15.86
CA GLU F 219 -11.20 33.77 15.49
C GLU F 219 -10.46 35.03 15.95
N LYS F 220 -11.16 36.16 16.08
CA LYS F 220 -10.54 37.39 16.55
C LYS F 220 -10.08 37.26 18.02
N PHE F 221 -10.91 36.63 18.84
CA PHE F 221 -10.55 36.34 20.23
C PHE F 221 -9.35 35.42 20.29
N LEU F 222 -9.38 34.41 19.44
CA LEU F 222 -8.29 33.44 19.32
C LEU F 222 -6.97 34.15 18.97
N GLU F 223 -7.00 35.07 17.99
CA GLU F 223 -5.77 35.79 17.62
C GLU F 223 -5.32 36.69 18.77
N GLU F 224 -6.27 37.37 19.39
CA GLU F 224 -5.99 38.23 20.55
C GLU F 224 -5.27 37.47 21.66
N LYS F 225 -5.73 36.26 21.92
CA LYS F 225 -5.15 35.45 22.97
C LYS F 225 -3.96 34.61 22.47
N LYS F 226 -3.56 34.84 21.21
CA LYS F 226 -2.38 34.21 20.64
C LYS F 226 -2.50 32.69 20.59
N MET F 227 -3.71 32.20 20.34
CA MET F 227 -3.96 30.77 20.26
C MET F 227 -3.73 30.32 18.82
N ASN F 228 -2.44 30.27 18.44
CA ASN F 228 -2.08 30.06 17.04
C ASN F 228 -2.08 28.59 16.64
N ALA F 229 -1.95 27.69 17.61
CA ALA F 229 -2.09 26.27 17.31
C ALA F 229 -3.54 25.96 16.93
N PHE F 230 -4.48 26.38 17.77
CA PHE F 230 -5.92 26.30 17.47
C PHE F 230 -6.19 26.90 16.08
N LEU F 231 -5.74 28.13 15.87
CA LEU F 231 -6.01 28.82 14.61
C LEU F 231 -5.43 28.11 13.38
N ALA F 232 -4.24 27.52 13.53
CA ALA F 232 -3.58 26.81 12.43
C ALA F 232 -4.49 25.70 11.89
N VAL F 233 -5.10 24.96 12.82
CA VAL F 233 -5.96 23.83 12.46
C VAL F 233 -7.15 24.33 11.64
N ASN F 234 -7.65 25.50 12.02
CA ASN F 234 -8.81 26.10 11.36
C ASN F 234 -8.50 26.79 10.03
N LYS F 235 -7.22 27.09 9.76
CA LYS F 235 -6.82 27.89 8.60
C LYS F 235 -7.49 27.49 7.29
N ALA F 236 -7.49 26.19 7.02
CA ALA F 236 -8.00 25.70 5.74
C ALA F 236 -9.46 26.08 5.55
N SER F 237 -10.24 26.05 6.63
CA SER F 237 -11.69 26.19 6.51
C SER F 237 -12.24 27.48 7.10
N LEU F 238 -11.35 28.35 7.58
CA LEU F 238 -11.75 29.59 8.24
C LEU F 238 -12.84 30.37 7.48
N SER F 239 -12.66 30.49 6.17
CA SER F 239 -13.57 31.28 5.36
C SER F 239 -14.88 30.53 5.07
N VAL F 240 -14.93 29.25 5.41
CA VAL F 240 -16.16 28.46 5.22
C VAL F 240 -16.91 28.28 6.54
N ASN F 241 -16.20 27.75 7.53
CA ASN F 241 -16.72 27.59 8.88
C ASN F 241 -15.70 28.09 9.87
N PRO F 242 -15.88 29.33 10.32
CA PRO F 242 -14.96 29.87 11.33
C PRO F 242 -15.01 29.07 12.63
N PRO F 243 -13.94 29.14 13.42
CA PRO F 243 -13.90 28.35 14.66
C PRO F 243 -14.70 29.03 15.77
N ARG F 244 -14.99 28.27 16.80
CA ARG F 244 -15.61 28.82 17.99
C ARG F 244 -14.93 28.27 19.24
N LEU F 245 -14.57 29.16 20.17
CA LEU F 245 -14.21 28.77 21.52
C LEU F 245 -15.42 28.92 22.43
N ILE F 246 -16.03 27.79 22.78
CA ILE F 246 -17.27 27.81 23.55
C ILE F 246 -16.95 27.64 25.03
N HIS F 247 -17.42 28.57 25.85
CA HIS F 247 -17.14 28.58 27.28
C HIS F 247 -18.42 28.67 28.10
N LEU F 248 -18.84 27.55 28.66
CA LEU F 248 -20.03 27.46 29.49
C LEU F 248 -19.63 27.55 30.95
N VAL F 249 -20.44 28.21 31.76
CA VAL F 249 -20.12 28.33 33.18
C VAL F 249 -21.33 28.00 34.04
N TYR F 250 -21.16 27.03 34.91
CA TYR F 250 -22.17 26.72 35.92
C TYR F 250 -21.68 27.18 37.29
N LYS F 251 -22.42 28.10 37.91
CA LYS F 251 -22.02 28.71 39.18
C LYS F 251 -23.11 28.57 40.24
N PRO F 252 -22.96 27.61 41.16
CA PRO F 252 -23.98 27.38 42.18
C PRO F 252 -23.78 28.27 43.41
N LYS F 253 -24.77 28.26 44.29
CA LYS F 253 -24.71 28.96 45.57
C LYS F 253 -23.42 28.61 46.30
N LYS F 254 -23.21 27.31 46.47
CA LYS F 254 -22.03 26.80 47.14
C LYS F 254 -21.11 26.08 46.14
N ALA F 255 -19.89 26.57 46.01
CA ALA F 255 -18.91 25.93 45.14
C ALA F 255 -17.73 25.46 45.97
N LYS F 256 -17.60 24.16 46.14
CA LYS F 256 -16.50 23.60 46.92
C LYS F 256 -15.21 23.46 46.10
N LYS F 257 -15.36 23.41 44.78
CA LYS F 257 -14.21 23.34 43.86
C LYS F 257 -14.55 24.12 42.59
N LYS F 258 -13.51 24.56 41.89
CA LYS F 258 -13.68 25.02 40.52
C LYS F 258 -13.18 23.93 39.57
N ILE F 259 -14.05 23.50 38.65
CA ILE F 259 -13.70 22.40 37.77
C ILE F 259 -13.81 22.84 36.30
N ALA F 260 -12.71 22.64 35.58
CA ALA F 260 -12.63 22.95 34.15
C ALA F 260 -12.68 21.66 33.31
N LEU F 261 -13.65 21.60 32.41
CA LEU F 261 -13.82 20.44 31.55
C LEU F 261 -13.57 20.88 30.11
N VAL F 262 -12.50 20.36 29.53
CA VAL F 262 -12.03 20.85 28.24
C VAL F 262 -12.24 19.79 27.17
N GLY F 263 -12.79 20.16 26.02
CA GLY F 263 -13.17 19.17 25.02
C GLY F 263 -12.79 19.47 23.60
N LYS F 264 -12.28 18.45 22.92
CA LYS F 264 -11.96 18.53 21.51
C LYS F 264 -13.24 18.56 20.68
N GLY F 265 -13.51 19.67 20.02
CA GLY F 265 -14.69 19.80 19.19
C GLY F 265 -14.35 19.81 17.71
N LEU F 266 -13.69 18.76 17.23
CA LEU F 266 -13.38 18.71 15.80
C LEU F 266 -14.61 18.20 15.08
N THR F 267 -15.37 19.11 14.49
CA THR F 267 -16.68 18.78 13.95
C THR F 267 -16.51 17.99 12.66
N TYR F 268 -15.33 18.10 12.07
CA TYR F 268 -14.92 17.13 11.05
C TYR F 268 -13.40 17.14 10.88
N ASP F 269 -12.85 15.95 10.72
CA ASP F 269 -11.42 15.81 10.57
C ASP F 269 -11.13 14.93 9.36
N CYS F 270 -10.73 15.55 8.25
CA CYS F 270 -10.35 14.79 7.06
C CYS F 270 -8.86 14.47 7.14
N GLY F 271 -8.19 15.09 8.11
CA GLY F 271 -6.75 14.90 8.35
C GLY F 271 -5.90 16.05 7.84
N GLY F 272 -6.53 16.96 7.09
CA GLY F 272 -5.82 18.10 6.56
C GLY F 272 -4.97 17.66 5.39
N LEU F 273 -3.87 18.37 5.15
CA LEU F 273 -2.95 18.02 4.08
C LEU F 273 -2.46 16.58 4.19
N SER F 274 -2.27 16.11 5.43
CA SER F 274 -1.98 14.70 5.68
C SER F 274 -3.30 13.95 5.63
N LEU F 275 -3.87 13.89 4.42
CA LEU F 275 -5.22 13.40 4.21
C LEU F 275 -5.41 11.97 4.72
N LYS F 276 -6.54 11.70 5.39
CA LYS F 276 -6.91 10.34 5.80
C LYS F 276 -7.28 9.51 4.58
N PRO F 277 -6.99 8.21 4.61
CA PRO F 277 -7.54 7.32 3.57
C PRO F 277 -9.06 7.23 3.69
N ALA F 278 -9.72 6.87 2.58
CA ALA F 278 -11.18 6.82 2.52
C ALA F 278 -11.76 6.00 3.69
N ASP F 279 -11.15 4.86 3.96
CA ASP F 279 -11.65 3.92 4.96
C ASP F 279 -11.62 4.47 6.38
N TYR F 280 -10.77 5.47 6.62
CA TYR F 280 -10.57 6.00 7.97
C TYR F 280 -11.25 7.35 8.18
N MET F 281 -11.74 7.95 7.10
CA MET F 281 -12.34 9.27 7.18
C MET F 281 -13.81 9.17 7.59
N VAL F 282 -14.46 8.07 7.23
CA VAL F 282 -15.82 7.81 7.69
C VAL F 282 -15.83 7.80 9.23
N THR F 283 -16.94 8.29 9.82
CA THR F 283 -17.17 8.44 11.27
C THR F 283 -16.43 9.65 11.89
N MET F 284 -15.72 10.44 11.08
CA MET F 284 -14.98 11.58 11.63
C MET F 284 -15.88 12.76 12.05
N LYS F 285 -17.18 12.65 11.76
CA LYS F 285 -18.16 13.56 12.34
C LYS F 285 -18.15 13.42 13.86
N ALA F 286 -17.52 12.36 14.36
CA ALA F 286 -17.50 12.06 15.79
C ALA F 286 -16.21 12.51 16.45
N ASP F 287 -15.39 13.28 15.73
CA ASP F 287 -14.17 13.84 16.27
C ASP F 287 -14.49 14.98 17.23
N LYS F 288 -15.77 15.34 17.26
CA LYS F 288 -16.27 16.32 18.21
C LYS F 288 -16.85 15.62 19.45
N GLY F 289 -16.49 14.35 19.64
CA GLY F 289 -17.04 13.55 20.72
C GLY F 289 -16.73 14.09 22.11
N GLY F 290 -15.52 14.61 22.27
CA GLY F 290 -15.06 15.16 23.54
C GLY F 290 -15.74 16.50 23.84
N GLY F 291 -15.71 17.40 22.87
CA GLY F 291 -16.39 18.67 22.99
C GLY F 291 -17.87 18.49 23.25
N SER F 292 -18.46 17.50 22.58
CA SER F 292 -19.87 17.20 22.77
C SER F 292 -20.13 16.68 24.18
N ALA F 293 -19.20 15.89 24.71
CA ALA F 293 -19.36 15.31 26.04
C ALA F 293 -19.38 16.41 27.08
N VAL F 294 -18.50 17.40 26.90
CA VAL F 294 -18.44 18.53 27.82
C VAL F 294 -19.76 19.31 27.85
N ILE F 295 -20.39 19.49 26.69
CA ILE F 295 -21.68 20.22 26.65
C ILE F 295 -22.74 19.46 27.46
N GLY F 296 -22.78 18.14 27.31
CA GLY F 296 -23.73 17.30 28.04
C GLY F 296 -23.44 17.26 29.54
N LEU F 297 -22.15 17.31 29.89
CA LEU F 297 -21.74 17.30 31.28
C LEU F 297 -22.20 18.54 32.01
N LEU F 298 -22.18 19.68 31.35
CA LEU F 298 -22.64 20.90 32.00
C LEU F 298 -24.14 20.83 32.19
N ASN F 299 -24.83 20.14 31.28
CA ASN F 299 -26.26 19.92 31.45
C ASN F 299 -26.53 19.02 32.66
N ALA F 300 -25.82 17.92 32.76
CA ALA F 300 -26.02 16.95 33.84
C ALA F 300 -25.68 17.56 35.20
N LEU F 301 -24.48 18.10 35.30
CA LEU F 301 -23.99 18.60 36.58
C LEU F 301 -24.83 19.79 37.08
N ALA F 302 -25.25 20.67 36.18
CA ALA F 302 -26.11 21.76 36.57
C ALA F 302 -27.47 21.24 37.07
N LYS F 303 -28.09 20.35 36.31
CA LYS F 303 -29.37 19.80 36.74
C LYS F 303 -29.22 18.95 38.00
N LEU F 304 -28.06 18.34 38.19
CA LEU F 304 -27.85 17.58 39.42
C LEU F 304 -27.61 18.53 40.58
N GLY F 305 -27.31 19.79 40.27
CA GLY F 305 -27.08 20.80 41.27
C GLY F 305 -25.85 20.52 42.12
N VAL F 306 -24.78 20.08 41.47
CA VAL F 306 -23.55 19.77 42.18
C VAL F 306 -22.98 21.06 42.78
N GLU F 307 -22.33 20.92 43.92
CA GLU F 307 -21.71 22.06 44.62
C GLU F 307 -20.29 22.34 44.16
N ALA F 308 -20.16 22.84 42.93
CA ALA F 308 -18.86 23.14 42.34
C ALA F 308 -19.11 24.07 41.18
N GLU F 309 -18.18 25.00 40.97
CA GLU F 309 -18.23 25.90 39.83
C GLU F 309 -17.61 25.14 38.66
N VAL F 310 -18.41 24.89 37.63
CA VAL F 310 -17.98 24.03 36.55
C VAL F 310 -17.91 24.81 35.24
N HIS F 311 -16.73 24.74 34.62
CA HIS F 311 -16.47 25.40 33.35
C HIS F 311 -16.39 24.37 32.24
N GLY F 312 -17.08 24.64 31.13
CA GLY F 312 -17.07 23.73 30.00
C GLY F 312 -16.43 24.45 28.83
N ILE F 313 -15.24 24.00 28.45
CA ILE F 313 -14.50 24.68 27.39
C ILE F 313 -14.36 23.80 26.14
N ILE F 314 -14.84 24.29 25.00
CA ILE F 314 -14.85 23.49 23.77
C ILE F 314 -14.14 24.22 22.65
N GLY F 315 -13.10 23.60 22.12
CA GLY F 315 -12.42 24.15 20.96
C GLY F 315 -13.07 23.55 19.72
N ALA F 316 -13.87 24.35 19.03
CA ALA F 316 -14.62 23.85 17.89
C ALA F 316 -14.04 24.35 16.58
N THR F 317 -13.71 23.43 15.69
CA THR F 317 -13.24 23.74 14.35
C THR F 317 -13.26 22.49 13.49
N GLU F 318 -13.23 22.64 12.17
CA GLU F 318 -12.94 21.53 11.28
C GLU F 318 -11.44 21.50 11.02
N ASN F 319 -10.92 20.33 10.67
CA ASN F 319 -9.55 20.17 10.17
C ASN F 319 -9.69 19.78 8.70
N MET F 320 -9.72 20.78 7.82
CA MET F 320 -10.00 20.57 6.40
C MET F 320 -8.74 20.68 5.53
N ILE F 321 -8.89 20.40 4.24
CA ILE F 321 -7.76 20.45 3.32
C ILE F 321 -8.08 21.53 2.29
N GLY F 322 -7.04 22.19 1.78
CA GLY F 322 -7.25 23.33 0.89
C GLY F 322 -5.99 24.17 0.81
N PRO F 323 -6.00 25.23 -0.03
CA PRO F 323 -4.77 25.98 -0.30
C PRO F 323 -4.29 26.87 0.87
N ALA F 324 -5.11 27.05 1.90
CA ALA F 324 -4.66 27.84 3.05
C ALA F 324 -4.36 26.95 4.26
N ALA F 325 -4.47 25.64 4.08
CA ALA F 325 -4.30 24.70 5.19
C ALA F 325 -2.92 24.81 5.84
N TYR F 326 -2.85 24.65 7.16
CA TYR F 326 -1.53 24.61 7.77
C TYR F 326 -0.78 23.35 7.31
N LYS F 327 0.54 23.35 7.43
CA LYS F 327 1.32 22.35 6.71
C LYS F 327 2.32 21.56 7.56
N PRO F 328 2.56 20.29 7.20
CA PRO F 328 3.73 19.60 7.69
C PRO F 328 4.92 20.57 7.39
N ASP F 329 5.78 20.80 8.37
CA ASP F 329 6.90 21.76 8.40
C ASP F 329 6.54 23.09 9.03
N ASP F 330 5.28 23.27 9.40
CA ASP F 330 4.93 24.53 10.05
C ASP F 330 5.37 24.43 11.49
N ILE F 331 5.75 25.59 12.03
CA ILE F 331 6.16 25.72 13.42
C ILE F 331 5.27 26.78 14.03
N LEU F 332 4.41 26.33 14.93
CA LEU F 332 3.37 27.20 15.49
C LEU F 332 3.76 27.63 16.89
N ILE F 333 3.50 28.89 17.22
CA ILE F 333 3.72 29.36 18.58
C ILE F 333 2.43 29.22 19.38
N SER F 334 2.44 28.28 20.33
CA SER F 334 1.26 28.04 21.17
C SER F 334 0.99 29.25 22.06
N LYS F 335 -0.23 29.33 22.58
CA LYS F 335 -0.58 30.35 23.55
C LYS F 335 0.37 30.29 24.73
N GLU F 336 0.69 29.07 25.16
CA GLU F 336 1.63 28.87 26.27
C GLU F 336 3.06 29.35 25.94
N GLY F 337 3.38 29.48 24.66
CA GLY F 337 4.67 30.04 24.26
C GLY F 337 5.65 29.03 23.69
N LYS F 338 5.45 27.76 24.02
CA LYS F 338 6.24 26.69 23.44
C LYS F 338 5.91 26.56 21.96
N SER F 339 6.95 26.40 21.16
CA SER F 339 6.78 26.25 19.72
C SER F 339 6.57 24.79 19.35
N ILE F 340 5.76 24.56 18.32
CA ILE F 340 5.38 23.21 17.90
C ILE F 340 5.76 22.95 16.44
N GLU F 341 6.63 21.98 16.23
CA GLU F 341 6.94 21.56 14.87
C GLU F 341 5.84 20.63 14.40
N VAL F 342 5.11 21.04 13.36
CA VAL F 342 4.12 20.17 12.74
C VAL F 342 4.78 19.22 11.74
N ARG F 343 4.61 17.91 11.94
CA ARG F 343 5.08 16.94 10.94
C ARG F 343 3.95 16.15 10.32
N ASN F 344 2.74 16.28 10.87
CA ASN F 344 1.57 15.57 10.36
C ASN F 344 0.29 16.31 10.80
N THR F 345 -0.50 16.77 9.83
CA THR F 345 -1.62 17.64 10.17
C THR F 345 -2.80 16.85 10.70
N ASP F 346 -2.69 15.52 10.70
CA ASP F 346 -3.75 14.66 11.21
C ASP F 346 -3.61 14.48 12.73
N ALA F 347 -2.58 15.09 13.33
CA ALA F 347 -2.50 15.19 14.79
C ALA F 347 -2.87 16.61 15.21
N GLU F 348 -4.09 17.01 14.81
CA GLU F 348 -4.57 18.36 15.01
C GLU F 348 -5.26 18.55 16.38
N GLY F 349 -5.84 17.48 16.91
CA GLY F 349 -6.64 17.60 18.13
C GLY F 349 -5.79 18.15 19.25
N ARG F 350 -4.54 17.69 19.32
CA ARG F 350 -3.63 18.08 20.39
C ARG F 350 -3.19 19.53 20.20
N LEU F 351 -3.29 20.05 18.98
CA LEU F 351 -2.98 21.46 18.77
C LEU F 351 -4.08 22.35 19.33
N VAL F 352 -5.32 22.04 18.93
CA VAL F 352 -6.48 22.74 19.49
C VAL F 352 -6.50 22.61 21.02
N LEU F 353 -6.28 21.40 21.53
CA LEU F 353 -6.30 21.17 22.96
C LEU F 353 -5.19 21.90 23.73
N ALA F 354 -4.01 22.03 23.14
CA ALA F 354 -2.93 22.76 23.79
C ALA F 354 -3.31 24.20 24.12
N ASP F 355 -3.99 24.84 23.17
CA ASP F 355 -4.43 26.20 23.38
C ASP F 355 -5.63 26.22 24.32
N CYS F 356 -6.54 25.26 24.17
CA CYS F 356 -7.73 25.26 25.02
C CYS F 356 -7.41 24.93 26.47
N LEU F 357 -6.36 24.13 26.69
CA LEU F 357 -5.91 23.81 28.03
C LEU F 357 -5.29 25.05 28.67
N SER F 358 -4.60 25.82 27.84
CA SER F 358 -3.96 27.05 28.28
C SER F 358 -5.01 28.03 28.77
N TYR F 359 -6.02 28.27 27.95
CA TYR F 359 -7.18 29.09 28.30
C TYR F 359 -7.83 28.61 29.60
N ALA F 360 -7.91 27.29 29.76
CA ALA F 360 -8.56 26.71 30.93
C ALA F 360 -7.77 26.97 32.20
N GLN F 361 -6.45 26.88 32.12
CA GLN F 361 -5.61 27.11 33.31
C GLN F 361 -5.64 28.58 33.74
N ASP F 362 -6.01 29.48 32.82
CA ASP F 362 -6.14 30.89 33.15
C ASP F 362 -7.30 31.13 34.11
N LEU F 363 -8.20 30.14 34.22
CA LEU F 363 -9.32 30.18 35.17
C LEU F 363 -8.88 29.75 36.58
N ASN F 364 -7.63 29.31 36.69
CA ASN F 364 -7.11 28.70 37.92
C ASN F 364 -8.09 27.74 38.57
N PRO F 365 -8.43 26.66 37.84
CA PRO F 365 -9.35 25.67 38.40
C PRO F 365 -8.62 24.80 39.41
N ASP F 366 -9.36 24.10 40.26
CA ASP F 366 -8.79 23.06 41.14
C ASP F 366 -8.52 21.75 40.42
N VAL F 367 -9.35 21.46 39.43
CA VAL F 367 -9.26 20.24 38.64
C VAL F 367 -9.50 20.57 37.17
N ILE F 368 -8.67 20.00 36.31
CA ILE F 368 -8.86 20.08 34.87
C ILE F 368 -8.97 18.68 34.29
N VAL F 369 -10.05 18.42 33.56
CA VAL F 369 -10.19 17.16 32.83
C VAL F 369 -10.42 17.46 31.36
N ASP F 370 -9.61 16.87 30.48
CA ASP F 370 -9.90 17.03 29.07
C ASP F 370 -10.42 15.72 28.48
N PHE F 371 -11.33 15.86 27.52
CA PHE F 371 -11.89 14.74 26.78
C PHE F 371 -11.60 14.93 25.30
N ALA F 372 -11.01 13.93 24.67
CA ALA F 372 -10.65 14.05 23.25
C ALA F 372 -10.70 12.69 22.57
N THR F 373 -11.28 12.68 21.37
CA THR F 373 -11.13 11.54 20.47
C THR F 373 -9.76 11.73 19.84
N LEU F 374 -8.72 11.44 20.60
CA LEU F 374 -7.41 11.96 20.24
C LEU F 374 -6.61 11.06 19.30
N THR F 375 -6.56 9.77 19.57
CA THR F 375 -5.65 8.91 18.81
C THR F 375 -6.26 7.57 18.40
N GLY F 376 -5.83 7.09 17.23
CA GLY F 376 -6.17 5.75 16.81
C GLY F 376 -5.40 4.72 17.61
N ALA F 377 -4.21 5.09 18.10
CA ALA F 377 -3.39 4.12 18.81
C ALA F 377 -4.04 3.73 20.13
N CYS F 378 -4.86 4.62 20.67
CA CYS F 378 -5.61 4.31 21.88
C CYS F 378 -6.57 3.16 21.61
N VAL F 379 -7.23 3.23 20.46
CA VAL F 379 -8.22 2.23 20.10
C VAL F 379 -7.51 0.91 19.78
N VAL F 380 -6.37 1.00 19.08
CA VAL F 380 -5.59 -0.21 18.80
C VAL F 380 -5.20 -0.87 20.14
N GLY F 381 -4.85 -0.05 21.13
CA GLY F 381 -4.35 -0.58 22.39
C GLY F 381 -5.41 -1.13 23.32
N LEU F 382 -6.52 -0.43 23.47
CA LEU F 382 -7.53 -0.79 24.47
C LEU F 382 -8.77 -1.42 23.87
N GLY F 383 -8.92 -1.32 22.56
CA GLY F 383 -10.16 -1.72 21.93
C GLY F 383 -11.16 -0.58 21.85
N GLU F 384 -12.23 -0.83 21.12
CA GLU F 384 -13.17 0.22 20.76
C GLU F 384 -14.04 0.66 21.90
N PHE F 385 -14.09 -0.12 22.98
CA PHE F 385 -15.13 0.09 23.98
C PHE F 385 -14.60 0.76 25.24
N THR F 386 -13.29 1.03 25.25
CA THR F 386 -12.60 1.47 26.46
C THR F 386 -11.85 2.79 26.26
N SER F 387 -12.02 3.73 27.21
CA SER F 387 -11.28 4.98 27.21
C SER F 387 -10.05 4.91 28.10
N ALA F 388 -9.01 5.67 27.73
CA ALA F 388 -7.75 5.71 28.46
C ALA F 388 -7.70 6.90 29.43
N ILE F 389 -7.10 6.69 30.61
CA ILE F 389 -6.92 7.77 31.57
C ILE F 389 -5.45 8.06 31.71
N MET F 390 -5.06 9.33 31.50
CA MET F 390 -3.67 9.74 31.67
C MET F 390 -3.53 10.97 32.56
N GLY F 391 -2.35 11.15 33.13
CA GLY F 391 -2.09 12.24 34.08
C GLY F 391 -1.00 11.87 35.07
N HIS F 392 -0.73 12.77 36.03
CA HIS F 392 0.36 12.56 36.99
C HIS F 392 -0.12 12.13 38.38
N ASN F 393 -1.28 12.62 38.79
CA ASN F 393 -1.79 12.39 40.13
C ASN F 393 -2.49 11.04 40.18
N GLU F 394 -1.84 10.03 40.76
CA GLU F 394 -2.39 8.68 40.72
C GLU F 394 -3.70 8.59 41.47
N GLU F 395 -3.78 9.35 42.57
CA GLU F 395 -4.97 9.38 43.39
C GLU F 395 -6.15 9.93 42.58
N LEU F 396 -5.90 11.01 41.86
CA LEU F 396 -6.91 11.60 40.98
C LEU F 396 -7.33 10.63 39.85
N LYS F 397 -6.35 10.00 39.23
CA LYS F 397 -6.59 9.02 38.17
CA LYS F 397 -6.61 9.03 38.17
C LYS F 397 -7.39 7.84 38.71
N ASN F 398 -7.02 7.37 39.90
CA ASN F 398 -7.73 6.26 40.53
C ASN F 398 -9.17 6.61 40.84
N LEU F 399 -9.40 7.85 41.23
CA LEU F 399 -10.75 8.29 41.53
C LEU F 399 -11.63 8.32 40.27
N PHE F 400 -11.08 8.87 39.19
CA PHE F 400 -11.83 8.91 37.93
C PHE F 400 -12.12 7.49 37.44
N GLU F 401 -11.11 6.63 37.47
CA GLU F 401 -11.27 5.23 37.12
C GLU F 401 -12.32 4.48 37.96
N THR F 402 -12.19 4.52 39.27
CA THR F 402 -13.10 3.79 40.17
CA THR F 402 -13.11 3.76 40.13
C THR F 402 -14.54 4.28 39.99
N SER F 403 -14.73 5.58 40.03
CA SER F 403 -16.04 6.19 39.80
C SER F 403 -16.58 5.90 38.40
N GLY F 404 -15.70 5.97 37.40
CA GLY F 404 -16.13 5.82 36.02
C GLY F 404 -16.59 4.41 35.70
N LEU F 405 -15.85 3.43 36.20
CA LEU F 405 -16.26 2.03 36.09
C LEU F 405 -17.63 1.80 36.75
N GLU F 406 -17.83 2.33 37.96
CA GLU F 406 -19.10 2.20 38.67
C GLU F 406 -20.27 2.74 37.85
N SER F 407 -20.06 3.87 37.18
CA SER F 407 -21.10 4.47 36.35
C SER F 407 -21.40 3.65 35.10
N GLY F 408 -20.60 2.62 34.82
CA GLY F 408 -20.83 1.74 33.67
C GLY F 408 -19.96 1.99 32.43
N GLU F 409 -19.01 2.92 32.53
CA GLU F 409 -18.07 3.13 31.41
C GLU F 409 -16.82 2.28 31.58
N LEU F 410 -16.25 1.81 30.47
CA LEU F 410 -15.03 1.02 30.52
C LEU F 410 -13.85 1.97 30.38
N LEU F 411 -12.87 1.81 31.28
CA LEU F 411 -11.75 2.73 31.39
C LEU F 411 -10.47 1.99 31.75
N ALA F 412 -9.33 2.55 31.36
CA ALA F 412 -8.02 2.00 31.75
C ALA F 412 -6.98 3.13 31.90
N LYS F 413 -6.15 3.06 32.95
CA LYS F 413 -5.05 4.03 33.09
C LYS F 413 -3.89 3.62 32.19
N LEU F 414 -3.32 4.60 31.49
CA LEU F 414 -2.11 4.38 30.72
C LEU F 414 -0.97 5.20 31.33
N PRO F 415 0.17 4.55 31.60
CA PRO F 415 1.30 5.19 32.29
C PRO F 415 2.22 6.01 31.38
N PHE F 416 2.55 7.23 31.81
CA PHE F 416 3.65 7.99 31.21
C PHE F 416 4.97 7.32 31.57
N ASN F 417 6.02 7.56 30.78
CA ASN F 417 7.38 7.33 31.23
C ASN F 417 8.33 8.22 30.48
N ARG F 418 9.55 8.34 31.00
CA ARG F 418 10.53 9.29 30.48
C ARG F 418 11.09 8.90 29.12
N HIS F 419 10.92 7.64 28.72
CA HIS F 419 11.41 7.24 27.41
C HIS F 419 10.44 7.69 26.31
N LEU F 420 9.14 7.52 26.56
CA LEU F 420 8.14 8.03 25.61
C LEU F 420 8.25 9.54 25.43
N LYS F 421 8.58 10.23 26.51
CA LYS F 421 8.60 11.69 26.49
C LYS F 421 9.63 12.23 25.49
N LYS F 422 10.71 11.49 25.31
CA LYS F 422 11.78 11.89 24.39
C LYS F 422 11.33 11.81 22.93
N LEU F 423 10.35 10.97 22.66
CA LEU F 423 9.94 10.70 21.30
C LEU F 423 9.20 11.87 20.65
N ILE F 424 8.90 12.92 21.43
CA ILE F 424 8.23 14.08 20.87
C ILE F 424 9.15 15.31 20.85
N GLU F 425 10.44 15.09 21.07
CA GLU F 425 11.42 16.14 20.85
C GLU F 425 11.44 16.60 19.39
N SER F 426 11.75 17.88 19.19
CA SER F 426 11.91 18.43 17.85
C SER F 426 13.31 19.02 17.74
N LYS F 427 13.93 18.87 16.58
CA LYS F 427 15.27 19.44 16.37
C LYS F 427 15.21 20.94 16.07
N ILE F 428 14.03 21.46 15.78
CA ILE F 428 13.92 22.87 15.40
C ILE F 428 12.83 23.63 16.12
N ALA F 429 12.17 22.98 17.08
CA ALA F 429 11.13 23.59 17.89
C ALA F 429 11.14 22.99 19.30
N ASP F 430 10.33 23.52 20.20
CA ASP F 430 10.30 23.02 21.57
C ASP F 430 9.69 21.62 21.67
N VAL F 431 8.77 21.33 20.78
CA VAL F 431 8.10 20.04 20.80
C VAL F 431 7.55 19.71 19.39
N CYS F 432 7.38 18.42 19.12
CA CYS F 432 6.84 17.97 17.85
C CYS F 432 5.39 17.46 18.03
N ASN F 433 4.50 17.71 17.06
CA ASN F 433 3.11 17.30 17.26
C ASN F 433 2.87 15.80 16.98
N ILE F 434 3.91 15.09 16.59
CA ILE F 434 3.82 13.62 16.55
C ILE F 434 5.08 13.00 17.12
N SER F 435 5.00 11.72 17.41
CA SER F 435 6.11 10.95 17.93
C SER F 435 7.03 10.48 16.80
N SER F 436 8.31 10.29 17.11
CA SER F 436 9.24 9.74 16.13
C SER F 436 9.03 8.23 15.96
N SER F 437 8.16 7.64 16.77
CA SER F 437 7.95 6.19 16.77
C SER F 437 6.53 5.82 16.39
N ARG F 438 6.35 4.60 15.88
CA ARG F 438 5.03 4.10 15.53
C ARG F 438 4.29 3.55 16.76
N TYR F 439 4.96 3.56 17.91
CA TYR F 439 4.44 2.88 19.10
C TYR F 439 4.18 3.81 20.29
N GLY F 440 3.05 3.60 20.98
CA GLY F 440 2.74 4.38 22.15
C GLY F 440 2.04 5.71 21.86
N GLY F 441 1.44 5.79 20.67
CA GLY F 441 0.77 6.99 20.21
C GLY F 441 -0.18 7.67 21.19
N ALA F 442 -1.03 6.91 21.89
CA ALA F 442 -2.00 7.54 22.79
C ALA F 442 -1.27 8.21 23.95
N ILE F 443 -0.17 7.59 24.38
CA ILE F 443 0.55 8.08 25.55
C ILE F 443 1.48 9.24 25.18
N THR F 444 2.12 9.17 24.02
CA THR F 444 2.95 10.29 23.61
C THR F 444 2.04 11.47 23.31
N ALA F 445 0.83 11.20 22.83
CA ALA F 445 -0.12 12.28 22.64
C ALA F 445 -0.46 12.93 24.00
N GLY F 446 -0.54 12.12 25.05
CA GLY F 446 -0.80 12.65 26.37
C GLY F 446 0.38 13.46 26.84
N LEU F 447 1.58 12.97 26.55
CA LEU F 447 2.79 13.69 26.93
C LEU F 447 2.94 15.00 26.15
N PHE F 448 2.46 15.03 24.92
CA PHE F 448 2.45 16.29 24.18
C PHE F 448 1.57 17.33 24.92
N LEU F 449 0.38 16.89 25.32
CA LEU F 449 -0.53 17.75 26.06
C LEU F 449 0.12 18.25 27.36
N ASN F 450 0.90 17.37 27.98
CA ASN F 450 1.56 17.67 29.26
C ASN F 450 2.51 18.85 29.16
N GLU F 451 3.09 19.04 27.98
CA GLU F 451 3.98 20.17 27.73
C GLU F 451 3.29 21.51 27.90
N PHE F 452 1.97 21.48 27.89
CA PHE F 452 1.18 22.71 27.94
C PHE F 452 0.44 22.82 29.26
N ILE F 453 0.70 21.88 30.16
CA ILE F 453 0.16 21.96 31.50
C ILE F 453 1.22 22.57 32.39
N ARG F 454 0.91 23.73 32.95
CA ARG F 454 1.85 24.42 33.84
C ARG F 454 2.13 23.60 35.09
N ASP F 455 3.30 23.86 35.68
CA ASP F 455 3.74 23.14 36.85
C ASP F 455 2.69 23.11 37.96
N GLU F 456 1.94 24.21 38.09
CA GLU F 456 1.02 24.30 39.21
C GLU F 456 -0.30 23.54 38.93
N PHE F 457 -0.48 23.00 37.74
CA PHE F 457 -1.66 22.19 37.46
C PHE F 457 -1.37 20.72 37.14
N LYS F 458 -0.11 20.32 37.17
CA LYS F 458 0.29 18.95 36.82
C LYS F 458 -0.44 17.89 37.62
N ASP F 459 -0.61 18.16 38.92
CA ASP F 459 -1.25 17.20 39.80
CA ASP F 459 -1.25 17.19 39.79
C ASP F 459 -2.75 17.44 39.87
N LYS F 460 -3.24 18.37 39.06
CA LYS F 460 -4.66 18.66 39.05
C LYS F 460 -5.35 18.30 37.73
N TRP F 461 -4.62 17.61 36.87
CA TRP F 461 -5.04 17.42 35.48
C TRP F 461 -5.25 15.94 35.11
N LEU F 462 -6.34 15.66 34.39
CA LEU F 462 -6.57 14.34 33.81
C LEU F 462 -6.83 14.49 32.32
N HIS F 463 -6.25 13.59 31.54
CA HIS F 463 -6.50 13.53 30.11
C HIS F 463 -7.26 12.26 29.79
N ILE F 464 -8.41 12.38 29.13
CA ILE F 464 -9.23 11.20 28.82
C ILE F 464 -9.39 11.04 27.30
N ASP F 465 -8.87 9.93 26.77
CA ASP F 465 -8.90 9.67 25.34
C ASP F 465 -10.07 8.76 25.06
N ILE F 466 -11.13 9.30 24.48
CA ILE F 466 -12.34 8.51 24.26
C ILE F 466 -12.47 8.11 22.79
N ALA F 467 -11.34 8.07 22.08
CA ALA F 467 -11.35 7.81 20.64
C ALA F 467 -12.11 6.53 20.28
N GLY F 468 -12.04 5.52 21.13
CA GLY F 468 -12.77 4.29 20.88
C GLY F 468 -14.28 4.41 21.09
N PRO F 469 -14.74 4.46 22.36
CA PRO F 469 -16.17 4.32 22.65
C PRO F 469 -17.05 5.50 22.25
N ALA F 470 -16.47 6.66 21.93
CA ALA F 470 -17.31 7.84 21.61
C ALA F 470 -18.22 7.57 20.41
N TYR F 471 -17.75 6.75 19.48
CA TYR F 471 -18.54 6.41 18.29
C TYR F 471 -18.17 5.02 17.80
N VAL F 472 -19.17 4.15 17.72
CA VAL F 472 -18.94 2.75 17.36
C VAL F 472 -20.01 2.35 16.35
N GLU F 473 -19.63 1.65 15.28
CA GLU F 473 -20.61 1.34 14.25
C GLU F 473 -21.31 0.00 14.50
N LYS F 474 -21.76 -0.20 15.74
CA LYS F 474 -22.70 -1.27 16.06
C LYS F 474 -23.35 -0.98 17.40
N GLU F 475 -24.42 -1.71 17.71
CA GLU F 475 -25.04 -1.59 19.03
C GLU F 475 -24.21 -2.34 20.06
N TRP F 476 -23.98 -1.74 21.22
CA TRP F 476 -23.26 -2.40 22.30
C TRP F 476 -23.69 -1.83 23.66
N ASP F 477 -23.90 -2.71 24.64
CA ASP F 477 -24.36 -2.27 25.96
C ASP F 477 -25.59 -1.33 25.83
N VAL F 478 -25.53 -0.13 26.41
CA VAL F 478 -26.67 0.80 26.34
C VAL F 478 -26.57 1.78 25.17
N ASN F 479 -25.70 1.46 24.23
CA ASN F 479 -25.42 2.38 23.13
C ASN F 479 -25.97 1.89 21.80
N SER F 480 -26.67 2.75 21.09
CA SER F 480 -27.16 2.40 19.77
C SER F 480 -26.03 2.63 18.78
N PHE F 481 -26.27 2.27 17.52
CA PHE F 481 -25.30 2.51 16.46
C PHE F 481 -24.88 3.97 16.46
N GLY F 482 -23.57 4.22 16.40
CA GLY F 482 -23.07 5.57 16.30
C GLY F 482 -22.58 6.14 17.63
N ALA F 483 -23.04 7.33 17.97
CA ALA F 483 -22.58 8.02 19.18
C ALA F 483 -23.03 7.30 20.45
N SER F 484 -22.17 7.29 21.46
CA SER F 484 -22.49 6.64 22.73
C SER F 484 -22.66 7.66 23.89
N GLY F 485 -22.17 8.88 23.69
CA GLY F 485 -22.07 9.84 24.77
C GLY F 485 -21.01 9.47 25.79
N ALA F 486 -19.98 8.75 25.34
CA ALA F 486 -18.86 8.35 26.19
C ALA F 486 -18.26 9.53 26.98
N GLY F 487 -17.93 9.30 28.25
CA GLY F 487 -17.33 10.32 29.09
C GLY F 487 -18.29 11.01 30.06
N VAL F 488 -19.55 11.15 29.64
CA VAL F 488 -20.53 11.88 30.43
C VAL F 488 -20.83 11.21 31.79
N ARG F 489 -21.23 9.95 31.76
CA ARG F 489 -21.48 9.22 33.01
C ARG F 489 -20.26 9.14 33.90
N ALA F 490 -19.11 8.88 33.30
CA ALA F 490 -17.89 8.69 34.08
C ALA F 490 -17.48 9.98 34.78
N CYS F 491 -17.47 11.10 34.03
CA CYS F 491 -17.04 12.35 34.61
C CYS F 491 -18.05 12.85 35.65
N THR F 492 -19.33 12.60 35.40
CA THR F 492 -20.36 12.95 36.37
C THR F 492 -20.14 12.24 37.70
N ALA F 493 -19.92 10.94 37.65
CA ALA F 493 -19.70 10.17 38.87
C ALA F 493 -18.41 10.61 39.56
N PHE F 494 -17.41 10.96 38.77
CA PHE F 494 -16.11 11.42 39.29
C PHE F 494 -16.23 12.74 40.06
N VAL F 495 -17.04 13.65 39.54
CA VAL F 495 -17.26 14.93 40.20
C VAL F 495 -18.04 14.71 41.49
N GLU F 496 -19.09 13.90 41.42
CA GLU F 496 -19.90 13.60 42.60
C GLU F 496 -19.08 12.95 43.71
N GLU F 497 -18.24 11.98 43.37
CA GLU F 497 -17.39 11.37 44.38
C GLU F 497 -16.39 12.37 44.94
N LEU F 498 -15.88 13.25 44.07
CA LEU F 498 -14.89 14.24 44.45
C LEU F 498 -15.47 15.25 45.46
N LEU F 499 -16.64 15.78 45.10
CA LEU F 499 -17.38 16.70 45.93
C LEU F 499 -17.81 16.09 47.26
N LYS F 500 -17.97 14.75 47.27
CA LYS F 500 -18.35 13.99 48.44
C LYS F 500 -17.28 14.07 49.52
N LYS F 501 -16.04 13.99 49.09
CA LYS F 501 -14.88 14.08 49.98
C LYS F 501 -14.49 15.52 50.27
N ALA F 502 -15.26 16.48 49.76
CA ALA F 502 -14.89 17.90 49.87
C ALA F 502 -15.75 18.65 50.88
ZN ZN G . 8.47 20.09 -6.07
ZN ZN H . 6.44 17.95 -6.55
C BCT I . 9.08 18.20 -10.74
O1 BCT I . 9.00 18.76 -11.84
O2 BCT I . 9.46 17.06 -10.43
O3 BCT I . 8.95 19.12 -9.64
NA NA J . 16.85 16.57 0.56
ZN ZN K . -17.23 9.90 -11.35
ZN ZN L . -15.88 9.17 -8.61
C BCT M . -20.44 6.93 -8.70
O1 BCT M . -19.88 8.03 -9.44
O2 BCT M . -21.52 7.22 -8.14
O3 BCT M . -19.80 5.89 -8.82
NA NA N . -12.63 4.22 -19.65
ZN ZN O . 5.33 -14.35 16.98
ZN ZN P . 3.51 -13.65 14.42
C BCT Q . 0.46 -14.23 18.33
O1 BCT Q . 1.80 -14.72 18.22
O2 BCT Q . -0.35 -15.14 18.59
O3 BCT Q . 0.32 -13.09 17.91
NA NA R . 10.25 -5.52 20.94
ZN ZN S . -7.15 -20.43 -7.54
ZN ZN T . -5.08 -18.17 -7.50
C BCT U . -6.74 -18.65 -12.28
O1 BCT U . -6.06 -19.14 -13.14
O2 BCT U . -7.17 -17.51 -12.13
O3 BCT U . -6.77 -19.47 -11.09
NA NA V . -16.37 -16.94 -3.13
ZN ZN W . 19.00 -10.22 -7.18
ZN ZN X . 17.23 -9.41 -4.81
C BCT Y . 21.58 -7.06 -3.98
O1 BCT Y . 22.40 -7.46 -3.18
O2 BCT Y . 21.14 -5.93 -4.21
O3 BCT Y . 21.14 -8.10 -4.86
NA NA Z . 16.39 -4.39 -16.38
ZN ZN AA . -8.95 14.44 15.07
ZN ZN BA . -6.78 13.77 13.22
C BCT CA . -4.42 14.52 17.55
O1 BCT CA . -3.85 15.47 18.05
O2 BCT CA . -4.07 13.37 17.31
O3 BCT CA . -5.71 14.88 17.03
NA NA DA . -14.42 5.06 17.79
#